data_7ZA1
#
_entry.id   7ZA1
#
_cell.length_a   102.643
_cell.length_b   157.584
_cell.length_c   126.601
_cell.angle_alpha   90.000
_cell.angle_beta   102.949
_cell.angle_gamma   90.000
#
_symmetry.space_group_name_H-M   'P 1 21 1'
#
loop_
_entity.id
_entity.type
_entity.pdbx_description
1 polymer 'Netrin receptor UNC5D'
2 polymer Glypican-3
3 branched 2-acetamido-2-deoxy-beta-D-glucopyranose-(1-4)-2-acetamido-2-deoxy-beta-D-glucopyranose
4 branched alpha-D-mannopyranose-(1-3)-beta-D-mannopyranose-(1-4)-2-acetamido-2-deoxy-beta-D-glucopyranose-(1-4)-2-acetamido-2-deoxy-beta-D-glucopyranose
5 non-polymer 2-acetamido-2-deoxy-beta-D-glucopyranose
6 non-polymer alpha-D-mannopyranose
#
loop_
_entity_poly.entity_id
_entity_poly.type
_entity_poly.pdbx_seq_one_letter_code
_entity_poly.pdbx_strand_id
1 'polypeptide(L)'
;SAPGTLPHFIEEPEDAYIIKSNPIALRCKARPAMQIFFKCNGEWVHQNEHVSEESLDESSGLKVREVFINVTRQQVEDFH
GPEDYWCQCVAWSHLGTSKSRKASVRIAYLRKNFEQDPQGREVPIEGMIVLHCRPPEGVPAAEVEWLKNEEPIDSEQDEN
IDTRADHNLIIRQARLSDSGNYTCMAANIVAKRRSLSATVVVYVNGGWSSWTEWSACNVRCGRGWQKRSRTCTNPAPLNG
GAFCEGMSVQKITCTALCPVDGHHHHHH
;
E,F,G,H
2 'polypeptide(L)'
;ETGDATCHQVRSFFQRLQPGLKWVPETPVPGSDLQVCLPKGPTCCSRKMEEKYQLTARLNMEQLLQSASMELKFLIIQNA
AVFQEAFEIVVRHAKNYTNAMFKNNYPSLTPQAFEFVGEFFTDVSLYILGSDINVDDMVNELFDSLFPVIYTQLMNPGLP
DSALDINECLRGARRDLKVFGNFPKLIMTQVSKSLQVTRIFLQALNLGIEVINTTDHLKFSKDCGRMLTRMWYCSYCQGL
MMVKPCGGYCNVVMQGCMAGVVEIDKYWREYILSLEELVNGMYRIYDMENVLLGLFSTIHDSIQYVQKNAGKLTTTIGKL
CAHSQQRQYRFAYYPEDLFIDKKVLKVAHVEHEETLSSRRRELIQKLKSFISFYSALPGYICSHSPVAENDTLCWNGQEL
VERYSQKAARNGMKNQFNLHELKMKGPEPVVSQIIDKLKHINQLLRTMSMPKGRVGTKHHHHHH
;
A,C,D,B
#
loop_
_chem_comp.id
_chem_comp.type
_chem_comp.name
_chem_comp.formula
BMA D-saccharide, beta linking beta-D-mannopyranose 'C6 H12 O6'
MAN D-saccharide, alpha linking alpha-D-mannopyranose 'C6 H12 O6'
NAG D-saccharide, beta linking 2-acetamido-2-deoxy-beta-D-glucopyranose 'C8 H15 N O6'
#
# COMPACT_ATOMS: atom_id res chain seq x y z
N LEU A 6 -12.90 -48.22 -37.32
CA LEU A 6 -13.53 -46.88 -37.29
C LEU A 6 -12.65 -45.90 -38.06
N PRO A 7 -13.22 -44.76 -38.52
CA PRO A 7 -12.43 -43.78 -39.26
C PRO A 7 -11.46 -43.07 -38.32
N HIS A 8 -10.21 -42.96 -38.76
CA HIS A 8 -9.17 -42.24 -38.00
C HIS A 8 -8.85 -40.95 -38.74
N PHE A 9 -8.96 -39.83 -38.05
CA PHE A 9 -8.68 -38.52 -38.67
C PHE A 9 -7.18 -38.29 -38.79
N ILE A 10 -6.76 -37.93 -39.99
CA ILE A 10 -5.34 -37.60 -40.24
C ILE A 10 -5.14 -36.08 -40.13
N GLU A 11 -6.01 -35.31 -40.76
CA GLU A 11 -5.96 -33.83 -40.73
C GLU A 11 -7.26 -33.36 -40.08
N GLU A 12 -7.22 -33.14 -38.77
CA GLU A 12 -8.37 -32.62 -38.01
C GLU A 12 -8.49 -31.12 -38.24
N PRO A 13 -9.72 -30.60 -38.43
CA PRO A 13 -9.89 -29.17 -38.66
C PRO A 13 -9.40 -28.32 -37.48
N GLU A 14 -8.60 -27.32 -37.79
CA GLU A 14 -8.05 -26.40 -36.78
C GLU A 14 -8.83 -25.08 -36.81
N ASP A 15 -9.05 -24.52 -35.63
CA ASP A 15 -9.81 -23.26 -35.50
C ASP A 15 -9.21 -22.18 -36.39
N ALA A 16 -9.99 -21.71 -37.35
CA ALA A 16 -9.58 -20.67 -38.33
C ALA A 16 -9.98 -19.28 -37.83
N TYR A 17 -9.32 -18.26 -38.36
CA TYR A 17 -9.61 -16.84 -38.03
C TYR A 17 -9.70 -16.04 -39.32
N ILE A 18 -10.79 -15.30 -39.48
CA ILE A 18 -11.04 -14.47 -40.68
C ILE A 18 -10.31 -13.14 -40.52
N ILE A 19 -9.52 -12.79 -41.52
CA ILE A 19 -8.72 -11.54 -41.53
C ILE A 19 -9.08 -10.74 -42.78
N LYS A 20 -9.44 -9.48 -42.58
CA LYS A 20 -9.80 -8.52 -43.67
C LYS A 20 -10.79 -9.13 -44.65
N SER A 21 -11.81 -9.78 -44.12
CA SER A 21 -12.92 -10.40 -44.89
C SER A 21 -12.40 -11.41 -45.92
N ASN A 22 -11.28 -12.08 -45.62
CA ASN A 22 -10.77 -13.11 -46.54
C ASN A 22 -11.31 -14.46 -46.08
N PRO A 23 -12.24 -15.08 -46.82
CA PRO A 23 -12.82 -16.36 -46.38
C PRO A 23 -11.78 -17.49 -46.41
N ILE A 24 -11.52 -18.08 -45.24
CA ILE A 24 -10.53 -19.18 -45.10
C ILE A 24 -11.31 -20.47 -44.89
N ALA A 25 -11.04 -21.44 -45.75
CA ALA A 25 -11.72 -22.75 -45.71
C ALA A 25 -11.14 -23.64 -44.60
N LEU A 26 -11.94 -24.64 -44.22
CA LEU A 26 -11.56 -25.63 -43.20
C LEU A 26 -11.27 -26.97 -43.89
N ARG A 27 -10.13 -27.54 -43.50
CA ARG A 27 -9.61 -28.83 -44.02
C ARG A 27 -10.05 -30.00 -43.13
N CYS A 28 -10.25 -31.15 -43.76
CA CYS A 28 -10.64 -32.39 -43.02
C CYS A 28 -10.18 -33.60 -43.81
N LYS A 29 -9.36 -34.45 -43.21
CA LYS A 29 -8.89 -35.67 -43.90
C LYS A 29 -8.90 -36.85 -42.96
N ALA A 30 -9.53 -37.94 -43.38
CA ALA A 30 -9.63 -39.16 -42.55
C ALA A 30 -9.56 -40.42 -43.42
N ARG A 31 -9.10 -41.49 -42.77
CA ARG A 31 -8.95 -42.85 -43.33
C ARG A 31 -9.15 -43.88 -42.21
N PRO A 32 -9.96 -44.93 -42.41
CA PRO A 32 -10.71 -45.17 -43.65
C PRO A 32 -12.00 -44.34 -43.64
N ALA A 33 -12.26 -43.62 -44.73
CA ALA A 33 -13.44 -42.75 -44.80
C ALA A 33 -14.05 -42.81 -46.19
N MET A 34 -15.38 -42.86 -46.22
CA MET A 34 -16.15 -42.85 -47.48
C MET A 34 -16.96 -41.56 -47.56
N GLN A 35 -17.36 -41.02 -46.42
CA GLN A 35 -18.09 -39.74 -46.36
C GLN A 35 -17.59 -38.95 -45.18
N ILE A 36 -17.23 -37.70 -45.42
CA ILE A 36 -16.78 -36.77 -44.36
C ILE A 36 -17.60 -35.50 -44.48
N PHE A 37 -18.27 -35.14 -43.42
CA PHE A 37 -19.12 -33.93 -43.42
C PHE A 37 -18.85 -33.06 -42.20
N PHE A 38 -19.22 -31.79 -42.36
CA PHE A 38 -19.04 -30.77 -41.32
C PHE A 38 -20.37 -30.46 -40.65
N LYS A 39 -20.30 -30.33 -39.33
CA LYS A 39 -21.43 -29.97 -38.45
C LYS A 39 -21.06 -28.66 -37.78
N CYS A 40 -21.35 -27.54 -38.42
CA CYS A 40 -21.02 -26.22 -37.86
C CYS A 40 -22.16 -25.73 -36.99
N ASN A 41 -21.87 -25.56 -35.71
CA ASN A 41 -22.82 -25.02 -34.69
C ASN A 41 -24.09 -25.89 -34.59
N GLY A 42 -23.91 -27.20 -34.47
CA GLY A 42 -25.06 -28.11 -34.23
C GLY A 42 -25.69 -28.69 -35.50
N GLU A 43 -25.74 -27.97 -36.61
CA GLU A 43 -26.46 -28.44 -37.81
C GLU A 43 -25.51 -28.74 -38.98
N TRP A 44 -25.94 -29.68 -39.81
CA TRP A 44 -25.22 -30.13 -41.01
C TRP A 44 -25.00 -28.97 -42.00
N VAL A 45 -23.89 -29.02 -42.69
CA VAL A 45 -23.53 -28.03 -43.73
C VAL A 45 -24.01 -28.55 -45.09
N HIS A 46 -24.57 -27.66 -45.90
CA HIS A 46 -25.11 -28.00 -47.23
C HIS A 46 -24.09 -28.73 -48.10
N GLN A 47 -24.58 -29.69 -48.87
CA GLN A 47 -23.78 -30.51 -49.78
C GLN A 47 -22.95 -29.68 -50.76
N ASN A 48 -23.51 -28.58 -51.27
CA ASN A 48 -22.79 -27.72 -52.24
C ASN A 48 -21.52 -27.13 -51.62
N GLU A 49 -21.54 -26.85 -50.32
CA GLU A 49 -20.37 -26.23 -49.65
C GLU A 49 -19.22 -27.24 -49.54
N HIS A 50 -19.50 -28.53 -49.47
CA HIS A 50 -18.44 -29.55 -49.31
C HIS A 50 -17.69 -29.78 -50.62
N VAL A 51 -16.37 -29.92 -50.51
CA VAL A 51 -15.50 -30.24 -51.66
C VAL A 51 -14.70 -31.46 -51.27
N SER A 52 -15.11 -32.62 -51.78
CA SER A 52 -14.47 -33.93 -51.46
C SER A 52 -13.30 -34.24 -52.40
N GLU A 53 -12.35 -34.97 -51.84
CA GLU A 53 -11.15 -35.47 -52.56
C GLU A 53 -10.99 -36.94 -52.21
N GLU A 54 -10.96 -37.79 -53.24
CA GLU A 54 -10.80 -39.25 -53.09
C GLU A 54 -9.32 -39.60 -53.29
N SER A 55 -8.59 -39.72 -52.20
CA SER A 55 -7.12 -39.96 -52.22
C SER A 55 -6.79 -41.39 -51.80
N LEU A 56 -5.58 -41.79 -52.14
CA LEU A 56 -5.02 -43.11 -51.75
C LEU A 56 -3.69 -42.85 -51.07
N ASP A 57 -3.51 -43.45 -49.90
CA ASP A 57 -2.28 -43.23 -49.09
C ASP A 57 -1.15 -44.14 -49.58
N GLU A 58 0.08 -43.64 -49.44
CA GLU A 58 1.28 -44.37 -49.85
C GLU A 58 1.61 -45.47 -48.82
N SER A 59 1.63 -45.11 -47.54
CA SER A 59 1.97 -46.07 -46.45
C SER A 59 1.06 -47.30 -46.50
N SER A 60 -0.20 -47.12 -46.85
CA SER A 60 -1.16 -48.24 -46.93
C SER A 60 -2.20 -47.94 -47.98
N GLY A 61 -2.51 -48.94 -48.81
CA GLY A 61 -3.52 -48.82 -49.88
C GLY A 61 -4.92 -48.82 -49.33
N LEU A 62 -5.38 -47.70 -48.80
CA LEU A 62 -6.74 -47.60 -48.24
C LEU A 62 -7.34 -46.27 -48.67
N LYS A 63 -8.65 -46.25 -48.83
CA LYS A 63 -9.42 -45.07 -49.28
C LYS A 63 -9.32 -43.94 -48.26
N VAL A 64 -8.69 -42.84 -48.65
CA VAL A 64 -8.56 -41.62 -47.82
C VAL A 64 -9.53 -40.59 -48.39
N ARG A 65 -10.11 -39.79 -47.52
CA ARG A 65 -11.01 -38.73 -47.98
C ARG A 65 -10.63 -37.39 -47.36
N GLU A 66 -10.56 -36.36 -48.19
CA GLU A 66 -10.23 -34.99 -47.77
C GLU A 66 -11.32 -34.04 -48.25
N VAL A 67 -11.97 -33.37 -47.31
CA VAL A 67 -13.08 -32.44 -47.62
C VAL A 67 -12.73 -31.05 -47.10
N PHE A 68 -12.95 -30.06 -47.96
CA PHE A 68 -12.72 -28.63 -47.65
C PHE A 68 -14.05 -27.91 -47.72
N ILE A 69 -14.26 -27.00 -46.77
CA ILE A 69 -15.51 -26.19 -46.72
C ILE A 69 -15.16 -24.73 -46.49
N ASN A 70 -15.59 -23.85 -47.40
CA ASN A 70 -15.33 -22.39 -47.30
C ASN A 70 -16.21 -21.77 -46.22
N VAL A 71 -15.61 -20.91 -45.39
CA VAL A 71 -16.36 -20.17 -44.34
C VAL A 71 -16.14 -18.67 -44.57
N THR A 72 -17.19 -17.94 -44.88
CA THR A 72 -17.12 -16.49 -45.14
C THR A 72 -17.31 -15.68 -43.87
N ARG A 73 -16.93 -14.41 -43.94
CA ARG A 73 -17.09 -13.46 -42.81
C ARG A 73 -18.57 -13.24 -42.51
N GLN A 74 -19.38 -13.10 -43.56
CA GLN A 74 -20.83 -12.88 -43.40
C GLN A 74 -21.48 -13.98 -42.57
N GLN A 75 -20.96 -15.21 -42.66
CA GLN A 75 -21.54 -16.33 -41.88
C GLN A 75 -21.27 -16.15 -40.38
N VAL A 76 -20.09 -15.69 -40.03
CA VAL A 76 -19.72 -15.55 -38.60
C VAL A 76 -20.40 -14.31 -38.03
N GLU A 77 -20.35 -13.19 -38.72
CA GLU A 77 -20.93 -11.94 -38.18
C GLU A 77 -22.45 -12.03 -38.09
N ASP A 78 -23.09 -12.86 -38.90
CA ASP A 78 -24.56 -13.01 -38.86
C ASP A 78 -24.97 -14.16 -37.94
N PHE A 79 -24.04 -14.94 -37.44
CA PHE A 79 -24.33 -16.05 -36.51
C PHE A 79 -24.49 -15.52 -35.10
N HIS A 80 -25.67 -15.73 -34.52
CA HIS A 80 -26.02 -15.26 -33.16
C HIS A 80 -26.31 -16.45 -32.24
N GLY A 81 -25.42 -17.43 -32.22
CA GLY A 81 -25.57 -18.62 -31.37
C GLY A 81 -25.06 -18.37 -29.96
N PRO A 82 -25.09 -19.39 -29.10
CA PRO A 82 -24.61 -19.22 -27.73
C PRO A 82 -23.09 -19.35 -27.58
N GLU A 83 -22.50 -20.24 -28.36
CA GLU A 83 -21.04 -20.47 -28.31
C GLU A 83 -20.38 -19.81 -29.51
N ASP A 84 -19.07 -19.81 -29.51
CA ASP A 84 -18.31 -19.26 -30.65
C ASP A 84 -18.56 -20.13 -31.88
N TYR A 85 -18.64 -19.50 -33.04
CA TYR A 85 -18.88 -20.21 -34.32
C TYR A 85 -17.91 -21.38 -34.44
N TRP A 86 -18.36 -22.57 -34.06
CA TRP A 86 -17.55 -23.81 -34.07
C TRP A 86 -18.04 -24.74 -35.19
N CYS A 87 -17.15 -25.60 -35.60
CA CYS A 87 -17.43 -26.62 -36.65
C CYS A 87 -16.80 -27.93 -36.21
N GLN A 88 -17.46 -29.03 -36.53
CA GLN A 88 -16.94 -30.37 -36.21
C GLN A 88 -16.93 -31.21 -37.47
N CYS A 89 -16.09 -32.23 -37.47
CA CYS A 89 -15.95 -33.13 -38.64
C CYS A 89 -16.37 -34.53 -38.22
N VAL A 90 -17.27 -35.11 -39.00
CA VAL A 90 -17.77 -36.48 -38.79
C VAL A 90 -17.38 -37.32 -39.99
N ALA A 91 -16.72 -38.44 -39.73
CA ALA A 91 -16.30 -39.37 -40.79
C ALA A 91 -17.09 -40.65 -40.60
N TRP A 92 -17.54 -41.19 -41.72
CA TRP A 92 -18.37 -42.41 -41.76
C TRP A 92 -17.56 -43.61 -42.22
N SER A 93 -17.71 -44.75 -41.54
CA SER A 93 -17.03 -46.00 -41.92
C SER A 93 -18.02 -47.15 -41.93
N HIS A 94 -17.55 -48.30 -42.39
CA HIS A 94 -18.37 -49.53 -42.42
C HIS A 94 -18.61 -50.08 -41.02
N LEU A 95 -17.81 -49.64 -40.05
CA LEU A 95 -17.90 -50.11 -38.64
C LEU A 95 -18.64 -49.09 -37.78
N GLY A 96 -18.52 -47.80 -38.08
CA GLY A 96 -19.20 -46.76 -37.29
C GLY A 96 -18.83 -45.36 -37.72
N THR A 97 -18.88 -44.42 -36.79
CA THR A 97 -18.60 -43.00 -37.08
C THR A 97 -17.57 -42.45 -36.12
N SER A 98 -16.97 -41.34 -36.50
CA SER A 98 -15.96 -40.70 -35.62
C SER A 98 -16.05 -39.19 -35.75
N LYS A 99 -16.04 -38.50 -34.61
CA LYS A 99 -16.07 -37.03 -34.55
C LYS A 99 -14.64 -36.50 -34.36
N SER A 100 -14.40 -35.29 -34.83
CA SER A 100 -13.07 -34.65 -34.75
C SER A 100 -13.11 -33.52 -33.72
N ARG A 101 -12.08 -32.70 -33.74
CA ARG A 101 -11.99 -31.51 -32.85
C ARG A 101 -12.98 -30.45 -33.30
N LYS A 102 -13.52 -29.72 -32.33
CA LYS A 102 -14.44 -28.60 -32.64
C LYS A 102 -13.62 -27.35 -32.94
N ALA A 103 -13.41 -27.04 -34.21
CA ALA A 103 -12.67 -25.84 -34.65
C ALA A 103 -13.61 -24.64 -34.62
N SER A 104 -13.33 -23.64 -33.79
CA SER A 104 -14.20 -22.45 -33.67
C SER A 104 -13.64 -21.32 -34.54
N VAL A 105 -14.32 -21.00 -35.64
CA VAL A 105 -13.95 -19.87 -36.53
C VAL A 105 -14.49 -18.57 -35.95
N ARG A 106 -13.60 -17.64 -35.61
CA ARG A 106 -14.01 -16.36 -35.01
C ARG A 106 -13.48 -15.17 -35.80
N ILE A 107 -14.21 -14.07 -35.72
CA ILE A 107 -13.85 -12.80 -36.40
C ILE A 107 -12.80 -12.08 -35.56
N ALA A 108 -11.58 -12.06 -36.05
CA ALA A 108 -10.46 -11.39 -35.36
C ALA A 108 -10.69 -9.88 -35.38
N TYR A 109 -10.58 -9.26 -34.23
CA TYR A 109 -10.79 -7.80 -34.11
C TYR A 109 -9.94 -7.25 -32.98
N LEU A 110 -9.21 -6.20 -33.31
CA LEU A 110 -8.32 -5.49 -32.35
C LEU A 110 -8.84 -4.06 -32.21
N ARG A 111 -8.90 -3.59 -30.97
CA ARG A 111 -9.41 -2.23 -30.71
C ARG A 111 -8.28 -1.21 -30.73
N LYS A 112 -8.63 0.03 -30.98
CA LYS A 112 -7.66 1.15 -31.02
C LYS A 112 -7.37 1.65 -29.60
N ASN A 113 -8.41 1.89 -28.82
CA ASN A 113 -8.27 2.44 -27.45
C ASN A 113 -7.68 1.39 -26.51
N PHE A 114 -6.59 1.75 -25.83
CA PHE A 114 -5.96 0.87 -24.83
C PHE A 114 -6.82 0.82 -23.57
N GLU A 115 -6.89 -0.35 -22.96
CA GLU A 115 -7.69 -0.51 -21.72
C GLU A 115 -7.09 0.33 -20.59
N GLN A 116 -5.77 0.40 -20.50
CA GLN A 116 -5.12 1.24 -19.47
C GLN A 116 -3.73 1.60 -19.95
N ASP A 117 -3.50 2.89 -20.19
CA ASP A 117 -2.21 3.44 -20.67
C ASP A 117 -1.25 3.61 -19.50
N PRO A 118 0.06 3.43 -19.75
CA PRO A 118 1.04 3.62 -18.69
C PRO A 118 1.10 5.08 -18.24
N GLN A 119 1.28 5.26 -16.93
CA GLN A 119 1.31 6.61 -16.31
C GLN A 119 2.74 7.04 -16.02
N GLY A 120 3.06 8.27 -16.39
CA GLY A 120 4.39 8.84 -16.12
C GLY A 120 4.59 9.01 -14.62
N ARG A 121 5.79 8.74 -14.13
CA ARG A 121 6.02 8.83 -12.67
C ARG A 121 7.36 9.48 -12.36
N GLU A 122 7.42 10.06 -11.17
CA GLU A 122 8.64 10.68 -10.60
C GLU A 122 9.12 9.75 -9.49
N VAL A 123 10.34 9.26 -9.61
CA VAL A 123 10.82 8.25 -8.63
C VAL A 123 12.26 8.56 -8.21
N PRO A 124 12.57 8.48 -6.91
CA PRO A 124 13.93 8.72 -6.45
C PRO A 124 14.91 7.65 -6.95
N ILE A 125 16.19 7.92 -6.74
CA ILE A 125 17.27 7.04 -7.27
C ILE A 125 17.08 5.61 -6.75
N GLU A 126 16.56 5.45 -5.54
CA GLU A 126 16.38 4.11 -4.94
C GLU A 126 14.96 3.60 -5.06
N GLY A 127 14.01 4.48 -5.33
CA GLY A 127 12.60 4.08 -5.40
C GLY A 127 12.35 3.02 -6.47
N MET A 128 11.24 2.33 -6.30
CA MET A 128 10.78 1.28 -7.22
C MET A 128 9.45 1.71 -7.82
N ILE A 129 9.27 1.47 -9.11
CA ILE A 129 8.01 1.86 -9.81
C ILE A 129 7.57 0.74 -10.73
N VAL A 130 6.26 0.56 -10.78
CA VAL A 130 5.63 -0.47 -11.63
C VAL A 130 4.77 0.25 -12.66
N LEU A 131 5.01 -0.05 -13.94
CA LEU A 131 4.23 0.55 -15.06
C LEU A 131 3.20 -0.48 -15.50
N HIS A 132 1.94 -0.13 -15.30
CA HIS A 132 0.77 -0.99 -15.62
C HIS A 132 0.37 -0.78 -17.08
N CYS A 133 -0.09 -1.85 -17.71
CA CYS A 133 -0.54 -1.80 -19.11
C CYS A 133 -1.59 -2.88 -19.32
N ARG A 134 -2.75 -2.45 -19.77
CA ARG A 134 -3.86 -3.34 -20.12
C ARG A 134 -4.10 -3.18 -21.61
N PRO A 135 -3.71 -4.17 -22.44
CA PRO A 135 -3.87 -4.03 -23.88
C PRO A 135 -5.33 -3.94 -24.27
N PRO A 136 -5.65 -3.46 -25.50
CA PRO A 136 -7.03 -3.40 -25.94
C PRO A 136 -7.62 -4.79 -26.15
N GLU A 137 -8.94 -4.86 -26.09
CA GLU A 137 -9.66 -6.13 -26.29
C GLU A 137 -9.42 -6.65 -27.71
N GLY A 138 -9.14 -7.94 -27.81
CA GLY A 138 -8.86 -8.57 -29.11
C GLY A 138 -8.68 -10.06 -29.01
N VAL A 139 -9.01 -10.75 -30.10
CA VAL A 139 -8.82 -12.21 -30.22
C VAL A 139 -7.84 -12.45 -31.35
N PRO A 140 -6.68 -13.08 -31.09
CA PRO A 140 -6.23 -13.61 -29.79
C PRO A 140 -5.74 -12.56 -28.80
N ALA A 141 -5.37 -12.99 -27.60
CA ALA A 141 -4.87 -12.08 -26.54
C ALA A 141 -3.65 -11.32 -27.04
N ALA A 142 -3.67 -10.01 -26.89
CA ALA A 142 -2.59 -9.11 -27.34
C ALA A 142 -1.28 -9.45 -26.63
N GLU A 143 -0.20 -9.41 -27.39
CA GLU A 143 1.16 -9.63 -26.86
C GLU A 143 1.74 -8.27 -26.49
N VAL A 144 1.84 -8.01 -25.19
CA VAL A 144 2.37 -6.72 -24.68
C VAL A 144 3.89 -6.71 -24.76
N GLU A 145 4.43 -5.64 -25.34
CA GLU A 145 5.89 -5.42 -25.46
C GLU A 145 6.19 -4.00 -25.01
N TRP A 146 7.22 -3.85 -24.18
CA TRP A 146 7.62 -2.54 -23.65
C TRP A 146 8.72 -1.95 -24.53
N LEU A 147 8.64 -0.65 -24.80
CA LEU A 147 9.63 0.06 -25.63
C LEU A 147 10.10 1.30 -24.87
N LYS A 148 11.39 1.34 -24.56
CA LYS A 148 11.99 2.52 -23.91
C LYS A 148 12.46 3.46 -25.02
N ASN A 149 11.86 4.64 -25.09
CA ASN A 149 12.19 5.68 -26.10
C ASN A 149 12.14 5.05 -27.50
N GLU A 150 10.99 4.47 -27.82
CA GLU A 150 10.72 3.84 -29.14
C GLU A 150 11.74 2.74 -29.44
N GLU A 151 12.23 2.05 -28.42
CA GLU A 151 13.20 0.96 -28.61
C GLU A 151 12.90 -0.13 -27.59
N PRO A 152 12.75 -1.39 -28.02
CA PRO A 152 12.40 -2.47 -27.10
C PRO A 152 13.44 -2.71 -26.00
N ILE A 153 12.95 -3.20 -24.87
CA ILE A 153 13.76 -3.50 -23.66
C ILE A 153 13.78 -5.02 -23.47
N ASP A 154 14.94 -5.54 -23.12
CA ASP A 154 15.10 -6.99 -22.86
C ASP A 154 15.07 -7.24 -21.36
N SER A 155 14.10 -8.02 -20.90
CA SER A 155 13.93 -8.36 -19.47
C SER A 155 15.08 -9.24 -18.96
N GLU A 156 15.65 -10.08 -19.81
CA GLU A 156 16.73 -10.98 -19.40
C GLU A 156 18.06 -10.23 -19.36
N GLN A 157 18.16 -9.09 -20.05
CA GLN A 157 19.40 -8.29 -20.12
C GLN A 157 19.75 -7.72 -18.73
N ASP A 158 18.76 -7.37 -17.92
CA ASP A 158 19.02 -6.75 -16.61
C ASP A 158 18.14 -7.34 -15.52
N GLU A 159 18.71 -7.50 -14.33
CA GLU A 159 18.02 -8.04 -13.14
C GLU A 159 17.00 -7.02 -12.64
N ASN A 160 17.25 -5.74 -12.87
CA ASN A 160 16.40 -4.66 -12.35
C ASN A 160 15.05 -4.64 -13.05
N ILE A 161 14.99 -5.06 -14.32
CA ILE A 161 13.74 -5.04 -15.11
C ILE A 161 13.30 -6.46 -15.40
N ASP A 162 12.00 -6.70 -15.27
CA ASP A 162 11.41 -8.03 -15.54
C ASP A 162 9.98 -7.83 -16.03
N THR A 163 9.55 -8.73 -16.90
CA THR A 163 8.20 -8.69 -17.50
C THR A 163 7.30 -9.69 -16.79
N ARG A 164 6.12 -9.23 -16.39
CA ARG A 164 5.15 -10.05 -15.66
C ARG A 164 4.06 -10.57 -16.60
N ALA A 165 3.49 -11.69 -16.22
CA ALA A 165 2.41 -12.38 -16.98
C ALA A 165 1.20 -11.44 -17.16
N ASP A 166 1.00 -10.50 -16.24
CA ASP A 166 -0.16 -9.58 -16.32
C ASP A 166 0.24 -8.24 -16.93
N HIS A 167 1.29 -8.23 -17.75
CA HIS A 167 1.78 -7.05 -18.49
C HIS A 167 2.07 -5.89 -17.55
N ASN A 168 3.17 -6.01 -16.82
CA ASN A 168 3.64 -4.96 -15.90
C ASN A 168 5.14 -4.87 -15.98
N LEU A 169 5.66 -3.65 -15.96
CA LEU A 169 7.11 -3.41 -15.99
C LEU A 169 7.52 -2.92 -14.61
N ILE A 170 8.25 -3.75 -13.87
CA ILE A 170 8.66 -3.39 -12.49
C ILE A 170 10.14 -3.02 -12.51
N ILE A 171 10.44 -1.87 -11.92
CA ILE A 171 11.83 -1.38 -11.76
C ILE A 171 12.07 -1.24 -10.26
N ARG A 172 13.05 -1.97 -9.76
CA ARG A 172 13.40 -1.95 -8.31
C ARG A 172 14.22 -0.72 -7.97
N GLN A 173 15.29 -0.48 -8.72
CA GLN A 173 16.18 0.66 -8.48
C GLN A 173 16.22 1.51 -9.75
N ALA A 174 16.15 2.83 -9.56
CA ALA A 174 16.17 3.83 -10.65
C ALA A 174 17.59 4.08 -11.13
N ARG A 175 18.51 3.19 -10.79
CA ARG A 175 19.93 3.29 -11.16
C ARG A 175 20.21 2.46 -12.41
N LEU A 176 19.80 1.20 -12.39
CA LEU A 176 20.05 0.26 -13.51
C LEU A 176 19.12 0.55 -14.69
N SER A 177 18.05 1.32 -14.50
CA SER A 177 17.09 1.70 -15.56
C SER A 177 16.65 3.14 -15.30
N ASP A 178 17.37 4.09 -15.88
CA ASP A 178 17.10 5.53 -15.67
C ASP A 178 15.90 5.99 -16.50
N SER A 179 15.66 7.30 -16.43
CA SER A 179 14.52 8.02 -17.06
C SER A 179 14.34 7.69 -18.55
N GLY A 180 13.14 7.97 -19.06
CA GLY A 180 12.83 7.78 -20.47
C GLY A 180 11.34 7.82 -20.73
N ASN A 181 10.99 7.74 -22.01
CA ASN A 181 9.59 7.71 -22.47
C ASN A 181 9.19 6.27 -22.72
N TYR A 182 8.76 5.58 -21.67
CA TYR A 182 8.34 4.16 -21.79
C TYR A 182 7.00 4.09 -22.49
N THR A 183 6.88 3.23 -23.49
CA THR A 183 5.61 3.05 -24.22
C THR A 183 5.25 1.58 -24.32
N CYS A 184 4.01 1.27 -24.05
CA CYS A 184 3.46 -0.10 -24.13
C CYS A 184 2.88 -0.30 -25.51
N MET A 185 3.18 -1.43 -26.13
CA MET A 185 2.67 -1.71 -27.49
C MET A 185 2.13 -3.14 -27.52
N ALA A 186 0.89 -3.27 -27.99
CA ALA A 186 0.22 -4.57 -28.10
C ALA A 186 0.32 -5.05 -29.54
N ALA A 187 0.75 -6.29 -29.72
CA ALA A 187 0.91 -6.89 -31.06
C ALA A 187 -0.06 -8.05 -31.19
N ASN A 188 -0.67 -8.16 -32.35
CA ASN A 188 -1.63 -9.22 -32.66
C ASN A 188 -1.52 -9.61 -34.13
N ILE A 189 -2.15 -10.70 -34.48
CA ILE A 189 -2.15 -11.18 -35.89
C ILE A 189 -2.91 -10.18 -36.75
N VAL A 190 -3.82 -9.41 -36.16
CA VAL A 190 -4.57 -8.38 -36.90
C VAL A 190 -3.64 -7.20 -37.20
N ALA A 191 -3.18 -6.53 -36.15
CA ALA A 191 -2.30 -5.36 -36.30
C ALA A 191 -1.62 -5.08 -34.96
N LYS A 192 -1.01 -3.90 -34.87
CA LYS A 192 -0.33 -3.44 -33.63
C LYS A 192 -0.97 -2.14 -33.17
N ARG A 193 -0.94 -1.91 -31.87
CA ARG A 193 -1.51 -0.69 -31.26
C ARG A 193 -0.55 -0.14 -30.23
N ARG A 194 -0.27 1.16 -30.33
CA ARG A 194 0.63 1.88 -29.42
C ARG A 194 -0.17 2.63 -28.36
N SER A 195 0.28 2.53 -27.12
CA SER A 195 -0.35 3.22 -25.97
C SER A 195 0.25 4.61 -25.81
N LEU A 196 -0.29 5.39 -24.90
CA LEU A 196 0.28 6.72 -24.61
C LEU A 196 1.57 6.55 -23.81
N SER A 197 2.64 7.14 -24.32
CA SER A 197 3.98 7.04 -23.70
C SER A 197 3.98 7.71 -22.32
N ALA A 198 4.56 7.02 -21.33
CA ALA A 198 4.72 7.52 -19.96
C ALA A 198 6.12 8.13 -19.81
N THR A 199 6.16 9.38 -19.36
CA THR A 199 7.44 10.10 -19.14
C THR A 199 7.92 9.80 -17.73
N VAL A 200 8.79 8.79 -17.60
CA VAL A 200 9.33 8.42 -16.26
C VAL A 200 10.64 9.16 -16.07
N VAL A 201 10.66 10.08 -15.11
CA VAL A 201 11.83 10.91 -14.80
C VAL A 201 12.25 10.62 -13.36
N VAL A 202 13.51 10.25 -13.19
CA VAL A 202 14.06 9.94 -11.84
C VAL A 202 14.64 11.23 -11.27
N TYR A 203 14.16 11.62 -10.11
CA TYR A 203 14.53 12.88 -9.44
C TYR A 203 15.32 12.55 -8.18
N VAL A 204 16.39 13.32 -7.94
CA VAL A 204 17.28 13.14 -6.75
C VAL A 204 17.09 14.31 -5.78
N ASN A 205 16.73 13.99 -4.53
CA ASN A 205 16.55 15.06 -3.51
C ASN A 205 17.88 15.53 -2.95
N GLY A 206 17.91 16.82 -2.64
CA GLY A 206 19.11 17.44 -2.05
C GLY A 206 19.37 16.95 -0.65
N GLY A 207 20.63 16.69 -0.31
CA GLY A 207 20.96 16.25 1.06
C GLY A 207 22.18 16.92 1.68
N TRP A 208 22.01 17.38 2.91
CA TRP A 208 23.00 18.24 3.62
C TRP A 208 24.32 17.50 3.88
N SER A 209 25.41 18.26 3.81
CA SER A 209 26.75 17.78 4.24
C SER A 209 27.01 18.18 5.70
N SER A 210 27.98 17.52 6.31
CA SER A 210 28.37 17.78 7.73
C SER A 210 29.00 19.16 7.86
N TRP A 211 29.01 19.67 9.09
CA TRP A 211 29.64 20.98 9.40
C TRP A 211 31.16 20.89 9.34
N THR A 212 31.78 21.61 8.42
CA THR A 212 33.25 21.74 8.35
C THR A 212 33.84 22.35 9.63
N GLU A 213 35.12 22.66 9.61
CA GLU A 213 35.80 23.27 10.77
C GLU A 213 35.67 24.80 10.73
N TRP A 214 35.74 25.39 11.91
CA TRP A 214 35.67 26.86 12.04
C TRP A 214 36.99 27.49 11.59
N SER A 215 36.89 28.49 10.72
CA SER A 215 38.07 29.22 10.20
C SER A 215 38.69 30.07 11.31
N ALA A 216 39.94 30.43 11.13
CA ALA A 216 40.68 31.32 12.05
C ALA A 216 40.14 32.75 11.97
N CYS A 217 40.18 33.45 13.09
CA CYS A 217 39.72 34.85 13.16
C CYS A 217 40.64 35.73 12.31
N ASN A 218 40.09 36.29 11.23
CA ASN A 218 40.83 37.15 10.28
C ASN A 218 41.51 38.32 11.01
N VAL A 219 40.84 38.90 12.00
CA VAL A 219 41.41 40.03 12.75
C VAL A 219 42.19 39.49 13.95
N ARG A 220 43.39 39.99 14.13
CA ARG A 220 44.27 39.54 15.24
C ARG A 220 43.71 40.02 16.58
N CYS A 221 43.34 41.29 16.66
CA CYS A 221 42.83 41.88 17.92
C CYS A 221 41.48 42.54 17.67
N GLY A 222 40.50 42.13 18.46
CA GLY A 222 39.14 42.69 18.43
C GLY A 222 38.12 41.74 17.84
N ARG A 223 37.19 42.27 17.05
CA ARG A 223 36.12 41.46 16.45
C ARG A 223 36.68 40.65 15.28
N GLY A 224 36.55 39.34 15.35
CA GLY A 224 36.99 38.44 14.29
C GLY A 224 35.83 37.64 13.75
N TRP A 225 36.14 36.80 12.79
CA TRP A 225 35.13 35.99 12.08
C TRP A 225 35.53 34.52 12.06
N GLN A 226 34.55 33.65 12.13
CA GLN A 226 34.79 32.20 11.99
C GLN A 226 33.68 31.63 11.12
N LYS A 227 34.09 30.93 10.08
CA LYS A 227 33.18 30.37 9.05
C LYS A 227 33.12 28.85 9.12
N ARG A 228 31.96 28.34 8.72
CA ARG A 228 31.69 26.89 8.64
C ARG A 228 30.83 26.69 7.41
N SER A 229 31.31 25.89 6.47
CA SER A 229 30.58 25.63 5.20
C SER A 229 29.76 24.35 5.30
N ARG A 230 28.66 24.33 4.56
CA ARG A 230 27.72 23.19 4.52
C ARG A 230 27.24 23.09 3.08
N THR A 231 27.84 22.19 2.31
CA THR A 231 27.49 22.03 0.89
C THR A 231 26.33 21.06 0.70
N CYS A 232 25.68 21.18 -0.45
CA CYS A 232 24.55 20.32 -0.86
C CYS A 232 25.08 19.23 -1.79
N THR A 233 25.79 18.27 -1.22
CA THR A 233 26.41 17.21 -2.05
C THR A 233 26.18 15.80 -1.56
N ASN A 234 25.46 15.57 -0.46
CA ASN A 234 25.27 14.20 0.07
C ASN A 234 23.80 13.90 0.29
N PRO A 235 23.02 13.59 -0.78
CA PRO A 235 23.40 13.58 -2.21
C PRO A 235 23.18 14.93 -2.93
N ALA A 236 23.88 15.15 -4.05
CA ALA A 236 23.74 16.37 -4.87
C ALA A 236 22.50 16.23 -5.76
N PRO A 237 21.67 17.29 -5.87
CA PRO A 237 20.46 17.19 -6.71
C PRO A 237 20.77 16.82 -8.16
N LEU A 238 19.96 15.92 -8.71
CA LEU A 238 20.11 15.44 -10.10
C LEU A 238 18.79 15.49 -10.85
N ASN A 239 18.87 15.66 -12.16
CA ASN A 239 17.70 15.69 -13.08
C ASN A 239 16.61 16.60 -12.55
N GLY A 240 17.02 17.73 -12.00
CA GLY A 240 16.10 18.74 -11.47
C GLY A 240 15.55 18.39 -10.11
N GLY A 241 16.38 17.80 -9.25
CA GLY A 241 15.98 17.50 -7.87
C GLY A 241 15.90 18.77 -7.04
N ALA A 242 15.07 18.72 -6.01
CA ALA A 242 14.92 19.88 -5.11
C ALA A 242 16.25 20.17 -4.43
N PHE A 243 16.63 21.44 -4.43
CA PHE A 243 17.89 21.86 -3.79
C PHE A 243 17.76 21.76 -2.27
N CYS A 244 18.91 21.74 -1.60
CA CYS A 244 18.95 21.66 -0.12
C CYS A 244 18.21 22.84 0.48
N GLU A 245 17.50 22.59 1.57
CA GLU A 245 16.69 23.60 2.25
C GLU A 245 17.43 24.14 3.48
N GLY A 246 17.57 25.47 3.51
CA GLY A 246 18.23 26.17 4.63
C GLY A 246 19.47 26.93 4.21
N MET A 247 20.32 27.28 5.18
CA MET A 247 21.54 28.06 4.91
C MET A 247 22.72 27.14 4.61
N SER A 248 23.66 27.68 3.85
CA SER A 248 24.87 26.95 3.41
C SER A 248 26.10 27.39 4.21
N VAL A 249 26.11 28.61 4.73
CA VAL A 249 27.29 29.13 5.47
C VAL A 249 26.89 29.47 6.90
N GLN A 250 27.83 29.35 7.81
CA GLN A 250 27.65 29.67 9.24
C GLN A 250 28.79 30.60 9.64
N LYS A 251 28.44 31.75 10.22
CA LYS A 251 29.44 32.75 10.63
C LYS A 251 29.23 33.13 12.09
N ILE A 252 30.30 33.15 12.87
CA ILE A 252 30.24 33.53 14.30
C ILE A 252 31.32 34.57 14.58
N THR A 253 31.00 35.50 15.46
CA THR A 253 31.94 36.53 15.94
C THR A 253 32.88 35.91 16.97
N CYS A 254 34.15 36.22 16.85
CA CYS A 254 35.17 35.69 17.78
C CYS A 254 36.04 36.82 18.36
N THR A 255 36.49 36.64 19.59
CA THR A 255 37.34 37.62 20.29
C THR A 255 38.65 36.95 20.63
N ALA A 256 39.73 37.43 20.02
CA ALA A 256 41.07 36.84 20.22
C ALA A 256 41.84 37.64 21.29
N LEU B 6 -58.50 -23.12 -12.03
CA LEU B 6 -57.21 -23.78 -11.74
C LEU B 6 -56.95 -23.76 -10.23
N PRO B 7 -56.10 -24.66 -9.72
CA PRO B 7 -55.80 -24.69 -8.29
C PRO B 7 -54.97 -23.47 -7.86
N HIS B 8 -55.39 -22.84 -6.77
CA HIS B 8 -54.68 -21.69 -6.19
C HIS B 8 -54.03 -22.14 -4.90
N PHE B 9 -52.74 -21.95 -4.78
CA PHE B 9 -51.99 -22.37 -3.56
C PHE B 9 -52.23 -21.39 -2.42
N ILE B 10 -52.63 -21.92 -1.28
CA ILE B 10 -52.83 -21.09 -0.05
C ILE B 10 -51.56 -21.12 0.79
N GLU B 11 -51.00 -22.31 1.02
CA GLU B 11 -49.77 -22.49 1.81
C GLU B 11 -48.72 -23.10 0.90
N GLU B 12 -47.90 -22.23 0.28
CA GLU B 12 -46.79 -22.64 -0.60
C GLU B 12 -45.62 -23.10 0.27
N PRO B 13 -44.94 -24.19 -0.13
CA PRO B 13 -43.81 -24.69 0.65
C PRO B 13 -42.65 -23.68 0.74
N GLU B 14 -42.17 -23.48 1.97
CA GLU B 14 -41.05 -22.57 2.27
C GLU B 14 -39.80 -23.41 2.45
N ASP B 15 -38.69 -22.88 1.96
CA ASP B 15 -37.38 -23.60 2.04
C ASP B 15 -37.07 -23.95 3.49
N ALA B 16 -36.98 -25.25 3.77
CA ALA B 16 -36.69 -25.78 5.11
C ALA B 16 -35.19 -25.98 5.29
N TYR B 17 -34.76 -26.03 6.55
CA TYR B 17 -33.36 -26.27 6.92
C TYR B 17 -33.31 -27.33 8.02
N ILE B 18 -32.51 -28.36 7.80
CA ILE B 18 -32.35 -29.45 8.77
C ILE B 18 -31.35 -29.02 9.84
N ILE B 19 -31.75 -29.12 11.09
CA ILE B 19 -30.89 -28.72 12.23
C ILE B 19 -30.75 -29.91 13.16
N LYS B 20 -29.50 -30.26 13.45
CA LYS B 20 -29.18 -31.35 14.41
C LYS B 20 -29.95 -32.63 14.06
N SER B 21 -29.97 -32.99 12.79
CA SER B 21 -30.59 -34.24 12.27
C SER B 21 -32.07 -34.34 12.65
N ASN B 22 -32.75 -33.22 12.79
CA ASN B 22 -34.18 -33.25 13.11
C ASN B 22 -34.94 -33.14 11.80
N PRO B 23 -35.59 -34.22 11.32
CA PRO B 23 -36.29 -34.17 10.04
C PRO B 23 -37.51 -33.24 10.09
N ILE B 24 -37.50 -32.21 9.25
CA ILE B 24 -38.60 -31.21 9.19
C ILE B 24 -39.37 -31.47 7.90
N ALA B 25 -40.67 -31.68 8.05
CA ALA B 25 -41.57 -31.97 6.91
C ALA B 25 -41.90 -30.67 6.14
N LEU B 26 -42.33 -30.86 4.89
CA LEU B 26 -42.75 -29.74 4.02
C LEU B 26 -44.27 -29.74 3.89
N ARG B 27 -44.83 -28.55 4.06
CA ARG B 27 -46.28 -28.27 4.03
C ARG B 27 -46.70 -27.80 2.62
N CYS B 28 -47.92 -28.15 2.24
CA CYS B 28 -48.48 -27.74 0.93
C CYS B 28 -49.99 -27.71 1.05
N LYS B 29 -50.60 -26.56 0.75
CA LYS B 29 -52.07 -26.45 0.83
C LYS B 29 -52.60 -25.64 -0.35
N ALA B 30 -53.56 -26.21 -1.05
CA ALA B 30 -54.16 -25.56 -2.24
C ALA B 30 -55.66 -25.87 -2.34
N ARG B 31 -56.36 -24.95 -2.99
CA ARG B 31 -57.81 -25.01 -3.26
C ARG B 31 -58.10 -24.30 -4.57
N PRO B 32 -58.89 -24.90 -5.50
CA PRO B 32 -59.48 -26.23 -5.35
C PRO B 32 -58.50 -27.33 -5.74
N ALA B 33 -58.34 -28.35 -4.91
CA ALA B 33 -57.38 -29.42 -5.18
C ALA B 33 -57.95 -30.79 -4.80
N MET B 34 -57.71 -31.75 -5.67
CA MET B 34 -58.13 -33.16 -5.46
C MET B 34 -56.90 -34.07 -5.32
N GLN B 35 -55.81 -33.70 -5.98
CA GLN B 35 -54.55 -34.45 -5.90
C GLN B 35 -53.42 -33.45 -5.80
N ILE B 36 -52.57 -33.63 -4.80
CA ILE B 36 -51.37 -32.78 -4.60
C ILE B 36 -50.18 -33.71 -4.45
N PHE B 37 -49.18 -33.51 -5.29
CA PHE B 37 -47.96 -34.36 -5.24
C PHE B 37 -46.73 -33.48 -5.22
N PHE B 38 -45.66 -34.08 -4.72
CA PHE B 38 -44.34 -33.40 -4.61
C PHE B 38 -43.41 -33.95 -5.68
N LYS B 39 -42.67 -33.04 -6.28
CA LYS B 39 -41.64 -33.33 -7.31
C LYS B 39 -40.32 -32.85 -6.74
N CYS B 40 -39.65 -33.69 -5.98
CA CYS B 40 -38.37 -33.31 -5.35
C CYS B 40 -37.23 -33.66 -6.30
N ASN B 41 -36.50 -32.64 -6.73
CA ASN B 41 -35.31 -32.78 -7.61
C ASN B 41 -35.67 -33.46 -8.92
N GLY B 42 -36.74 -33.02 -9.57
CA GLY B 42 -37.10 -33.52 -10.92
C GLY B 42 -38.07 -34.69 -10.91
N GLU B 43 -38.02 -35.58 -9.92
CA GLU B 43 -38.87 -36.80 -9.94
C GLU B 43 -39.92 -36.79 -8.83
N TRP B 44 -41.01 -37.47 -9.14
CA TRP B 44 -42.18 -37.62 -8.22
C TRP B 44 -41.78 -38.31 -6.93
N VAL B 45 -42.44 -37.92 -5.85
CA VAL B 45 -42.24 -38.53 -4.50
C VAL B 45 -43.26 -39.65 -4.33
N HIS B 46 -42.82 -40.76 -3.76
CA HIS B 46 -43.66 -41.96 -3.53
C HIS B 46 -44.95 -41.61 -2.78
N GLN B 47 -46.03 -42.27 -3.16
CA GLN B 47 -47.37 -42.08 -2.56
C GLN B 47 -47.34 -42.26 -1.05
N ASN B 48 -46.57 -43.23 -0.54
CA ASN B 48 -46.49 -43.50 0.92
C ASN B 48 -45.95 -42.29 1.69
N GLU B 49 -45.04 -41.53 1.10
CA GLU B 49 -44.45 -40.37 1.80
C GLU B 49 -45.47 -39.24 1.99
N HIS B 50 -46.45 -39.14 1.10
CA HIS B 50 -47.46 -38.05 1.19
C HIS B 50 -48.47 -38.32 2.29
N VAL B 51 -48.83 -37.26 3.01
CA VAL B 51 -49.87 -37.31 4.07
C VAL B 51 -50.88 -36.24 3.72
N SER B 52 -52.01 -36.65 3.15
CA SER B 52 -53.09 -35.73 2.69
C SER B 52 -54.08 -35.42 3.81
N GLU B 53 -54.64 -34.22 3.73
CA GLU B 53 -55.68 -33.70 4.64
C GLU B 53 -56.78 -33.09 3.77
N GLU B 54 -58.00 -33.58 3.95
CA GLU B 54 -59.19 -33.08 3.21
C GLU B 54 -59.91 -32.06 4.09
N SER B 55 -59.63 -30.78 3.85
CA SER B 55 -60.17 -29.66 4.64
C SER B 55 -61.24 -28.90 3.86
N LEU B 56 -62.01 -28.12 4.60
CA LEU B 56 -63.06 -27.24 4.02
C LEU B 56 -62.82 -25.84 4.57
N ASP B 57 -62.76 -24.86 3.68
CA ASP B 57 -62.46 -23.46 4.06
C ASP B 57 -63.72 -22.75 4.58
N GLU B 58 -63.50 -21.82 5.49
CA GLU B 58 -64.58 -21.02 6.10
C GLU B 58 -65.06 -19.95 5.11
N SER B 59 -64.13 -19.19 4.54
CA SER B 59 -64.47 -18.09 3.60
C SER B 59 -65.33 -18.60 2.44
N SER B 60 -65.06 -19.81 1.97
CA SER B 60 -65.83 -20.38 0.84
C SER B 60 -65.87 -21.88 0.98
N GLY B 61 -67.04 -22.46 0.76
CA GLY B 61 -67.26 -23.91 0.85
C GLY B 61 -66.68 -24.67 -0.33
N LEU B 62 -65.37 -24.86 -0.35
CA LEU B 62 -64.71 -25.58 -1.46
C LEU B 62 -63.67 -26.53 -0.88
N LYS B 63 -63.46 -27.63 -1.58
CA LYS B 63 -62.51 -28.69 -1.14
C LYS B 63 -61.07 -28.17 -1.13
N VAL B 64 -60.48 -28.11 0.05
CA VAL B 64 -59.07 -27.69 0.25
C VAL B 64 -58.28 -28.95 0.53
N ARG B 65 -57.05 -28.98 0.06
CA ARG B 65 -56.18 -30.15 0.30
C ARG B 65 -54.83 -29.68 0.85
N GLU B 66 -54.40 -30.33 1.93
CA GLU B 66 -53.10 -30.04 2.59
C GLU B 66 -52.31 -31.34 2.68
N VAL B 67 -51.13 -31.34 2.07
CA VAL B 67 -50.25 -32.53 2.04
C VAL B 67 -48.92 -32.17 2.69
N PHE B 68 -48.45 -33.08 3.56
CA PHE B 68 -47.17 -32.95 4.27
C PHE B 68 -46.28 -34.11 3.84
N ILE B 69 -45.02 -33.80 3.63
CA ILE B 69 -44.01 -34.82 3.23
C ILE B 69 -42.75 -34.67 4.07
N ASN B 70 -42.36 -35.73 4.76
CA ASN B 70 -41.14 -35.73 5.61
C ASN B 70 -39.87 -35.77 4.75
N VAL B 71 -38.91 -34.93 5.10
CA VAL B 71 -37.59 -34.91 4.43
C VAL B 71 -36.54 -35.14 5.50
N THR B 72 -35.83 -36.26 5.41
CA THR B 72 -34.80 -36.62 6.41
C THR B 72 -33.44 -36.07 6.02
N ARG B 73 -32.54 -36.06 6.99
CA ARG B 73 -31.15 -35.61 6.77
C ARG B 73 -30.47 -36.57 5.79
N GLN B 74 -30.71 -37.86 5.95
CA GLN B 74 -30.11 -38.90 5.07
C GLN B 74 -30.47 -38.64 3.60
N GLN B 75 -31.64 -38.08 3.34
CA GLN B 75 -32.06 -37.80 1.95
C GLN B 75 -31.20 -36.68 1.34
N VAL B 76 -30.94 -35.64 2.11
CA VAL B 76 -30.16 -34.49 1.60
C VAL B 76 -28.68 -34.84 1.52
N GLU B 77 -28.13 -35.46 2.55
CA GLU B 77 -26.68 -35.78 2.56
C GLU B 77 -26.33 -36.84 1.52
N ASP B 78 -27.28 -37.68 1.12
CA ASP B 78 -26.99 -38.72 0.10
C ASP B 78 -27.34 -38.22 -1.30
N PHE B 79 -27.98 -37.06 -1.43
CA PHE B 79 -28.30 -36.47 -2.74
C PHE B 79 -27.07 -35.78 -3.30
N HIS B 80 -26.60 -36.23 -4.45
CA HIS B 80 -25.38 -35.68 -5.09
C HIS B 80 -25.73 -35.06 -6.45
N GLY B 81 -26.75 -34.22 -6.49
CA GLY B 81 -27.17 -33.56 -7.74
C GLY B 81 -26.38 -32.27 -7.96
N PRO B 82 -26.72 -31.54 -9.04
CA PRO B 82 -26.01 -30.30 -9.37
C PRO B 82 -26.53 -29.09 -8.58
N GLU B 83 -27.84 -29.06 -8.35
CA GLU B 83 -28.48 -27.95 -7.65
C GLU B 83 -28.80 -28.37 -6.22
N ASP B 84 -29.23 -27.41 -5.43
CA ASP B 84 -29.62 -27.67 -4.03
C ASP B 84 -30.88 -28.54 -4.00
N TYR B 85 -30.96 -29.44 -3.03
CA TYR B 85 -32.12 -30.34 -2.86
C TYR B 85 -33.40 -29.53 -2.83
N TRP B 86 -34.08 -29.45 -3.99
CA TRP B 86 -35.33 -28.66 -4.11
C TRP B 86 -36.52 -29.60 -4.28
N CYS B 87 -37.69 -29.07 -3.92
CA CYS B 87 -38.97 -29.78 -4.04
C CYS B 87 -40.01 -28.81 -4.58
N GLN B 88 -40.92 -29.34 -5.39
CA GLN B 88 -42.02 -28.52 -5.96
C GLN B 88 -43.35 -29.21 -5.68
N CYS B 89 -44.41 -28.44 -5.70
CA CYS B 89 -45.77 -28.94 -5.44
C CYS B 89 -46.62 -28.77 -6.68
N VAL B 90 -47.25 -29.86 -7.10
CA VAL B 90 -48.16 -29.88 -8.27
C VAL B 90 -49.56 -30.22 -7.77
N ALA B 91 -50.52 -29.37 -8.11
CA ALA B 91 -51.94 -29.56 -7.72
C ALA B 91 -52.77 -29.79 -8.98
N TRP B 92 -53.70 -30.73 -8.87
CA TRP B 92 -54.61 -31.16 -9.96
C TRP B 92 -56.01 -30.59 -9.74
N SER B 93 -56.59 -30.06 -10.82
CA SER B 93 -57.96 -29.52 -10.82
C SER B 93 -58.70 -30.07 -12.03
N HIS B 94 -59.98 -29.78 -12.11
CA HIS B 94 -60.82 -30.22 -13.26
C HIS B 94 -60.47 -29.43 -14.51
N LEU B 95 -59.79 -28.31 -14.36
CA LEU B 95 -59.39 -27.44 -15.50
C LEU B 95 -57.94 -27.67 -15.90
N GLY B 96 -57.06 -27.97 -14.93
CA GLY B 96 -55.64 -28.21 -15.24
C GLY B 96 -54.79 -28.42 -14.01
N THR B 97 -53.52 -28.06 -14.10
CA THR B 97 -52.55 -28.26 -12.99
C THR B 97 -51.85 -26.96 -12.67
N SER B 98 -51.26 -26.91 -11.49
CA SER B 98 -50.51 -25.71 -11.05
C SER B 98 -49.31 -26.10 -10.21
N LYS B 99 -48.17 -25.49 -10.51
CA LYS B 99 -46.90 -25.68 -9.78
C LYS B 99 -46.72 -24.60 -8.73
N SER B 100 -45.99 -24.93 -7.66
CA SER B 100 -45.75 -23.98 -6.55
C SER B 100 -44.29 -23.51 -6.57
N ARG B 101 -43.89 -22.88 -5.47
CA ARG B 101 -42.49 -22.41 -5.29
C ARG B 101 -41.56 -23.58 -5.08
N LYS B 102 -40.34 -23.46 -5.57
CA LYS B 102 -39.30 -24.50 -5.37
C LYS B 102 -38.60 -24.27 -4.02
N ALA B 103 -39.02 -24.99 -2.99
CA ALA B 103 -38.39 -24.92 -1.65
C ALA B 103 -37.15 -25.81 -1.65
N SER B 104 -35.97 -25.24 -1.45
CA SER B 104 -34.72 -26.04 -1.46
C SER B 104 -34.31 -26.37 -0.01
N VAL B 105 -34.45 -27.62 0.39
CA VAL B 105 -34.02 -28.08 1.74
C VAL B 105 -32.53 -28.37 1.70
N ARG B 106 -31.75 -27.65 2.49
CA ARG B 106 -30.29 -27.84 2.50
C ARG B 106 -29.78 -28.11 3.90
N ILE B 107 -28.69 -28.84 3.97
CA ILE B 107 -28.05 -29.12 5.27
C ILE B 107 -27.30 -27.88 5.62
N ALA B 108 -27.86 -27.10 6.53
CA ALA B 108 -27.25 -25.83 6.95
C ALA B 108 -25.94 -26.17 7.63
N TYR B 109 -24.88 -25.50 7.25
CA TYR B 109 -23.59 -25.85 7.83
C TYR B 109 -22.71 -24.62 7.93
N LEU B 110 -22.18 -24.43 9.13
CA LEU B 110 -21.25 -23.33 9.50
C LEU B 110 -19.93 -23.96 9.90
N ARG B 111 -18.85 -23.40 9.41
CA ARG B 111 -17.51 -23.95 9.73
C ARG B 111 -16.96 -23.33 11.00
N LYS B 112 -16.04 -24.05 11.63
CA LYS B 112 -15.38 -23.61 12.89
C LYS B 112 -14.23 -22.65 12.56
N ASN B 113 -13.38 -23.02 11.64
CA ASN B 113 -12.20 -22.22 11.27
C ASN B 113 -12.62 -20.95 10.51
N PHE B 114 -12.19 -19.80 11.00
CA PHE B 114 -12.46 -18.52 10.32
C PHE B 114 -11.64 -18.41 9.05
N GLU B 115 -12.23 -17.86 8.00
CA GLU B 115 -11.51 -17.68 6.71
C GLU B 115 -10.34 -16.72 6.88
N GLN B 116 -10.50 -15.66 7.65
CA GLN B 116 -9.39 -14.72 7.88
C GLN B 116 -9.65 -13.99 9.19
N ASP B 117 -8.79 -14.22 10.18
CA ASP B 117 -8.89 -13.60 11.53
C ASP B 117 -8.31 -12.20 11.50
N PRO B 118 -8.87 -11.28 12.31
CA PRO B 118 -8.34 -9.93 12.38
C PRO B 118 -6.92 -9.91 12.97
N GLN B 119 -6.09 -9.05 12.41
CA GLN B 119 -4.67 -8.94 12.81
C GLN B 119 -4.46 -7.75 13.72
N GLY B 120 -3.73 -7.95 14.81
CA GLY B 120 -3.42 -6.89 15.76
C GLY B 120 -2.49 -5.88 15.10
N ARG B 121 -2.69 -4.60 15.35
CA ARG B 121 -1.86 -3.57 14.69
C ARG B 121 -1.44 -2.49 15.67
N GLU B 122 -0.31 -1.86 15.32
CA GLU B 122 0.23 -0.70 16.05
C GLU B 122 0.02 0.52 15.17
N VAL B 123 -0.71 1.51 15.66
CA VAL B 123 -1.05 2.68 14.81
C VAL B 123 -0.89 3.97 15.63
N PRO B 124 -0.29 5.03 15.04
CA PRO B 124 -0.13 6.28 15.76
C PRO B 124 -1.48 6.95 16.06
N ILE B 125 -1.42 7.99 16.88
CA ILE B 125 -2.62 8.70 17.37
C ILE B 125 -3.45 9.21 16.18
N GLU B 126 -2.80 9.57 15.07
CA GLU B 126 -3.51 10.10 13.89
C GLU B 126 -3.72 9.04 12.81
N GLY B 127 -2.96 7.96 12.88
CA GLY B 127 -3.04 6.91 11.85
C GLY B 127 -4.43 6.32 11.73
N MET B 128 -4.67 5.72 10.58
CA MET B 128 -5.95 5.06 10.25
C MET B 128 -5.66 3.57 10.05
N ILE B 129 -6.53 2.71 10.58
CA ILE B 129 -6.34 1.25 10.44
C ILE B 129 -7.65 0.57 10.08
N VAL B 130 -7.54 -0.43 9.22
CA VAL B 130 -8.69 -1.23 8.76
C VAL B 130 -8.48 -2.66 9.25
N LEU B 131 -9.46 -3.18 9.98
CA LEU B 131 -9.41 -4.57 10.49
C LEU B 131 -10.25 -5.44 9.58
N HIS B 132 -9.59 -6.38 8.92
CA HIS B 132 -10.22 -7.29 7.94
C HIS B 132 -10.78 -8.52 8.67
N CYS B 133 -11.89 -9.02 8.17
CA CYS B 133 -12.52 -10.22 8.75
C CYS B 133 -13.31 -10.93 7.66
N ARG B 134 -12.97 -12.18 7.45
CA ARG B 134 -13.66 -13.05 6.47
C ARG B 134 -14.32 -14.18 7.25
N PRO B 135 -15.66 -14.15 7.39
CA PRO B 135 -16.33 -15.18 8.18
C PRO B 135 -16.18 -16.55 7.55
N PRO B 136 -16.42 -17.63 8.33
CA PRO B 136 -16.30 -18.97 7.78
C PRO B 136 -17.40 -19.27 6.76
N GLU B 137 -17.11 -20.24 5.90
CA GLU B 137 -18.06 -20.68 4.86
C GLU B 137 -19.33 -21.22 5.51
N GLY B 138 -20.47 -20.79 4.99
CA GLY B 138 -21.77 -21.20 5.55
C GLY B 138 -22.95 -20.67 4.77
N VAL B 139 -24.04 -21.42 4.80
CA VAL B 139 -25.32 -21.03 4.15
C VAL B 139 -26.35 -20.88 5.25
N PRO B 140 -26.95 -19.70 5.46
CA PRO B 140 -26.74 -18.46 4.69
C PRO B 140 -25.44 -17.73 5.03
N ALA B 141 -25.19 -16.63 4.32
CA ALA B 141 -23.98 -15.81 4.52
C ALA B 141 -23.90 -15.34 5.99
N ALA B 142 -22.76 -15.56 6.61
CA ALA B 142 -22.54 -15.20 8.03
C ALA B 142 -22.68 -13.68 8.23
N GLU B 143 -23.30 -13.31 9.34
CA GLU B 143 -23.49 -11.90 9.72
C GLU B 143 -22.33 -11.50 10.64
N VAL B 144 -21.43 -10.69 10.11
CA VAL B 144 -20.22 -10.26 10.86
C VAL B 144 -20.58 -9.13 11.82
N GLU B 145 -20.17 -9.28 13.07
CA GLU B 145 -20.39 -8.28 14.14
C GLU B 145 -19.07 -8.05 14.86
N TRP B 146 -18.73 -6.79 15.08
CA TRP B 146 -17.47 -6.43 15.76
C TRP B 146 -17.71 -6.21 17.25
N LEU B 147 -16.81 -6.70 18.08
CA LEU B 147 -16.89 -6.57 19.56
C LEU B 147 -15.58 -6.01 20.08
N LYS B 148 -15.63 -4.84 20.69
CA LYS B 148 -14.43 -4.24 21.30
C LYS B 148 -14.32 -4.73 22.75
N ASN B 149 -13.27 -5.48 23.04
CA ASN B 149 -13.02 -6.04 24.39
C ASN B 149 -14.26 -6.79 24.86
N GLU B 150 -14.70 -7.74 24.05
CA GLU B 150 -15.89 -8.60 24.33
C GLU B 150 -17.14 -7.74 24.54
N GLU B 151 -17.23 -6.61 23.85
CA GLU B 151 -18.42 -5.72 23.94
C GLU B 151 -18.70 -5.13 22.57
N PRO B 152 -19.93 -5.24 22.05
CA PRO B 152 -20.24 -4.76 20.71
C PRO B 152 -20.04 -3.25 20.53
N ILE B 153 -19.73 -2.87 19.29
CA ILE B 153 -19.48 -1.46 18.89
C ILE B 153 -20.61 -1.02 17.97
N ASP B 154 -21.09 0.21 18.18
CA ASP B 154 -22.15 0.80 17.34
C ASP B 154 -21.51 1.74 16.32
N SER B 155 -21.69 1.44 15.04
CA SER B 155 -21.14 2.25 13.93
C SER B 155 -21.79 3.63 13.87
N GLU B 156 -23.06 3.74 14.21
CA GLU B 156 -23.77 5.03 14.14
C GLU B 156 -23.44 5.89 15.36
N GLN B 157 -22.97 5.29 16.44
CA GLN B 157 -22.65 6.04 17.68
C GLN B 157 -21.49 7.01 17.46
N ASP B 158 -20.54 6.66 16.60
CA ASP B 158 -19.35 7.52 16.36
C ASP B 158 -19.04 7.61 14.88
N GLU B 159 -18.64 8.80 14.46
CA GLU B 159 -18.26 9.14 13.07
C GLU B 159 -16.94 8.46 12.73
N ASN B 160 -16.10 8.22 13.73
CA ASN B 160 -14.75 7.65 13.54
C ASN B 160 -14.83 6.19 13.09
N ILE B 161 -15.85 5.46 13.52
CA ILE B 161 -16.01 4.01 13.22
C ILE B 161 -17.20 3.78 12.30
N ASP B 162 -17.04 2.90 11.33
CA ASP B 162 -18.10 2.55 10.37
C ASP B 162 -17.91 1.09 9.93
N THR B 163 -19.02 0.43 9.64
CA THR B 163 -19.06 -0.98 9.21
C THR B 163 -19.25 -1.08 7.70
N ARG B 164 -18.43 -1.90 7.07
CA ARG B 164 -18.45 -2.08 5.60
C ARG B 164 -19.18 -3.36 5.20
N ALA B 165 -19.75 -3.32 4.00
CA ALA B 165 -20.50 -4.44 3.39
C ALA B 165 -19.62 -5.69 3.28
N ASP B 166 -18.31 -5.53 3.15
CA ASP B 166 -17.37 -6.66 3.01
C ASP B 166 -16.71 -7.02 4.34
N HIS B 167 -17.37 -6.71 5.45
CA HIS B 167 -16.93 -7.03 6.84
C HIS B 167 -15.53 -6.48 7.09
N ASN B 168 -15.45 -5.17 7.26
CA ASN B 168 -14.19 -4.48 7.57
C ASN B 168 -14.49 -3.38 8.57
N LEU B 169 -13.61 -3.21 9.54
CA LEU B 169 -13.76 -2.15 10.56
C LEU B 169 -12.70 -1.10 10.26
N ILE B 170 -13.13 0.07 9.78
CA ILE B 170 -12.19 1.16 9.40
C ILE B 170 -12.24 2.24 10.48
N ILE B 171 -11.06 2.61 10.95
CA ILE B 171 -10.88 3.70 11.94
C ILE B 171 -10.03 4.75 11.27
N ARG B 172 -10.55 5.96 11.17
CA ARG B 172 -9.86 7.10 10.52
C ARG B 172 -8.80 7.66 11.45
N GLN B 173 -9.22 8.00 12.66
CA GLN B 173 -8.33 8.60 13.67
C GLN B 173 -8.33 7.71 14.90
N ALA B 174 -7.15 7.49 15.45
CA ALA B 174 -6.91 6.67 16.66
C ALA B 174 -7.23 7.46 17.93
N ARG B 175 -7.96 8.54 17.81
CA ARG B 175 -8.32 9.42 18.94
C ARG B 175 -9.71 9.08 19.47
N LEU B 176 -10.70 9.01 18.58
CA LEU B 176 -12.11 8.75 18.96
C LEU B 176 -12.33 7.27 19.30
N SER B 177 -11.42 6.38 18.94
CA SER B 177 -11.54 4.92 19.23
C SER B 177 -10.14 4.39 19.56
N ASP B 178 -9.78 4.42 20.83
CA ASP B 178 -8.43 4.02 21.29
C ASP B 178 -8.26 2.50 21.30
N SER B 179 -7.09 2.09 21.78
CA SER B 179 -6.60 0.69 21.83
C SER B 179 -7.59 -0.30 22.46
N GLY B 180 -7.37 -1.58 22.17
CA GLY B 180 -8.19 -2.66 22.74
C GLY B 180 -8.02 -3.96 21.99
N ASN B 181 -8.68 -4.99 22.51
CA ASN B 181 -8.70 -6.36 21.95
C ASN B 181 -10.00 -6.55 21.16
N TYR B 182 -9.97 -6.12 19.90
CA TYR B 182 -11.11 -6.20 18.97
C TYR B 182 -11.30 -7.64 18.52
N THR B 183 -12.54 -8.14 18.56
CA THR B 183 -12.82 -9.52 18.12
C THR B 183 -14.00 -9.52 17.14
N CYS B 184 -13.83 -10.26 16.07
CA CYS B 184 -14.85 -10.44 15.01
C CYS B 184 -15.66 -11.69 15.33
N MET B 185 -16.98 -11.59 15.22
CA MET B 185 -17.86 -12.74 15.51
C MET B 185 -18.89 -12.87 14.39
N ALA B 186 -18.98 -14.08 13.84
CA ALA B 186 -19.93 -14.38 12.75
C ALA B 186 -21.14 -15.07 13.37
N ALA B 187 -22.32 -14.58 13.03
CA ALA B 187 -23.59 -15.13 13.54
C ALA B 187 -24.38 -15.70 12.38
N ASN B 188 -24.99 -16.86 12.62
CA ASN B 188 -25.80 -17.55 11.61
C ASN B 188 -26.95 -18.24 12.31
N ILE B 189 -27.90 -18.71 11.52
CA ILE B 189 -29.07 -19.43 12.05
C ILE B 189 -28.60 -20.75 12.67
N VAL B 190 -27.46 -21.26 12.22
CA VAL B 190 -26.90 -22.52 12.79
C VAL B 190 -26.32 -22.23 14.17
N ALA B 191 -25.29 -21.40 14.24
CA ALA B 191 -24.63 -21.07 15.51
C ALA B 191 -23.80 -19.80 15.32
N LYS B 192 -22.94 -19.53 16.29
CA LYS B 192 -22.03 -18.37 16.26
C LYS B 192 -20.58 -18.85 16.35
N ARG B 193 -19.69 -18.09 15.74
CA ARG B 193 -18.25 -18.44 15.75
C ARG B 193 -17.44 -17.18 16.04
N ARG B 194 -16.52 -17.30 17.00
CA ARG B 194 -15.64 -16.20 17.42
C ARG B 194 -14.27 -16.34 16.77
N SER B 195 -13.74 -15.23 16.25
CA SER B 195 -12.42 -15.19 15.62
C SER B 195 -11.34 -14.87 16.66
N LEU B 196 -10.09 -14.91 16.24
CA LEU B 196 -8.97 -14.54 17.14
C LEU B 196 -8.92 -13.03 17.33
N SER B 197 -8.93 -12.59 18.58
CA SER B 197 -8.93 -11.15 18.93
C SER B 197 -7.63 -10.48 18.49
N ALA B 198 -7.76 -9.30 17.88
CA ALA B 198 -6.63 -8.46 17.42
C ALA B 198 -6.32 -7.40 18.50
N THR B 199 -5.06 -7.34 18.92
CA THR B 199 -4.57 -6.39 19.94
C THR B 199 -4.13 -5.09 19.25
N VAL B 200 -5.02 -4.12 19.17
CA VAL B 200 -4.69 -2.82 18.53
C VAL B 200 -4.23 -1.86 19.61
N VAL B 201 -2.95 -1.49 19.55
CA VAL B 201 -2.32 -0.59 20.55
C VAL B 201 -1.83 0.64 19.78
N VAL B 202 -2.27 1.80 20.21
CA VAL B 202 -1.88 3.07 19.55
C VAL B 202 -0.64 3.63 20.24
N TYR B 203 0.40 3.83 19.49
CA TYR B 203 1.65 4.35 20.07
C TYR B 203 1.88 5.77 19.57
N VAL B 204 2.28 6.62 20.49
CA VAL B 204 2.62 8.03 20.19
C VAL B 204 4.12 8.12 20.27
N ASN B 205 4.75 8.54 19.19
CA ASN B 205 6.22 8.66 19.21
C ASN B 205 6.64 9.93 19.94
N GLY B 206 7.76 9.83 20.62
CA GLY B 206 8.32 10.95 21.39
C GLY B 206 8.79 12.08 20.49
N GLY B 207 8.53 13.30 20.92
CA GLY B 207 8.98 14.51 20.20
C GLY B 207 9.56 15.58 21.08
N TRP B 208 10.47 16.34 20.49
CA TRP B 208 11.37 17.27 21.22
C TRP B 208 10.72 18.51 21.83
N SER B 209 11.60 19.41 22.21
CA SER B 209 11.23 20.75 22.75
C SER B 209 12.15 21.85 22.22
N SER B 210 11.64 23.08 22.06
CA SER B 210 12.47 24.23 21.61
C SER B 210 13.42 24.63 22.77
N TRP B 211 14.67 25.09 22.51
CA TRP B 211 15.69 25.41 23.56
C TRP B 211 15.40 26.58 24.55
N THR B 212 15.19 26.31 25.86
CA THR B 212 14.99 27.37 26.94
C THR B 212 16.09 28.49 26.99
N GLU B 213 16.02 29.35 28.00
CA GLU B 213 17.01 30.43 28.15
C GLU B 213 18.24 29.97 28.93
N TRP B 214 19.38 30.59 28.62
CA TRP B 214 20.64 30.28 29.33
C TRP B 214 20.61 30.87 30.74
N SER B 215 20.93 30.06 31.73
CA SER B 215 20.94 30.51 33.15
C SER B 215 22.13 31.45 33.40
N ALA B 216 22.01 32.22 34.46
CA ALA B 216 23.09 33.13 34.91
C ALA B 216 24.27 32.34 35.46
N CYS B 217 25.47 32.86 35.28
CA CYS B 217 26.70 32.20 35.76
C CYS B 217 26.69 32.18 37.30
N ASN B 218 26.59 30.99 37.87
CA ASN B 218 26.53 30.78 39.34
C ASN B 218 27.73 31.45 40.04
N VAL B 219 28.90 31.38 39.44
CA VAL B 219 30.11 31.99 40.04
C VAL B 219 30.22 33.42 39.54
N ARG B 220 30.45 34.35 40.47
CA ARG B 220 30.56 35.79 40.14
C ARG B 220 31.85 36.05 39.36
N CYS B 221 32.96 35.50 39.83
CA CYS B 221 34.27 35.73 39.20
C CYS B 221 34.94 34.40 38.89
N GLY B 222 35.29 34.21 37.62
CA GLY B 222 36.00 33.01 37.13
C GLY B 222 35.12 32.11 36.29
N ARG B 223 35.27 30.80 36.47
CA ARG B 223 34.50 29.82 35.66
C ARG B 223 33.06 29.72 36.17
N GLY B 224 32.11 29.99 35.30
CA GLY B 224 30.69 29.90 35.63
C GLY B 224 30.00 28.88 34.76
N TRP B 225 28.71 28.73 34.97
CA TRP B 225 27.88 27.73 34.28
C TRP B 225 26.64 28.37 33.67
N GLN B 226 26.21 27.84 32.53
CA GLN B 226 24.94 28.27 31.92
C GLN B 226 24.25 27.04 31.37
N LYS B 227 23.00 26.87 31.78
CA LYS B 227 22.17 25.67 31.46
C LYS B 227 21.04 26.02 30.49
N ARG B 228 20.68 25.02 29.69
CA ARG B 228 19.57 25.11 28.72
C ARG B 228 18.89 23.76 28.71
N SER B 229 17.60 23.73 29.03
CA SER B 229 16.82 22.46 29.09
C SER B 229 16.06 22.22 27.78
N ARG B 230 15.88 20.93 27.47
CA ARG B 230 15.17 20.47 26.25
C ARG B 230 14.35 19.24 26.64
N THR B 231 13.06 19.43 26.88
CA THR B 231 12.19 18.31 27.30
C THR B 231 11.60 17.56 26.11
N CYS B 232 11.18 16.34 26.37
CA CYS B 232 10.54 15.47 25.35
C CYS B 232 9.02 15.52 25.55
N THR B 233 8.40 16.63 25.17
CA THR B 233 6.95 16.81 25.40
C THR B 233 6.15 17.29 24.19
N ASN B 234 6.77 17.49 23.02
CA ASN B 234 6.04 17.99 21.83
C ASN B 234 6.25 17.09 20.63
N PRO B 235 5.56 15.92 20.55
CA PRO B 235 4.62 15.36 21.54
C PRO B 235 5.26 14.45 22.61
N ALA B 236 4.59 14.28 23.74
CA ALA B 236 5.09 13.40 24.83
C ALA B 236 4.76 11.95 24.49
N PRO B 237 5.71 11.01 24.68
CA PRO B 237 5.45 9.61 24.36
C PRO B 237 4.25 9.03 25.13
N LEU B 238 3.43 8.27 24.42
CA LEU B 238 2.24 7.64 25.01
C LEU B 238 2.16 6.17 24.67
N ASN B 239 1.59 5.40 25.59
CA ASN B 239 1.33 3.94 25.44
C ASN B 239 2.58 3.23 24.94
N GLY B 240 3.74 3.66 25.44
CA GLY B 240 5.02 3.03 25.09
C GLY B 240 5.59 3.49 23.76
N GLY B 241 5.41 4.76 23.41
CA GLY B 241 6.04 5.30 22.20
C GLY B 241 7.52 5.47 22.42
N ALA B 242 8.29 5.44 21.35
CA ALA B 242 9.75 5.62 21.48
C ALA B 242 10.05 7.02 22.02
N PHE B 243 10.91 7.08 23.03
CA PHE B 243 11.35 8.35 23.65
C PHE B 243 12.31 9.11 22.75
N CYS B 244 12.45 10.39 23.06
CA CYS B 244 13.34 11.30 22.30
C CYS B 244 14.76 10.77 22.31
N GLU B 245 15.42 10.90 21.18
CA GLU B 245 16.80 10.39 21.00
C GLU B 245 17.81 11.52 21.12
N GLY B 246 18.76 11.35 22.03
CA GLY B 246 19.86 12.30 22.27
C GLY B 246 19.81 12.96 23.63
N MET B 247 20.42 14.13 23.76
CA MET B 247 20.55 14.80 25.07
C MET B 247 19.39 15.74 25.36
N SER B 248 19.15 15.92 26.66
CA SER B 248 18.06 16.77 27.18
C SER B 248 18.61 18.09 27.75
N VAL B 249 19.86 18.11 28.21
CA VAL B 249 20.42 19.32 28.87
C VAL B 249 21.66 19.79 28.10
N GLN B 250 21.88 21.09 28.13
CA GLN B 250 23.06 21.74 27.51
C GLN B 250 23.71 22.63 28.55
N LYS B 251 25.01 22.45 28.75
CA LYS B 251 25.76 23.26 29.75
C LYS B 251 26.99 23.85 29.08
N ILE B 252 27.21 25.14 29.29
CA ILE B 252 28.38 25.85 28.71
C ILE B 252 29.09 26.62 29.81
N THR B 253 30.42 26.67 29.70
CA THR B 253 31.28 27.44 30.61
C THR B 253 31.22 28.92 30.23
N CYS B 254 31.10 29.78 31.23
CA CYS B 254 31.04 31.25 31.01
C CYS B 254 32.07 31.98 31.88
N THR B 255 32.58 33.09 31.37
CA THR B 255 33.55 33.93 32.08
C THR B 255 32.95 35.31 32.30
N ALA B 256 32.72 35.66 33.55
CA ALA B 256 32.10 36.96 33.92
C ALA B 256 33.19 37.97 34.29
N LEU C 6 13.77 45.52 39.31
CA LEU C 6 14.19 45.33 37.90
C LEU C 6 13.11 45.88 36.97
N PRO C 7 13.46 46.19 35.70
CA PRO C 7 12.49 46.73 34.76
C PRO C 7 11.48 45.67 34.34
N HIS C 8 10.20 46.03 34.38
CA HIS C 8 9.11 45.13 33.95
C HIS C 8 8.56 45.67 32.64
N PHE C 9 8.53 44.84 31.61
CA PHE C 9 8.03 45.26 30.28
C PHE C 9 6.51 45.30 30.27
N ILE C 10 5.97 46.42 29.83
CA ILE C 10 4.49 46.58 29.69
C ILE C 10 4.09 46.26 28.25
N GLU C 11 4.81 46.83 27.28
CA GLU C 11 4.56 46.62 25.84
C GLU C 11 5.81 45.97 25.25
N GLU C 12 5.79 44.64 25.15
CA GLU C 12 6.87 43.83 24.56
C GLU C 12 6.77 43.91 23.05
N PRO C 13 7.92 44.02 22.35
CA PRO C 13 7.88 44.10 20.88
C PRO C 13 7.29 42.84 20.24
N GLU C 14 6.37 43.07 19.31
CA GLU C 14 5.67 42.00 18.58
C GLU C 14 6.26 41.84 17.18
N ASP C 15 6.39 40.60 16.74
CA ASP C 15 6.97 40.30 15.41
C ASP C 15 6.21 41.04 14.31
N ALA C 16 6.89 41.94 13.60
CA ALA C 16 6.29 42.75 12.52
C ALA C 16 6.47 42.07 11.17
N TYR C 17 5.60 42.44 10.23
CA TYR C 17 5.63 41.93 8.82
C TYR C 17 5.48 43.11 7.87
N ILE C 18 6.39 43.21 6.91
CA ILE C 18 6.38 44.31 5.92
C ILE C 18 5.41 43.96 4.79
N ILE C 19 4.49 44.89 4.52
CA ILE C 19 3.46 44.73 3.47
C ILE C 19 3.56 45.91 2.51
N LYS C 20 3.66 45.61 1.22
CA LYS C 20 3.70 46.62 0.12
C LYS C 20 4.76 47.70 0.42
N SER C 21 5.93 47.26 0.87
CA SER C 21 7.09 48.15 1.16
C SER C 21 6.72 49.25 2.17
N ASN C 22 5.80 48.98 3.07
CA ASN C 22 5.43 49.98 4.10
C ASN C 22 6.23 49.69 5.37
N PRO C 23 7.22 50.52 5.73
CA PRO C 23 8.01 50.24 6.93
C PRO C 23 7.18 50.37 8.20
N ILE C 24 7.07 49.27 8.95
CA ILE C 24 6.29 49.23 10.20
C ILE C 24 7.25 49.21 11.37
N ALA C 25 7.08 50.17 12.27
CA ALA C 25 7.98 50.32 13.45
C ALA C 25 7.61 49.31 14.56
N LEU C 26 8.58 49.09 15.44
CA LEU C 26 8.45 48.21 16.62
C LEU C 26 8.37 49.08 17.88
N ARG C 27 7.39 48.73 18.71
CA ARG C 27 7.05 49.41 19.99
C ARG C 27 7.75 48.71 21.17
N CYS C 28 8.10 49.48 22.18
CA CYS C 28 8.72 48.93 23.41
C CYS C 28 8.40 49.85 24.57
N LYS C 29 7.77 49.33 25.62
CA LYS C 29 7.45 50.16 26.80
C LYS C 29 7.69 49.38 28.08
N ALA C 30 8.46 49.97 29.00
CA ALA C 30 8.79 49.31 30.28
C ALA C 30 8.85 50.33 31.43
N ARG C 31 8.60 49.82 32.63
CA ARG C 31 8.63 50.54 33.91
C ARG C 31 9.05 49.58 35.02
N PRO C 32 10.02 49.94 35.89
CA PRO C 32 10.71 51.23 35.83
C PRO C 32 11.84 51.16 34.82
N ALA C 33 11.91 52.14 33.92
CA ALA C 33 12.92 52.16 32.87
C ALA C 33 13.44 53.57 32.66
N MET C 34 14.74 53.67 32.49
CA MET C 34 15.41 54.97 32.21
C MET C 34 16.01 54.93 30.82
N GLN C 35 16.42 53.74 30.36
CA GLN C 35 16.95 53.55 29.01
C GLN C 35 16.43 52.24 28.45
N ILE C 36 15.88 52.30 27.25
CA ILE C 36 15.37 51.10 26.55
C ILE C 36 15.99 51.11 25.16
N PHE C 37 16.67 50.03 24.83
CA PHE C 37 17.33 49.93 23.51
C PHE C 37 17.03 48.60 22.85
N PHE C 38 17.20 48.62 21.53
CA PHE C 38 16.96 47.44 20.67
C PHE C 38 18.29 46.83 20.25
N LYS C 39 18.31 45.50 20.29
CA LYS C 39 19.44 44.65 19.87
C LYS C 39 18.94 43.80 18.72
N CYS C 40 19.02 44.34 17.50
CA CYS C 40 18.54 43.62 16.30
C CYS C 40 19.65 42.75 15.74
N ASN C 41 19.42 41.44 15.74
CA ASN C 41 20.34 40.42 15.19
C ASN C 41 21.71 40.48 15.87
N GLY C 42 21.73 40.51 17.21
CA GLY C 42 22.99 40.43 17.96
C GLY C 42 23.62 41.77 18.31
N GLU C 43 23.48 42.79 17.46
CA GLU C 43 24.17 44.08 17.69
C GLU C 43 23.19 45.21 18.00
N TRP C 44 23.69 46.16 18.78
CA TRP C 44 22.95 47.36 19.20
C TRP C 44 22.51 48.20 17.99
N VAL C 45 21.35 48.83 18.12
CA VAL C 45 20.80 49.73 17.07
C VAL C 45 21.26 51.15 17.37
N HIS C 46 21.63 51.86 16.32
CA HIS C 46 22.13 53.25 16.41
C HIS C 46 21.17 54.17 17.19
N GLN C 47 21.76 55.07 17.96
CA GLN C 47 21.01 56.04 18.79
C GLN C 47 20.01 56.86 17.97
N ASN C 48 20.38 57.26 16.76
CA ASN C 48 19.47 58.07 15.91
C ASN C 48 18.18 57.34 15.57
N GLU C 49 18.23 56.02 15.44
CA GLU C 49 17.03 55.24 15.09
C GLU C 49 16.04 55.20 16.25
N HIS C 50 16.49 55.29 17.49
CA HIS C 50 15.60 55.21 18.66
C HIS C 50 14.80 56.50 18.85
N VAL C 51 13.53 56.34 19.20
CA VAL C 51 12.63 57.48 19.51
C VAL C 51 12.05 57.22 20.89
N SER C 52 12.59 57.90 21.90
CA SER C 52 12.18 57.72 23.33
C SER C 52 11.00 58.63 23.69
N GLU C 53 10.21 58.12 24.63
CA GLU C 53 9.04 58.82 25.22
C GLU C 53 9.13 58.66 26.74
N GLU C 54 9.14 59.78 27.44
CA GLU C 54 9.20 59.80 28.92
C GLU C 54 7.78 59.97 29.45
N SER C 55 7.15 58.85 29.82
CA SER C 55 5.75 58.82 30.27
C SER C 55 5.67 58.59 31.77
N LEU C 56 4.51 58.90 32.33
CA LEU C 56 4.20 58.68 33.75
C LEU C 56 2.90 57.90 33.83
N ASP C 57 2.92 56.81 34.59
CA ASP C 57 1.74 55.94 34.70
C ASP C 57 0.75 56.50 35.72
N GLU C 58 -0.52 56.23 35.46
CA GLU C 58 -1.62 56.70 36.34
C GLU C 58 -1.69 55.82 37.58
N SER C 59 -1.69 54.49 37.41
CA SER C 59 -1.79 53.54 38.54
C SER C 59 -0.71 53.81 39.58
N SER C 60 0.49 54.18 39.15
CA SER C 60 1.60 54.43 40.09
C SER C 60 2.51 55.50 39.48
N GLY C 61 2.91 56.44 40.32
CA GLY C 61 3.80 57.54 39.91
C GLY C 61 5.23 57.07 39.74
N LEU C 62 5.52 56.42 38.63
CA LEU C 62 6.88 55.91 38.36
C LEU C 62 7.23 56.20 36.90
N LYS C 63 8.51 56.42 36.66
CA LYS C 63 9.05 56.72 35.31
C LYS C 63 8.82 55.56 34.34
N VAL C 64 7.99 55.78 33.32
CA VAL C 64 7.74 54.79 32.25
C VAL C 64 8.48 55.27 31.01
N ARG C 65 9.01 54.33 30.24
CA ARG C 65 9.72 54.70 29.01
C ARG C 65 9.19 53.88 27.83
N GLU C 66 8.92 54.58 26.73
CA GLU C 66 8.43 53.97 25.48
C GLU C 66 9.36 54.37 24.34
N VAL C 67 9.94 53.37 23.69
CA VAL C 67 10.90 53.57 22.59
C VAL C 67 10.37 52.90 21.33
N PHE C 68 10.46 53.63 20.22
CA PHE C 68 10.02 53.18 18.88
C PHE C 68 11.23 53.13 17.96
N ILE C 69 11.27 52.08 17.15
CA ILE C 69 12.33 51.83 16.15
C ILE C 69 11.66 51.48 14.81
N ASN C 70 12.00 52.20 13.75
CA ASN C 70 11.37 52.05 12.41
C ASN C 70 11.79 50.77 11.66
N VAL C 71 12.92 50.77 10.94
CA VAL C 71 13.45 49.60 10.19
C VAL C 71 12.67 49.45 8.89
N THR C 72 13.37 49.64 7.77
CA THR C 72 12.86 49.58 6.38
C THR C 72 12.95 48.19 5.76
N ARG C 73 12.28 48.03 4.63
CA ARG C 73 12.29 46.76 3.86
C ARG C 73 13.71 46.51 3.37
N GLN C 74 14.39 47.56 2.93
CA GLN C 74 15.77 47.46 2.43
C GLN C 74 16.68 46.83 3.49
N GLN C 75 16.38 47.06 4.76
CA GLN C 75 17.19 46.50 5.87
C GLN C 75 17.02 44.98 5.94
N VAL C 76 15.81 44.50 5.76
CA VAL C 76 15.53 43.05 5.88
C VAL C 76 16.03 42.34 4.63
N GLU C 77 15.75 42.88 3.44
CA GLU C 77 16.15 42.20 2.19
C GLU C 77 17.67 42.20 2.02
N ASP C 78 18.36 43.17 2.63
CA ASP C 78 19.84 43.24 2.53
C ASP C 78 20.52 42.52 3.70
N PHE C 79 19.76 42.06 4.68
CA PHE C 79 20.31 41.30 5.83
C PHE C 79 20.50 39.85 5.41
N HIS C 80 21.74 39.38 5.47
CA HIS C 80 22.08 38.00 5.05
C HIS C 80 22.64 37.20 6.23
N GLY C 81 21.94 37.20 7.35
CA GLY C 81 22.36 36.43 8.54
C GLY C 81 21.84 35.01 8.45
N PRO C 82 22.10 34.20 9.50
CA PRO C 82 21.66 32.82 9.50
C PRO C 82 20.20 32.65 9.92
N GLU C 83 19.77 33.48 10.86
CA GLU C 83 18.39 33.39 11.40
C GLU C 83 17.54 34.50 10.78
N ASP C 84 16.25 34.45 11.05
CA ASP C 84 15.33 35.50 10.58
C ASP C 84 15.65 36.81 11.29
N TYR C 85 15.52 37.92 10.57
CA TYR C 85 15.77 39.27 11.11
C TYR C 85 15.00 39.46 12.43
N TRP C 86 15.69 39.26 13.54
CA TRP C 86 15.07 39.39 14.88
C TRP C 86 15.59 40.63 15.59
N CYS C 87 14.80 41.10 16.54
CA CYS C 87 15.15 42.28 17.37
C CYS C 87 14.74 41.97 18.81
N GLN C 88 15.53 42.47 19.75
CA GLN C 88 15.23 42.28 21.19
C GLN C 88 15.23 43.63 21.87
N CYS C 89 14.55 43.71 23.00
CA CYS C 89 14.45 44.95 23.79
C CYS C 89 15.10 44.73 25.15
N VAL C 90 16.01 45.63 25.49
CA VAL C 90 16.72 45.62 26.78
C VAL C 90 16.37 46.89 27.52
N ALA C 91 15.91 46.74 28.76
CA ALA C 91 15.56 47.89 29.61
C ALA C 91 16.55 47.91 30.75
N TRP C 92 17.01 49.11 31.08
CA TRP C 92 18.03 49.35 32.13
C TRP C 92 17.38 49.92 33.38
N SER C 93 17.75 49.41 34.55
CA SER C 93 17.25 49.90 35.84
C SER C 93 18.39 50.13 36.81
N HIS C 94 18.07 50.69 37.96
CA HIS C 94 19.06 50.96 39.04
C HIS C 94 19.51 49.65 39.68
N LEU C 95 18.75 48.58 39.50
CA LEU C 95 19.05 47.25 40.11
C LEU C 95 19.70 46.31 39.09
N GLY C 96 19.33 46.43 37.82
CA GLY C 96 19.89 45.55 36.77
C GLY C 96 19.27 45.78 35.41
N THR C 97 19.24 44.74 34.58
CA THR C 97 18.72 44.83 33.20
C THR C 97 17.69 43.74 32.96
N SER C 98 16.89 43.94 31.93
CA SER C 98 15.86 42.93 31.57
C SER C 98 15.68 42.87 30.06
N LYS C 99 15.64 41.66 29.52
CA LYS C 99 15.42 41.40 28.08
C LYS C 99 13.96 41.09 27.82
N SER C 100 13.49 41.39 26.62
CA SER C 100 12.09 41.15 26.22
C SER C 100 12.02 40.00 25.21
N ARG C 101 10.87 39.88 24.54
CA ARG C 101 10.67 38.87 23.49
C ARG C 101 11.46 39.24 22.23
N LYS C 102 11.95 38.23 21.52
CA LYS C 102 12.65 38.44 20.24
C LYS C 102 11.65 38.52 19.09
N ALA C 103 11.29 39.74 18.69
CA ALA C 103 10.35 39.95 17.56
C ALA C 103 11.11 39.83 16.22
N SER C 104 10.75 38.87 15.39
CA SER C 104 11.44 38.66 14.09
C SER C 104 10.64 39.33 12.96
N VAL C 105 11.15 40.42 12.40
CA VAL C 105 10.52 41.11 11.25
C VAL C 105 10.90 40.42 9.95
N ARG C 106 9.92 39.89 9.22
CA ARG C 106 10.21 39.16 7.95
C ARG C 106 9.43 39.70 6.74
N ILE C 107 10.05 39.52 5.58
CA ILE C 107 9.50 39.91 4.24
C ILE C 107 8.59 38.78 3.75
N ALA C 108 7.28 39.05 3.69
CA ALA C 108 6.27 38.06 3.22
C ALA C 108 6.40 37.81 1.72
N TYR C 109 6.41 36.54 1.31
CA TYR C 109 6.54 36.15 -0.10
C TYR C 109 5.83 34.82 -0.34
N LEU C 110 4.99 34.81 -1.38
CA LEU C 110 4.20 33.64 -1.81
C LEU C 110 4.62 33.25 -3.23
N ARG C 111 4.80 31.95 -3.45
CA ARG C 111 5.23 31.46 -4.77
C ARG C 111 4.02 31.16 -5.66
N LYS C 112 4.25 31.19 -6.97
CA LYS C 112 3.21 30.93 -7.98
C LYS C 112 3.03 29.43 -8.19
N ASN C 113 4.13 28.71 -8.40
CA ASN C 113 4.10 27.25 -8.66
C ASN C 113 3.72 26.48 -7.40
N PHE C 114 2.71 25.64 -7.50
CA PHE C 114 2.30 24.77 -6.38
C PHE C 114 3.33 23.65 -6.18
N GLU C 115 3.61 23.33 -4.91
CA GLU C 115 4.57 22.26 -4.58
C GLU C 115 4.08 20.91 -5.08
N GLN C 116 2.78 20.63 -4.97
CA GLN C 116 2.23 19.36 -5.46
C GLN C 116 0.75 19.55 -5.73
N ASP C 117 0.37 19.45 -7.01
CA ASP C 117 -1.03 19.63 -7.48
C ASP C 117 -1.81 18.35 -7.24
N PRO C 118 -3.12 18.47 -6.94
CA PRO C 118 -3.93 17.27 -6.77
C PRO C 118 -4.08 16.50 -8.08
N GLN C 119 -4.06 15.18 -7.97
CA GLN C 119 -4.13 14.28 -9.15
C GLN C 119 -5.54 13.72 -9.29
N GLY C 120 -6.05 13.75 -10.52
CA GLY C 120 -7.38 13.19 -10.83
C GLY C 120 -7.37 11.69 -10.63
N ARG C 121 -8.43 11.14 -10.07
CA ARG C 121 -8.46 9.69 -9.80
C ARG C 121 -9.79 9.08 -10.20
N GLU C 122 -9.73 7.78 -10.49
CA GLU C 122 -10.91 6.95 -10.81
C GLU C 122 -11.15 6.04 -9.63
N VAL C 123 -12.32 6.12 -9.02
CA VAL C 123 -12.57 5.34 -7.79
C VAL C 123 -13.97 4.72 -7.82
N PRO C 124 -14.10 3.43 -7.46
CA PRO C 124 -15.41 2.79 -7.43
C PRO C 124 -16.33 3.41 -6.37
N ILE C 125 -17.59 3.02 -6.43
CA ILE C 125 -18.64 3.58 -5.55
C ILE C 125 -18.24 3.41 -4.08
N GLU C 126 -17.54 2.32 -3.73
CA GLU C 126 -17.15 2.06 -2.33
C GLU C 126 -15.72 2.46 -2.03
N GLY C 127 -14.90 2.60 -3.06
CA GLY C 127 -13.48 2.93 -2.86
C GLY C 127 -13.28 4.22 -2.08
N MET C 128 -12.10 4.33 -1.50
CA MET C 128 -11.68 5.50 -0.71
C MET C 128 -10.50 6.14 -1.42
N ILE C 129 -10.48 7.47 -1.51
CA ILE C 129 -9.39 8.19 -2.20
C ILE C 129 -8.96 9.39 -1.36
N VAL C 130 -7.65 9.63 -1.37
CA VAL C 130 -7.05 10.76 -0.64
C VAL C 130 -6.44 11.68 -1.69
N LEU C 131 -6.82 12.95 -1.65
CA LEU C 131 -6.29 13.97 -2.58
C LEU C 131 -5.22 14.77 -1.83
N HIS C 132 -4.00 14.65 -2.32
CA HIS C 132 -2.82 15.30 -1.72
C HIS C 132 -2.66 16.71 -2.28
N CYS C 133 -2.20 17.61 -1.44
CA CYS C 133 -1.97 19.01 -1.83
C CYS C 133 -0.85 19.56 -0.97
N ARG C 134 0.18 20.05 -1.64
CA ARG C 134 1.31 20.71 -0.97
C ARG C 134 1.33 22.16 -1.44
N PRO C 135 0.93 23.12 -0.58
CA PRO C 135 0.87 24.51 -1.01
C PRO C 135 2.27 25.03 -1.34
N PRO C 136 2.37 26.15 -2.08
CA PRO C 136 3.68 26.70 -2.41
C PRO C 136 4.38 27.25 -1.17
N GLU C 137 5.71 27.31 -1.25
CA GLU C 137 6.52 27.86 -0.15
C GLU C 137 6.15 29.32 0.09
N GLY C 138 5.98 29.67 1.35
CA GLY C 138 5.55 31.02 1.72
C GLY C 138 5.52 31.23 3.22
N VAL C 139 5.77 32.47 3.63
CA VAL C 139 5.70 32.89 5.05
C VAL C 139 4.61 33.93 5.16
N PRO C 140 3.55 33.70 5.95
CA PRO C 140 3.31 32.51 6.79
C PRO C 140 2.83 31.28 6.03
N ALA C 141 2.66 30.18 6.74
CA ALA C 141 2.20 28.90 6.15
C ALA C 141 0.86 29.11 5.46
N ALA C 142 0.78 28.67 4.20
CA ALA C 142 -0.43 28.83 3.37
C ALA C 142 -1.61 28.07 4.00
N GLU C 143 -2.78 28.68 3.94
CA GLU C 143 -4.03 28.08 4.44
C GLU C 143 -4.70 27.36 3.26
N VAL C 144 -4.66 26.04 3.30
CA VAL C 144 -5.22 25.21 2.20
C VAL C 144 -6.74 25.11 2.35
N GLU C 145 -7.45 25.36 1.26
CA GLU C 145 -8.92 25.28 1.20
C GLU C 145 -9.30 24.49 -0.05
N TRP C 146 -10.21 23.54 0.10
CA TRP C 146 -10.66 22.68 -1.01
C TRP C 146 -11.94 23.24 -1.62
N LEU C 147 -12.01 23.23 -2.95
CA LEU C 147 -13.18 23.74 -3.69
C LEU C 147 -13.66 22.68 -4.67
N LYS C 148 -14.88 22.21 -4.49
CA LYS C 148 -15.49 21.24 -5.42
C LYS C 148 -16.22 22.01 -6.52
N ASN C 149 -15.75 21.86 -7.75
CA ASN C 149 -16.33 22.54 -8.94
C ASN C 149 -16.42 24.05 -8.68
N GLU C 150 -15.27 24.62 -8.32
CA GLU C 150 -15.13 26.07 -8.04
C GLU C 150 -16.08 26.50 -6.93
N GLU C 151 -16.33 25.62 -5.96
CA GLU C 151 -17.19 25.95 -4.80
C GLU C 151 -16.63 25.25 -3.58
N PRO C 152 -16.40 26.00 -2.47
CA PRO C 152 -15.78 25.42 -1.28
C PRO C 152 -16.61 24.28 -0.66
N ILE C 153 -15.90 23.37 0.01
CA ILE C 153 -16.50 22.18 0.67
C ILE C 153 -16.34 22.35 2.17
N ASP C 154 -17.38 22.00 2.91
CA ASP C 154 -17.36 22.07 4.38
C ASP C 154 -17.11 20.68 4.96
N SER C 155 -16.00 20.53 5.68
CA SER C 155 -15.61 19.25 6.31
C SER C 155 -16.59 18.84 7.42
N GLU C 156 -17.16 19.81 8.13
CA GLU C 156 -18.07 19.51 9.24
C GLU C 156 -19.46 19.17 8.71
N GLN C 157 -19.79 19.57 7.48
CA GLN C 157 -21.12 19.29 6.90
C GLN C 157 -21.33 17.79 6.68
N ASP C 158 -20.27 17.05 6.37
CA ASP C 158 -20.40 15.60 6.07
C ASP C 158 -19.30 14.80 6.76
N GLU C 159 -19.67 13.63 7.26
CA GLU C 159 -18.77 12.66 7.93
C GLU C 159 -17.82 12.06 6.90
N ASN C 160 -18.25 11.97 5.65
CA ASN C 160 -17.47 11.29 4.59
C ASN C 160 -16.24 12.11 4.24
N ILE C 161 -16.31 13.43 4.38
CA ILE C 161 -15.17 14.34 4.03
C ILE C 161 -14.62 14.96 5.30
N ASP C 162 -13.30 15.04 5.38
CA ASP C 162 -12.60 15.65 6.53
C ASP C 162 -11.30 16.27 6.04
N THR C 163 -10.88 17.35 6.68
CA THR C 163 -9.65 18.07 6.36
C THR C 163 -8.55 17.71 7.36
N ARG C 164 -7.38 17.36 6.84
CA ARG C 164 -6.23 16.96 7.67
C ARG C 164 -5.25 18.11 7.85
N ALA C 165 -4.51 18.04 8.96
CA ALA C 165 -3.50 19.05 9.35
C ALA C 165 -2.43 19.17 8.26
N ASP C 166 -2.19 18.09 7.51
CA ASP C 166 -1.14 18.11 6.45
C ASP C 166 -1.76 18.36 5.08
N HIS C 167 -2.91 19.02 5.02
CA HIS C 167 -3.60 19.43 3.76
C HIS C 167 -3.85 18.23 2.86
N ASN C 168 -4.81 17.42 3.26
CA ASN C 168 -5.22 16.24 2.48
C ASN C 168 -6.74 16.12 2.57
N LEU C 169 -7.36 15.78 1.45
CA LEU C 169 -8.82 15.58 1.41
C LEU C 169 -9.08 14.09 1.30
N ILE C 170 -9.58 13.48 2.36
CA ILE C 170 -9.83 12.03 2.38
C ILE C 170 -11.32 11.78 2.22
N ILE C 171 -11.66 10.92 1.28
CA ILE C 171 -13.05 10.50 1.04
C ILE C 171 -13.08 8.99 1.26
N ARG C 172 -13.89 8.56 2.22
CA ARG C 172 -14.05 7.12 2.56
C ARG C 172 -14.93 6.43 1.52
N GLN C 173 -16.12 6.98 1.29
CA GLN C 173 -17.07 6.38 0.34
C GLN C 173 -17.38 7.38 -0.77
N ALA C 174 -17.41 6.87 -1.99
CA ALA C 174 -17.71 7.65 -3.21
C ALA C 174 -19.21 7.86 -3.37
N ARG C 175 -19.96 7.64 -2.31
CA ARG C 175 -21.42 7.77 -2.29
C ARG C 175 -21.83 9.14 -1.75
N LEU C 176 -21.31 9.51 -0.58
CA LEU C 176 -21.67 10.79 0.08
C LEU C 176 -20.98 11.98 -0.60
N SER C 177 -19.96 11.73 -1.42
CA SER C 177 -19.22 12.80 -2.15
C SER C 177 -18.87 12.26 -3.54
N ASP C 178 -19.75 12.49 -4.50
CA ASP C 178 -19.59 11.99 -5.88
C ASP C 178 -18.59 12.83 -6.67
N SER C 179 -18.43 12.45 -7.93
CA SER C 179 -17.49 13.04 -8.91
C SER C 179 -17.50 14.58 -8.92
N GLY C 180 -16.45 15.15 -9.46
CA GLY C 180 -16.33 16.60 -9.60
C GLY C 180 -14.92 17.03 -9.89
N ASN C 181 -14.76 18.32 -10.09
CA ASN C 181 -13.45 18.97 -10.36
C ASN C 181 -12.92 19.55 -9.05
N TYR C 182 -12.28 18.72 -8.24
CA TYR C 182 -11.75 19.20 -6.94
C TYR C 182 -10.52 20.07 -7.20
N THR C 183 -10.46 21.23 -6.59
CA THR C 183 -9.31 22.14 -6.76
C THR C 183 -8.82 22.60 -5.39
N CYS C 184 -7.51 22.57 -5.21
CA CYS C 184 -6.85 23.01 -3.96
C CYS C 184 -6.45 24.47 -4.15
N MET C 185 -6.72 25.29 -3.15
CA MET C 185 -6.38 26.72 -3.21
C MET C 185 -5.69 27.14 -1.91
N ALA C 186 -4.53 27.76 -2.04
CA ALA C 186 -3.75 28.24 -0.89
C ALA C 186 -4.02 29.73 -0.71
N ALA C 187 -4.34 30.12 0.52
CA ALA C 187 -4.62 31.53 0.86
C ALA C 187 -3.57 32.02 1.84
N ASN C 188 -3.13 33.25 1.63
CA ASN C 188 -2.11 33.87 2.49
C ASN C 188 -2.40 35.35 2.60
N ILE C 189 -1.72 35.99 3.54
CA ILE C 189 -1.87 37.45 3.75
C ILE C 189 -1.35 38.18 2.51
N VAL C 190 -0.46 37.55 1.76
CA VAL C 190 0.07 38.17 0.52
C VAL C 190 -0.99 38.10 -0.57
N ALA C 191 -1.36 36.89 -0.97
CA ALA C 191 -2.35 36.68 -2.04
C ALA C 191 -2.86 35.24 -1.98
N LYS C 192 -3.57 34.84 -3.04
CA LYS C 192 -4.11 33.47 -3.17
C LYS C 192 -3.55 32.81 -4.43
N ARG C 193 -3.41 31.50 -4.37
CA ARG C 193 -2.90 30.71 -5.52
C ARG C 193 -3.77 29.47 -5.70
N ARG C 194 -4.18 29.26 -6.95
CA ARG C 194 -5.01 28.11 -7.33
C ARG C 194 -4.15 27.02 -7.95
N SER C 195 -4.39 25.78 -7.54
CA SER C 195 -3.66 24.61 -8.05
C SER C 195 -4.38 24.06 -9.28
N LEU C 196 -3.78 23.07 -9.92
CA LEU C 196 -4.44 22.42 -11.08
C LEU C 196 -5.56 21.53 -10.58
N SER C 197 -6.75 21.75 -11.12
CA SER C 197 -7.96 21.00 -10.71
C SER C 197 -7.84 19.52 -11.09
N ALA C 198 -8.19 18.65 -10.14
CA ALA C 198 -8.19 17.20 -10.32
C ALA C 198 -9.61 16.76 -10.70
N THR C 199 -9.73 16.03 -11.81
CA THR C 199 -11.02 15.51 -12.31
C THR C 199 -11.25 14.16 -11.64
N VAL C 200 -11.98 14.15 -10.53
CA VAL C 200 -12.27 12.89 -9.80
C VAL C 200 -13.62 12.37 -10.31
N VAL C 201 -13.58 11.23 -11.00
CA VAL C 201 -14.79 10.60 -11.57
C VAL C 201 -14.96 9.23 -10.92
N VAL C 202 -16.14 9.00 -10.37
CA VAL C 202 -16.47 7.71 -9.71
C VAL C 202 -17.13 6.81 -10.75
N TYR C 203 -16.56 5.64 -10.96
CA TYR C 203 -17.06 4.67 -11.97
C TYR C 203 -17.65 3.41 -11.33
N VAL C 204 -18.74 2.92 -11.93
CA VAL C 204 -19.43 1.69 -11.51
C VAL C 204 -19.19 0.60 -12.53
N ASN C 205 -18.63 -0.53 -12.13
CA ASN C 205 -18.38 -1.64 -13.08
C ASN C 205 -19.67 -2.41 -13.34
N GLY C 206 -19.81 -2.90 -14.57
CA GLY C 206 -20.99 -3.66 -14.97
C GLY C 206 -21.10 -4.99 -14.27
N GLY C 207 -22.31 -5.31 -13.85
CA GLY C 207 -22.55 -6.58 -13.16
C GLY C 207 -23.77 -7.24 -13.69
N TRP C 208 -23.55 -8.44 -14.21
CA TRP C 208 -24.59 -9.16 -14.97
C TRP C 208 -25.85 -9.40 -14.14
N SER C 209 -26.30 -10.64 -14.19
CA SER C 209 -27.52 -11.07 -13.49
C SER C 209 -27.60 -12.56 -13.22
N SER C 210 -28.39 -12.90 -12.21
CA SER C 210 -28.64 -14.32 -11.92
C SER C 210 -29.50 -14.80 -13.08
N TRP C 211 -29.21 -15.98 -13.58
CA TRP C 211 -30.00 -16.60 -14.67
C TRP C 211 -31.47 -16.70 -14.30
N THR C 212 -32.33 -16.62 -15.31
CA THR C 212 -33.78 -16.86 -15.16
C THR C 212 -34.07 -18.33 -15.41
N GLU C 213 -35.35 -18.67 -15.48
CA GLU C 213 -35.76 -20.05 -15.78
C GLU C 213 -35.83 -20.25 -17.27
N TRP C 214 -35.66 -21.50 -17.69
CA TRP C 214 -35.76 -21.85 -19.13
C TRP C 214 -37.21 -21.79 -19.58
N SER C 215 -37.45 -21.09 -20.67
CA SER C 215 -38.81 -20.93 -21.24
C SER C 215 -39.28 -22.26 -21.84
N ALA C 216 -40.59 -22.37 -21.99
CA ALA C 216 -41.23 -23.56 -22.61
C ALA C 216 -40.94 -23.58 -24.12
N CYS C 217 -40.85 -24.77 -24.66
CA CYS C 217 -40.60 -24.96 -26.10
C CYS C 217 -41.78 -24.41 -26.90
N ASN C 218 -41.55 -23.35 -27.65
CA ASN C 218 -42.59 -22.67 -28.45
C ASN C 218 -43.28 -23.66 -29.39
N VAL C 219 -42.53 -24.59 -29.98
CA VAL C 219 -43.12 -25.59 -30.88
C VAL C 219 -43.52 -26.81 -30.05
N ARG C 220 -44.73 -27.27 -30.25
CA ARG C 220 -45.26 -28.43 -29.48
C ARG C 220 -44.57 -29.71 -29.92
N CYS C 221 -44.41 -29.91 -31.23
CA CYS C 221 -43.77 -31.14 -31.76
C CYS C 221 -42.63 -30.76 -32.67
N GLY C 222 -41.45 -31.28 -32.36
CA GLY C 222 -40.22 -31.10 -33.15
C GLY C 222 -39.21 -30.21 -32.46
N ARG C 223 -38.55 -29.35 -33.23
CA ARG C 223 -37.51 -28.45 -32.69
C ARG C 223 -38.16 -27.29 -31.95
N GLY C 224 -37.83 -27.13 -30.67
CA GLY C 224 -38.33 -26.03 -29.86
C GLY C 224 -37.19 -25.19 -29.36
N TRP C 225 -37.53 -24.17 -28.62
CA TRP C 225 -36.56 -23.16 -28.10
C TRP C 225 -36.73 -22.96 -26.61
N GLN C 226 -35.64 -22.71 -25.91
CA GLN C 226 -35.69 -22.35 -24.48
C GLN C 226 -34.69 -21.24 -24.24
N LYS C 227 -35.18 -20.16 -23.63
CA LYS C 227 -34.40 -18.92 -23.39
C LYS C 227 -34.11 -18.74 -21.89
N ARG C 228 -32.98 -18.09 -21.63
CA ARG C 228 -32.53 -17.75 -20.26
C ARG C 228 -31.84 -16.40 -20.33
N SER C 229 -32.35 -15.42 -19.60
CA SER C 229 -31.77 -14.05 -19.61
C SER C 229 -30.79 -13.85 -18.46
N ARG C 230 -29.82 -13.01 -18.74
CA ARG C 230 -28.75 -12.61 -17.81
C ARG C 230 -28.51 -11.14 -18.11
N THR C 231 -29.14 -10.26 -17.34
CA THR C 231 -29.06 -8.79 -17.54
C THR C 231 -27.84 -8.25 -16.85
N CYS C 232 -27.44 -7.05 -17.24
CA CYS C 232 -26.29 -6.31 -16.65
C CYS C 232 -26.84 -5.25 -15.68
N THR C 233 -27.32 -5.70 -14.52
CA THR C 233 -27.94 -4.77 -13.55
C THR C 233 -27.45 -4.92 -12.10
N ASN C 234 -26.52 -5.82 -11.80
CA ASN C 234 -26.07 -6.03 -10.41
C ASN C 234 -24.57 -5.91 -10.29
N PRO C 235 -24.00 -4.68 -10.29
CA PRO C 235 -24.62 -3.35 -10.46
C PRO C 235 -24.70 -2.87 -11.92
N ALA C 236 -25.59 -1.93 -12.23
CA ALA C 236 -25.72 -1.37 -13.60
C ALA C 236 -24.63 -0.32 -13.80
N PRO C 237 -23.94 -0.31 -14.95
CA PRO C 237 -22.88 0.67 -15.17
C PRO C 237 -23.35 2.12 -15.02
N LEU C 238 -22.53 2.93 -14.35
CA LEU C 238 -22.83 4.35 -14.12
C LEU C 238 -21.64 5.23 -14.48
N ASN C 239 -21.93 6.46 -14.89
CA ASN C 239 -20.92 7.51 -15.20
C ASN C 239 -19.82 6.96 -16.10
N GLY C 240 -20.22 6.14 -17.06
CA GLY C 240 -19.29 5.56 -18.03
C GLY C 240 -18.51 4.37 -17.49
N GLY C 241 -19.14 3.53 -16.68
CA GLY C 241 -18.50 2.30 -16.22
C GLY C 241 -18.41 1.30 -17.35
N ALA C 242 -17.45 0.41 -17.26
CA ALA C 242 -17.28 -0.63 -18.30
C ALA C 242 -18.52 -1.52 -18.32
N PHE C 243 -19.04 -1.78 -19.49
CA PHE C 243 -20.23 -2.65 -19.62
C PHE C 243 -19.87 -4.12 -19.38
N CYS C 244 -20.90 -4.89 -19.08
CA CYS C 244 -20.74 -6.34 -18.82
C CYS C 244 -20.11 -7.03 -20.01
N GLU C 245 -19.24 -7.99 -19.73
CA GLU C 245 -18.51 -8.72 -20.78
C GLU C 245 -19.16 -10.09 -21.01
N GLY C 246 -19.51 -10.35 -22.25
CA GLY C 246 -20.10 -11.64 -22.67
C GLY C 246 -21.50 -11.53 -23.24
N MET C 247 -22.22 -12.65 -23.26
CA MET C 247 -23.57 -12.72 -23.82
C MET C 247 -24.63 -12.42 -22.76
N SER C 248 -25.76 -11.93 -23.21
CA SER C 248 -26.89 -11.56 -22.34
C SER C 248 -28.00 -12.62 -22.39
N VAL C 249 -28.11 -13.35 -23.48
CA VAL C 249 -29.20 -14.35 -23.67
C VAL C 249 -28.58 -15.73 -23.87
N GLN C 250 -29.32 -16.74 -23.44
CA GLN C 250 -28.91 -18.17 -23.56
C GLN C 250 -30.06 -18.88 -24.24
N LYS C 251 -29.79 -19.57 -25.33
CA LYS C 251 -30.85 -20.29 -26.08
C LYS C 251 -30.43 -21.74 -26.32
N ILE C 252 -31.32 -22.67 -26.04
CA ILE C 252 -31.04 -24.12 -26.24
C ILE C 252 -32.18 -24.75 -27.03
N THR C 253 -31.83 -25.69 -27.90
CA THR C 253 -32.80 -26.48 -28.69
C THR C 253 -33.40 -27.56 -27.81
N CYS C 254 -34.71 -27.73 -27.92
CA CYS C 254 -35.42 -28.77 -27.12
C CYS C 254 -36.30 -29.63 -28.02
N THR C 255 -36.45 -30.88 -27.64
CA THR C 255 -37.28 -31.85 -28.38
C THR C 255 -38.38 -32.35 -27.48
N ALA C 256 -39.62 -32.03 -27.84
CA ALA C 256 -40.80 -32.45 -27.05
C ALA C 256 -41.39 -33.72 -27.68
N LEU D 6 60.15 21.07 11.23
CA LEU D 6 58.94 20.93 12.07
C LEU D 6 58.80 19.47 12.49
N PRO D 7 58.04 19.18 13.56
CA PRO D 7 57.85 17.81 14.01
C PRO D 7 56.98 17.03 13.02
N HIS D 8 57.43 15.82 12.67
CA HIS D 8 56.68 14.91 11.79
C HIS D 8 56.15 13.77 12.63
N PHE D 9 54.85 13.54 12.59
CA PHE D 9 54.23 12.46 13.39
C PHE D 9 54.47 11.11 12.74
N ILE D 10 54.97 10.17 13.54
CA ILE D 10 55.19 8.78 13.07
C ILE D 10 53.97 7.93 13.44
N GLU D 11 53.52 8.03 14.68
CA GLU D 11 52.35 7.27 15.17
C GLU D 11 51.27 8.30 15.57
N GLU D 12 50.37 8.59 14.64
CA GLU D 12 49.24 9.50 14.86
C GLU D 12 48.16 8.76 15.64
N PRO D 13 47.52 9.42 16.62
CA PRO D 13 46.49 8.76 17.42
C PRO D 13 45.28 8.34 16.58
N GLU D 14 44.88 7.08 16.77
CA GLU D 14 43.72 6.49 16.08
C GLU D 14 42.52 6.51 17.02
N ASP D 15 41.35 6.78 16.47
CA ASP D 15 40.11 6.85 17.26
C ASP D 15 39.91 5.55 18.04
N ALA D 16 39.92 5.65 19.36
CA ALA D 16 39.76 4.49 20.28
C ALA D 16 38.29 4.29 20.65
N TYR D 17 37.97 3.08 21.06
CA TYR D 17 36.60 2.72 21.50
C TYR D 17 36.69 1.95 22.81
N ILE D 18 35.95 2.41 23.81
CA ILE D 18 35.92 1.78 25.15
C ILE D 18 34.94 0.61 25.11
N ILE D 19 35.40 -0.56 25.53
CA ILE D 19 34.59 -1.80 25.54
C ILE D 19 34.58 -2.37 26.96
N LYS D 20 33.39 -2.62 27.49
CA LYS D 20 33.17 -3.22 28.83
C LYS D 20 34.00 -2.48 29.90
N SER D 21 33.97 -1.16 29.84
CA SER D 21 34.64 -0.28 30.83
C SER D 21 36.15 -0.56 30.91
N ASN D 22 36.76 -0.99 29.82
CA ASN D 22 38.22 -1.22 29.83
C ASN D 22 38.89 0.04 29.28
N PRO D 23 39.58 0.83 30.13
CA PRO D 23 40.18 2.07 29.66
C PRO D 23 41.33 1.81 28.68
N ILE D 24 41.18 2.31 27.45
CA ILE D 24 42.19 2.15 26.38
C ILE D 24 42.88 3.49 26.19
N ALA D 25 44.19 3.48 26.31
CA ALA D 25 45.01 4.70 26.19
C ALA D 25 45.24 5.08 24.72
N LEU D 26 45.61 6.33 24.51
CA LEU D 26 45.91 6.89 23.18
C LEU D 26 47.42 7.07 23.04
N ARG D 27 47.92 6.59 21.91
CA ARG D 27 49.35 6.62 21.52
C ARG D 27 49.67 7.85 20.69
N CYS D 28 50.87 8.36 20.83
CA CYS D 28 51.34 9.53 20.04
C CYS D 28 52.85 9.47 19.93
N LYS D 29 53.37 9.45 18.71
CA LYS D 29 54.84 9.40 18.52
C LYS D 29 55.25 10.33 17.38
N ALA D 30 56.20 11.21 17.67
CA ALA D 30 56.69 12.18 16.68
C ALA D 30 58.19 12.41 16.84
N ARG D 31 58.81 12.81 15.72
CA ARG D 31 60.24 13.14 15.61
C ARG D 31 60.41 14.22 14.54
N PRO D 32 61.17 15.30 14.81
CA PRO D 32 61.86 15.57 16.08
C PRO D 32 60.92 16.21 17.09
N ALA D 33 60.88 15.69 18.32
CA ALA D 33 59.96 16.22 19.34
C ALA D 33 60.63 16.25 20.70
N MET D 34 60.40 17.35 21.41
CA MET D 34 60.93 17.56 22.78
C MET D 34 59.77 17.65 23.78
N GLN D 35 58.62 18.12 23.33
CA GLN D 35 57.41 18.21 24.18
C GLN D 35 56.22 17.77 23.33
N ILE D 36 55.47 16.82 23.85
CA ILE D 36 54.23 16.34 23.19
C ILE D 36 53.11 16.41 24.21
N PHE D 37 52.05 17.12 23.86
CA PHE D 37 50.90 17.26 24.78
C PHE D 37 49.61 16.92 24.05
N PHE D 38 48.61 16.57 24.84
CA PHE D 38 47.27 16.23 24.33
C PHE D 38 46.31 17.36 24.64
N LYS D 39 45.47 17.66 23.65
CA LYS D 39 44.41 18.69 23.74
C LYS D 39 43.09 17.95 23.53
N CYS D 40 42.53 17.41 24.60
CA CYS D 40 41.27 16.66 24.51
C CYS D 40 40.10 17.61 24.66
N ASN D 41 39.28 17.71 23.62
CA ASN D 41 38.04 18.54 23.59
C ASN D 41 38.35 20.00 23.87
N GLY D 42 39.34 20.55 23.17
CA GLY D 42 39.65 22.00 23.27
C GLY D 42 40.68 22.35 24.34
N GLU D 43 40.75 21.62 25.46
CA GLU D 43 41.67 21.99 26.56
C GLU D 43 42.79 20.98 26.76
N TRP D 44 43.91 21.49 27.24
CA TRP D 44 45.13 20.72 27.54
C TRP D 44 44.86 19.63 28.58
N VAL D 45 45.56 18.52 28.43
CA VAL D 45 45.49 17.38 29.38
C VAL D 45 46.58 17.56 30.44
N HIS D 46 46.24 17.29 31.69
CA HIS D 46 47.15 17.43 32.84
C HIS D 46 48.47 16.68 32.62
N GLN D 47 49.56 17.28 33.08
CA GLN D 47 50.92 16.72 32.95
C GLN D 47 51.01 15.30 33.53
N ASN D 48 50.34 15.05 34.65
CA ASN D 48 50.36 13.72 35.30
C ASN D 48 49.80 12.63 34.38
N GLU D 49 48.82 12.96 33.56
CA GLU D 49 48.19 11.96 32.67
C GLU D 49 49.15 11.53 31.56
N HIS D 50 50.07 12.39 31.15
CA HIS D 50 51.01 12.05 30.06
C HIS D 50 52.10 11.10 30.53
N VAL D 51 52.44 10.13 29.69
CA VAL D 51 53.54 9.18 29.96
C VAL D 51 54.46 9.25 28.76
N SER D 52 55.57 9.96 28.93
CA SER D 52 56.57 10.20 27.84
C SER D 52 57.62 9.09 27.78
N GLU D 53 58.10 8.86 26.56
CA GLU D 53 59.17 7.90 26.25
C GLU D 53 60.16 8.60 25.34
N GLU D 54 61.43 8.64 25.77
CA GLU D 54 62.53 9.27 25.00
C GLU D 54 63.24 8.17 24.22
N SER D 55 62.88 8.02 22.95
CA SER D 55 63.40 6.96 22.06
C SER D 55 64.36 7.54 21.03
N LEU D 56 65.15 6.64 20.45
CA LEU D 56 66.09 6.98 19.36
C LEU D 56 65.81 6.05 18.20
N ASP D 57 65.65 6.62 17.01
CA ASP D 57 65.31 5.83 15.80
C ASP D 57 66.55 5.20 15.18
N GLU D 58 66.36 4.05 14.57
CA GLU D 58 67.44 3.29 13.90
C GLU D 58 67.78 3.95 12.56
N SER D 59 66.77 4.23 11.74
CA SER D 59 66.98 4.82 10.38
C SER D 59 67.76 6.12 10.48
N SER D 60 67.53 6.90 11.53
CA SER D 60 68.24 8.19 11.70
C SER D 60 68.37 8.49 13.17
N GLY D 61 69.55 8.93 13.58
CA GLY D 61 69.85 9.27 14.98
C GLY D 61 69.23 10.58 15.40
N LEU D 62 67.94 10.59 15.68
CA LEU D 62 67.26 11.82 16.11
C LEU D 62 66.32 11.49 17.26
N LYS D 63 66.14 12.47 18.13
CA LYS D 63 65.29 12.32 19.35
C LYS D 63 63.82 12.11 18.96
N VAL D 64 63.30 10.93 19.29
CA VAL D 64 61.88 10.56 19.04
C VAL D 64 61.18 10.62 20.39
N ARG D 65 59.93 11.04 20.38
CA ARG D 65 59.15 11.09 21.64
C ARG D 65 57.82 10.39 21.43
N GLU D 66 57.50 9.52 22.38
CA GLU D 66 56.23 8.74 22.37
C GLU D 66 55.51 8.97 23.69
N VAL D 67 54.31 9.50 23.62
CA VAL D 67 53.50 9.81 24.82
C VAL D 67 52.20 9.03 24.74
N PHE D 68 51.85 8.41 25.87
CA PHE D 68 50.61 7.62 26.02
C PHE D 68 49.76 8.29 27.10
N ILE D 69 48.46 8.35 26.85
CA ILE D 69 47.51 8.94 27.83
C ILE D 69 46.29 8.04 27.97
N ASN D 70 46.01 7.60 29.20
CA ASN D 70 44.82 6.75 29.46
C ASN D 70 43.55 7.58 29.41
N VAL D 71 42.54 7.02 28.77
CA VAL D 71 41.20 7.65 28.72
C VAL D 71 40.21 6.67 29.31
N THR D 72 39.60 7.03 30.43
CA THR D 72 38.64 6.15 31.14
C THR D 72 37.21 6.37 30.64
N ARG D 73 36.35 5.41 30.98
CA ARG D 73 34.92 5.47 30.63
C ARG D 73 34.26 6.65 31.32
N GLN D 74 34.61 6.88 32.59
CA GLN D 74 34.02 7.99 33.37
C GLN D 74 34.27 9.33 32.68
N GLN D 75 35.38 9.46 31.98
CA GLN D 75 35.69 10.74 31.27
C GLN D 75 34.72 10.95 30.10
N VAL D 76 34.42 9.91 29.35
CA VAL D 76 33.54 10.03 28.16
C VAL D 76 32.10 10.18 28.60
N GLU D 77 31.64 9.34 29.53
CA GLU D 77 30.22 9.39 29.95
C GLU D 77 29.91 10.70 30.70
N ASP D 78 30.91 11.30 31.34
CA ASP D 78 30.69 12.57 32.07
C ASP D 78 30.98 13.79 31.19
N PHE D 79 31.52 13.59 29.99
CA PHE D 79 31.76 14.71 29.06
C PHE D 79 30.45 15.03 28.36
N HIS D 80 29.98 16.25 28.53
CA HIS D 80 28.68 16.66 27.95
C HIS D 80 28.87 17.78 26.94
N GLY D 81 29.79 17.61 26.00
CA GLY D 81 30.04 18.60 24.95
C GLY D 81 29.11 18.42 23.75
N PRO D 82 29.28 19.25 22.71
CA PRO D 82 28.45 19.14 21.50
C PRO D 82 28.95 18.07 20.52
N GLU D 83 30.26 17.91 20.45
CA GLU D 83 30.87 16.92 19.53
C GLU D 83 31.31 15.68 20.30
N ASP D 84 31.73 14.67 19.56
CA ASP D 84 32.25 13.43 20.17
C ASP D 84 33.56 13.71 20.88
N TYR D 85 33.77 13.03 22.01
CA TYR D 85 35.01 13.17 22.82
C TYR D 85 36.25 12.99 21.94
N TRP D 86 36.83 14.10 21.51
CA TRP D 86 38.01 14.06 20.62
C TRP D 86 39.26 14.51 21.38
N CYS D 87 40.40 14.10 20.87
CA CYS D 87 41.72 14.45 21.43
C CYS D 87 42.66 14.76 20.27
N GLN D 88 43.54 15.72 20.48
CA GLN D 88 44.54 16.09 19.46
C GLN D 88 45.92 16.06 20.09
N CYS D 89 46.92 15.92 19.25
CA CYS D 89 48.34 15.85 19.70
C CYS D 89 49.10 17.04 19.14
N VAL D 90 49.78 17.75 20.02
CA VAL D 90 50.62 18.92 19.64
C VAL D 90 52.06 18.59 19.99
N ALA D 91 52.93 18.72 19.00
CA ALA D 91 54.38 18.45 19.16
C ALA D 91 55.15 19.75 18.98
N TRP D 92 56.14 19.93 19.84
CA TRP D 92 57.02 21.12 19.87
C TRP D 92 58.39 20.81 19.27
N SER D 93 58.86 21.71 18.42
CA SER D 93 60.18 21.62 17.79
C SER D 93 60.89 22.96 17.92
N HIS D 94 62.15 22.99 17.52
CA HIS D 94 62.95 24.24 17.54
C HIS D 94 62.45 25.22 16.49
N LEU D 95 61.68 24.75 15.51
CA LEU D 95 61.17 25.60 14.40
C LEU D 95 59.71 25.99 14.63
N GLY D 96 58.92 25.11 15.25
CA GLY D 96 57.51 25.42 15.50
C GLY D 96 56.75 24.26 16.11
N THR D 97 55.45 24.18 15.85
CA THR D 97 54.58 23.14 16.42
C THR D 97 53.81 22.44 15.32
N SER D 98 53.30 21.26 15.64
CA SER D 98 52.51 20.48 14.66
C SER D 98 51.38 19.72 15.36
N LYS D 99 50.19 19.80 14.77
CA LYS D 99 48.98 19.08 15.26
C LYS D 99 48.80 17.77 14.52
N SER D 100 48.17 16.80 15.18
CA SER D 100 47.93 15.46 14.60
C SER D 100 46.44 15.28 14.27
N ARG D 101 46.05 14.04 14.03
CA ARG D 101 44.65 13.68 13.74
C ARG D 101 43.80 13.77 15.01
N LYS D 102 42.54 14.16 14.85
CA LYS D 102 41.58 14.21 15.97
C LYS D 102 40.92 12.85 16.18
N ALA D 103 41.42 12.07 17.15
CA ALA D 103 40.86 10.74 17.50
C ALA D 103 39.65 10.92 18.42
N SER D 104 38.46 10.50 17.99
CA SER D 104 37.24 10.64 18.81
C SER D 104 36.95 9.33 19.55
N VAL D 105 37.14 9.31 20.86
CA VAL D 105 36.84 8.15 21.74
C VAL D 105 35.37 8.12 22.13
N ARG D 106 34.66 7.07 21.75
CA ARG D 106 33.21 6.98 22.08
C ARG D 106 32.90 5.70 22.83
N ILE D 107 31.86 5.75 23.65
CA ILE D 107 31.42 4.58 24.46
C ILE D 107 30.55 3.66 23.60
N ALA D 108 31.11 2.51 23.23
CA ALA D 108 30.40 1.48 22.44
C ALA D 108 29.32 0.86 23.32
N TYR D 109 28.10 0.77 22.81
CA TYR D 109 27.00 0.18 23.59
C TYR D 109 26.01 -0.44 22.62
N LEU D 110 25.68 -1.70 22.87
CA LEU D 110 24.70 -2.46 22.05
C LEU D 110 23.52 -2.88 22.92
N ARG D 111 22.32 -2.69 22.37
CA ARG D 111 21.07 -3.04 23.08
C ARG D 111 20.63 -4.48 22.77
N LYS D 112 19.82 -5.03 23.66
CA LYS D 112 19.28 -6.40 23.53
C LYS D 112 18.04 -6.38 22.65
N ASN D 113 17.11 -5.48 22.92
CA ASN D 113 15.82 -5.40 22.19
C ASN D 113 16.01 -4.89 20.76
N PHE D 114 15.52 -5.65 19.79
CA PHE D 114 15.56 -5.24 18.37
C PHE D 114 14.56 -4.12 18.12
N GLU D 115 14.93 -3.16 17.29
CA GLU D 115 14.04 -2.01 16.98
C GLU D 115 12.80 -2.49 16.21
N GLN D 116 12.95 -3.44 15.31
CA GLN D 116 11.78 -3.98 14.58
C GLN D 116 12.11 -5.37 14.09
N ASP D 117 11.40 -6.37 14.62
CA ASP D 117 11.57 -7.80 14.27
C ASP D 117 10.86 -8.10 12.96
N PRO D 118 11.39 -9.03 12.15
CA PRO D 118 10.74 -9.41 10.92
C PRO D 118 9.41 -10.12 11.18
N GLN D 119 8.44 -9.83 10.33
CA GLN D 119 7.07 -10.37 10.45
C GLN D 119 6.86 -11.52 9.47
N GLY D 120 6.28 -12.61 9.96
CA GLY D 120 5.97 -13.77 9.12
C GLY D 120 4.90 -13.40 8.10
N ARG D 121 5.02 -13.90 6.88
CA ARG D 121 4.05 -13.54 5.83
C ARG D 121 3.64 -14.75 5.01
N GLU D 122 2.44 -14.63 4.44
CA GLU D 122 1.85 -15.64 3.52
C GLU D 122 1.88 -15.03 2.12
N VAL D 123 2.56 -15.68 1.19
CA VAL D 123 2.72 -15.09 -0.16
C VAL D 123 2.51 -16.16 -1.23
N PRO D 124 1.74 -15.83 -2.31
CA PRO D 124 1.54 -16.78 -3.39
C PRO D 124 2.83 -17.10 -4.13
N ILE D 125 2.76 -18.10 -4.99
CA ILE D 125 3.94 -18.61 -5.73
C ILE D 125 4.58 -17.47 -6.53
N GLU D 126 3.79 -16.52 -7.04
CA GLU D 126 4.33 -15.42 -7.86
C GLU D 126 4.49 -14.12 -7.06
N GLY D 127 3.84 -14.02 -5.91
CA GLY D 127 3.89 -12.79 -5.11
C GLY D 127 5.31 -12.43 -4.69
N MET D 128 5.48 -11.16 -4.35
CA MET D 128 6.75 -10.60 -3.88
C MET D 128 6.57 -10.13 -2.44
N ILE D 129 7.55 -10.38 -1.59
CA ILE D 129 7.47 -9.97 -0.17
C ILE D 129 8.80 -9.37 0.27
N VAL D 130 8.71 -8.34 1.10
CA VAL D 130 9.88 -7.64 1.65
C VAL D 130 9.86 -7.84 3.17
N LEU D 131 10.97 -8.35 3.70
CA LEU D 131 11.13 -8.56 5.16
C LEU D 131 11.96 -7.42 5.72
N HIS D 132 11.33 -6.64 6.59
CA HIS D 132 11.93 -5.44 7.22
C HIS D 132 12.68 -5.83 8.49
N CYS D 133 13.77 -5.13 8.75
CA CYS D 133 14.60 -5.37 9.95
C CYS D 133 15.29 -4.08 10.34
N ARG D 134 15.05 -3.66 11.56
CA ARG D 134 15.70 -2.47 12.15
C ARG D 134 16.54 -2.95 13.32
N PRO D 135 17.87 -2.96 13.18
CA PRO D 135 18.72 -3.47 14.26
C PRO D 135 18.63 -2.60 15.50
N PRO D 136 19.06 -3.11 16.67
CA PRO D 136 19.02 -2.33 17.90
C PRO D 136 20.01 -1.17 17.86
N GLU D 137 19.73 -0.17 18.68
CA GLU D 137 20.60 1.02 18.79
C GLU D 137 21.98 0.60 19.28
N GLY D 138 23.00 1.12 18.63
CA GLY D 138 24.38 0.77 18.99
C GLY D 138 25.43 1.52 18.19
N VAL D 139 26.59 1.72 18.82
CA VAL D 139 27.75 2.38 18.18
C VAL D 139 28.88 1.36 18.15
N PRO D 140 29.39 0.98 16.96
CA PRO D 140 28.99 1.45 15.62
C PRO D 140 27.67 0.85 15.11
N ALA D 141 27.24 1.27 13.92
CA ALA D 141 26.00 0.80 13.30
C ALA D 141 26.04 -0.71 13.13
N ALA D 142 24.99 -1.39 13.60
CA ALA D 142 24.89 -2.85 13.55
C ALA D 142 24.90 -3.35 12.11
N GLU D 143 25.61 -4.45 11.88
CA GLU D 143 25.69 -5.11 10.57
C GLU D 143 24.60 -6.17 10.50
N VAL D 144 23.57 -5.91 9.71
CA VAL D 144 22.42 -6.83 9.57
C VAL D 144 22.78 -7.98 8.62
N GLU D 145 22.52 -9.20 9.05
CA GLU D 145 22.75 -10.43 8.26
C GLU D 145 21.50 -11.29 8.33
N TRP D 146 21.07 -11.79 7.19
CA TRP D 146 19.86 -12.64 7.10
C TRP D 146 20.24 -14.11 7.15
N LEU D 147 19.49 -14.90 7.89
CA LEU D 147 19.72 -16.36 8.05
C LEU D 147 18.42 -17.10 7.75
N LYS D 148 18.44 -17.94 6.72
CA LYS D 148 17.27 -18.78 6.40
C LYS D 148 17.41 -20.09 7.17
N ASN D 149 16.49 -20.34 8.09
CA ASN D 149 16.48 -21.58 8.92
C ASN D 149 17.85 -21.75 9.58
N GLU D 150 18.27 -20.72 10.29
CA GLU D 150 19.55 -20.68 11.05
C GLU D 150 20.73 -20.93 10.09
N GLU D 151 20.63 -20.49 8.84
CA GLU D 151 21.72 -20.65 7.87
C GLU D 151 21.75 -19.41 6.97
N PRO D 152 22.93 -18.77 6.84
CA PRO D 152 23.01 -17.53 6.04
C PRO D 152 22.65 -17.72 4.56
N ILE D 153 22.15 -16.64 3.96
CA ILE D 153 21.72 -16.61 2.54
C ILE D 153 22.67 -15.68 1.79
N ASP D 154 23.05 -16.07 0.59
CA ASP D 154 23.94 -15.25 -0.26
C ASP D 154 23.12 -14.51 -1.31
N SER D 155 23.15 -13.18 -1.24
CA SER D 155 22.39 -12.31 -2.18
C SER D 155 22.93 -12.44 -3.62
N GLU D 156 24.22 -12.66 -3.78
CA GLU D 156 24.81 -12.75 -5.13
C GLU D 156 24.57 -14.13 -5.73
N GLN D 157 24.27 -15.12 -4.90
CA GLN D 157 24.03 -16.51 -5.37
C GLN D 157 22.77 -16.59 -6.23
N ASP D 158 21.76 -15.78 -5.94
CA ASP D 158 20.48 -15.83 -6.68
C ASP D 158 19.99 -14.43 -7.03
N GLU D 159 19.42 -14.33 -8.22
CA GLU D 159 18.84 -13.07 -8.76
C GLU D 159 17.57 -12.71 -8.00
N ASN D 160 16.88 -13.71 -7.48
CA ASN D 160 15.60 -13.52 -6.78
C ASN D 160 15.78 -12.77 -5.45
N ILE D 161 16.91 -12.95 -4.78
CA ILE D 161 17.18 -12.33 -3.45
C ILE D 161 18.29 -11.30 -3.56
N ASP D 162 18.10 -10.17 -2.87
CA ASP D 162 19.09 -9.08 -2.84
C ASP D 162 18.99 -8.38 -1.49
N THR D 163 20.13 -7.87 -1.01
CA THR D 163 20.25 -7.17 0.27
C THR D 163 20.28 -5.66 0.04
N ARG D 164 19.47 -4.93 0.79
CA ARG D 164 19.37 -3.46 0.67
C ARG D 164 20.16 -2.76 1.76
N ALA D 165 20.59 -1.54 1.44
CA ALA D 165 21.38 -0.67 2.35
C ALA D 165 20.60 -0.40 3.65
N ASP D 166 19.28 -0.41 3.60
CA ASP D 166 18.44 -0.12 4.79
C ASP D 166 17.97 -1.42 5.46
N HIS D 167 18.72 -2.51 5.30
CA HIS D 167 18.45 -3.82 5.93
C HIS D 167 17.04 -4.32 5.62
N ASN D 168 16.85 -4.76 4.39
CA ASN D 168 15.57 -5.32 3.93
C ASN D 168 15.86 -6.50 3.02
N LEU D 169 15.07 -7.56 3.16
CA LEU D 169 15.22 -8.76 2.31
C LEU D 169 14.04 -8.78 1.36
N ILE D 170 14.29 -8.54 0.08
CA ILE D 170 13.20 -8.48 -0.94
C ILE D 170 13.25 -9.76 -1.77
N ILE D 171 12.10 -10.40 -1.89
CA ILE D 171 11.93 -11.61 -2.74
C ILE D 171 10.89 -11.25 -3.79
N ARG D 172 11.29 -11.33 -5.05
CA ARG D 172 10.40 -10.99 -6.19
C ARG D 172 9.44 -12.15 -6.45
N GLN D 173 9.97 -13.35 -6.62
CA GLN D 173 9.15 -14.54 -6.90
C GLN D 173 9.37 -15.57 -5.79
N ALA D 174 8.27 -16.17 -5.35
CA ALA D 174 8.26 -17.20 -4.28
C ALA D 174 8.68 -18.57 -4.83
N ARG D 175 9.28 -18.61 -6.00
CA ARG D 175 9.71 -19.87 -6.64
C ARG D 175 11.19 -20.12 -6.36
N LEU D 176 12.03 -19.13 -6.61
CA LEU D 176 13.49 -19.24 -6.45
C LEU D 176 13.89 -19.19 -4.97
N SER D 177 13.00 -18.75 -4.08
CA SER D 177 13.26 -18.68 -2.63
C SER D 177 11.97 -19.05 -1.89
N ASP D 178 11.80 -20.33 -1.61
CA ASP D 178 10.58 -20.85 -0.96
C ASP D 178 10.58 -20.58 0.55
N SER D 179 9.54 -21.11 1.19
CA SER D 179 9.23 -20.95 2.64
C SER D 179 10.44 -21.21 3.55
N GLY D 180 10.35 -20.71 4.77
CA GLY D 180 11.39 -20.92 5.79
C GLY D 180 11.24 -19.99 6.96
N ASN D 181 12.10 -20.20 7.94
CA ASN D 181 12.12 -19.41 9.17
C ASN D 181 13.20 -18.35 9.01
N TYR D 182 12.89 -17.25 8.34
CA TYR D 182 13.91 -16.20 8.11
C TYR D 182 14.19 -15.45 9.41
N THR D 183 15.46 -15.28 9.75
CA THR D 183 15.83 -14.56 10.98
C THR D 183 16.89 -13.50 10.70
N CYS D 184 16.66 -12.31 11.25
CA CYS D 184 17.58 -11.17 11.13
C CYS D 184 18.53 -11.18 12.32
N MET D 185 19.81 -10.98 12.06
CA MET D 185 20.82 -10.98 13.15
C MET D 185 21.73 -9.78 12.97
N ALA D 186 21.87 -9.00 14.03
CA ALA D 186 22.73 -7.80 14.03
C ALA D 186 24.06 -8.15 14.69
N ALA D 187 25.15 -7.81 14.01
CA ALA D 187 26.51 -8.09 14.50
C ALA D 187 27.22 -6.77 14.76
N ASN D 188 27.97 -6.74 15.86
CA ASN D 188 28.74 -5.54 16.25
C ASN D 188 30.02 -5.97 16.93
N ILE D 189 30.91 -5.02 17.11
CA ILE D 189 32.21 -5.30 17.79
C ILE D 189 31.94 -5.66 19.26
N VAL D 190 30.81 -5.22 19.80
CA VAL D 190 30.45 -5.58 21.19
C VAL D 190 30.00 -7.03 21.24
N ALA D 191 28.91 -7.35 20.56
CA ALA D 191 28.35 -8.71 20.55
C ALA D 191 27.39 -8.86 19.38
N LYS D 192 26.61 -9.94 19.40
CA LYS D 192 25.59 -10.22 18.36
C LYS D 192 24.23 -10.34 19.01
N ARG D 193 23.20 -9.99 18.26
CA ARG D 193 21.81 -10.05 18.74
C ARG D 193 20.92 -10.66 17.68
N ARG D 194 20.13 -11.64 18.09
CA ARG D 194 19.18 -12.35 17.19
C ARG D 194 17.78 -11.79 17.36
N SER D 195 17.11 -11.57 16.25
CA SER D 195 15.72 -11.06 16.22
C SER D 195 14.74 -12.23 16.26
N LEU D 196 13.47 -11.92 16.35
CA LEU D 196 12.44 -12.99 16.32
C LEU D 196 12.28 -13.49 14.88
N SER D 197 12.41 -14.80 14.71
CA SER D 197 12.32 -15.45 13.38
C SER D 197 10.93 -15.29 12.78
N ALA D 198 10.87 -14.91 11.50
CA ALA D 198 9.62 -14.76 10.74
C ALA D 198 9.35 -16.05 9.96
N THR D 199 8.16 -16.61 10.13
CA THR D 199 7.74 -17.84 9.45
C THR D 199 7.13 -17.46 8.10
N VAL D 200 7.92 -17.46 7.05
CA VAL D 200 7.41 -17.12 5.70
C VAL D 200 7.00 -18.42 5.01
N VAL D 201 5.70 -18.57 4.76
CA VAL D 201 5.12 -19.77 4.14
C VAL D 201 4.44 -19.37 2.83
N VAL D 202 4.82 -20.03 1.75
CA VAL D 202 4.25 -19.78 0.41
C VAL D 202 3.09 -20.74 0.20
N TYR D 203 1.93 -20.19 -0.11
CA TYR D 203 0.69 -20.98 -0.28
C TYR D 203 0.20 -20.93 -1.74
N VAL D 204 -0.28 -22.07 -2.23
CA VAL D 204 -0.85 -22.21 -3.60
C VAL D 204 -2.35 -22.38 -3.49
N ASN D 205 -3.13 -21.51 -4.12
CA ASN D 205 -4.59 -21.66 -4.05
C ASN D 205 -5.10 -22.74 -5.01
N GLY D 206 -6.14 -23.44 -4.57
CA GLY D 206 -6.76 -24.49 -5.39
C GLY D 206 -7.41 -23.92 -6.62
N GLY D 207 -7.25 -24.59 -7.75
CA GLY D 207 -7.87 -24.10 -8.99
C GLY D 207 -8.54 -25.14 -9.84
N TRP D 208 -9.64 -24.70 -10.44
CA TRP D 208 -10.59 -25.57 -11.14
C TRP D 208 -10.09 -26.03 -12.49
N SER D 209 -10.65 -27.16 -12.90
CA SER D 209 -10.46 -27.75 -14.24
C SER D 209 -11.71 -27.55 -15.09
N SER D 210 -11.52 -27.56 -16.39
CA SER D 210 -12.64 -27.41 -17.33
C SER D 210 -13.57 -28.61 -17.22
N TRP D 211 -14.85 -28.34 -17.36
CA TRP D 211 -15.92 -29.37 -17.38
C TRP D 211 -15.69 -30.37 -18.49
N THR D 212 -15.52 -31.63 -18.14
CA THR D 212 -15.41 -32.75 -19.11
C THR D 212 -16.71 -32.93 -19.90
N GLU D 213 -16.78 -34.00 -20.69
CA GLU D 213 -17.96 -34.32 -21.50
C GLU D 213 -18.97 -35.15 -20.71
N TRP D 214 -20.23 -35.04 -21.10
CA TRP D 214 -21.32 -35.81 -20.47
C TRP D 214 -21.27 -37.28 -20.91
N SER D 215 -21.31 -38.18 -19.92
CA SER D 215 -21.29 -39.64 -20.19
C SER D 215 -22.61 -40.07 -20.83
N ALA D 216 -22.56 -41.22 -21.48
CA ALA D 216 -23.76 -41.85 -22.11
C ALA D 216 -24.70 -42.37 -21.03
N CYS D 217 -25.98 -42.35 -21.32
CA CYS D 217 -27.01 -42.85 -20.38
C CYS D 217 -26.86 -44.36 -20.20
N ASN D 218 -26.48 -44.76 -18.99
CA ASN D 218 -26.26 -46.19 -18.63
C ASN D 218 -27.48 -47.05 -18.97
N VAL D 219 -28.67 -46.52 -18.73
CA VAL D 219 -29.91 -47.29 -19.01
C VAL D 219 -30.36 -46.99 -20.44
N ARG D 220 -30.66 -48.04 -21.18
CA ARG D 220 -31.09 -47.91 -22.60
C ARG D 220 -32.49 -47.29 -22.67
N CYS D 221 -33.41 -47.78 -21.86
CA CYS D 221 -34.81 -47.29 -21.88
C CYS D 221 -35.23 -46.86 -20.48
N GLY D 222 -35.68 -45.62 -20.37
CA GLY D 222 -36.18 -45.03 -19.12
C GLY D 222 -35.24 -44.02 -18.50
N ARG D 223 -35.11 -44.03 -17.18
CA ARG D 223 -34.25 -43.06 -16.47
C ARG D 223 -32.78 -43.45 -16.61
N GLY D 224 -31.98 -42.55 -17.16
CA GLY D 224 -30.54 -42.77 -17.34
C GLY D 224 -29.76 -41.74 -16.58
N TRP D 225 -28.45 -41.84 -16.68
CA TRP D 225 -27.52 -40.97 -15.94
C TRP D 225 -26.50 -40.35 -16.88
N GLN D 226 -26.09 -39.14 -16.60
CA GLN D 226 -24.99 -38.49 -17.35
C GLN D 226 -24.12 -37.74 -16.35
N LYS D 227 -22.84 -38.04 -16.39
CA LYS D 227 -21.83 -37.50 -15.45
C LYS D 227 -20.89 -36.52 -16.14
N ARG D 228 -20.42 -35.57 -15.35
CA ARG D 228 -19.44 -34.55 -15.79
C ARG D 228 -18.52 -34.29 -14.61
N SER D 229 -17.23 -34.54 -14.80
CA SER D 229 -16.23 -34.37 -13.72
C SER D 229 -15.57 -32.99 -13.80
N ARG D 230 -15.18 -32.50 -12.62
CA ARG D 230 -14.51 -31.19 -12.46
C ARG D 230 -13.46 -31.37 -11.38
N THR D 231 -12.22 -31.58 -11.78
CA THR D 231 -11.13 -31.80 -10.80
C THR D 231 -10.48 -30.50 -10.36
N CYS D 232 -9.84 -30.57 -9.19
CA CYS D 232 -9.09 -29.43 -8.59
C CYS D 232 -7.60 -29.61 -8.88
N THR D 233 -7.21 -29.38 -10.12
CA THR D 233 -5.80 -29.60 -10.53
C THR D 233 -5.20 -28.45 -11.32
N ASN D 234 -5.92 -27.36 -11.58
CA ASN D 234 -5.39 -26.25 -12.39
C ASN D 234 -5.48 -24.92 -11.66
N PRO D 235 -4.58 -24.62 -10.69
CA PRO D 235 -3.47 -25.41 -10.12
C PRO D 235 -3.83 -26.28 -8.89
N ALA D 236 -3.03 -27.30 -8.62
CA ALA D 236 -3.25 -28.18 -7.45
C ALA D 236 -2.70 -27.52 -6.19
N PRO D 237 -3.43 -27.54 -5.07
CA PRO D 237 -2.97 -26.90 -3.83
C PRO D 237 -1.62 -27.44 -3.35
N LEU D 238 -0.78 -26.52 -2.88
CA LEU D 238 0.56 -26.86 -2.37
C LEU D 238 0.85 -26.23 -1.01
N ASN D 239 1.68 -26.92 -0.23
CA ASN D 239 2.14 -26.47 1.11
C ASN D 239 0.97 -26.02 1.96
N GLY D 240 -0.13 -26.73 1.82
CA GLY D 240 -1.36 -26.46 2.57
C GLY D 240 -2.15 -25.31 2.00
N GLY D 241 -2.19 -25.18 0.68
CA GLY D 241 -3.05 -24.17 0.03
C GLY D 241 -4.49 -24.54 0.16
N ALA D 242 -5.36 -23.56 0.15
CA ALA D 242 -6.80 -23.85 0.23
C ALA D 242 -7.26 -24.64 -1.00
N PHE D 243 -8.00 -25.71 -0.75
CA PHE D 243 -8.57 -26.58 -1.81
C PHE D 243 -9.78 -25.92 -2.47
N CYS D 244 -10.14 -26.45 -3.63
CA CYS D 244 -11.26 -25.94 -4.45
C CYS D 244 -12.54 -25.95 -3.62
N GLU D 245 -13.35 -24.92 -3.82
CA GLU D 245 -14.62 -24.76 -3.08
C GLU D 245 -15.79 -25.16 -3.97
N GLY D 246 -16.61 -26.09 -3.47
CA GLY D 246 -17.82 -26.55 -4.16
C GLY D 246 -17.79 -28.02 -4.54
N MET D 247 -18.63 -28.40 -5.49
CA MET D 247 -18.78 -29.82 -5.89
C MET D 247 -17.82 -30.17 -7.02
N SER D 248 -17.45 -31.44 -7.08
CA SER D 248 -16.49 -31.97 -8.07
C SER D 248 -17.19 -32.74 -9.19
N VAL D 249 -18.36 -33.30 -8.92
CA VAL D 249 -19.09 -34.13 -9.91
C VAL D 249 -20.44 -33.50 -10.20
N GLN D 250 -20.92 -33.69 -11.42
CA GLN D 250 -22.23 -33.20 -11.88
C GLN D 250 -22.97 -34.38 -12.49
N LYS D 251 -24.19 -34.63 -12.02
CA LYS D 251 -24.99 -35.77 -12.52
C LYS D 251 -26.37 -35.25 -12.92
N ILE D 252 -26.83 -35.65 -14.11
CA ILE D 252 -28.15 -35.24 -14.63
C ILE D 252 -28.91 -36.47 -15.11
N THR D 253 -30.21 -36.46 -14.90
CA THR D 253 -31.12 -37.52 -15.38
C THR D 253 -31.38 -37.33 -16.87
N CYS D 254 -31.34 -38.42 -17.62
CA CYS D 254 -31.59 -38.39 -19.07
C CYS D 254 -32.65 -39.41 -19.48
N THR D 255 -33.41 -39.09 -20.51
CA THR D 255 -34.46 -39.98 -21.05
C THR D 255 -34.13 -40.33 -22.49
N ALA D 256 -33.87 -41.60 -22.74
CA ALA D 256 -33.56 -42.10 -24.10
C ALA D 256 -34.83 -42.68 -24.72
N LEU E 34 -37.86 -13.40 27.46
CA LEU E 34 -37.84 -13.16 25.99
C LEU E 34 -37.23 -11.78 25.69
N GLN E 35 -36.95 -11.54 24.42
CA GLN E 35 -36.31 -10.27 23.98
C GLN E 35 -37.11 -9.57 22.88
N VAL E 36 -38.19 -10.16 22.39
CA VAL E 36 -39.01 -9.49 21.34
C VAL E 36 -40.44 -9.40 21.83
N CYS E 37 -41.08 -10.55 22.02
CA CYS E 37 -42.47 -10.57 22.50
C CYS E 37 -42.50 -10.09 23.94
N LEU E 38 -43.12 -8.94 24.18
CA LEU E 38 -43.23 -8.41 25.55
C LEU E 38 -44.12 -9.33 26.37
N PRO E 39 -43.58 -10.08 27.36
CA PRO E 39 -44.40 -11.05 28.09
C PRO E 39 -45.30 -10.34 29.09
N LYS E 40 -46.55 -10.16 28.71
CA LYS E 40 -47.57 -9.58 29.61
C LYS E 40 -47.85 -10.56 30.76
N GLY E 41 -47.88 -11.86 30.47
CA GLY E 41 -48.03 -12.87 31.52
C GLY E 41 -47.39 -14.17 31.10
N PRO E 42 -48.17 -15.26 31.01
CA PRO E 42 -47.65 -16.50 30.46
C PRO E 42 -47.37 -16.37 28.96
N THR E 43 -46.63 -17.33 28.43
CA THR E 43 -46.29 -17.36 27.00
C THR E 43 -46.11 -18.80 26.56
N CYS E 44 -46.46 -19.08 25.32
CA CYS E 44 -46.38 -20.43 24.74
C CYS E 44 -45.07 -20.66 23.98
N CYS E 45 -44.24 -19.64 23.82
CA CYS E 45 -43.01 -19.74 23.01
C CYS E 45 -41.79 -19.41 23.85
N SER E 46 -40.69 -20.04 23.51
CA SER E 46 -39.37 -19.81 24.16
C SER E 46 -38.56 -18.84 23.30
N ARG E 47 -37.29 -18.69 23.62
CA ARG E 47 -36.42 -17.81 22.81
C ARG E 47 -36.17 -18.41 21.42
N LYS E 48 -36.09 -19.73 21.33
CA LYS E 48 -35.81 -20.38 20.03
C LYS E 48 -37.01 -20.21 19.08
N MET E 49 -38.21 -20.45 19.59
CA MET E 49 -39.43 -20.22 18.79
C MET E 49 -39.52 -18.75 18.40
N GLU E 50 -38.96 -17.86 19.23
CA GLU E 50 -38.99 -16.41 18.92
C GLU E 50 -38.06 -16.10 17.74
N GLU E 51 -36.87 -16.67 17.77
CA GLU E 51 -35.95 -16.55 16.61
C GLU E 51 -36.60 -17.14 15.35
N LYS E 52 -37.31 -18.24 15.50
CA LYS E 52 -38.03 -18.85 14.35
C LYS E 52 -39.05 -17.86 13.79
N TYR E 53 -39.82 -17.24 14.67
CA TYR E 53 -40.81 -16.25 14.22
C TYR E 53 -40.13 -15.06 13.53
N GLN E 54 -38.96 -14.68 14.02
CA GLN E 54 -38.20 -13.58 13.39
C GLN E 54 -37.79 -13.96 11.97
N LEU E 55 -37.29 -15.18 11.79
CA LEU E 55 -36.86 -15.62 10.45
C LEU E 55 -38.06 -15.69 9.49
N THR E 56 -39.19 -16.16 9.98
CA THR E 56 -40.40 -16.23 9.12
C THR E 56 -40.89 -14.83 8.78
N ALA E 57 -40.76 -13.89 9.72
CA ALA E 57 -41.12 -12.48 9.46
C ALA E 57 -40.22 -11.90 8.36
N ARG E 58 -38.93 -12.19 8.42
CA ARG E 58 -38.00 -11.73 7.37
C ARG E 58 -38.44 -12.28 6.01
N LEU E 59 -38.69 -13.58 5.95
CA LEU E 59 -39.08 -14.20 4.66
C LEU E 59 -40.39 -13.58 4.14
N ASN E 60 -41.34 -13.35 5.04
CA ASN E 60 -42.63 -12.78 4.61
C ASN E 60 -42.46 -11.35 4.09
N MET E 61 -41.64 -10.55 4.78
CA MET E 61 -41.39 -9.16 4.30
C MET E 61 -40.72 -9.18 2.93
N GLU E 62 -39.76 -10.06 2.72
CA GLU E 62 -39.07 -10.13 1.42
C GLU E 62 -40.06 -10.54 0.33
N GLN E 63 -40.90 -11.52 0.62
CA GLN E 63 -41.91 -11.96 -0.38
C GLN E 63 -42.89 -10.82 -0.70
N LEU E 64 -43.30 -10.07 0.31
CA LEU E 64 -44.26 -8.95 0.06
C LEU E 64 -43.60 -7.88 -0.81
N LEU E 65 -42.35 -7.52 -0.50
CA LEU E 65 -41.65 -6.51 -1.34
C LEU E 65 -41.48 -7.03 -2.76
N GLN E 66 -41.14 -8.30 -2.92
CA GLN E 66 -41.00 -8.89 -4.26
C GLN E 66 -42.33 -8.78 -5.03
N SER E 67 -43.43 -9.14 -4.40
CA SER E 67 -44.75 -9.09 -5.05
C SER E 67 -45.10 -7.64 -5.40
N ALA E 68 -44.65 -6.69 -4.59
CA ALA E 68 -44.93 -5.26 -4.85
C ALA E 68 -44.14 -4.76 -6.05
N SER E 69 -42.90 -5.23 -6.20
CA SER E 69 -41.95 -4.68 -7.20
C SER E 69 -41.98 -5.48 -8.50
N MET E 70 -42.62 -6.64 -8.53
CA MET E 70 -42.49 -7.57 -9.67
C MET E 70 -43.00 -6.92 -10.97
N GLU E 71 -44.13 -6.24 -10.92
CA GLU E 71 -44.75 -5.69 -12.15
C GLU E 71 -43.86 -4.64 -12.79
N LEU E 72 -43.40 -3.68 -12.00
CA LEU E 72 -42.52 -2.61 -12.50
C LEU E 72 -41.19 -3.21 -12.97
N LYS E 73 -40.64 -4.14 -12.21
CA LYS E 73 -39.35 -4.76 -12.61
C LYS E 73 -39.49 -5.45 -13.96
N PHE E 74 -40.54 -6.24 -14.15
CA PHE E 74 -40.73 -6.96 -15.42
C PHE E 74 -40.99 -5.98 -16.57
N LEU E 75 -41.76 -4.93 -16.31
CA LEU E 75 -42.02 -3.91 -17.37
C LEU E 75 -40.70 -3.30 -17.85
N ILE E 76 -39.86 -2.85 -16.92
CA ILE E 76 -38.61 -2.17 -17.33
C ILE E 76 -37.65 -3.18 -17.96
N ILE E 77 -37.63 -4.42 -17.49
CA ILE E 77 -36.73 -5.45 -18.07
C ILE E 77 -37.15 -5.72 -19.52
N GLN E 78 -38.45 -5.93 -19.72
CA GLN E 78 -39.02 -6.14 -21.06
C GLN E 78 -38.62 -4.98 -21.99
N ASN E 79 -38.89 -3.75 -21.58
CA ASN E 79 -38.64 -2.59 -22.47
C ASN E 79 -37.15 -2.43 -22.74
N ALA E 80 -36.30 -2.69 -21.75
CA ALA E 80 -34.84 -2.60 -21.95
C ALA E 80 -34.42 -3.59 -23.03
N ALA E 81 -34.85 -4.84 -22.89
CA ALA E 81 -34.52 -5.89 -23.88
C ALA E 81 -35.03 -5.49 -25.26
N VAL E 82 -36.26 -5.01 -25.33
CA VAL E 82 -36.90 -4.67 -26.62
C VAL E 82 -36.11 -3.54 -27.30
N PHE E 83 -35.81 -2.48 -26.58
CA PHE E 83 -35.13 -1.33 -27.20
C PHE E 83 -33.72 -1.72 -27.62
N GLN E 84 -33.05 -2.56 -26.83
CA GLN E 84 -31.70 -3.01 -27.21
C GLN E 84 -31.78 -3.79 -28.52
N GLU E 85 -32.74 -4.70 -28.63
CA GLU E 85 -32.89 -5.51 -29.86
C GLU E 85 -33.25 -4.59 -31.05
N ALA E 86 -34.12 -3.62 -30.82
CA ALA E 86 -34.57 -2.70 -31.90
C ALA E 86 -33.37 -1.90 -32.41
N PHE E 87 -32.55 -1.43 -31.49
CA PHE E 87 -31.35 -0.66 -31.87
C PHE E 87 -30.38 -1.54 -32.64
N GLU E 88 -30.22 -2.78 -32.23
CA GLU E 88 -29.32 -3.71 -32.97
C GLU E 88 -29.87 -3.94 -34.38
N ILE E 89 -31.19 -4.05 -34.49
CA ILE E 89 -31.84 -4.24 -35.82
C ILE E 89 -31.58 -3.01 -36.69
N VAL E 90 -31.72 -1.82 -36.11
CA VAL E 90 -31.48 -0.56 -36.85
C VAL E 90 -30.02 -0.52 -37.32
N VAL E 91 -29.10 -0.92 -36.47
CA VAL E 91 -27.66 -0.87 -36.82
C VAL E 91 -27.41 -1.84 -37.98
N ARG E 92 -27.95 -3.03 -37.90
CA ARG E 92 -27.72 -4.02 -38.99
C ARG E 92 -28.37 -3.54 -40.29
N HIS E 93 -29.57 -2.99 -40.22
CA HIS E 93 -30.26 -2.47 -41.42
C HIS E 93 -29.43 -1.35 -42.07
N ALA E 94 -28.97 -0.40 -41.28
CA ALA E 94 -28.14 0.71 -41.80
C ALA E 94 -26.85 0.14 -42.39
N LYS E 95 -26.29 -0.87 -41.73
CA LYS E 95 -25.04 -1.50 -42.16
C LYS E 95 -25.21 -2.01 -43.58
N ASN E 96 -26.16 -2.89 -43.80
CA ASN E 96 -26.30 -3.51 -45.13
C ASN E 96 -27.03 -2.58 -46.11
N TYR E 97 -27.62 -1.47 -45.64
CA TYR E 97 -28.04 -0.38 -46.54
C TYR E 97 -26.81 0.30 -47.17
N THR E 98 -25.84 0.65 -46.34
CA THR E 98 -24.59 1.24 -46.82
C THR E 98 -23.83 0.24 -47.70
N ASN E 99 -23.84 -1.03 -47.30
CA ASN E 99 -23.23 -2.09 -48.12
C ASN E 99 -23.88 -2.15 -49.50
N ALA E 100 -25.21 -2.13 -49.56
CA ALA E 100 -25.92 -2.20 -50.86
C ALA E 100 -25.59 -0.96 -51.70
N MET E 101 -25.52 0.20 -51.07
CA MET E 101 -25.22 1.44 -51.83
C MET E 101 -23.81 1.40 -52.40
N PHE E 102 -22.84 0.91 -51.63
CA PHE E 102 -21.49 0.73 -52.18
C PHE E 102 -21.50 -0.28 -53.31
N LYS E 103 -22.18 -1.40 -53.12
CA LYS E 103 -22.21 -2.46 -54.16
C LYS E 103 -22.87 -1.94 -55.44
N ASN E 104 -23.84 -1.06 -55.33
CA ASN E 104 -24.58 -0.57 -56.51
C ASN E 104 -23.85 0.59 -57.19
N ASN E 105 -23.26 1.49 -56.41
CA ASN E 105 -22.71 2.75 -56.97
C ASN E 105 -21.18 2.71 -57.09
N TYR E 106 -20.49 1.97 -56.25
CA TYR E 106 -19.00 1.91 -56.29
C TYR E 106 -18.54 0.46 -56.23
N PRO E 107 -18.82 -0.34 -57.29
CA PRO E 107 -18.38 -1.72 -57.27
C PRO E 107 -16.86 -1.90 -57.29
N SER E 108 -16.13 -0.90 -57.78
CA SER E 108 -14.65 -0.94 -57.78
C SER E 108 -14.08 -0.82 -56.37
N LEU E 109 -14.84 -0.29 -55.42
CA LEU E 109 -14.35 -0.13 -54.02
C LEU E 109 -14.63 -1.36 -53.17
N THR E 110 -15.35 -2.34 -53.68
CA THR E 110 -15.62 -3.61 -52.97
C THR E 110 -14.53 -4.60 -53.29
N PRO E 111 -14.23 -5.57 -52.39
CA PRO E 111 -14.86 -5.78 -51.07
C PRO E 111 -14.26 -5.01 -49.87
N GLN E 112 -13.34 -4.09 -50.12
CA GLN E 112 -12.74 -3.30 -49.02
C GLN E 112 -13.84 -2.50 -48.32
N ALA E 113 -14.77 -1.96 -49.10
CA ALA E 113 -15.90 -1.19 -48.54
C ALA E 113 -16.68 -2.06 -47.55
N PHE E 114 -16.96 -3.29 -47.92
CA PHE E 114 -17.65 -4.23 -47.00
C PHE E 114 -16.88 -4.32 -45.68
N GLU E 115 -15.56 -4.42 -45.75
CA GLU E 115 -14.74 -4.63 -44.55
C GLU E 115 -14.82 -3.40 -43.63
N PHE E 116 -14.58 -2.22 -44.16
CA PHE E 116 -14.52 -1.06 -43.24
C PHE E 116 -15.92 -0.59 -42.83
N VAL E 117 -16.92 -0.83 -43.66
CA VAL E 117 -18.32 -0.56 -43.25
C VAL E 117 -18.71 -1.49 -42.10
N GLY E 118 -18.38 -2.78 -42.22
CA GLY E 118 -18.62 -3.72 -41.11
C GLY E 118 -17.90 -3.29 -39.85
N GLU E 119 -16.64 -2.87 -39.98
CA GLU E 119 -15.86 -2.41 -38.81
C GLU E 119 -16.57 -1.22 -38.16
N PHE E 120 -16.96 -0.25 -38.97
CA PHE E 120 -17.60 0.98 -38.44
C PHE E 120 -18.90 0.63 -37.72
N PHE E 121 -19.75 -0.18 -38.34
CA PHE E 121 -21.06 -0.47 -37.73
C PHE E 121 -20.92 -1.39 -36.52
N THR E 122 -19.92 -2.26 -36.52
CA THR E 122 -19.61 -3.06 -35.31
C THR E 122 -19.24 -2.11 -34.16
N ASP E 123 -18.37 -1.16 -34.42
CA ASP E 123 -18.00 -0.17 -33.39
C ASP E 123 -19.22 0.66 -32.98
N VAL E 124 -20.11 0.93 -33.91
CA VAL E 124 -21.35 1.67 -33.58
C VAL E 124 -22.18 0.86 -32.58
N SER E 125 -22.41 -0.41 -32.89
CA SER E 125 -23.17 -1.31 -31.99
C SER E 125 -22.47 -1.38 -30.62
N LEU E 126 -21.14 -1.44 -30.62
CA LEU E 126 -20.39 -1.51 -29.34
C LEU E 126 -20.61 -0.25 -28.53
N TYR E 127 -20.54 0.91 -29.15
CA TYR E 127 -20.71 2.19 -28.42
C TYR E 127 -22.15 2.28 -27.90
N ILE E 128 -23.10 1.77 -28.66
CA ILE E 128 -24.51 1.76 -28.24
C ILE E 128 -24.66 0.97 -26.94
N LEU E 129 -23.89 -0.10 -26.77
CA LEU E 129 -24.05 -0.99 -25.60
C LEU E 129 -23.11 -0.58 -24.47
N GLY E 130 -22.77 0.70 -24.36
CA GLY E 130 -22.09 1.24 -23.17
C GLY E 130 -20.58 1.09 -23.18
N SER E 131 -19.98 0.49 -24.20
CA SER E 131 -18.52 0.35 -24.22
C SER E 131 -17.84 1.71 -24.37
N ASP E 132 -16.58 1.78 -23.97
CA ASP E 132 -15.78 3.02 -24.07
C ASP E 132 -15.29 3.15 -25.52
N ILE E 133 -16.11 3.74 -26.37
CA ILE E 133 -15.78 3.94 -27.80
C ILE E 133 -15.88 5.41 -28.15
N ASN E 134 -14.91 5.91 -28.93
CA ASN E 134 -14.88 7.33 -29.36
C ASN E 134 -15.46 7.42 -30.77
N VAL E 135 -16.51 8.21 -30.91
CA VAL E 135 -17.26 8.34 -32.19
C VAL E 135 -16.39 9.01 -33.26
N ASP E 136 -15.73 10.09 -32.90
CA ASP E 136 -14.82 10.79 -33.85
C ASP E 136 -13.75 9.82 -34.37
N ASP E 137 -13.21 8.98 -33.50
CA ASP E 137 -12.22 7.97 -33.95
C ASP E 137 -12.87 6.97 -34.91
N MET E 138 -14.13 6.62 -34.68
CA MET E 138 -14.85 5.74 -35.62
C MET E 138 -14.90 6.38 -37.02
N VAL E 139 -15.37 7.61 -37.10
CA VAL E 139 -15.51 8.31 -38.40
C VAL E 139 -14.13 8.45 -39.05
N ASN E 140 -13.12 8.79 -38.26
CA ASN E 140 -11.77 9.00 -38.82
C ASN E 140 -11.21 7.70 -39.38
N GLU E 141 -11.35 6.59 -38.65
CA GLU E 141 -10.88 5.28 -39.15
C GLU E 141 -11.67 4.90 -40.41
N LEU E 142 -12.97 5.17 -40.43
CA LEU E 142 -13.80 4.89 -41.61
C LEU E 142 -13.22 5.61 -42.85
N PHE E 143 -12.97 6.91 -42.73
CA PHE E 143 -12.52 7.69 -43.90
C PHE E 143 -11.07 7.35 -44.24
N ASP E 144 -10.26 7.03 -43.24
CA ASP E 144 -8.87 6.61 -43.48
C ASP E 144 -8.82 5.27 -44.21
N SER E 145 -9.80 4.40 -43.99
CA SER E 145 -9.87 3.14 -44.75
C SER E 145 -10.46 3.40 -46.13
N LEU E 146 -11.37 4.37 -46.26
CA LEU E 146 -12.07 4.59 -47.55
C LEU E 146 -11.16 5.28 -48.57
N PHE E 147 -10.31 6.20 -48.14
CA PHE E 147 -9.60 7.06 -49.12
C PHE E 147 -8.58 6.28 -49.96
N PRO E 148 -7.72 5.41 -49.39
CA PRO E 148 -6.72 4.74 -50.21
C PRO E 148 -7.31 3.88 -51.33
N VAL E 149 -8.39 3.17 -51.05
CA VAL E 149 -9.01 2.31 -52.09
C VAL E 149 -9.63 3.22 -53.16
N ILE E 150 -10.13 4.39 -52.78
CA ILE E 150 -10.63 5.36 -53.78
C ILE E 150 -9.48 5.81 -54.66
N TYR E 151 -8.32 6.07 -54.07
CA TYR E 151 -7.17 6.56 -54.84
C TYR E 151 -6.65 5.48 -55.78
N THR E 152 -6.68 4.23 -55.35
CA THR E 152 -6.08 3.12 -56.12
C THR E 152 -7.05 2.52 -57.13
N GLN E 153 -8.35 2.69 -56.95
CA GLN E 153 -9.35 2.00 -57.81
C GLN E 153 -10.23 2.98 -58.58
N LEU E 154 -10.29 4.25 -58.20
CA LEU E 154 -11.15 5.24 -58.90
C LEU E 154 -10.34 6.37 -59.55
N MET E 155 -9.28 6.83 -58.90
CA MET E 155 -8.51 7.98 -59.40
C MET E 155 -7.24 7.54 -60.14
N ASN E 156 -6.46 6.64 -59.56
CA ASN E 156 -5.20 6.16 -60.17
C ASN E 156 -5.30 4.64 -60.30
N PRO E 157 -5.99 4.15 -61.35
CA PRO E 157 -6.04 2.70 -61.60
C PRO E 157 -4.69 2.11 -61.99
N GLY E 158 -3.93 1.69 -60.98
CA GLY E 158 -2.60 1.09 -61.20
C GLY E 158 -1.62 1.44 -60.10
N LEU E 164 0.22 0.16 -52.62
CA LEU E 164 -0.37 -0.76 -51.61
C LEU E 164 0.44 -0.70 -50.31
N ASP E 165 1.76 -0.70 -50.41
CA ASP E 165 2.63 -0.71 -49.21
C ASP E 165 2.87 0.72 -48.73
N ILE E 166 2.58 1.70 -49.59
CA ILE E 166 2.64 3.15 -49.31
C ILE E 166 1.26 3.57 -48.81
N ASN E 167 0.46 2.60 -48.40
CA ASN E 167 -0.96 2.82 -48.05
C ASN E 167 -1.07 3.81 -46.89
N GLU E 168 -0.20 3.71 -45.91
CA GLU E 168 -0.28 4.59 -44.72
C GLU E 168 -0.02 6.02 -45.17
N CYS E 169 0.85 6.21 -46.16
CA CYS E 169 1.10 7.56 -46.71
C CYS E 169 -0.21 8.13 -47.26
N LEU E 170 -0.97 7.30 -47.95
CA LEU E 170 -2.27 7.76 -48.49
C LEU E 170 -3.20 8.05 -47.32
N ARG E 171 -3.13 7.22 -46.28
CA ARG E 171 -3.94 7.43 -45.07
C ARG E 171 -3.60 8.80 -44.48
N GLY E 172 -2.32 9.14 -44.49
CA GLY E 172 -1.89 10.44 -43.98
C GLY E 172 -2.40 11.54 -44.87
N ALA E 173 -2.33 11.34 -46.18
CA ALA E 173 -2.78 12.38 -47.12
C ALA E 173 -4.29 12.60 -46.96
N ARG E 174 -5.02 11.61 -46.49
CA ARG E 174 -6.46 11.83 -46.24
C ARG E 174 -6.63 13.01 -45.26
N ARG E 175 -5.88 13.01 -44.18
CA ARG E 175 -6.01 14.03 -43.11
C ARG E 175 -5.21 15.29 -43.42
N ASP E 176 -4.03 15.18 -44.00
CA ASP E 176 -3.18 16.38 -44.22
C ASP E 176 -3.77 17.30 -45.30
N LEU E 177 -4.46 16.76 -46.30
CA LEU E 177 -5.06 17.60 -47.38
C LEU E 177 -6.55 17.82 -47.16
N LYS E 178 -7.16 17.21 -46.15
CA LYS E 178 -8.60 17.44 -45.83
C LYS E 178 -9.44 17.16 -47.07
N VAL E 179 -9.23 15.99 -47.64
CA VAL E 179 -9.77 15.63 -48.98
C VAL E 179 -11.30 15.48 -48.91
N PHE E 180 -11.83 15.10 -47.76
CA PHE E 180 -13.29 14.88 -47.61
C PHE E 180 -14.00 16.15 -47.19
N GLY E 181 -13.31 17.29 -47.13
CA GLY E 181 -13.95 18.56 -46.74
C GLY E 181 -14.56 18.50 -45.35
N ASN E 182 -15.82 18.89 -45.23
CA ASN E 182 -16.48 18.99 -43.92
C ASN E 182 -17.43 17.83 -43.71
N PHE E 183 -17.43 16.85 -44.61
CA PHE E 183 -18.21 15.62 -44.40
C PHE E 183 -17.85 14.92 -43.09
N PRO E 184 -16.55 14.76 -42.73
CA PRO E 184 -16.24 14.09 -41.47
C PRO E 184 -16.83 14.78 -40.24
N LYS E 185 -16.73 16.11 -40.14
CA LYS E 185 -17.29 16.81 -38.96
C LYS E 185 -18.81 16.73 -38.95
N LEU E 186 -19.44 16.86 -40.12
CA LEU E 186 -20.91 16.73 -40.21
C LEU E 186 -21.35 15.34 -39.71
N ILE E 187 -20.75 14.30 -40.24
CA ILE E 187 -21.08 12.92 -39.80
C ILE E 187 -20.78 12.75 -38.31
N MET E 188 -19.66 13.28 -37.85
CA MET E 188 -19.26 13.14 -36.43
C MET E 188 -20.35 13.71 -35.53
N THR E 189 -20.76 14.93 -35.76
CA THR E 189 -21.80 15.57 -34.92
C THR E 189 -23.11 14.82 -35.05
N GLN E 190 -23.53 14.54 -36.28
CA GLN E 190 -24.84 13.89 -36.54
C GLN E 190 -24.91 12.57 -35.78
N VAL E 191 -23.90 11.72 -35.88
CA VAL E 191 -24.00 10.39 -35.23
C VAL E 191 -23.70 10.50 -33.73
N SER E 192 -22.88 11.45 -33.30
CA SER E 192 -22.52 11.53 -31.87
C SER E 192 -23.76 11.89 -31.05
N LYS E 193 -24.53 12.84 -31.55
CA LYS E 193 -25.76 13.28 -30.84
C LYS E 193 -26.67 12.07 -30.60
N SER E 194 -27.01 11.38 -31.67
CA SER E 194 -28.01 10.28 -31.62
C SER E 194 -27.46 9.10 -30.81
N LEU E 195 -26.22 8.71 -31.04
CA LEU E 195 -25.67 7.55 -30.30
C LEU E 195 -25.56 7.88 -28.81
N GLN E 196 -25.23 9.12 -28.45
CA GLN E 196 -25.13 9.48 -27.03
C GLN E 196 -26.51 9.45 -26.36
N VAL E 197 -27.52 9.99 -27.02
CA VAL E 197 -28.86 9.98 -26.40
C VAL E 197 -29.36 8.54 -26.27
N THR E 198 -29.08 7.70 -27.27
CA THR E 198 -29.51 6.28 -27.20
C THR E 198 -28.80 5.55 -26.06
N ARG E 199 -27.50 5.73 -25.95
CA ARG E 199 -26.72 5.07 -24.86
C ARG E 199 -27.23 5.54 -23.50
N ILE E 200 -27.51 6.83 -23.36
CA ILE E 200 -27.99 7.35 -22.05
C ILE E 200 -29.39 6.79 -21.76
N PHE E 201 -30.21 6.63 -22.78
CA PHE E 201 -31.54 6.03 -22.60
C PHE E 201 -31.41 4.60 -22.06
N LEU E 202 -30.55 3.81 -22.67
CA LEU E 202 -30.32 2.41 -22.20
C LEU E 202 -29.76 2.42 -20.78
N GLN E 203 -28.83 3.30 -20.47
CA GLN E 203 -28.25 3.35 -19.11
C GLN E 203 -29.34 3.69 -18.08
N ALA E 204 -30.23 4.62 -18.43
CA ALA E 204 -31.31 5.01 -17.51
C ALA E 204 -32.24 3.83 -17.27
N LEU E 205 -32.57 3.11 -18.32
CA LEU E 205 -33.42 1.89 -18.18
C LEU E 205 -32.73 0.88 -17.24
N ASN E 206 -31.45 0.63 -17.47
CA ASN E 206 -30.72 -0.37 -16.66
C ASN E 206 -30.66 0.06 -15.19
N LEU E 207 -30.49 1.35 -14.95
CA LEU E 207 -30.38 1.83 -13.55
C LEU E 207 -31.74 1.76 -12.87
N GLY E 208 -32.81 2.01 -13.60
CA GLY E 208 -34.16 1.78 -13.05
C GLY E 208 -34.34 0.32 -12.67
N ILE E 209 -33.95 -0.58 -13.55
CA ILE E 209 -33.98 -2.03 -13.23
C ILE E 209 -33.20 -2.28 -11.94
N GLU E 210 -32.02 -1.69 -11.83
CA GLU E 210 -31.12 -1.96 -10.67
C GLU E 210 -31.77 -1.50 -9.37
N VAL E 211 -32.35 -0.31 -9.37
CA VAL E 211 -32.91 0.22 -8.10
C VAL E 211 -34.16 -0.56 -7.73
N ILE E 212 -35.00 -0.89 -8.70
CA ILE E 212 -36.24 -1.64 -8.38
C ILE E 212 -35.88 -3.05 -7.92
N ASN E 213 -34.81 -3.63 -8.44
CA ASN E 213 -34.38 -4.96 -7.96
C ASN E 213 -33.74 -4.88 -6.57
N THR E 214 -33.05 -3.79 -6.27
CA THR E 214 -32.48 -3.61 -4.92
C THR E 214 -33.58 -3.40 -3.87
N THR E 215 -34.71 -2.84 -4.28
CA THR E 215 -35.81 -2.56 -3.33
C THR E 215 -36.18 -3.81 -2.52
N ASP E 216 -36.47 -4.92 -3.17
CA ASP E 216 -36.98 -6.12 -2.45
C ASP E 216 -35.88 -6.84 -1.66
N HIS E 217 -34.63 -6.43 -1.72
CA HIS E 217 -33.54 -7.07 -0.95
C HIS E 217 -33.12 -6.21 0.23
N LEU E 218 -33.85 -5.14 0.51
CA LEU E 218 -33.50 -4.20 1.60
C LEU E 218 -33.61 -4.90 2.96
N LYS E 219 -32.52 -4.92 3.70
CA LYS E 219 -32.53 -5.43 5.10
C LYS E 219 -32.77 -4.25 6.03
N PHE E 220 -33.59 -4.46 7.04
CA PHE E 220 -33.98 -3.39 7.98
C PHE E 220 -33.27 -3.58 9.31
N SER E 221 -33.52 -2.65 10.22
CA SER E 221 -32.85 -2.64 11.54
C SER E 221 -33.35 -3.81 12.40
N LYS E 222 -32.66 -4.03 13.50
CA LYS E 222 -33.07 -5.06 14.48
C LYS E 222 -34.39 -4.66 15.13
N ASP E 223 -34.54 -3.39 15.48
CA ASP E 223 -35.78 -2.93 16.13
C ASP E 223 -36.96 -3.07 15.15
N CYS E 224 -36.75 -2.76 13.88
CA CYS E 224 -37.81 -2.94 12.86
C CYS E 224 -38.17 -4.42 12.74
N GLY E 225 -37.18 -5.30 12.77
CA GLY E 225 -37.45 -6.75 12.71
C GLY E 225 -38.22 -7.22 13.92
N ARG E 226 -37.85 -6.75 15.10
CA ARG E 226 -38.57 -7.12 16.33
C ARG E 226 -40.00 -6.59 16.27
N MET E 227 -40.20 -5.40 15.72
CA MET E 227 -41.56 -4.84 15.62
C MET E 227 -42.39 -5.65 14.62
N LEU E 228 -41.79 -6.07 13.51
CA LEU E 228 -42.51 -6.94 12.55
C LEU E 228 -42.87 -8.27 13.20
N THR E 229 -41.95 -8.83 13.97
CA THR E 229 -42.20 -10.11 14.68
C THR E 229 -43.33 -9.93 15.68
N ARG E 230 -43.32 -8.82 16.40
CA ARG E 230 -44.38 -8.52 17.38
C ARG E 230 -45.72 -8.35 16.67
N MET E 231 -45.72 -7.72 15.51
CA MET E 231 -46.98 -7.43 14.79
C MET E 231 -47.55 -8.70 14.17
N TRP E 232 -46.71 -9.58 13.64
CA TRP E 232 -47.19 -10.72 12.84
C TRP E 232 -47.35 -12.01 13.64
N TYR E 233 -46.47 -12.28 14.60
CA TYR E 233 -46.41 -13.64 15.21
C TYR E 233 -46.44 -13.66 16.74
N CYS E 234 -46.16 -12.58 17.43
CA CYS E 234 -46.09 -12.66 18.92
C CYS E 234 -47.47 -12.93 19.52
N SER E 235 -48.53 -12.73 18.75
CA SER E 235 -49.89 -13.07 19.21
C SER E 235 -50.00 -14.59 19.41
N TYR E 236 -49.29 -15.36 18.59
CA TYR E 236 -49.27 -16.82 18.73
C TYR E 236 -48.61 -17.23 20.04
N CYS E 237 -47.60 -16.49 20.49
CA CYS E 237 -46.91 -16.81 21.76
C CYS E 237 -47.88 -16.70 22.94
N GLN E 238 -48.91 -15.89 22.80
CA GLN E 238 -49.91 -15.71 23.88
C GLN E 238 -51.07 -16.67 23.72
N GLY E 239 -51.08 -17.49 22.67
CA GLY E 239 -52.10 -18.53 22.47
C GLY E 239 -53.26 -18.08 21.60
N LEU E 240 -53.11 -17.01 20.84
CA LEU E 240 -54.19 -16.54 19.93
C LEU E 240 -54.02 -17.22 18.56
N MET E 241 -55.13 -17.49 17.91
CA MET E 241 -55.12 -18.29 16.66
C MET E 241 -55.37 -17.41 15.42
N MET E 242 -56.34 -16.51 15.45
CA MET E 242 -56.74 -15.75 14.23
C MET E 242 -56.70 -14.24 14.46
N VAL E 243 -56.05 -13.78 15.52
CA VAL E 243 -56.02 -12.32 15.79
C VAL E 243 -55.07 -11.66 14.80
N LYS E 244 -55.55 -10.60 14.15
CA LYS E 244 -54.76 -9.80 13.19
C LYS E 244 -54.35 -8.47 13.80
N PRO E 245 -53.20 -7.93 13.41
CA PRO E 245 -52.76 -6.64 13.92
C PRO E 245 -53.61 -5.46 13.44
N CYS E 246 -53.63 -4.42 14.28
CA CYS E 246 -54.39 -3.19 14.03
C CYS E 246 -53.83 -2.45 12.81
N GLY E 247 -54.71 -1.83 12.04
CA GLY E 247 -54.30 -1.05 10.86
C GLY E 247 -53.42 0.12 11.24
N GLY E 248 -53.79 0.86 12.28
CA GLY E 248 -52.94 1.98 12.72
C GLY E 248 -51.61 1.49 13.26
N TYR E 249 -51.61 0.35 13.95
CA TYR E 249 -50.34 -0.24 14.43
C TYR E 249 -49.46 -0.63 13.23
N CYS E 250 -50.06 -1.20 12.19
CA CYS E 250 -49.31 -1.49 10.96
C CYS E 250 -48.78 -0.19 10.34
N ASN E 251 -49.56 0.87 10.37
CA ASN E 251 -49.14 2.16 9.79
C ASN E 251 -47.90 2.67 10.54
N VAL E 252 -47.95 2.69 11.86
CA VAL E 252 -46.82 3.23 12.65
C VAL E 252 -45.60 2.32 12.50
N VAL E 253 -45.79 1.01 12.52
CA VAL E 253 -44.67 0.06 12.36
C VAL E 253 -44.01 0.28 10.99
N MET E 254 -44.81 0.45 9.94
CA MET E 254 -44.24 0.58 8.58
C MET E 254 -43.58 1.95 8.41
N GLN E 255 -44.15 3.00 8.98
CA GLN E 255 -43.49 4.31 8.95
C GLN E 255 -42.17 4.28 9.71
N GLY E 256 -42.09 3.49 10.77
CA GLY E 256 -40.80 3.31 11.48
C GLY E 256 -39.81 2.53 10.65
N CYS E 257 -40.30 1.52 9.92
CA CYS E 257 -39.42 0.66 9.10
C CYS E 257 -39.02 1.38 7.80
N MET E 258 -40.00 1.83 7.03
CA MET E 258 -39.75 2.42 5.68
C MET E 258 -39.36 3.89 5.79
N ALA E 259 -38.66 4.28 6.85
CA ALA E 259 -38.32 5.70 7.06
C ALA E 259 -37.51 6.24 5.88
N GLY E 260 -36.37 5.60 5.59
CA GLY E 260 -35.52 6.03 4.48
C GLY E 260 -36.07 5.66 3.12
N VAL E 261 -36.90 4.64 3.02
CA VAL E 261 -37.37 4.16 1.71
C VAL E 261 -38.33 5.18 1.09
N VAL E 262 -39.11 5.85 1.91
CA VAL E 262 -40.08 6.85 1.38
C VAL E 262 -39.32 8.04 0.79
N GLU E 263 -38.15 8.34 1.32
CA GLU E 263 -37.34 9.48 0.85
C GLU E 263 -36.90 9.28 -0.60
N ILE E 264 -36.96 8.06 -1.12
CA ILE E 264 -36.59 7.77 -2.52
C ILE E 264 -37.68 8.26 -3.48
N ASP E 265 -38.84 8.65 -2.96
CA ASP E 265 -40.00 8.97 -3.82
C ASP E 265 -39.73 10.19 -4.69
N LYS E 266 -39.19 11.26 -4.12
CA LYS E 266 -38.92 12.49 -4.89
C LYS E 266 -37.98 12.19 -6.06
N TYR E 267 -36.91 11.45 -5.78
CA TYR E 267 -35.89 11.16 -6.80
C TYR E 267 -36.46 10.22 -7.85
N TRP E 268 -37.28 9.26 -7.43
CA TRP E 268 -37.89 8.34 -8.41
C TRP E 268 -38.89 9.07 -9.31
N ARG E 269 -39.68 9.98 -8.74
CA ARG E 269 -40.61 10.79 -9.55
C ARG E 269 -39.84 11.66 -10.55
N GLU E 270 -38.76 12.27 -10.09
CA GLU E 270 -37.94 13.12 -10.99
C GLU E 270 -37.30 12.26 -12.07
N TYR E 271 -36.93 11.03 -11.74
CA TYR E 271 -36.36 10.09 -12.72
C TYR E 271 -37.40 9.79 -13.81
N ILE E 272 -38.62 9.48 -13.40
CA ILE E 272 -39.70 9.20 -14.39
C ILE E 272 -39.94 10.43 -15.26
N LEU E 273 -40.00 11.61 -14.65
CA LEU E 273 -40.30 12.86 -15.42
C LEU E 273 -39.15 13.18 -16.38
N SER E 274 -37.92 12.97 -15.95
CA SER E 274 -36.75 13.25 -16.81
C SER E 274 -36.73 12.26 -17.97
N LEU E 275 -37.11 11.02 -17.73
CA LEU E 275 -37.19 10.03 -18.84
C LEU E 275 -38.26 10.47 -19.83
N GLU E 276 -39.39 10.94 -19.34
CA GLU E 276 -40.47 11.44 -20.24
C GLU E 276 -39.98 12.65 -21.04
N GLU E 277 -39.21 13.52 -20.41
CA GLU E 277 -38.62 14.69 -21.11
C GLU E 277 -37.67 14.22 -22.22
N LEU E 278 -36.85 13.22 -21.90
CA LEU E 278 -35.87 12.68 -22.87
C LEU E 278 -36.54 12.02 -24.06
N VAL E 279 -37.67 11.38 -23.85
CA VAL E 279 -38.34 10.69 -25.00
C VAL E 279 -38.89 11.73 -25.97
N ASN E 280 -39.58 12.74 -25.45
CA ASN E 280 -40.18 13.79 -26.31
C ASN E 280 -39.10 14.62 -27.04
N ASP E 287 -33.15 11.39 -33.93
CA ASP E 287 -33.26 9.93 -33.64
C ASP E 287 -32.08 9.16 -34.23
N MET E 288 -31.74 8.07 -33.57
CA MET E 288 -30.61 7.22 -33.96
C MET E 288 -30.87 6.53 -35.31
N GLU E 289 -32.11 6.24 -35.63
CA GLU E 289 -32.41 5.52 -36.89
C GLU E 289 -32.20 6.43 -38.10
N ASN E 290 -32.67 7.66 -38.06
CA ASN E 290 -32.59 8.57 -39.23
C ASN E 290 -31.14 8.88 -39.59
N VAL E 291 -30.30 9.11 -38.58
CA VAL E 291 -28.88 9.44 -38.83
C VAL E 291 -28.19 8.24 -39.49
N LEU E 292 -28.33 7.06 -38.90
CA LEU E 292 -27.65 5.86 -39.42
C LEU E 292 -28.22 5.50 -40.81
N LEU E 293 -29.44 5.89 -41.11
CA LEU E 293 -29.97 5.63 -42.46
C LEU E 293 -29.45 6.65 -43.48
N GLY E 294 -29.35 7.92 -43.12
CA GLY E 294 -28.81 8.95 -44.05
C GLY E 294 -27.30 8.90 -44.18
N LEU E 295 -26.64 8.08 -43.36
CA LEU E 295 -25.18 7.87 -43.46
C LEU E 295 -24.75 7.53 -44.88
N PHE E 296 -25.46 6.68 -45.59
CA PHE E 296 -25.01 6.26 -46.93
C PHE E 296 -25.10 7.44 -47.90
N SER E 297 -26.16 8.24 -47.81
CA SER E 297 -26.30 9.43 -48.68
C SER E 297 -25.12 10.37 -48.43
N THR E 298 -24.80 10.60 -47.18
CA THR E 298 -23.68 11.49 -46.84
C THR E 298 -22.35 10.92 -47.35
N ILE E 299 -22.15 9.61 -47.20
CA ILE E 299 -20.87 9.00 -47.66
C ILE E 299 -20.78 9.08 -49.19
N HIS E 300 -21.87 8.86 -49.90
CA HIS E 300 -21.86 8.95 -51.37
C HIS E 300 -21.56 10.38 -51.82
N ASP E 301 -22.19 11.36 -51.18
CA ASP E 301 -21.91 12.78 -51.50
C ASP E 301 -20.46 13.13 -51.18
N SER E 302 -19.90 12.56 -50.12
CA SER E 302 -18.48 12.80 -49.76
C SER E 302 -17.57 12.21 -50.83
N ILE E 303 -17.90 11.02 -51.32
CA ILE E 303 -17.10 10.41 -52.40
C ILE E 303 -17.16 11.28 -53.66
N GLN E 304 -18.33 11.81 -53.98
CA GLN E 304 -18.45 12.71 -55.17
C GLN E 304 -17.61 13.98 -54.95
N TYR E 305 -17.65 14.52 -53.74
CA TYR E 305 -16.86 15.71 -53.40
C TYR E 305 -15.37 15.42 -53.58
N VAL E 306 -14.94 14.25 -53.16
CA VAL E 306 -13.51 13.86 -53.31
C VAL E 306 -13.17 13.71 -54.79
N GLN E 307 -14.02 13.06 -55.56
CA GLN E 307 -13.72 12.84 -57.01
C GLN E 307 -13.70 14.17 -57.77
N LYS E 308 -14.40 15.19 -57.28
CA LYS E 308 -14.47 16.48 -58.02
C LYS E 308 -13.12 17.20 -58.03
N ASN E 309 -12.14 16.81 -57.22
CA ASN E 309 -10.81 17.47 -57.19
C ASN E 309 -9.69 16.49 -57.53
N ALA E 310 -10.02 15.40 -58.23
CA ALA E 310 -9.04 14.34 -58.55
C ALA E 310 -7.89 14.90 -59.39
N GLY E 311 -8.15 15.85 -60.27
CA GLY E 311 -7.12 16.39 -61.17
C GLY E 311 -5.86 16.80 -60.43
N LYS E 312 -6.01 17.60 -59.39
CA LYS E 312 -4.82 18.02 -58.61
C LYS E 312 -4.50 17.03 -57.49
N LEU E 313 -5.49 16.30 -56.98
CA LEU E 313 -5.23 15.38 -55.85
C LEU E 313 -4.33 14.22 -56.29
N THR E 314 -4.60 13.63 -57.44
CA THR E 314 -3.78 12.49 -57.92
C THR E 314 -2.35 12.93 -58.20
N THR E 315 -2.16 14.14 -58.73
CA THR E 315 -0.80 14.61 -59.05
C THR E 315 -0.03 14.86 -57.76
N THR E 316 -0.61 15.60 -56.83
CA THR E 316 0.10 15.91 -55.57
C THR E 316 0.33 14.63 -54.75
N ILE E 317 -0.55 13.66 -54.84
CA ILE E 317 -0.34 12.40 -54.04
C ILE E 317 0.70 11.50 -54.69
N GLY E 318 0.66 11.33 -56.01
CA GLY E 318 1.72 10.57 -56.70
C GLY E 318 3.10 11.19 -56.47
N LYS E 319 3.17 12.52 -56.45
CA LYS E 319 4.44 13.19 -56.11
C LYS E 319 4.80 12.96 -54.64
N LEU E 320 3.85 13.11 -53.73
CA LEU E 320 4.16 13.00 -52.27
C LEU E 320 4.41 11.55 -51.88
N CYS E 321 3.59 10.62 -52.35
CA CYS E 321 3.77 9.21 -51.95
C CYS E 321 4.21 8.37 -53.15
N THR E 355 -42.81 2.99 -35.35
CA THR E 355 -43.17 2.00 -34.28
C THR E 355 -42.25 2.17 -33.06
N LEU E 356 -40.98 2.51 -33.30
CA LEU E 356 -40.03 2.73 -32.18
C LEU E 356 -40.50 3.89 -31.30
N SER E 357 -40.87 5.01 -31.90
CA SER E 357 -41.43 6.14 -31.11
C SER E 357 -42.71 5.68 -30.39
N SER E 358 -43.53 4.86 -31.02
CA SER E 358 -44.72 4.31 -30.33
C SER E 358 -44.30 3.44 -29.13
N ARG E 359 -43.20 2.70 -29.25
CA ARG E 359 -42.75 1.86 -28.10
C ARG E 359 -42.25 2.73 -26.95
N ARG E 360 -41.44 3.75 -27.21
CA ARG E 360 -41.03 4.67 -26.12
C ARG E 360 -42.25 5.32 -25.49
N ARG E 361 -43.19 5.76 -26.30
CA ARG E 361 -44.39 6.45 -25.76
C ARG E 361 -45.20 5.48 -24.89
N GLU E 362 -45.37 4.25 -25.34
CA GLU E 362 -46.14 3.25 -24.54
C GLU E 362 -45.40 2.94 -23.24
N LEU E 363 -44.08 2.83 -23.29
CA LEU E 363 -43.30 2.57 -22.05
C LEU E 363 -43.48 3.74 -21.08
N ILE E 364 -43.38 4.97 -21.58
CA ILE E 364 -43.52 6.15 -20.70
C ILE E 364 -44.93 6.22 -20.13
N GLN E 365 -45.94 5.93 -20.94
CA GLN E 365 -47.33 6.00 -20.45
C GLN E 365 -47.60 4.94 -19.38
N LYS E 366 -47.08 3.73 -19.56
CA LYS E 366 -47.26 2.69 -18.53
C LYS E 366 -46.38 2.96 -17.31
N LEU E 367 -45.27 3.68 -17.51
CA LEU E 367 -44.34 3.96 -16.40
C LEU E 367 -44.89 5.09 -15.53
N LYS E 368 -45.62 6.03 -16.12
CA LYS E 368 -46.18 7.15 -15.34
C LYS E 368 -47.17 6.62 -14.28
N SER E 369 -47.75 5.45 -14.51
CA SER E 369 -48.67 4.80 -13.54
C SER E 369 -47.91 4.30 -12.31
N PHE E 370 -46.59 4.33 -12.32
CA PHE E 370 -45.78 3.84 -11.17
C PHE E 370 -45.00 4.97 -10.53
N ILE E 371 -45.41 6.21 -10.75
CA ILE E 371 -44.66 7.37 -10.20
C ILE E 371 -44.83 7.43 -8.68
N SER E 372 -45.86 6.79 -8.13
CA SER E 372 -46.10 6.77 -6.67
C SER E 372 -45.69 5.43 -6.06
N PHE E 373 -44.69 4.77 -6.62
CA PHE E 373 -44.32 3.41 -6.17
C PHE E 373 -43.73 3.46 -4.75
N TYR E 374 -42.81 4.37 -4.50
CA TYR E 374 -42.13 4.44 -3.19
C TYR E 374 -42.99 5.14 -2.14
N SER E 375 -44.01 5.87 -2.56
CA SER E 375 -44.90 6.58 -1.61
C SER E 375 -46.07 5.68 -1.18
N ALA E 376 -46.51 4.79 -2.05
CA ALA E 376 -47.64 3.88 -1.75
C ALA E 376 -47.13 2.51 -1.31
N LEU E 377 -45.84 2.37 -1.04
CA LEU E 377 -45.30 1.03 -0.70
C LEU E 377 -45.72 0.61 0.71
N PRO E 378 -45.62 1.46 1.76
CA PRO E 378 -46.12 1.03 3.07
C PRO E 378 -47.62 0.73 3.09
N GLY E 379 -48.39 1.51 2.34
CA GLY E 379 -49.83 1.22 2.18
C GLY E 379 -50.03 -0.16 1.55
N TYR E 380 -49.22 -0.48 0.55
CA TYR E 380 -49.30 -1.81 -0.09
C TYR E 380 -48.96 -2.90 0.94
N ILE E 381 -47.90 -2.70 1.70
CA ILE E 381 -47.45 -3.72 2.69
C ILE E 381 -48.55 -3.95 3.73
N CYS E 382 -49.21 -2.89 4.17
CA CYS E 382 -50.25 -3.05 5.21
C CYS E 382 -51.54 -3.62 4.61
N SER E 383 -51.86 -3.29 3.37
CA SER E 383 -53.14 -3.75 2.75
C SER E 383 -53.01 -5.19 2.23
N HIS E 384 -51.80 -5.64 1.91
CA HIS E 384 -51.56 -7.01 1.40
C HIS E 384 -51.09 -7.95 2.52
N SER E 385 -51.19 -7.54 3.78
CA SER E 385 -50.89 -8.39 4.95
C SER E 385 -52.14 -8.50 5.81
N PRO E 386 -52.32 -9.62 6.54
CA PRO E 386 -53.45 -9.75 7.45
C PRO E 386 -53.48 -8.64 8.49
N VAL E 387 -54.43 -7.72 8.33
CA VAL E 387 -54.58 -6.56 9.23
C VAL E 387 -56.05 -6.43 9.59
N ALA E 388 -56.29 -5.86 10.76
CA ALA E 388 -57.65 -5.53 11.21
C ALA E 388 -57.93 -4.08 10.85
N GLU E 389 -58.41 -3.84 9.63
CA GLU E 389 -58.71 -2.48 9.12
C GLU E 389 -59.80 -1.83 9.98
N ASN E 390 -60.58 -2.63 10.67
CA ASN E 390 -61.70 -2.20 11.50
C ASN E 390 -61.22 -1.58 12.82
N ASP E 391 -59.95 -1.80 13.18
CA ASP E 391 -59.33 -1.32 14.44
C ASP E 391 -60.11 -1.82 15.66
N THR E 392 -60.78 -2.95 15.52
CA THR E 392 -61.57 -3.57 16.60
C THR E 392 -61.09 -4.98 16.86
N LEU E 393 -60.79 -5.31 18.12
CA LEU E 393 -60.26 -6.64 18.51
C LEU E 393 -59.06 -7.01 17.63
N CYS E 394 -57.96 -6.32 17.88
CA CYS E 394 -56.76 -6.46 17.05
C CYS E 394 -55.54 -6.52 17.96
N TRP E 395 -54.42 -6.88 17.37
CA TRP E 395 -53.16 -7.06 18.12
C TRP E 395 -52.32 -5.80 17.96
N ASN E 396 -52.03 -5.15 19.07
CA ASN E 396 -51.26 -3.88 19.07
C ASN E 396 -49.77 -4.13 19.23
N GLY E 397 -49.34 -5.38 19.32
CA GLY E 397 -47.93 -5.72 19.52
C GLY E 397 -47.64 -6.41 20.84
N GLN E 398 -48.56 -6.39 21.80
CA GLN E 398 -48.26 -7.00 23.12
C GLN E 398 -49.52 -7.51 23.82
N GLU E 399 -50.69 -7.07 23.37
CA GLU E 399 -51.94 -7.55 23.97
C GLU E 399 -53.08 -7.38 22.98
N LEU E 400 -54.16 -8.10 23.23
CA LEU E 400 -55.39 -7.96 22.43
C LEU E 400 -56.21 -6.82 23.04
N VAL E 401 -56.46 -5.80 22.24
CA VAL E 401 -57.19 -4.59 22.69
C VAL E 401 -58.50 -4.48 21.93
N GLU E 402 -59.42 -3.74 22.51
CA GLU E 402 -60.72 -3.48 21.86
C GLU E 402 -60.60 -2.26 20.96
N ARG E 403 -59.71 -1.34 21.28
CA ARG E 403 -59.45 -0.21 20.36
C ARG E 403 -58.01 0.23 20.48
N TYR E 404 -57.36 0.40 19.35
CA TYR E 404 -55.94 0.81 19.33
C TYR E 404 -55.86 2.28 19.74
N SER E 405 -54.88 2.61 20.56
CA SER E 405 -54.75 3.97 21.15
C SER E 405 -53.75 4.85 20.40
N GLN E 406 -52.81 4.27 19.65
CA GLN E 406 -51.73 5.06 19.00
C GLN E 406 -50.98 5.89 20.04
N GLU E 428 -30.36 2.77 5.52
CA GLU E 428 -29.98 4.11 5.01
C GLU E 428 -28.81 4.07 4.03
N PRO E 429 -27.71 3.33 4.31
CA PRO E 429 -26.61 3.29 3.36
C PRO E 429 -27.03 2.84 1.94
N VAL E 430 -27.73 1.73 1.83
CA VAL E 430 -28.24 1.23 0.52
C VAL E 430 -29.25 2.23 -0.03
N VAL E 431 -30.05 2.83 0.83
CA VAL E 431 -31.02 3.85 0.39
C VAL E 431 -30.25 5.04 -0.18
N SER E 432 -29.16 5.41 0.47
CA SER E 432 -28.32 6.54 0.01
C SER E 432 -27.72 6.19 -1.35
N GLN E 433 -27.36 4.92 -1.55
CA GLN E 433 -26.78 4.48 -2.84
C GLN E 433 -27.82 4.67 -3.93
N ILE E 434 -29.04 4.23 -3.66
CA ILE E 434 -30.14 4.39 -4.64
C ILE E 434 -30.36 5.88 -4.93
N ILE E 435 -30.36 6.70 -3.90
CA ILE E 435 -30.55 8.17 -4.08
C ILE E 435 -29.44 8.74 -4.95
N ASP E 436 -28.21 8.36 -4.69
CA ASP E 436 -27.07 8.92 -5.45
C ASP E 436 -27.17 8.52 -6.93
N LYS E 437 -27.46 7.26 -7.20
CA LYS E 437 -27.57 6.81 -8.60
C LYS E 437 -28.74 7.51 -9.29
N LEU E 438 -29.85 7.68 -8.59
CA LEU E 438 -31.01 8.39 -9.18
C LEU E 438 -30.64 9.86 -9.45
N LYS E 439 -29.94 10.51 -8.54
CA LYS E 439 -29.51 11.91 -8.76
C LYS E 439 -28.66 11.98 -10.01
N HIS E 440 -27.71 11.06 -10.14
CA HIS E 440 -26.81 11.08 -11.31
C HIS E 440 -27.60 10.90 -12.61
N ILE E 441 -28.46 9.90 -12.66
CA ILE E 441 -29.19 9.63 -13.93
C ILE E 441 -30.14 10.79 -14.21
N ASN E 442 -30.66 11.43 -13.18
CA ASN E 442 -31.58 12.57 -13.38
C ASN E 442 -30.80 13.77 -13.93
N GLN E 443 -29.60 14.01 -13.43
CA GLN E 443 -28.78 15.12 -13.97
C GLN E 443 -28.41 14.84 -15.42
N LEU E 444 -28.09 13.61 -15.76
CA LEU E 444 -27.79 13.28 -17.17
C LEU E 444 -29.01 13.51 -18.04
N LEU E 445 -30.18 13.05 -17.61
CA LEU E 445 -31.40 13.21 -18.41
C LEU E 445 -31.76 14.69 -18.55
N ARG E 446 -31.53 15.48 -17.50
CA ARG E 446 -31.78 16.93 -17.56
C ARG E 446 -30.86 17.60 -18.58
N THR E 447 -29.56 17.36 -18.47
CA THR E 447 -28.59 18.02 -19.36
C THR E 447 -28.71 17.52 -20.81
N MET E 448 -29.32 16.37 -21.05
CA MET E 448 -29.47 15.93 -22.46
C MET E 448 -30.53 16.75 -23.18
N SER E 449 -31.75 16.75 -22.67
CA SER E 449 -32.86 17.49 -23.31
C SER E 449 -33.39 18.57 -22.37
N LEU F 34 -18.37 46.63 6.21
CA LEU F 34 -17.47 45.81 7.06
C LEU F 34 -18.08 44.43 7.32
N GLN F 35 -17.30 43.55 7.91
CA GLN F 35 -17.73 42.16 8.18
C GLN F 35 -17.58 41.77 9.66
N VAL F 36 -17.02 42.62 10.50
CA VAL F 36 -16.87 42.28 11.94
C VAL F 36 -17.52 43.38 12.77
N CYS F 37 -16.99 44.58 12.70
CA CYS F 37 -17.54 45.71 13.46
C CYS F 37 -18.90 46.07 12.86
N LEU F 38 -19.97 45.88 13.62
CA LEU F 38 -21.32 46.24 13.13
C LEU F 38 -21.40 47.75 12.97
N PRO F 39 -21.47 48.29 11.73
CA PRO F 39 -21.47 49.74 11.56
C PRO F 39 -22.84 50.35 11.89
N LYS F 40 -22.94 50.90 13.09
CA LYS F 40 -24.18 51.61 13.49
C LYS F 40 -24.32 52.91 12.71
N GLY F 41 -23.22 53.60 12.42
CA GLY F 41 -23.27 54.79 11.58
C GLY F 41 -21.97 54.99 10.84
N PRO F 42 -21.29 56.13 11.04
CA PRO F 42 -19.97 56.31 10.47
C PRO F 42 -18.95 55.37 11.14
N THR F 43 -17.81 55.25 10.49
CA THR F 43 -16.72 54.39 11.00
C THR F 43 -15.40 54.95 10.54
N CYS F 44 -14.38 54.79 11.38
CA CYS F 44 -13.02 55.29 11.10
C CYS F 44 -12.14 54.21 10.49
N CYS F 45 -12.63 52.97 10.39
CA CYS F 45 -11.80 51.85 9.89
C CYS F 45 -12.45 51.20 8.67
N SER F 46 -11.61 50.69 7.80
CA SER F 46 -12.02 49.97 6.57
C SER F 46 -11.96 48.45 6.84
N ARG F 47 -12.09 47.67 5.78
CA ARG F 47 -12.00 46.20 5.92
C ARG F 47 -10.57 45.78 6.28
N LYS F 48 -9.57 46.47 5.76
CA LYS F 48 -8.17 46.10 6.04
C LYS F 48 -7.82 46.39 7.51
N MET F 49 -8.21 47.56 8.00
CA MET F 49 -8.00 47.89 9.43
C MET F 49 -8.78 46.89 10.29
N GLU F 50 -9.88 46.36 9.77
CA GLU F 50 -10.68 45.38 10.53
C GLU F 50 -9.93 44.04 10.62
N GLU F 51 -9.37 43.59 9.52
CA GLU F 51 -8.51 42.38 9.54
C GLU F 51 -7.33 42.59 10.48
N LYS F 52 -6.76 43.78 10.49
CA LYS F 52 -5.65 44.10 11.42
C LYS F 52 -6.12 43.94 12.87
N TYR F 53 -7.28 44.49 13.18
CA TYR F 53 -7.85 44.36 14.54
C TYR F 53 -8.09 42.89 14.89
N GLN F 54 -8.51 42.11 13.91
CA GLN F 54 -8.73 40.65 14.14
C GLN F 54 -7.40 39.97 14.51
N LEU F 55 -6.35 40.28 13.76
CA LEU F 55 -5.04 39.64 14.03
C LEU F 55 -4.53 40.07 15.41
N THR F 56 -4.73 41.33 15.78
CA THR F 56 -4.29 41.79 17.11
C THR F 56 -5.11 41.13 18.20
N ALA F 57 -6.39 40.89 17.95
CA ALA F 57 -7.24 40.17 18.93
C ALA F 57 -6.72 38.74 19.13
N ARG F 58 -6.38 38.07 18.04
CA ARG F 58 -5.82 36.70 18.15
C ARG F 58 -4.54 36.73 19.01
N LEU F 59 -3.64 37.64 18.68
CA LEU F 59 -2.36 37.72 19.43
C LEU F 59 -2.58 38.07 20.90
N ASN F 60 -3.52 38.95 21.18
CA ASN F 60 -3.80 39.34 22.58
C ASN F 60 -4.36 38.15 23.36
N MET F 61 -5.26 37.39 22.73
CA MET F 61 -5.82 36.19 23.39
C MET F 61 -4.71 35.18 23.67
N GLU F 62 -3.80 35.01 22.73
CA GLU F 62 -2.68 34.05 22.92
C GLU F 62 -1.80 34.53 24.07
N GLN F 63 -1.52 35.83 24.13
CA GLN F 63 -0.69 36.39 25.23
C GLN F 63 -1.39 36.16 26.58
N LEU F 64 -2.69 36.36 26.63
CA LEU F 64 -3.42 36.17 27.91
C LEU F 64 -3.38 34.71 28.34
N LEU F 65 -3.60 33.79 27.41
CA LEU F 65 -3.53 32.35 27.76
C LEU F 65 -2.12 31.97 28.22
N GLN F 66 -1.10 32.49 27.54
CA GLN F 66 0.29 32.22 27.95
C GLN F 66 0.53 32.71 29.38
N SER F 67 0.10 33.93 29.67
CA SER F 67 0.31 34.50 31.02
C SER F 67 -0.46 33.68 32.06
N ALA F 68 -1.60 33.12 31.69
CA ALA F 68 -2.39 32.30 32.64
C ALA F 68 -1.69 30.97 32.92
N SER F 69 -1.10 30.36 31.90
CA SER F 69 -0.57 28.98 32.00
C SER F 69 0.91 28.94 32.36
N MET F 70 1.63 30.06 32.28
CA MET F 70 3.11 30.04 32.37
C MET F 70 3.55 29.50 33.73
N GLU F 71 2.92 29.96 34.81
CA GLU F 71 3.39 29.59 36.17
C GLU F 71 3.23 28.09 36.40
N LEU F 72 2.06 27.54 36.09
CA LEU F 72 1.82 26.09 36.24
C LEU F 72 2.76 25.30 35.33
N LYS F 73 2.94 25.77 34.09
CA LYS F 73 3.85 25.08 33.14
C LYS F 73 5.25 25.01 33.73
N PHE F 74 5.75 26.13 34.26
CA PHE F 74 7.10 26.16 34.83
C PHE F 74 7.19 25.27 36.06
N LEU F 75 6.16 25.25 36.88
CA LEU F 75 6.15 24.35 38.06
C LEU F 75 6.32 22.89 37.62
N ILE F 76 5.51 22.46 36.66
CA ILE F 76 5.56 21.04 36.27
C ILE F 76 6.87 20.74 35.55
N ILE F 77 7.40 21.68 34.78
CA ILE F 77 8.68 21.46 34.07
C ILE F 77 9.81 21.33 35.09
N GLN F 78 9.83 22.23 36.06
CA GLN F 78 10.81 22.18 37.18
C GLN F 78 10.76 20.82 37.86
N ASN F 79 9.57 20.41 38.29
CA ASN F 79 9.48 19.14 39.06
C ASN F 79 9.88 17.95 38.19
N ALA F 80 9.53 17.96 36.91
CA ALA F 80 9.91 16.85 36.01
C ALA F 80 11.44 16.75 35.96
N ALA F 81 12.10 17.88 35.71
CA ALA F 81 13.57 17.91 35.62
C ALA F 81 14.17 17.45 36.96
N VAL F 82 13.66 17.98 38.05
CA VAL F 82 14.20 17.68 39.40
C VAL F 82 14.07 16.18 39.69
N PHE F 83 12.89 15.61 39.48
CA PHE F 83 12.70 14.19 39.82
C PHE F 83 13.53 13.31 38.90
N GLN F 84 13.68 13.68 37.63
CA GLN F 84 14.54 12.88 36.74
C GLN F 84 15.97 12.88 37.27
N GLU F 85 16.48 14.05 37.63
CA GLU F 85 17.86 14.14 38.16
C GLU F 85 17.97 13.39 39.48
N ALA F 86 16.97 13.50 40.34
CA ALA F 86 16.99 12.82 41.66
C ALA F 86 17.01 11.30 41.47
N PHE F 87 16.21 10.81 40.54
CA PHE F 87 16.18 9.35 40.25
C PHE F 87 17.51 8.91 39.69
N GLU F 88 18.13 9.71 38.83
CA GLU F 88 19.45 9.35 38.29
C GLU F 88 20.47 9.32 39.43
N ILE F 89 20.35 10.24 40.37
CA ILE F 89 21.25 10.28 41.56
C ILE F 89 21.04 9.03 42.41
N VAL F 90 19.79 8.63 42.60
CA VAL F 90 19.48 7.42 43.39
C VAL F 90 20.08 6.20 42.69
N VAL F 91 19.97 6.14 41.38
CA VAL F 91 20.49 4.98 40.62
C VAL F 91 22.01 4.94 40.78
N ARG F 92 22.65 6.08 40.64
CA ARG F 92 24.13 6.12 40.78
C ARG F 92 24.55 5.75 42.20
N HIS F 93 23.85 6.27 43.20
CA HIS F 93 24.17 5.96 44.61
C HIS F 93 24.03 4.46 44.87
N ALA F 94 22.93 3.86 44.44
CA ALA F 94 22.72 2.40 44.63
C ALA F 94 23.82 1.63 43.88
N LYS F 95 24.16 2.12 42.70
CA LYS F 95 25.16 1.48 41.83
C LYS F 95 26.48 1.39 42.61
N ASN F 96 26.96 2.52 43.05
CA ASN F 96 28.29 2.60 43.70
C ASN F 96 28.23 2.16 45.17
N TYR F 97 27.05 2.03 45.75
CA TYR F 97 26.90 1.29 47.04
C TYR F 97 27.17 -0.20 46.82
N THR F 98 26.56 -0.78 45.79
CA THR F 98 26.79 -2.18 45.42
C THR F 98 28.24 -2.39 45.03
N ASN F 99 28.80 -1.45 44.31
CA ASN F 99 30.24 -1.51 43.96
C ASN F 99 31.09 -1.56 45.23
N ALA F 100 30.83 -0.69 46.19
CA ALA F 100 31.63 -0.66 47.44
C ALA F 100 31.45 -1.97 48.20
N MET F 101 30.24 -2.49 48.26
CA MET F 101 29.98 -3.74 49.02
C MET F 101 30.68 -4.94 48.35
N PHE F 102 30.66 -5.01 47.03
CA PHE F 102 31.42 -6.07 46.33
C PHE F 102 32.92 -5.90 46.58
N LYS F 103 33.43 -4.68 46.47
CA LYS F 103 34.87 -4.44 46.66
C LYS F 103 35.29 -4.81 48.09
N ASN F 104 34.42 -4.61 49.07
CA ASN F 104 34.79 -4.86 50.48
C ASN F 104 34.60 -6.33 50.86
N ASN F 105 33.55 -6.97 50.36
CA ASN F 105 33.17 -8.32 50.84
C ASN F 105 33.58 -9.44 49.87
N TYR F 106 33.65 -9.17 48.56
CA TYR F 106 34.02 -10.21 47.57
C TYR F 106 35.08 -9.69 46.63
N PRO F 107 36.30 -9.44 47.14
CA PRO F 107 37.36 -8.93 46.27
C PRO F 107 37.81 -9.89 45.16
N SER F 108 37.59 -11.19 45.35
CA SER F 108 37.91 -12.22 44.33
C SER F 108 36.99 -12.12 43.11
N LEU F 109 35.81 -11.52 43.25
CA LEU F 109 34.84 -11.41 42.14
C LEU F 109 35.04 -10.15 41.27
N THR F 110 35.93 -9.25 41.65
CA THR F 110 36.25 -8.02 40.89
C THR F 110 37.35 -8.31 39.88
N PRO F 111 37.45 -7.58 38.74
CA PRO F 111 36.57 -6.48 38.29
C PRO F 111 35.32 -6.83 37.47
N GLN F 112 35.01 -8.12 37.34
CA GLN F 112 33.82 -8.56 36.59
C GLN F 112 32.55 -7.99 37.24
N ALA F 113 32.53 -7.94 38.58
CA ALA F 113 31.39 -7.38 39.31
C ALA F 113 31.15 -5.93 38.88
N PHE F 114 32.19 -5.13 38.78
CA PHE F 114 32.04 -3.73 38.29
C PHE F 114 31.32 -3.73 36.94
N GLU F 115 31.72 -4.63 36.04
CA GLU F 115 31.15 -4.63 34.67
C GLU F 115 29.67 -4.98 34.70
N PHE F 116 29.29 -6.07 35.36
CA PHE F 116 27.87 -6.46 35.25
C PHE F 116 26.99 -5.59 36.14
N VAL F 117 27.53 -5.03 37.22
CA VAL F 117 26.77 -4.05 38.03
C VAL F 117 26.52 -2.79 37.19
N GLY F 118 27.54 -2.30 36.49
CA GLY F 118 27.36 -1.15 35.59
C GLY F 118 26.33 -1.45 34.52
N GLU F 119 26.39 -2.63 33.92
CA GLU F 119 25.40 -3.01 32.88
C GLU F 119 23.99 -3.00 33.46
N PHE F 120 23.81 -3.61 34.62
CA PHE F 120 22.49 -3.72 35.26
C PHE F 120 21.95 -2.32 35.56
N PHE F 121 22.76 -1.47 36.18
CA PHE F 121 22.26 -0.14 36.60
C PHE F 121 22.08 0.78 35.40
N THR F 122 22.88 0.60 34.35
CA THR F 122 22.65 1.34 33.08
C THR F 122 21.29 0.96 32.51
N ASP F 123 21.00 -0.34 32.45
CA ASP F 123 19.68 -0.80 31.96
C ASP F 123 18.57 -0.27 32.88
N VAL F 124 18.84 -0.17 34.17
CA VAL F 124 17.83 0.37 35.12
C VAL F 124 17.53 1.82 34.77
N SER F 125 18.57 2.63 34.60
CA SER F 125 18.39 4.05 34.23
C SER F 125 17.65 4.15 32.88
N LEU F 126 17.99 3.27 31.95
CA LEU F 126 17.31 3.28 30.62
C LEU F 126 15.83 2.97 30.78
N TYR F 127 15.48 1.97 31.58
CA TYR F 127 14.06 1.60 31.77
C TYR F 127 13.33 2.75 32.46
N ILE F 128 14.01 3.44 33.37
CA ILE F 128 13.43 4.61 34.07
C ILE F 128 13.07 5.69 33.04
N LEU F 129 13.87 5.84 32.00
CA LEU F 129 13.68 6.91 31.00
C LEU F 129 12.83 6.45 29.83
N GLY F 130 11.93 5.48 30.07
CA GLY F 130 10.88 5.11 29.11
C GLY F 130 11.31 4.10 28.07
N SER F 131 12.55 3.63 28.07
CA SER F 131 12.98 2.65 27.07
C SER F 131 12.27 1.31 27.28
N ASP F 132 12.25 0.51 26.22
CA ASP F 132 11.61 -0.83 26.21
C ASP F 132 12.59 -1.84 26.83
N ILE F 133 12.57 -1.97 28.14
CA ILE F 133 13.49 -2.88 28.88
C ILE F 133 12.66 -3.85 29.73
N ASN F 134 13.05 -5.11 29.73
CA ASN F 134 12.37 -6.17 30.51
C ASN F 134 13.14 -6.39 31.81
N VAL F 135 12.45 -6.21 32.93
CA VAL F 135 13.08 -6.29 34.27
C VAL F 135 13.55 -7.71 34.56
N ASP F 136 12.70 -8.69 34.30
CA ASP F 136 13.07 -10.12 34.49
C ASP F 136 14.31 -10.47 33.68
N ASP F 137 14.41 -9.98 32.45
CA ASP F 137 15.61 -10.24 31.63
C ASP F 137 16.82 -9.54 32.24
N MET F 138 16.64 -8.36 32.81
CA MET F 138 17.75 -7.67 33.50
C MET F 138 18.29 -8.55 34.64
N VAL F 139 17.41 -8.99 35.53
CA VAL F 139 17.82 -9.81 36.69
C VAL F 139 18.45 -11.11 36.21
N ASN F 140 17.88 -11.71 35.18
CA ASN F 140 18.39 -13.01 34.67
C ASN F 140 19.80 -12.84 34.13
N GLU F 141 20.03 -11.79 33.34
CA GLU F 141 21.39 -11.52 32.82
C GLU F 141 22.34 -11.23 33.98
N LEU F 142 21.88 -10.49 34.98
CA LEU F 142 22.72 -10.19 36.17
C LEU F 142 23.19 -11.49 36.83
N PHE F 143 22.28 -12.41 37.10
CA PHE F 143 22.66 -13.63 37.84
C PHE F 143 23.44 -14.60 36.94
N ASP F 144 23.14 -14.60 35.64
CA ASP F 144 23.90 -15.43 34.68
C ASP F 144 25.33 -14.93 34.57
N SER F 145 25.56 -13.63 34.75
CA SER F 145 26.93 -13.10 34.76
C SER F 145 27.58 -13.32 36.13
N LEU F 146 26.79 -13.32 37.21
CA LEU F 146 27.37 -13.44 38.57
C LEU F 146 27.82 -14.86 38.87
N PHE F 147 27.11 -15.88 38.41
CA PHE F 147 27.37 -17.26 38.90
C PHE F 147 28.72 -17.82 38.44
N PRO F 148 29.12 -17.68 37.16
CA PRO F 148 30.39 -18.28 36.72
C PRO F 148 31.62 -17.76 37.46
N VAL F 149 31.68 -16.46 37.73
CA VAL F 149 32.84 -15.90 38.45
C VAL F 149 32.84 -16.42 39.89
N ILE F 150 31.66 -16.61 40.48
CA ILE F 150 31.58 -17.22 41.83
C ILE F 150 32.13 -18.65 41.77
N TYR F 151 31.78 -19.40 40.75
CA TYR F 151 32.23 -20.80 40.65
C TYR F 151 33.74 -20.87 40.44
N THR F 152 34.29 -19.95 39.66
CA THR F 152 35.72 -20.02 39.27
C THR F 152 36.64 -19.33 40.28
N GLN F 153 36.13 -18.42 41.10
CA GLN F 153 36.99 -17.60 41.99
C GLN F 153 36.67 -17.81 43.47
N LEU F 154 35.53 -18.41 43.81
CA LEU F 154 35.15 -18.59 45.23
C LEU F 154 35.03 -20.08 45.61
N MET F 155 34.52 -20.92 44.71
CA MET F 155 34.31 -22.35 45.03
C MET F 155 35.46 -23.22 44.49
N ASN F 156 35.82 -23.07 43.23
CA ASN F 156 36.88 -23.88 42.59
C ASN F 156 37.97 -22.95 42.08
N PRO F 157 38.87 -22.48 42.96
CA PRO F 157 39.99 -21.65 42.52
C PRO F 157 41.02 -22.43 41.67
N GLY F 158 40.80 -22.45 40.36
CA GLY F 158 41.73 -23.15 39.45
C GLY F 158 41.03 -23.79 38.27
N LEU F 164 36.95 -21.56 31.80
CA LEU F 164 36.79 -20.29 31.04
C LEU F 164 36.01 -20.53 29.75
N ASP F 165 36.35 -21.58 29.01
CA ASP F 165 35.67 -21.86 27.72
C ASP F 165 34.39 -22.67 27.94
N ILE F 166 34.27 -23.29 29.11
CA ILE F 166 33.06 -24.03 29.55
C ILE F 166 32.15 -23.04 30.29
N ASN F 167 32.40 -21.75 30.12
CA ASN F 167 31.72 -20.70 30.89
C ASN F 167 30.21 -20.72 30.62
N GLU F 168 29.82 -20.94 29.38
CA GLU F 168 28.40 -20.93 29.00
C GLU F 168 27.70 -22.09 29.71
N CYS F 169 28.37 -23.20 29.88
CA CYS F 169 27.78 -24.34 30.62
C CYS F 169 27.42 -23.88 32.04
N LEU F 170 28.29 -23.12 32.66
CA LEU F 170 27.99 -22.62 34.01
C LEU F 170 26.81 -21.66 33.96
N ARG F 171 26.75 -20.84 32.91
CA ARG F 171 25.60 -19.92 32.75
C ARG F 171 24.32 -20.74 32.67
N GLY F 172 24.37 -21.87 31.96
CA GLY F 172 23.20 -22.73 31.86
C GLY F 172 22.91 -23.34 33.21
N ALA F 173 23.97 -23.77 33.90
CA ALA F 173 23.80 -24.40 35.21
C ALA F 173 23.24 -23.39 36.21
N ARG F 174 23.47 -22.10 35.97
CA ARG F 174 22.85 -21.08 36.85
C ARG F 174 21.33 -21.27 36.87
N ARG F 175 20.73 -21.42 35.70
CA ARG F 175 19.26 -21.51 35.58
C ARG F 175 18.76 -22.93 35.79
N ASP F 176 19.48 -23.94 35.31
CA ASP F 176 19.00 -25.34 35.40
C ASP F 176 19.01 -25.88 36.84
N LEU F 177 19.95 -25.44 37.68
CA LEU F 177 19.99 -25.94 39.08
C LEU F 177 19.37 -24.96 40.08
N LYS F 178 18.96 -23.77 39.63
CA LYS F 178 18.28 -22.79 40.53
C LYS F 178 19.17 -22.53 41.74
N VAL F 179 20.42 -22.21 41.47
CA VAL F 179 21.47 -22.15 42.52
C VAL F 179 21.20 -20.97 43.46
N PHE F 180 20.57 -19.93 42.96
CA PHE F 180 20.29 -18.71 43.77
C PHE F 180 18.96 -18.81 44.49
N GLY F 181 18.30 -19.96 44.45
CA GLY F 181 17.00 -20.12 45.11
C GLY F 181 15.96 -19.16 44.58
N ASN F 182 15.29 -18.46 45.48
CA ASN F 182 14.19 -17.54 45.09
C ASN F 182 14.63 -16.09 45.17
N PHE F 183 15.91 -15.82 45.39
CA PHE F 183 16.43 -14.44 45.30
C PHE F 183 16.13 -13.78 43.95
N PRO F 184 16.34 -14.42 42.77
CA PRO F 184 16.05 -13.74 41.51
C PRO F 184 14.60 -13.28 41.33
N LYS F 185 13.63 -14.13 41.67
CA LYS F 185 12.21 -13.72 41.51
C LYS F 185 11.87 -12.62 42.51
N LEU F 186 12.37 -12.71 43.73
CA LEU F 186 12.16 -11.66 44.75
C LEU F 186 12.69 -10.33 44.22
N ILE F 187 13.91 -10.31 43.74
CA ILE F 187 14.50 -9.07 43.17
C ILE F 187 13.67 -8.60 41.97
N MET F 188 13.25 -9.53 41.13
CA MET F 188 12.46 -9.17 39.91
C MET F 188 11.22 -8.39 40.31
N THR F 189 10.42 -8.94 41.22
CA THR F 189 9.18 -8.27 41.64
C THR F 189 9.50 -6.95 42.34
N GLN F 190 10.42 -6.98 43.29
CA GLN F 190 10.76 -5.78 44.09
C GLN F 190 11.14 -4.62 43.16
N VAL F 191 12.03 -4.85 42.21
CA VAL F 191 12.47 -3.72 41.37
C VAL F 191 11.44 -3.41 40.29
N SER F 192 10.70 -4.40 39.80
CA SER F 192 9.75 -4.15 38.69
C SER F 192 8.65 -3.21 39.17
N LYS F 193 8.12 -3.48 40.35
CA LYS F 193 7.03 -2.65 40.92
C LYS F 193 7.48 -1.20 40.99
N SER F 194 8.61 -0.94 41.65
CA SER F 194 9.09 0.43 41.91
C SER F 194 9.48 1.13 40.60
N LEU F 195 10.20 0.44 39.73
CA LEU F 195 10.62 1.08 38.47
C LEU F 195 9.40 1.40 37.60
N GLN F 196 8.39 0.55 37.62
CA GLN F 196 7.18 0.81 36.80
C GLN F 196 6.42 2.02 37.35
N VAL F 197 6.26 2.11 38.67
CA VAL F 197 5.53 3.27 39.24
C VAL F 197 6.34 4.54 38.98
N THR F 198 7.65 4.48 39.07
CA THR F 198 8.49 5.67 38.81
C THR F 198 8.36 6.11 37.35
N ARG F 199 8.44 5.16 36.43
CA ARG F 199 8.30 5.45 34.99
C ARG F 199 6.94 6.09 34.71
N ILE F 200 5.89 5.57 35.33
CA ILE F 200 4.53 6.10 35.09
C ILE F 200 4.43 7.51 35.68
N PHE F 201 5.12 7.75 36.80
CA PHE F 201 5.16 9.09 37.42
C PHE F 201 5.78 10.10 36.45
N LEU F 202 6.93 9.75 35.89
CA LEU F 202 7.59 10.66 34.91
C LEU F 202 6.71 10.87 33.68
N GLN F 203 6.08 9.82 33.19
CA GLN F 203 5.21 9.93 32.00
C GLN F 203 4.03 10.87 32.30
N ALA F 204 3.46 10.77 33.49
CA ALA F 204 2.32 11.61 33.89
C ALA F 204 2.76 13.07 33.95
N LEU F 205 3.93 13.31 34.52
CA LEU F 205 4.46 14.69 34.59
C LEU F 205 4.62 15.26 33.16
N ASN F 206 5.22 14.48 32.28
CA ASN F 206 5.47 14.97 30.90
C ASN F 206 4.15 15.24 30.18
N LEU F 207 3.14 14.40 30.40
CA LEU F 207 1.85 14.60 29.70
C LEU F 207 1.14 15.84 30.26
N GLY F 208 1.27 16.08 31.55
CA GLY F 208 0.77 17.35 32.12
C GLY F 208 1.43 18.55 31.47
N ILE F 209 2.75 18.49 31.33
CA ILE F 209 3.49 19.56 30.61
C ILE F 209 2.89 19.74 29.22
N GLU F 210 2.64 18.64 28.52
CA GLU F 210 2.18 18.71 27.11
C GLU F 210 0.80 19.39 27.04
N VAL F 211 -0.11 19.01 27.91
CA VAL F 211 -1.49 19.56 27.83
C VAL F 211 -1.48 21.03 28.24
N ILE F 212 -0.72 21.38 29.27
CA ILE F 212 -0.68 22.80 29.71
C ILE F 212 -0.02 23.66 28.64
N ASN F 213 0.93 23.11 27.91
CA ASN F 213 1.56 23.89 26.81
C ASN F 213 0.60 24.01 25.62
N THR F 214 -0.21 22.99 25.37
CA THR F 214 -1.20 23.08 24.28
C THR F 214 -2.29 24.10 24.62
N THR F 215 -2.57 24.31 25.90
CA THR F 215 -3.63 25.26 26.32
C THR F 215 -3.44 26.63 25.64
N ASP F 216 -2.29 27.25 25.79
CA ASP F 216 -2.10 28.63 25.28
C ASP F 216 -1.98 28.70 23.76
N HIS F 217 -1.95 27.57 23.05
CA HIS F 217 -1.87 27.57 21.57
C HIS F 217 -3.20 27.22 20.93
N LEU F 218 -4.27 27.15 21.72
CA LEU F 218 -5.59 26.77 21.22
C LEU F 218 -6.11 27.83 20.25
N LYS F 219 -6.41 27.43 19.02
CA LYS F 219 -7.05 28.34 18.04
C LYS F 219 -8.55 28.18 18.14
N PHE F 220 -9.25 29.29 18.07
CA PHE F 220 -10.72 29.31 18.25
C PHE F 220 -11.39 29.53 16.90
N SER F 221 -12.72 29.53 16.91
CA SER F 221 -13.52 29.65 15.68
C SER F 221 -13.41 31.06 15.11
N LYS F 222 -13.91 31.24 13.89
CA LYS F 222 -13.95 32.57 13.25
C LYS F 222 -14.95 33.47 13.99
N ASP F 223 -16.09 32.94 14.36
CA ASP F 223 -17.10 33.76 15.07
C ASP F 223 -16.55 34.20 16.44
N CYS F 224 -15.85 33.32 17.14
CA CYS F 224 -15.23 33.69 18.43
C CYS F 224 -14.20 34.79 18.22
N GLY F 225 -13.42 34.70 17.15
CA GLY F 225 -12.42 35.74 16.84
C GLY F 225 -13.08 37.07 16.52
N ARG F 226 -14.16 37.04 15.75
CA ARG F 226 -14.89 38.28 15.42
C ARG F 226 -15.49 38.88 16.69
N MET F 227 -15.97 38.03 17.60
CA MET F 227 -16.55 38.54 18.86
C MET F 227 -15.45 39.15 19.73
N LEU F 228 -14.27 38.53 19.77
CA LEU F 228 -13.13 39.11 20.53
C LEU F 228 -12.74 40.45 19.91
N THR F 229 -12.72 40.53 18.59
CA THR F 229 -12.38 41.81 17.89
C THR F 229 -13.41 42.87 18.22
N ARG F 230 -14.68 42.50 18.22
CA ARG F 230 -15.75 43.46 18.57
C ARG F 230 -15.62 43.91 20.01
N MET F 231 -15.23 43.00 20.90
CA MET F 231 -15.16 43.33 22.35
C MET F 231 -13.95 44.22 22.64
N TRP F 232 -12.84 43.98 21.97
CA TRP F 232 -11.57 44.65 22.33
C TRP F 232 -11.27 45.89 21.50
N TYR F 233 -11.61 45.90 20.21
CA TYR F 233 -11.09 46.96 19.30
C TYR F 233 -12.15 47.67 18.45
N CYS F 234 -13.34 47.12 18.27
CA CYS F 234 -14.29 47.78 17.36
C CYS F 234 -14.77 49.12 17.94
N SER F 235 -14.55 49.35 19.22
CA SER F 235 -14.87 50.66 19.83
C SER F 235 -13.97 51.74 19.24
N TYR F 236 -12.75 51.38 18.89
CA TYR F 236 -11.82 52.35 18.25
C TYR F 236 -12.31 52.75 16.87
N CYS F 237 -12.96 51.86 16.14
CA CYS F 237 -13.50 52.17 14.79
C CYS F 237 -14.58 53.26 14.89
N GLN F 238 -15.22 53.37 16.05
CA GLN F 238 -16.28 54.37 16.26
C GLN F 238 -15.72 55.68 16.82
N GLY F 239 -14.43 55.74 17.11
CA GLY F 239 -13.78 56.99 17.57
C GLY F 239 -13.70 57.10 19.08
N LEU F 240 -13.85 56.00 19.81
CA LEU F 240 -13.74 56.02 21.30
C LEU F 240 -12.29 55.78 21.70
N MET F 241 -11.87 56.39 22.78
CA MET F 241 -10.44 56.37 23.19
C MET F 241 -10.22 55.45 24.40
N MET F 242 -11.04 55.54 25.44
CA MET F 242 -10.77 54.79 26.69
C MET F 242 -11.97 53.92 27.09
N VAL F 243 -12.90 53.68 26.19
CA VAL F 243 -14.08 52.85 26.51
C VAL F 243 -13.65 51.39 26.61
N LYS F 244 -14.02 50.75 27.72
CA LYS F 244 -13.72 49.32 27.98
C LYS F 244 -14.99 48.50 27.81
N PRO F 245 -14.85 47.23 27.39
CA PRO F 245 -16.01 46.35 27.25
C PRO F 245 -16.67 45.97 28.59
N CYS F 246 -17.96 45.72 28.51
CA CYS F 246 -18.77 45.34 29.69
C CYS F 246 -18.33 43.98 30.25
N GLY F 247 -18.37 43.85 31.57
CA GLY F 247 -18.01 42.59 32.24
C GLY F 247 -18.92 41.44 31.84
N GLY F 248 -20.23 41.68 31.80
CA GLY F 248 -21.17 40.63 31.38
C GLY F 248 -20.99 40.27 29.92
N TYR F 249 -20.69 41.24 29.07
CA TYR F 249 -20.40 40.96 27.64
C TYR F 249 -19.15 40.09 27.54
N CYS F 250 -18.13 40.39 28.33
CA CYS F 250 -16.92 39.53 28.36
C CYS F 250 -17.29 38.13 28.84
N ASN F 251 -18.17 38.03 29.83
CA ASN F 251 -18.57 36.70 30.36
C ASN F 251 -19.26 35.88 29.26
N VAL F 252 -20.21 36.48 28.55
CA VAL F 252 -20.94 35.72 27.51
C VAL F 252 -20.01 35.39 26.34
N VAL F 253 -19.16 36.32 25.95
CA VAL F 253 -18.21 36.07 24.84
C VAL F 253 -17.28 34.91 25.24
N MET F 254 -16.77 34.91 26.46
CA MET F 254 -15.79 33.88 26.88
C MET F 254 -16.49 32.53 27.06
N GLN F 255 -17.70 32.51 27.58
CA GLN F 255 -18.46 31.25 27.68
C GLN F 255 -18.75 30.71 26.28
N GLY F 256 -18.98 31.58 25.30
CA GLY F 256 -19.16 31.13 23.92
C GLY F 256 -17.86 30.61 23.33
N CYS F 257 -16.75 31.26 23.65
CA CYS F 257 -15.43 30.86 23.12
C CYS F 257 -14.90 29.62 23.83
N MET F 258 -14.81 29.66 25.15
CA MET F 258 -14.20 28.57 25.95
C MET F 258 -15.19 27.43 26.19
N ALA F 259 -16.09 27.19 25.24
CA ALA F 259 -17.15 26.17 25.44
C ALA F 259 -16.51 24.80 25.69
N GLY F 260 -15.68 24.36 24.76
CA GLY F 260 -14.99 23.06 24.85
C GLY F 260 -13.89 23.06 25.89
N VAL F 261 -13.28 24.21 26.14
CA VAL F 261 -12.09 24.26 27.02
C VAL F 261 -12.50 24.01 28.47
N VAL F 262 -13.68 24.46 28.86
CA VAL F 262 -14.12 24.26 30.26
C VAL F 262 -14.38 22.77 30.52
N GLU F 263 -14.77 22.03 29.49
CA GLU F 263 -15.04 20.59 29.66
C GLU F 263 -13.78 19.81 30.03
N ILE F 264 -12.62 20.40 29.85
CA ILE F 264 -11.34 19.74 30.25
C ILE F 264 -11.15 19.81 31.77
N ASP F 265 -11.96 20.57 32.47
CA ASP F 265 -11.75 20.79 33.91
C ASP F 265 -11.92 19.50 34.71
N LYS F 266 -12.97 18.74 34.42
CA LYS F 266 -13.22 17.47 35.14
C LYS F 266 -12.04 16.51 34.96
N TYR F 267 -11.55 16.39 33.73
CA TYR F 267 -10.45 15.46 33.43
C TYR F 267 -9.17 15.94 34.08
N TRP F 268 -8.96 17.25 34.11
CA TRP F 268 -7.75 17.79 34.78
C TRP F 268 -7.82 17.55 36.29
N ARG F 269 -8.99 17.72 36.88
CA ARG F 269 -9.16 17.46 38.32
C ARG F 269 -8.91 15.97 38.61
N GLU F 270 -9.44 15.08 37.77
CA GLU F 270 -9.23 13.64 37.98
C GLU F 270 -7.76 13.29 37.80
N TYR F 271 -7.07 13.96 36.89
CA TYR F 271 -5.62 13.73 36.70
C TYR F 271 -4.87 14.11 37.97
N ILE F 272 -5.17 15.28 38.51
CA ILE F 272 -4.51 15.75 39.76
C ILE F 272 -4.82 14.76 40.90
N LEU F 273 -6.06 14.34 41.03
CA LEU F 273 -6.45 13.44 42.15
C LEU F 273 -5.79 12.08 41.99
N SER F 274 -5.69 11.56 40.78
CA SER F 274 -5.05 10.25 40.55
C SER F 274 -3.56 10.35 40.85
N LEU F 275 -2.94 11.47 40.49
CA LEU F 275 -1.51 11.66 40.82
C LEU F 275 -1.32 11.71 42.35
N GLU F 276 -2.22 12.39 43.05
CA GLU F 276 -2.14 12.45 44.53
C GLU F 276 -2.35 11.05 45.12
N GLU F 277 -3.23 10.27 44.54
CA GLU F 277 -3.45 8.87 44.99
C GLU F 277 -2.16 8.07 44.78
N LEU F 278 -1.51 8.25 43.64
CA LEU F 278 -0.27 7.51 43.32
C LEU F 278 0.88 7.88 44.24
N VAL F 279 0.98 9.13 44.67
CA VAL F 279 2.14 9.49 45.54
C VAL F 279 1.95 8.87 46.93
N ASN F 280 0.76 8.98 47.50
CA ASN F 280 0.50 8.42 48.84
C ASN F 280 0.56 6.88 48.86
N ASP F 287 8.67 2.34 47.30
CA ASP F 287 9.46 3.43 46.71
C ASP F 287 10.68 2.88 45.96
N MET F 288 11.06 3.57 44.89
CA MET F 288 12.18 3.16 44.03
C MET F 288 13.52 3.25 44.76
N GLU F 289 13.66 4.17 45.71
CA GLU F 289 14.98 4.35 46.38
C GLU F 289 15.27 3.18 47.35
N ASN F 290 14.29 2.78 48.14
CA ASN F 290 14.51 1.73 49.16
C ASN F 290 14.87 0.40 48.51
N VAL F 291 14.21 0.05 47.43
CA VAL F 291 14.47 -1.23 46.73
C VAL F 291 15.90 -1.22 46.19
N LEU F 292 16.26 -0.18 45.47
CA LEU F 292 17.61 -0.09 44.86
C LEU F 292 18.68 -0.02 45.95
N LEU F 293 18.35 0.48 47.13
CA LEU F 293 19.35 0.48 48.22
C LEU F 293 19.49 -0.90 48.86
N GLY F 294 18.39 -1.62 49.08
CA GLY F 294 18.46 -2.96 49.67
C GLY F 294 18.94 -4.02 48.69
N LEU F 295 19.06 -3.67 47.41
CA LEU F 295 19.57 -4.60 46.39
C LEU F 295 20.91 -5.23 46.80
N PHE F 296 21.83 -4.46 47.36
CA PHE F 296 23.16 -5.03 47.68
C PHE F 296 23.03 -6.04 48.82
N SER F 297 22.20 -5.75 49.81
CA SER F 297 21.98 -6.69 50.93
C SER F 297 21.41 -8.00 50.38
N THR F 298 20.45 -7.89 49.47
CA THR F 298 19.84 -9.09 48.88
C THR F 298 20.87 -9.88 48.08
N ILE F 299 21.71 -9.19 47.31
CA ILE F 299 22.73 -9.89 46.49
C ILE F 299 23.74 -10.59 47.40
N HIS F 300 24.16 -9.95 48.49
CA HIS F 300 25.12 -10.57 49.42
C HIS F 300 24.51 -11.82 50.08
N ASP F 301 23.26 -11.72 50.52
CA ASP F 301 22.57 -12.89 51.11
C ASP F 301 22.41 -14.00 50.08
N SER F 302 22.18 -13.65 48.82
CA SER F 302 22.07 -14.68 47.75
C SER F 302 23.41 -15.38 47.56
N ILE F 303 24.51 -14.62 47.60
CA ILE F 303 25.84 -15.24 47.46
C ILE F 303 26.09 -16.19 48.64
N GLN F 304 25.72 -15.80 49.85
CA GLN F 304 25.89 -16.69 51.03
C GLN F 304 25.03 -17.95 50.87
N TYR F 305 23.81 -17.78 50.38
CA TYR F 305 22.91 -18.92 50.14
C TYR F 305 23.54 -19.89 49.13
N VAL F 306 24.18 -19.33 48.11
CA VAL F 306 24.86 -20.16 47.09
C VAL F 306 26.04 -20.89 47.73
N GLN F 307 26.83 -20.20 48.54
CA GLN F 307 28.03 -20.81 49.16
C GLN F 307 27.64 -21.92 50.15
N LYS F 308 26.43 -21.86 50.71
CA LYS F 308 26.06 -22.89 51.72
C LYS F 308 25.91 -24.28 51.08
N ASN F 309 25.84 -24.40 49.76
CA ASN F 309 25.72 -25.72 49.09
C ASN F 309 26.86 -26.00 48.13
N ALA F 310 28.02 -25.38 48.32
CA ALA F 310 29.17 -25.56 47.41
C ALA F 310 29.57 -27.04 47.34
N GLY F 311 29.48 -27.76 48.45
CA GLY F 311 29.89 -29.17 48.52
C GLY F 311 29.29 -29.98 47.40
N LYS F 312 27.98 -29.87 47.23
CA LYS F 312 27.29 -30.63 46.15
C LYS F 312 27.28 -29.85 44.84
N LEU F 313 27.35 -28.52 44.88
CA LEU F 313 27.30 -27.75 43.62
C LEU F 313 28.55 -28.01 42.78
N THR F 314 29.71 -28.01 43.40
CA THR F 314 30.96 -28.25 42.63
C THR F 314 30.96 -29.66 42.04
N THR F 315 30.45 -30.63 42.78
CA THR F 315 30.44 -32.03 42.30
C THR F 315 29.46 -32.18 41.13
N THR F 316 28.25 -31.67 41.29
CA THR F 316 27.22 -31.79 40.23
C THR F 316 27.63 -30.97 39.00
N ILE F 317 28.36 -29.89 39.18
CA ILE F 317 28.79 -29.07 38.01
C ILE F 317 29.96 -29.73 37.29
N GLY F 318 30.94 -30.24 38.04
CA GLY F 318 32.03 -31.01 37.40
C GLY F 318 31.50 -32.22 36.64
N LYS F 319 30.49 -32.89 37.17
CA LYS F 319 29.85 -33.98 36.41
C LYS F 319 29.10 -33.44 35.19
N LEU F 320 28.34 -32.37 35.36
CA LEU F 320 27.51 -31.83 34.24
C LEU F 320 28.41 -31.12 33.23
N CYS F 321 29.36 -30.33 33.68
CA CYS F 321 30.22 -29.57 32.76
C CYS F 321 31.66 -30.10 32.86
N THR F 355 14.48 13.24 51.28
CA THR F 355 13.81 14.53 50.93
C THR F 355 13.05 14.36 49.61
N LEU F 356 13.18 13.20 48.99
CA LEU F 356 12.45 12.88 47.75
C LEU F 356 10.95 12.85 47.99
N SER F 357 10.54 12.14 49.03
CA SER F 357 9.11 12.11 49.44
C SER F 357 8.65 13.52 49.80
N SER F 358 9.50 14.31 50.44
CA SER F 358 9.15 15.72 50.73
C SER F 358 8.95 16.50 49.42
N ARG F 359 9.75 16.22 48.39
CA ARG F 359 9.57 16.93 47.10
C ARG F 359 8.27 16.54 46.42
N ARG F 360 7.95 15.25 46.36
CA ARG F 360 6.63 14.85 45.81
C ARG F 360 5.49 15.48 46.62
N ARG F 361 5.59 15.47 47.93
CA ARG F 361 4.50 16.04 48.77
C ARG F 361 4.35 17.54 48.50
N GLU F 362 5.45 18.26 48.42
CA GLU F 362 5.37 19.73 48.15
C GLU F 362 4.82 19.98 46.74
N LEU F 363 5.23 19.17 45.78
CA LEU F 363 4.70 19.32 44.39
C LEU F 363 3.19 19.08 44.40
N ILE F 364 2.75 18.04 45.09
CA ILE F 364 1.30 17.73 45.13
C ILE F 364 0.55 18.86 45.83
N GLN F 365 1.11 19.40 46.92
CA GLN F 365 0.41 20.48 47.65
C GLN F 365 0.31 21.74 46.78
N LYS F 366 1.36 22.07 46.04
CA LYS F 366 1.28 23.26 45.15
C LYS F 366 0.42 22.97 43.92
N LEU F 367 0.31 21.71 43.53
CA LEU F 367 -0.48 21.34 42.33
C LEU F 367 -1.97 21.34 42.66
N LYS F 368 -2.33 20.98 43.88
CA LYS F 368 -3.75 20.96 44.27
C LYS F 368 -4.35 22.36 44.18
N SER F 369 -3.51 23.39 44.27
CA SER F 369 -3.95 24.80 44.12
C SER F 369 -4.31 25.12 42.68
N PHE F 370 -4.06 24.22 41.74
CA PHE F 370 -4.36 24.45 40.31
C PHE F 370 -5.43 23.50 39.82
N ILE F 371 -6.20 22.92 40.72
CA ILE F 371 -7.23 21.95 40.32
C ILE F 371 -8.36 22.68 39.60
N SER F 372 -8.48 23.99 39.79
CA SER F 372 -9.52 24.80 39.13
C SER F 372 -8.94 25.62 37.97
N PHE F 373 -7.92 25.10 37.30
CA PHE F 373 -7.24 25.87 36.24
C PHE F 373 -8.16 26.10 35.04
N TYR F 374 -8.81 25.04 34.58
CA TYR F 374 -9.68 25.11 33.38
C TYR F 374 -11.04 25.70 33.71
N SER F 375 -11.41 25.77 34.98
CA SER F 375 -12.71 26.34 35.39
C SER F 375 -12.61 27.84 35.62
N ALA F 376 -11.44 28.32 36.05
CA ALA F 376 -11.23 29.76 36.33
C ALA F 376 -10.55 30.44 35.14
N LEU F 377 -10.44 29.77 33.99
CA LEU F 377 -9.69 30.37 32.86
C LEU F 377 -10.49 31.48 32.22
N PRO F 378 -11.80 31.34 31.90
CA PRO F 378 -12.53 32.49 31.37
C PRO F 378 -12.58 33.67 32.34
N GLY F 379 -12.72 33.38 33.64
CA GLY F 379 -12.65 34.42 34.68
C GLY F 379 -11.30 35.13 34.65
N TYR F 380 -10.22 34.37 34.48
CA TYR F 380 -8.88 34.98 34.38
C TYR F 380 -8.81 35.89 33.15
N ILE F 381 -9.29 35.41 32.02
CA ILE F 381 -9.21 36.19 30.75
C ILE F 381 -9.99 37.49 30.90
N CYS F 382 -11.15 37.43 31.53
CA CYS F 382 -11.98 38.66 31.66
C CYS F 382 -11.41 39.60 32.74
N SER F 383 -10.82 39.06 33.80
CA SER F 383 -10.31 39.89 34.93
C SER F 383 -8.94 40.50 34.62
N HIS F 384 -8.17 39.88 33.73
CA HIS F 384 -6.83 40.41 33.36
C HIS F 384 -6.87 41.21 32.06
N SER F 385 -8.03 41.57 31.57
CA SER F 385 -8.18 42.47 30.39
C SER F 385 -8.96 43.70 30.80
N PRO F 386 -8.71 44.86 30.15
CA PRO F 386 -9.48 46.07 30.46
C PRO F 386 -10.98 45.87 30.24
N VAL F 387 -11.71 45.79 31.35
CA VAL F 387 -13.17 45.58 31.32
C VAL F 387 -13.82 46.57 32.28
N ALA F 388 -15.07 46.90 31.99
CA ALA F 388 -15.90 47.75 32.87
C ALA F 388 -16.75 46.83 33.74
N GLU F 389 -16.20 46.41 34.87
CA GLU F 389 -16.89 45.46 35.78
C GLU F 389 -18.19 46.09 36.33
N ASN F 390 -18.29 47.41 36.31
CA ASN F 390 -19.47 48.11 36.87
C ASN F 390 -20.64 48.03 35.89
N ASP F 391 -20.41 47.62 34.65
CA ASP F 391 -21.46 47.54 33.59
C ASP F 391 -22.08 48.92 33.34
N THR F 392 -21.32 49.98 33.61
CA THR F 392 -21.78 51.37 33.38
C THR F 392 -20.82 52.04 32.40
N LEU F 393 -21.38 52.64 31.35
CA LEU F 393 -20.60 53.30 30.27
C LEU F 393 -19.53 52.35 29.74
N CYS F 394 -19.98 51.34 29.03
CA CYS F 394 -19.10 50.26 28.54
C CYS F 394 -19.48 49.92 27.11
N TRP F 395 -18.61 49.15 26.47
CA TRP F 395 -18.79 48.75 25.06
C TRP F 395 -19.40 47.36 25.03
N ASN F 396 -20.57 47.23 24.44
CA ASN F 396 -21.29 45.93 24.42
C ASN F 396 -20.95 45.13 23.16
N GLY F 397 -20.09 45.65 22.30
CA GLY F 397 -19.73 44.97 21.05
C GLY F 397 -20.15 45.73 19.81
N GLN F 398 -21.02 46.73 19.93
CA GLN F 398 -21.52 47.46 18.74
C GLN F 398 -21.91 48.89 19.11
N GLU F 399 -22.06 49.17 20.41
CA GLU F 399 -22.39 50.54 20.84
C GLU F 399 -21.98 50.73 22.29
N LEU F 400 -21.87 51.99 22.68
CA LEU F 400 -21.57 52.37 24.08
C LEU F 400 -22.91 52.45 24.82
N VAL F 401 -23.07 51.64 25.85
CA VAL F 401 -24.33 51.58 26.62
C VAL F 401 -24.08 52.03 28.05
N GLU F 402 -25.16 52.44 28.71
CA GLU F 402 -25.12 52.87 30.13
C GLU F 402 -25.33 51.66 31.05
N ARG F 403 -26.03 50.64 30.58
CA ARG F 403 -26.20 49.39 31.35
C ARG F 403 -26.31 48.24 30.38
N TYR F 404 -25.55 47.19 30.62
CA TYR F 404 -25.57 46.01 29.74
C TYR F 404 -26.87 45.25 29.98
N SER F 405 -27.48 44.75 28.91
CA SER F 405 -28.80 44.09 29.00
C SER F 405 -28.67 42.56 29.06
N GLN F 406 -27.64 42.00 28.44
CA GLN F 406 -27.49 40.52 28.35
C GLN F 406 -28.77 39.89 27.81
N GLU F 428 -12.46 22.00 19.15
CA GLU F 428 -12.92 20.68 19.67
C GLU F 428 -11.93 19.57 19.36
N PRO F 429 -11.39 19.45 18.13
CA PRO F 429 -10.44 18.38 17.85
C PRO F 429 -9.22 18.37 18.79
N VAL F 430 -8.56 19.50 18.95
CA VAL F 430 -7.42 19.61 19.88
C VAL F 430 -7.90 19.39 21.32
N VAL F 431 -9.08 19.88 21.63
CA VAL F 431 -9.68 19.65 22.96
C VAL F 431 -9.92 18.16 23.16
N SER F 432 -10.39 17.49 22.13
CA SER F 432 -10.63 16.02 22.19
C SER F 432 -9.31 15.29 22.40
N GLN F 433 -8.23 15.78 21.79
CA GLN F 433 -6.92 15.13 22.01
C GLN F 433 -6.49 15.27 23.47
N ILE F 434 -6.67 16.45 24.03
CA ILE F 434 -6.33 16.67 25.46
C ILE F 434 -7.17 15.73 26.33
N ILE F 435 -8.45 15.63 26.03
CA ILE F 435 -9.34 14.74 26.83
C ILE F 435 -8.89 13.29 26.72
N ASP F 436 -8.57 12.83 25.52
CA ASP F 436 -8.17 11.42 25.34
C ASP F 436 -6.88 11.11 26.09
N LYS F 437 -5.90 12.00 25.99
CA LYS F 437 -4.61 11.79 26.70
C LYS F 437 -4.85 11.80 28.21
N LEU F 438 -5.69 12.71 28.69
CA LEU F 438 -5.98 12.76 30.13
C LEU F 438 -6.68 11.46 30.57
N LYS F 439 -7.62 10.96 29.79
CA LYS F 439 -8.29 9.69 30.15
C LYS F 439 -7.26 8.56 30.25
N HIS F 440 -6.36 8.47 29.28
CA HIS F 440 -5.35 7.39 29.30
C HIS F 440 -4.48 7.50 30.55
N ILE F 441 -3.94 8.68 30.82
CA ILE F 441 -3.01 8.80 31.97
C ILE F 441 -3.76 8.57 33.28
N ASN F 442 -5.04 8.95 33.32
CA ASN F 442 -5.85 8.73 34.54
C ASN F 442 -6.11 7.25 34.74
N GLN F 443 -6.37 6.51 33.66
CA GLN F 443 -6.58 5.05 33.78
C GLN F 443 -5.28 4.38 34.25
N LEU F 444 -4.15 4.84 33.74
CA LEU F 444 -2.86 4.27 34.21
C LEU F 444 -2.67 4.53 35.70
N LEU F 445 -2.92 5.75 36.14
CA LEU F 445 -2.72 6.11 37.56
C LEU F 445 -3.72 5.34 38.44
N ARG F 446 -4.94 5.15 37.95
CA ARG F 446 -5.95 4.38 38.70
C ARG F 446 -5.51 2.91 38.85
N THR F 447 -5.14 2.27 37.76
CA THR F 447 -4.77 0.83 37.81
C THR F 447 -3.46 0.62 38.58
N MET F 448 -2.64 1.64 38.77
CA MET F 448 -1.40 1.41 39.55
C MET F 448 -1.72 1.28 41.05
N SER F 449 -2.34 2.29 41.64
CA SER F 449 -2.66 2.26 43.08
C SER F 449 -4.18 2.32 43.29
N LEU G 34 14.54 -13.29 -45.44
CA LEU G 34 13.84 -14.14 -44.44
C LEU G 34 14.56 -14.06 -43.09
N GLN G 35 13.93 -14.60 -42.06
CA GLN G 35 14.49 -14.58 -40.68
C GLN G 35 14.57 -15.97 -40.06
N VAL G 36 14.11 -17.02 -40.73
CA VAL G 36 14.20 -18.39 -40.15
C VAL G 36 14.92 -19.30 -41.12
N CYS G 37 14.32 -19.51 -42.29
CA CYS G 37 14.92 -20.40 -43.32
C CYS G 37 16.17 -19.72 -43.87
N LEU G 38 17.32 -20.31 -43.63
CA LEU G 38 18.59 -19.77 -44.16
C LEU G 38 18.58 -19.88 -45.68
N PRO G 39 18.48 -18.76 -46.43
CA PRO G 39 18.35 -18.85 -47.89
C PRO G 39 19.68 -19.14 -48.59
N LYS G 40 19.86 -20.40 -48.99
CA LYS G 40 21.05 -20.77 -49.77
C LYS G 40 21.00 -20.13 -51.16
N GLY G 41 19.81 -20.06 -51.77
CA GLY G 41 19.67 -19.38 -53.06
C GLY G 41 18.25 -18.87 -53.24
N PRO G 42 17.54 -19.32 -54.30
CA PRO G 42 16.14 -18.99 -54.45
C PRO G 42 15.28 -19.64 -53.37
N THR G 43 14.06 -19.17 -53.25
CA THR G 43 13.11 -19.69 -52.25
C THR G 43 11.70 -19.52 -52.77
N CYS G 44 10.84 -20.46 -52.38
CA CYS G 44 9.43 -20.48 -52.82
C CYS G 44 8.51 -19.81 -51.79
N CYS G 45 9.01 -19.42 -50.63
CA CYS G 45 8.18 -18.87 -49.54
C CYS G 45 8.63 -17.47 -49.16
N SER G 46 7.67 -16.66 -48.74
CA SER G 46 7.91 -15.27 -48.26
C SER G 46 7.98 -15.27 -46.73
N ARG G 47 7.97 -14.09 -46.14
CA ARG G 47 7.99 -13.96 -44.66
C ARG G 47 6.67 -14.43 -44.06
N LYS G 48 5.56 -14.20 -44.75
CA LYS G 48 4.24 -14.59 -44.21
C LYS G 48 4.10 -16.12 -44.19
N MET G 49 4.49 -16.77 -45.27
CA MET G 49 4.48 -18.25 -45.31
C MET G 49 5.44 -18.79 -44.23
N GLU G 50 6.48 -18.03 -43.91
CA GLU G 50 7.44 -18.47 -42.88
C GLU G 50 6.81 -18.41 -41.50
N GLU G 51 6.11 -17.32 -41.19
CA GLU G 51 5.35 -17.22 -39.93
C GLU G 51 4.30 -18.34 -39.86
N LYS G 52 3.67 -18.65 -40.99
CA LYS G 52 2.70 -19.77 -41.03
C LYS G 52 3.39 -21.08 -40.65
N TYR G 53 4.55 -21.34 -41.24
CA TYR G 53 5.30 -22.57 -40.90
C TYR G 53 5.69 -22.59 -39.43
N GLN G 54 6.02 -21.42 -38.87
CA GLN G 54 6.37 -21.34 -37.43
C GLN G 54 5.16 -21.73 -36.57
N LEU G 55 3.99 -21.20 -36.90
CA LEU G 55 2.78 -21.50 -36.11
C LEU G 55 2.43 -22.99 -36.24
N THR G 56 2.58 -23.55 -37.43
CA THR G 56 2.30 -24.99 -37.61
C THR G 56 3.31 -25.84 -36.85
N ALA G 57 4.56 -25.40 -36.78
CA ALA G 57 5.58 -26.10 -35.99
C ALA G 57 5.21 -26.09 -34.50
N ARG G 58 4.77 -24.95 -34.01
CA ARG G 58 4.32 -24.86 -32.60
C ARG G 58 3.18 -25.85 -32.36
N LEU G 59 2.18 -25.83 -33.22
CA LEU G 59 1.01 -26.74 -33.04
C LEU G 59 1.44 -28.20 -33.10
N ASN G 60 2.34 -28.54 -34.02
CA ASN G 60 2.79 -29.95 -34.15
C ASN G 60 3.57 -30.38 -32.90
N MET G 61 4.44 -29.51 -32.39
CA MET G 61 5.20 -29.84 -31.17
C MET G 61 4.24 -30.04 -29.99
N GLU G 62 3.23 -29.20 -29.88
CA GLU G 62 2.27 -29.33 -28.76
C GLU G 62 1.51 -30.65 -28.91
N GLN G 63 1.11 -31.00 -30.13
CA GLN G 63 0.39 -32.28 -30.36
C GLN G 63 1.29 -33.46 -29.99
N LEU G 64 2.56 -33.39 -30.35
CA LEU G 64 3.48 -34.52 -30.03
C LEU G 64 3.64 -34.65 -28.51
N LEU G 65 3.82 -33.53 -27.81
CA LEU G 65 3.95 -33.60 -26.33
C LEU G 65 2.66 -34.14 -25.72
N GLN G 66 1.52 -33.72 -26.23
CA GLN G 66 0.22 -34.24 -25.75
C GLN G 66 0.15 -35.75 -25.94
N SER G 67 0.51 -36.24 -27.12
CA SER G 67 0.46 -37.69 -27.40
C SER G 67 1.44 -38.44 -26.48
N ALA G 68 2.56 -37.81 -26.12
CA ALA G 68 3.54 -38.47 -25.24
C ALA G 68 3.01 -38.55 -23.80
N SER G 69 2.32 -37.51 -23.35
CA SER G 69 1.92 -37.36 -21.93
C SER G 69 0.50 -37.87 -21.67
N MET G 70 -0.29 -38.15 -22.70
CA MET G 70 -1.73 -38.40 -22.53
C MET G 70 -1.97 -39.64 -21.68
N GLU G 71 -1.25 -40.73 -21.92
CA GLU G 71 -1.53 -41.99 -21.20
C GLU G 71 -1.25 -41.83 -19.70
N LEU G 72 -0.10 -41.26 -19.36
CA LEU G 72 0.25 -41.03 -17.94
C LEU G 72 -0.72 -40.04 -17.30
N LYS G 73 -1.08 -38.98 -18.02
CA LYS G 73 -2.04 -37.99 -17.50
C LYS G 73 -3.37 -38.67 -17.17
N PHE G 74 -3.87 -39.48 -18.09
CA PHE G 74 -5.15 -40.17 -17.88
C PHE G 74 -5.04 -41.16 -16.73
N LEU G 75 -3.91 -41.86 -16.63
CA LEU G 75 -3.69 -42.82 -15.51
C LEU G 75 -3.79 -42.09 -14.16
N ILE G 76 -3.08 -40.98 -14.01
CA ILE G 76 -3.06 -40.29 -12.71
C ILE G 76 -4.42 -39.66 -12.43
N ILE G 77 -5.11 -39.18 -13.46
CA ILE G 77 -6.46 -38.58 -13.26
C ILE G 77 -7.43 -39.67 -12.80
N GLN G 78 -7.39 -40.81 -13.49
CA GLN G 78 -8.20 -41.98 -13.11
C GLN G 78 -7.95 -42.36 -11.64
N ASN G 79 -6.69 -42.55 -11.28
CA ASN G 79 -6.38 -43.01 -9.91
C ASN G 79 -6.79 -41.98 -8.87
N ALA G 80 -6.62 -40.70 -9.17
CA ALA G 80 -7.03 -39.63 -8.22
C ALA G 80 -8.54 -39.75 -7.97
N ALA G 81 -9.32 -39.81 -9.06
CA ALA G 81 -10.78 -39.92 -8.95
C ALA G 81 -11.16 -41.18 -8.17
N VAL G 82 -10.55 -42.30 -8.52
CA VAL G 82 -10.90 -43.60 -7.91
C VAL G 82 -10.60 -43.57 -6.41
N PHE G 83 -9.41 -43.13 -6.02
CA PHE G 83 -9.06 -43.17 -4.58
C PHE G 83 -9.90 -42.17 -3.80
N GLN G 84 -10.23 -41.02 -4.39
CA GLN G 84 -11.11 -40.07 -3.70
C GLN G 84 -12.48 -40.71 -3.46
N GLU G 85 -13.04 -41.35 -4.47
CA GLU G 85 -14.35 -42.01 -4.33
C GLU G 85 -14.26 -43.15 -3.31
N ALA G 86 -13.19 -43.93 -3.34
CA ALA G 86 -13.02 -45.07 -2.42
C ALA G 86 -12.94 -44.57 -0.98
N PHE G 87 -12.20 -43.49 -0.75
CA PHE G 87 -12.08 -42.92 0.61
C PHE G 87 -13.42 -42.38 1.06
N GLU G 88 -14.17 -41.75 0.17
CA GLU G 88 -15.51 -41.25 0.55
C GLU G 88 -16.42 -42.43 0.91
N ILE G 89 -16.30 -43.52 0.17
CA ILE G 89 -17.10 -44.74 0.46
C ILE G 89 -16.72 -45.27 1.85
N VAL G 90 -15.43 -45.32 2.15
CA VAL G 90 -14.95 -45.81 3.47
C VAL G 90 -15.50 -44.91 4.57
N VAL G 91 -15.48 -43.60 4.34
CA VAL G 91 -15.95 -42.64 5.38
C VAL G 91 -17.44 -42.84 5.60
N ARG G 92 -18.20 -42.99 4.53
CA ARG G 92 -19.67 -43.18 4.66
C ARG G 92 -19.95 -44.51 5.37
N HIS G 93 -19.24 -45.57 4.99
CA HIS G 93 -19.44 -46.89 5.63
C HIS G 93 -19.16 -46.82 7.13
N ALA G 94 -18.04 -46.22 7.50
CA ALA G 94 -17.69 -46.06 8.93
C ALA G 94 -18.75 -45.21 9.62
N LYS G 95 -19.23 -44.18 8.93
CA LYS G 95 -20.21 -43.26 9.52
C LYS G 95 -21.45 -44.04 9.94
N ASN G 96 -22.10 -44.71 9.01
CA ASN G 96 -23.34 -45.37 9.44
C ASN G 96 -23.06 -46.71 10.12
N TYR G 97 -21.83 -47.22 10.13
CA TYR G 97 -21.51 -48.32 11.07
C TYR G 97 -21.55 -47.81 12.52
N THR G 98 -20.92 -46.67 12.77
CA THR G 98 -20.98 -46.06 14.12
C THR G 98 -22.43 -45.70 14.45
N ASN G 99 -23.15 -45.18 13.46
CA ASN G 99 -24.59 -44.87 13.64
C ASN G 99 -25.37 -46.12 14.02
N ALA G 100 -25.14 -47.22 13.31
CA ALA G 100 -25.85 -48.49 13.59
C ALA G 100 -25.49 -49.01 14.98
N MET G 101 -24.23 -48.90 15.37
CA MET G 101 -23.81 -49.40 16.70
C MET G 101 -24.46 -48.56 17.80
N PHE G 102 -24.54 -47.26 17.61
CA PHE G 102 -25.27 -46.40 18.57
C PHE G 102 -26.74 -46.79 18.61
N LYS G 103 -27.34 -46.95 17.45
CA LYS G 103 -28.79 -47.27 17.35
C LYS G 103 -29.09 -48.62 18.01
N ASN G 104 -28.17 -49.58 17.93
CA ASN G 104 -28.43 -50.94 18.46
C ASN G 104 -28.08 -51.02 19.95
N ASN G 105 -27.01 -50.38 20.37
CA ASN G 105 -26.48 -50.55 21.75
C ASN G 105 -26.86 -49.40 22.67
N TYR G 106 -27.04 -48.19 22.15
CA TYR G 106 -27.39 -47.01 22.97
C TYR G 106 -28.55 -46.26 22.34
N PRO G 107 -29.74 -46.87 22.30
CA PRO G 107 -30.88 -46.17 21.70
C PRO G 107 -31.31 -44.90 22.46
N SER G 108 -30.97 -44.83 23.74
CA SER G 108 -31.26 -43.65 24.58
C SER G 108 -30.41 -42.43 24.17
N LEU G 109 -29.28 -42.64 23.50
CA LEU G 109 -28.41 -41.52 23.10
C LEU G 109 -28.78 -40.93 21.74
N THR G 110 -29.70 -41.53 21.00
CA THR G 110 -30.17 -41.02 19.70
C THR G 110 -31.33 -40.05 19.91
N PRO G 111 -31.56 -39.07 18.99
CA PRO G 111 -30.78 -38.80 17.77
C PRO G 111 -29.57 -37.87 17.91
N GLN G 112 -29.20 -37.49 19.12
CA GLN G 112 -28.02 -36.62 19.35
C GLN G 112 -26.77 -37.31 18.82
N ALA G 113 -26.68 -38.62 19.04
CA ALA G 113 -25.52 -39.40 18.55
C ALA G 113 -25.43 -39.26 17.03
N PHE G 114 -26.54 -39.40 16.33
CA PHE G 114 -26.57 -39.20 14.86
C PHE G 114 -25.98 -37.84 14.51
N GLU G 115 -26.33 -36.82 15.25
CA GLU G 115 -25.90 -35.43 14.93
C GLU G 115 -24.39 -35.31 15.10
N PHE G 116 -23.85 -35.71 16.25
CA PHE G 116 -22.41 -35.45 16.45
C PHE G 116 -21.56 -36.45 15.68
N VAL G 117 -22.07 -37.65 15.42
CA VAL G 117 -21.34 -38.60 14.53
C VAL G 117 -21.29 -38.02 13.11
N GLY G 118 -22.41 -37.49 12.60
CA GLY G 118 -22.40 -36.83 11.29
C GLY G 118 -21.43 -35.67 11.26
N GLU G 119 -21.43 -34.86 12.30
CA GLU G 119 -20.51 -33.70 12.39
C GLU G 119 -19.05 -34.19 12.33
N PHE G 120 -18.74 -35.20 13.13
CA PHE G 120 -17.35 -35.73 13.19
C PHE G 120 -16.93 -36.26 11.81
N PHE G 121 -17.78 -37.06 11.17
CA PHE G 121 -17.37 -37.68 9.90
C PHE G 121 -17.37 -36.64 8.77
N THR G 122 -18.23 -35.63 8.83
CA THR G 122 -18.16 -34.50 7.88
C THR G 122 -16.81 -33.80 8.02
N ASP G 123 -16.41 -33.49 9.24
CA ASP G 123 -15.09 -32.86 9.47
C ASP G 123 -13.97 -33.78 9.02
N VAL G 124 -14.15 -35.09 9.18
CA VAL G 124 -13.13 -36.07 8.72
C VAL G 124 -12.98 -35.96 7.20
N SER G 125 -14.10 -36.02 6.49
CA SER G 125 -14.10 -35.89 5.00
C SER G 125 -13.48 -34.56 4.59
N LEU G 126 -13.79 -33.50 5.33
CA LEU G 126 -13.22 -32.16 5.00
C LEU G 126 -11.70 -32.19 5.18
N TYR G 127 -11.21 -32.76 6.26
CA TYR G 127 -9.75 -32.81 6.49
C TYR G 127 -9.10 -33.67 5.40
N ILE G 128 -9.77 -34.72 4.99
CA ILE G 128 -9.26 -35.59 3.90
C ILE G 128 -9.11 -34.76 2.62
N LEU G 129 -10.02 -33.83 2.39
CA LEU G 129 -10.04 -33.05 1.13
C LEU G 129 -9.25 -31.74 1.32
N GLY G 130 -8.28 -31.74 2.22
CA GLY G 130 -7.30 -30.65 2.31
C GLY G 130 -7.74 -29.47 3.16
N SER G 131 -8.93 -29.46 3.74
CA SER G 131 -9.35 -28.31 4.55
C SER G 131 -8.49 -28.19 5.81
N ASP G 132 -8.47 -27.00 6.37
CA ASP G 132 -7.70 -26.70 7.61
C ASP G 132 -8.51 -27.18 8.81
N ILE G 133 -8.37 -28.46 9.15
CA ILE G 133 -9.11 -29.09 10.28
C ILE G 133 -8.11 -29.71 11.25
N ASN G 134 -8.36 -29.51 12.54
CA ASN G 134 -7.51 -30.07 13.62
C ASN G 134 -8.15 -31.35 14.14
N VAL G 135 -7.41 -32.45 14.05
CA VAL G 135 -7.92 -33.79 14.42
C VAL G 135 -8.21 -33.85 15.92
N ASP G 136 -7.29 -33.39 16.74
CA ASP G 136 -7.49 -33.35 18.21
C ASP G 136 -8.76 -32.57 18.55
N ASP G 137 -8.98 -31.45 17.87
CA ASP G 137 -10.22 -30.67 18.10
C ASP G 137 -11.44 -31.46 17.67
N MET G 138 -11.34 -32.23 16.59
CA MET G 138 -12.46 -33.10 16.18
C MET G 138 -12.82 -34.06 17.32
N VAL G 139 -11.84 -34.81 17.82
CA VAL G 139 -12.09 -35.79 18.89
C VAL G 139 -12.62 -35.09 20.14
N ASN G 140 -12.06 -33.93 20.47
CA ASN G 140 -12.48 -33.22 21.70
C ASN G 140 -13.93 -32.75 21.59
N GLU G 141 -14.31 -32.18 20.45
CA GLU G 141 -15.71 -31.75 20.25
C GLU G 141 -16.62 -32.97 20.26
N LEU G 142 -16.18 -34.06 19.65
CA LEU G 142 -16.99 -35.32 19.65
C LEU G 142 -17.28 -35.75 21.09
N PHE G 143 -16.27 -35.83 21.94
CA PHE G 143 -16.48 -36.34 23.32
C PHE G 143 -17.21 -35.31 24.17
N ASP G 144 -16.99 -34.02 23.91
CA ASP G 144 -17.73 -32.95 24.63
C ASP G 144 -19.21 -33.00 24.27
N SER G 145 -19.55 -33.42 23.07
CA SER G 145 -20.97 -33.60 22.69
C SER G 145 -21.49 -34.92 23.25
N LEU G 146 -20.64 -35.94 23.36
CA LEU G 146 -21.11 -37.28 23.77
C LEU G 146 -21.38 -37.34 25.28
N PHE G 147 -20.59 -36.67 26.11
CA PHE G 147 -20.68 -36.90 27.56
C PHE G 147 -21.99 -36.41 28.18
N PRO G 148 -22.49 -35.19 27.85
CA PRO G 148 -23.72 -34.71 28.49
C PRO G 148 -24.94 -35.60 28.24
N VAL G 149 -25.09 -36.11 27.03
CA VAL G 149 -26.26 -36.98 26.73
C VAL G 149 -26.11 -38.30 27.49
N ILE G 150 -24.87 -38.77 27.68
CA ILE G 150 -24.65 -39.98 28.51
C ILE G 150 -25.06 -39.68 29.96
N TYR G 151 -24.71 -38.51 30.46
CA TYR G 151 -25.04 -38.17 31.87
C TYR G 151 -26.55 -38.01 32.05
N THR G 152 -27.22 -37.45 31.06
CA THR G 152 -28.66 -37.12 31.19
C THR G 152 -29.57 -38.29 30.81
N GLN G 153 -29.08 -39.24 30.02
CA GLN G 153 -29.95 -40.32 29.49
C GLN G 153 -29.50 -41.72 29.94
N LEU G 154 -28.29 -41.86 30.46
CA LEU G 154 -27.79 -43.20 30.92
C LEU G 154 -27.53 -43.23 32.42
N MET G 155 -27.00 -42.16 33.00
CA MET G 155 -26.62 -42.16 34.44
C MET G 155 -27.71 -41.50 35.28
N ASN G 156 -28.17 -40.31 34.91
CA ASN G 156 -29.20 -39.58 35.67
C ASN G 156 -30.36 -39.29 34.73
N PRO G 157 -31.24 -40.28 34.50
CA PRO G 157 -32.44 -40.03 33.68
C PRO G 157 -33.44 -39.10 34.36
N GLY G 158 -33.28 -37.80 34.13
CA GLY G 158 -34.19 -36.79 34.67
C GLY G 158 -33.49 -35.51 35.08
N LEU G 164 -30.19 -29.39 31.05
CA LEU G 164 -30.12 -28.86 29.67
C LEU G 164 -29.33 -27.55 29.67
N ASP G 165 -29.62 -26.67 30.63
CA ASP G 165 -28.97 -25.34 30.66
C ASP G 165 -27.64 -25.40 31.42
N ILE G 166 -27.43 -26.45 32.22
CA ILE G 166 -26.17 -26.71 32.94
C ILE G 166 -25.29 -27.58 32.04
N ASN G 167 -25.64 -27.64 30.77
CA ASN G 167 -24.98 -28.56 29.81
C ASN G 167 -23.49 -28.23 29.70
N GLU G 168 -23.16 -26.95 29.66
CA GLU G 168 -21.75 -26.53 29.48
C GLU G 168 -20.95 -27.01 30.70
N CYS G 169 -21.54 -26.99 31.89
CA CYS G 169 -20.83 -27.49 33.08
C CYS G 169 -20.47 -28.96 32.87
N LEU G 170 -21.38 -29.72 32.30
CA LEU G 170 -21.10 -31.15 32.02
C LEU G 170 -20.00 -31.24 30.97
N ARG G 171 -20.04 -30.36 29.98
CA ARG G 171 -18.99 -30.35 28.93
C ARG G 171 -17.65 -30.10 29.61
N GLY G 172 -17.63 -29.21 30.59
CA GLY G 172 -16.40 -28.93 31.32
C GLY G 172 -15.99 -30.13 32.13
N ALA G 173 -16.95 -30.78 32.76
CA ALA G 173 -16.65 -31.95 33.59
C ALA G 173 -16.11 -33.08 32.71
N ARG G 174 -16.47 -33.09 31.43
CA ARG G 174 -15.89 -34.11 30.53
C ARG G 174 -14.36 -33.99 30.55
N ARG G 175 -13.85 -32.79 30.40
CA ARG G 175 -12.39 -32.56 30.30
C ARG G 175 -11.73 -32.43 31.68
N ASP G 176 -12.38 -31.79 32.65
CA ASP G 176 -11.73 -31.57 33.97
C ASP G 176 -11.57 -32.87 34.75
N LEU G 177 -12.47 -33.83 34.59
CA LEU G 177 -12.35 -35.11 35.33
C LEU G 177 -11.79 -36.23 34.45
N LYS G 178 -11.56 -35.99 33.15
CA LYS G 178 -10.94 -37.01 32.27
C LYS G 178 -11.75 -38.30 32.33
N VAL G 179 -13.05 -38.16 32.12
CA VAL G 179 -14.04 -39.24 32.37
C VAL G 179 -13.83 -40.39 31.38
N PHE G 180 -13.32 -40.09 30.19
CA PHE G 180 -13.11 -41.11 29.14
C PHE G 180 -11.73 -41.75 29.25
N GLY G 181 -10.98 -41.46 30.32
CA GLY G 181 -9.64 -42.05 30.50
C GLY G 181 -8.69 -41.72 29.37
N ASN G 182 -8.07 -42.73 28.79
CA ASN G 182 -7.04 -42.52 27.75
C ASN G 182 -7.58 -42.83 26.36
N PHE G 183 -8.87 -43.10 26.24
CA PHE G 183 -9.51 -43.27 24.92
C PHE G 183 -9.33 -42.06 23.99
N PRO G 184 -9.53 -40.80 24.44
CA PRO G 184 -9.38 -39.68 23.52
C PRO G 184 -8.00 -39.51 22.88
N LYS G 185 -6.93 -39.66 23.63
CA LYS G 185 -5.58 -39.52 23.05
C LYS G 185 -5.30 -40.67 22.08
N LEU G 186 -5.72 -41.87 22.45
CA LEU G 186 -5.57 -43.04 21.56
C LEU G 186 -6.28 -42.79 20.23
N ILE G 187 -7.54 -42.38 20.28
CA ILE G 187 -8.30 -42.07 19.03
C ILE G 187 -7.63 -40.93 18.27
N MET G 188 -7.17 -39.91 18.97
CA MET G 188 -6.53 -38.75 18.32
C MET G 188 -5.34 -39.21 17.47
N THR G 189 -4.43 -39.96 18.07
CA THR G 189 -3.23 -40.41 17.35
C THR G 189 -3.62 -41.36 16.21
N GLN G 190 -4.46 -42.34 16.52
CA GLN G 190 -4.85 -43.36 15.52
C GLN G 190 -5.44 -42.69 14.27
N VAL G 191 -6.37 -41.78 14.44
CA VAL G 191 -7.02 -41.20 13.22
C VAL G 191 -6.12 -40.13 12.61
N SER G 192 -5.31 -39.42 13.41
CA SER G 192 -4.48 -38.32 12.85
C SER G 192 -3.45 -38.90 11.89
N LYS G 193 -2.80 -39.99 12.29
CA LYS G 193 -1.76 -40.62 11.45
C LYS G 193 -2.35 -40.96 10.08
N SER G 194 -3.42 -41.72 10.07
CA SER G 194 -4.01 -42.25 8.82
C SER G 194 -4.59 -41.11 7.97
N LEU G 195 -5.32 -40.19 8.57
CA LEU G 195 -5.92 -39.09 7.77
C LEU G 195 -4.83 -38.21 7.18
N GLN G 196 -3.73 -38.00 7.90
CA GLN G 196 -2.64 -37.14 7.38
C GLN G 196 -1.95 -37.84 6.20
N VAL G 197 -1.66 -39.13 6.33
CA VAL G 197 -0.98 -39.84 5.21
C VAL G 197 -1.92 -39.88 4.00
N THR G 198 -3.21 -40.08 4.22
CA THR G 198 -4.17 -40.12 3.09
C THR G 198 -4.24 -38.76 2.40
N ARG G 199 -4.33 -37.70 3.17
CA ARG G 199 -4.40 -36.32 2.62
C ARG G 199 -3.14 -36.04 1.80
N ILE G 200 -1.99 -36.44 2.31
CA ILE G 200 -0.72 -36.17 1.59
C ILE G 200 -0.69 -37.01 0.30
N PHE G 201 -1.23 -38.21 0.33
CA PHE G 201 -1.32 -39.07 -0.86
C PHE G 201 -2.17 -38.39 -1.94
N LEU G 202 -3.34 -37.89 -1.57
CA LEU G 202 -4.22 -37.20 -2.54
C LEU G 202 -3.52 -35.95 -3.09
N GLN G 203 -2.85 -35.20 -2.23
CA GLN G 203 -2.16 -33.98 -2.68
C GLN G 203 -1.06 -34.35 -3.69
N ALA G 204 -0.35 -35.45 -3.43
CA ALA G 204 0.74 -35.89 -4.33
C ALA G 204 0.15 -36.28 -5.68
N LEU G 205 -0.98 -36.98 -5.67
CA LEU G 205 -1.65 -37.34 -6.94
C LEU G 205 -2.02 -36.07 -7.71
N ASN G 206 -2.61 -35.09 -7.05
CA ASN G 206 -3.03 -33.86 -7.75
C ASN G 206 -1.82 -33.12 -8.31
N LEU G 207 -0.70 -33.12 -7.58
CA LEU G 207 0.49 -32.41 -8.07
C LEU G 207 1.10 -33.14 -9.26
N GLY G 208 1.06 -34.46 -9.25
CA GLY G 208 1.45 -35.22 -10.45
C GLY G 208 0.60 -34.85 -11.65
N ILE G 209 -0.71 -34.80 -11.45
CA ILE G 209 -1.65 -34.35 -12.51
C ILE G 209 -1.20 -32.97 -13.01
N GLU G 210 -0.90 -32.08 -12.08
CA GLU G 210 -0.57 -30.68 -12.45
C GLU G 210 0.70 -30.62 -13.29
N VAL G 211 1.72 -31.36 -12.90
CA VAL G 211 3.01 -31.28 -13.64
C VAL G 211 2.85 -31.95 -15.00
N ILE G 212 2.17 -33.06 -15.07
CA ILE G 212 2.01 -33.74 -16.39
C ILE G 212 1.14 -32.88 -17.32
N ASN G 213 0.17 -32.16 -16.78
CA ASN G 213 -0.66 -31.29 -17.63
C ASN G 213 0.15 -30.03 -18.03
N THR G 214 1.06 -29.56 -17.18
CA THR G 214 1.93 -28.42 -17.58
C THR G 214 2.88 -28.86 -18.68
N THR G 215 3.28 -30.13 -18.71
CA THR G 215 4.23 -30.63 -19.73
C THR G 215 3.79 -30.27 -21.16
N ASP G 216 2.60 -30.65 -21.56
CA ASP G 216 2.19 -30.44 -22.97
C ASP G 216 1.87 -28.98 -23.29
N HIS G 217 1.89 -28.09 -22.30
CA HIS G 217 1.62 -26.65 -22.52
C HIS G 217 2.89 -25.82 -22.46
N LEU G 218 4.05 -26.47 -22.38
CA LEU G 218 5.34 -25.75 -22.26
C LEU G 218 5.60 -24.95 -23.53
N LYS G 219 5.77 -23.65 -23.38
CA LYS G 219 6.17 -22.78 -24.51
C LYS G 219 7.68 -22.67 -24.48
N PHE G 220 8.29 -22.73 -25.66
CA PHE G 220 9.75 -22.71 -25.79
C PHE G 220 10.21 -21.36 -26.31
N SER G 221 11.52 -21.20 -26.41
CA SER G 221 12.12 -19.92 -26.83
C SER G 221 11.85 -19.68 -28.31
N LYS G 222 12.15 -18.46 -28.74
CA LYS G 222 12.01 -18.11 -30.18
C LYS G 222 13.04 -18.87 -31.01
N ASP G 223 14.26 -18.99 -30.52
CA ASP G 223 15.31 -19.72 -31.26
C ASP G 223 14.94 -21.20 -31.41
N CYS G 224 14.39 -21.80 -30.37
CA CYS G 224 13.93 -23.21 -30.44
C CYS G 224 12.83 -23.34 -31.49
N GLY G 225 11.91 -22.39 -31.53
CA GLY G 225 10.82 -22.40 -32.52
C GLY G 225 11.36 -22.26 -33.94
N ARG G 226 12.33 -21.37 -34.14
CA ARG G 226 12.94 -21.19 -35.47
C ARG G 226 13.67 -22.47 -35.87
N MET G 227 14.30 -23.15 -34.92
CA MET G 227 15.02 -24.40 -35.24
C MET G 227 14.00 -25.49 -35.61
N LEU G 228 12.88 -25.55 -34.90
CA LEU G 228 11.82 -26.52 -35.26
C LEU G 228 11.28 -26.20 -36.66
N THR G 229 11.09 -24.92 -36.98
CA THR G 229 10.59 -24.54 -38.32
C THR G 229 11.59 -24.94 -39.39
N ARG G 230 12.87 -24.72 -39.12
CA ARG G 230 13.92 -25.10 -40.09
C ARG G 230 13.96 -26.63 -40.25
N MET G 231 13.76 -27.36 -39.18
CA MET G 231 13.86 -28.85 -39.24
C MET G 231 12.65 -29.43 -39.97
N TRP G 232 11.46 -28.87 -39.76
CA TRP G 232 10.22 -29.50 -40.24
C TRP G 232 9.74 -28.96 -41.58
N TYR G 233 9.90 -27.67 -41.86
CA TYR G 233 9.20 -27.04 -43.01
C TYR G 233 10.09 -26.23 -43.94
N CYS G 234 11.27 -25.80 -43.54
CA CYS G 234 12.07 -24.92 -44.42
C CYS G 234 12.55 -25.67 -45.66
N SER G 235 12.50 -26.99 -45.66
CA SER G 235 12.86 -27.78 -46.86
C SER G 235 11.84 -27.52 -47.98
N TYR G 236 10.59 -27.27 -47.63
CA TYR G 236 9.55 -26.95 -48.63
C TYR G 236 9.83 -25.60 -49.30
N CYS G 237 10.39 -24.65 -48.55
CA CYS G 237 10.73 -23.31 -49.12
C CYS G 237 11.78 -23.43 -50.22
N GLN G 238 12.58 -24.48 -50.18
CA GLN G 238 13.65 -24.71 -51.18
C GLN G 238 13.14 -25.54 -52.35
N GLY G 239 11.90 -26.00 -52.30
CA GLY G 239 11.28 -26.74 -53.41
C GLY G 239 11.39 -28.25 -53.27
N LEU G 240 11.69 -28.75 -52.08
CA LEU G 240 11.78 -30.20 -51.84
C LEU G 240 10.40 -30.72 -51.44
N MET G 241 10.10 -31.95 -51.85
CA MET G 241 8.74 -32.50 -51.67
C MET G 241 8.72 -33.56 -50.55
N MET G 242 9.66 -34.48 -50.52
CA MET G 242 9.60 -35.62 -49.56
C MET G 242 10.87 -35.71 -48.70
N VAL G 243 11.69 -34.66 -48.67
CA VAL G 243 12.93 -34.71 -47.87
C VAL G 243 12.58 -34.62 -46.38
N LYS G 244 13.12 -35.53 -45.58
CA LYS G 244 12.93 -35.55 -44.12
C LYS G 244 14.20 -35.08 -43.42
N PRO G 245 14.08 -34.45 -42.24
CA PRO G 245 15.25 -34.02 -41.49
C PRO G 245 16.10 -35.17 -40.93
N CYS G 246 17.38 -34.88 -40.78
CA CYS G 246 18.36 -35.86 -40.27
C CYS G 246 18.05 -36.22 -38.81
N GLY G 247 18.28 -37.48 -38.45
CA GLY G 247 18.08 -37.94 -37.06
C GLY G 247 18.99 -37.23 -36.08
N GLY G 248 20.27 -37.09 -36.42
CA GLY G 248 21.19 -36.36 -35.54
C GLY G 248 20.83 -34.89 -35.42
N TYR G 249 20.36 -34.29 -36.50
CA TYR G 249 19.91 -32.88 -36.45
C TYR G 249 18.70 -32.77 -35.51
N CYS G 250 17.78 -33.72 -35.59
CA CYS G 250 16.65 -33.74 -34.65
C CYS G 250 17.16 -33.90 -33.21
N ASN G 251 18.18 -34.74 -33.01
CA ASN G 251 18.74 -34.96 -31.66
C ASN G 251 19.30 -33.67 -31.09
N VAL G 252 20.10 -32.97 -31.88
CA VAL G 252 20.75 -31.72 -31.38
C VAL G 252 19.67 -30.64 -31.18
N VAL G 253 18.72 -30.54 -32.09
CA VAL G 253 17.64 -29.53 -31.95
C VAL G 253 16.85 -29.82 -30.67
N MET G 254 16.52 -31.08 -30.41
CA MET G 254 15.68 -31.41 -29.24
C MET G 254 16.47 -31.25 -27.94
N GLN G 255 17.75 -31.62 -27.93
CA GLN G 255 18.59 -31.39 -26.74
C GLN G 255 18.74 -29.88 -26.48
N GLY G 256 18.78 -29.08 -27.53
CA GLY G 256 18.80 -27.61 -27.35
C GLY G 256 17.48 -27.08 -26.82
N CYS G 257 16.38 -27.65 -27.27
CA CYS G 257 15.04 -27.20 -26.84
C CYS G 257 14.74 -27.71 -25.43
N MET G 258 14.83 -29.03 -25.23
CA MET G 258 14.45 -29.68 -23.95
C MET G 258 15.58 -29.59 -22.93
N ALA G 259 16.38 -28.53 -22.95
CA ALA G 259 17.56 -28.42 -22.06
C ALA G 259 17.13 -28.51 -20.60
N GLY G 260 16.21 -27.63 -20.19
CA GLY G 260 15.71 -27.59 -18.81
C GLY G 260 14.76 -28.74 -18.51
N VAL G 261 14.09 -29.27 -19.52
CA VAL G 261 13.04 -30.28 -19.29
C VAL G 261 13.66 -31.60 -18.85
N VAL G 262 14.84 -31.93 -19.36
CA VAL G 262 15.49 -33.21 -19.01
C VAL G 262 15.92 -33.16 -17.53
N GLU G 263 16.23 -31.98 -17.02
CA GLU G 263 16.66 -31.81 -15.61
C GLU G 263 15.55 -32.20 -14.64
N ILE G 264 14.32 -32.27 -15.12
CA ILE G 264 13.17 -32.67 -14.27
C ILE G 264 13.18 -34.17 -14.01
N ASP G 265 14.03 -34.91 -14.70
CA ASP G 265 13.99 -36.40 -14.63
C ASP G 265 14.37 -36.88 -13.23
N LYS G 266 15.42 -36.34 -12.64
CA LYS G 266 15.86 -36.77 -11.29
C LYS G 266 14.73 -36.54 -10.27
N TYR G 267 14.11 -35.38 -10.32
CA TYR G 267 13.05 -35.04 -9.34
C TYR G 267 11.82 -35.91 -9.58
N TRP G 268 11.52 -36.20 -10.84
CA TRP G 268 10.35 -37.08 -11.15
C TRP G 268 10.63 -38.50 -10.66
N ARG G 269 11.86 -38.98 -10.86
CA ARG G 269 12.24 -40.33 -10.35
C ARG G 269 12.16 -40.37 -8.83
N GLU G 270 12.65 -39.35 -8.15
CA GLU G 270 12.60 -39.31 -6.68
C GLU G 270 11.15 -39.23 -6.21
N TYR G 271 10.30 -38.53 -6.95
CA TYR G 271 8.86 -38.46 -6.61
C TYR G 271 8.24 -39.86 -6.70
N ILE G 272 8.52 -40.56 -7.79
CA ILE G 272 7.98 -41.94 -7.96
C ILE G 272 8.49 -42.84 -6.83
N LEU G 273 9.78 -42.76 -6.52
CA LEU G 273 10.36 -43.65 -5.48
C LEU G 273 9.78 -43.33 -4.11
N SER G 274 9.59 -42.05 -3.81
CA SER G 274 9.04 -41.64 -2.51
C SER G 274 7.57 -42.09 -2.40
N LEU G 275 6.84 -42.01 -3.50
CA LEU G 275 5.44 -42.50 -3.49
C LEU G 275 5.41 -44.02 -3.25
N GLU G 276 6.30 -44.75 -3.90
CA GLU G 276 6.38 -46.22 -3.69
C GLU G 276 6.78 -46.52 -2.23
N GLU G 277 7.66 -45.71 -1.66
CA GLU G 277 8.04 -45.89 -0.23
C GLU G 277 6.83 -45.63 0.67
N LEU G 278 6.05 -44.60 0.35
CA LEU G 278 4.87 -44.24 1.14
C LEU G 278 3.78 -45.31 1.09
N VAL G 279 3.60 -45.96 -0.04
CA VAL G 279 2.52 -46.98 -0.12
C VAL G 279 2.91 -48.21 0.72
N ASN G 280 4.14 -48.68 0.59
CA ASN G 280 4.61 -49.87 1.34
C ASN G 280 4.68 -49.59 2.85
N ASP G 287 -3.35 -47.78 7.70
CA ASP G 287 -4.32 -47.45 6.64
C ASP G 287 -5.54 -46.73 7.22
N MET G 288 -6.08 -45.82 6.42
CA MET G 288 -7.23 -44.98 6.81
C MET G 288 -8.50 -45.79 7.00
N GLU G 289 -8.67 -46.89 6.27
CA GLU G 289 -9.93 -47.66 6.36
C GLU G 289 -10.04 -48.39 7.69
N ASN G 290 -8.99 -49.05 8.14
CA ASN G 290 -9.05 -49.87 9.38
C ASN G 290 -9.33 -49.00 10.60
N VAL G 291 -8.71 -47.83 10.67
CA VAL G 291 -8.92 -46.90 11.81
C VAL G 291 -10.38 -46.46 11.86
N LEU G 292 -10.89 -45.97 10.75
CA LEU G 292 -12.28 -45.46 10.71
C LEU G 292 -13.26 -46.61 10.95
N LEU G 293 -12.89 -47.84 10.64
CA LEU G 293 -13.81 -48.96 10.93
C LEU G 293 -13.76 -49.36 12.41
N GLY G 294 -12.58 -49.38 13.04
CA GLY G 294 -12.47 -49.72 14.47
C GLY G 294 -12.91 -48.60 15.40
N LEU G 295 -13.17 -47.41 14.83
CA LEU G 295 -13.68 -46.27 15.62
C LEU G 295 -14.89 -46.65 16.46
N PHE G 296 -15.84 -47.40 15.92
CA PHE G 296 -17.07 -47.69 16.69
C PHE G 296 -16.75 -48.61 17.88
N SER G 297 -15.88 -49.59 17.69
CA SER G 297 -15.48 -50.47 18.80
C SER G 297 -14.84 -49.65 19.92
N THR G 298 -13.95 -48.75 19.55
CA THR G 298 -13.26 -47.91 20.55
C THR G 298 -14.27 -47.00 21.26
N ILE G 299 -15.22 -46.42 20.54
CA ILE G 299 -16.21 -45.52 21.17
C ILE G 299 -17.09 -46.31 22.13
N HIS G 300 -17.50 -47.52 21.75
CA HIS G 300 -18.34 -48.34 22.64
C HIS G 300 -17.58 -48.71 23.91
N ASP G 301 -16.32 -49.11 23.77
CA ASP G 301 -15.49 -49.44 24.96
C ASP G 301 -15.31 -48.20 25.84
N SER G 302 -15.18 -47.03 25.23
CA SER G 302 -15.04 -45.77 26.01
C SER G 302 -16.33 -45.48 26.79
N ILE G 303 -17.47 -45.70 26.16
CA ILE G 303 -18.76 -45.48 26.86
C ILE G 303 -18.86 -46.45 28.05
N GLN G 304 -18.47 -47.70 27.86
CA GLN G 304 -18.51 -48.68 28.98
C GLN G 304 -17.54 -48.26 30.08
N TYR G 305 -16.36 -47.79 29.71
CA TYR G 305 -15.37 -47.32 30.69
C TYR G 305 -15.95 -46.16 31.51
N VAL G 306 -16.66 -45.25 30.84
CA VAL G 306 -17.28 -44.10 31.55
C VAL G 306 -18.37 -44.62 32.49
N GLN G 307 -19.21 -45.53 32.02
CA GLN G 307 -20.33 -46.03 32.85
C GLN G 307 -19.82 -46.83 34.06
N LYS G 308 -18.61 -47.37 33.99
CA LYS G 308 -18.07 -48.20 35.11
C LYS G 308 -17.80 -47.36 36.36
N ASN G 309 -17.78 -46.04 36.27
CA ASN G 309 -17.53 -45.17 37.46
C ASN G 309 -18.70 -44.21 37.72
N ALA G 310 -19.90 -44.56 37.25
CA ALA G 310 -21.08 -43.68 37.39
C ALA G 310 -21.36 -43.39 38.86
N GLY G 311 -21.13 -44.35 39.75
CA GLY G 311 -21.43 -44.20 41.17
C GLY G 311 -20.83 -42.93 41.76
N LYS G 312 -19.55 -42.72 41.51
CA LYS G 312 -18.88 -41.51 42.01
C LYS G 312 -19.01 -40.35 41.03
N LEU G 313 -19.17 -40.61 39.73
CA LEU G 313 -19.26 -39.51 38.75
C LEU G 313 -20.54 -38.70 38.96
N THR G 314 -21.66 -39.36 39.15
CA THR G 314 -22.94 -38.63 39.35
C THR G 314 -22.89 -37.80 40.63
N THR G 315 -22.26 -38.32 41.67
CA THR G 315 -22.18 -37.60 42.97
C THR G 315 -21.28 -36.38 42.83
N THR G 316 -20.10 -36.56 42.26
CA THR G 316 -19.17 -35.42 42.12
C THR G 316 -19.72 -34.38 41.14
N ILE G 317 -20.49 -34.80 40.15
CA ILE G 317 -21.04 -33.82 39.18
C ILE G 317 -22.22 -33.07 39.79
N GLY G 318 -23.10 -33.76 40.50
CA GLY G 318 -24.17 -33.06 41.24
C GLY G 318 -23.62 -32.08 42.25
N LYS G 319 -22.52 -32.43 42.93
CA LYS G 319 -21.86 -31.48 43.84
C LYS G 319 -21.24 -30.31 43.05
N LEU G 320 -20.53 -30.60 41.98
CA LEU G 320 -19.84 -29.52 41.22
C LEU G 320 -20.85 -28.71 40.39
N CYS G 321 -21.78 -29.37 39.73
CA CYS G 321 -22.74 -28.67 38.86
C CYS G 321 -24.15 -28.75 39.47
N THR G 355 -9.65 -54.05 -1.62
CA THR G 355 -9.08 -53.87 -2.99
C THR G 355 -8.39 -52.51 -3.09
N LEU G 356 -8.46 -51.73 -2.03
CA LEU G 356 -7.78 -50.42 -1.96
C LEU G 356 -6.26 -50.61 -2.02
N SER G 357 -5.72 -51.48 -1.20
CA SER G 357 -4.28 -51.81 -1.25
C SER G 357 -3.92 -52.39 -2.62
N SER G 358 -4.79 -53.19 -3.21
CA SER G 358 -4.54 -53.70 -4.58
C SER G 358 -4.51 -52.54 -5.59
N ARG G 359 -5.36 -51.53 -5.40
CA ARG G 359 -5.35 -50.37 -6.33
C ARG G 359 -4.08 -49.54 -6.19
N ARG G 360 -3.66 -49.25 -4.95
CA ARG G 360 -2.36 -48.55 -4.78
C ARG G 360 -1.22 -49.38 -5.36
N ARG G 361 -1.20 -50.68 -5.13
CA ARG G 361 -0.08 -51.51 -5.63
C ARG G 361 -0.07 -51.51 -7.17
N GLU G 362 -1.23 -51.65 -7.79
CA GLU G 362 -1.29 -51.65 -9.28
C GLU G 362 -0.92 -50.27 -9.83
N LEU G 363 -1.36 -49.22 -9.16
CA LEU G 363 -0.97 -47.84 -9.57
C LEU G 363 0.54 -47.66 -9.49
N ILE G 364 1.14 -48.13 -8.41
CA ILE G 364 2.61 -48.01 -8.25
C ILE G 364 3.31 -48.82 -9.32
N GLN G 365 2.82 -50.01 -9.62
CA GLN G 365 3.47 -50.87 -10.63
C GLN G 365 3.37 -50.23 -12.01
N LYS G 366 2.23 -49.64 -12.36
CA LYS G 366 2.09 -48.97 -13.67
C LYS G 366 2.83 -47.64 -13.69
N LEU G 367 3.02 -47.02 -12.54
CA LEU G 367 3.70 -45.71 -12.48
C LEU G 367 5.20 -45.89 -12.60
N LYS G 368 5.74 -46.99 -12.08
CA LYS G 368 7.18 -47.25 -12.17
C LYS G 368 7.61 -47.36 -13.64
N SER G 369 6.69 -47.73 -14.53
CA SER G 369 6.95 -47.82 -15.99
C SER G 369 7.13 -46.45 -16.63
N PHE G 370 6.85 -45.36 -15.91
CA PHE G 370 6.98 -43.99 -16.46
C PHE G 370 8.08 -43.21 -15.73
N ILE G 371 8.99 -43.90 -15.06
CA ILE G 371 10.04 -43.20 -14.29
C ILE G 371 11.02 -42.53 -15.25
N SER G 372 11.09 -42.98 -16.50
CA SER G 372 11.98 -42.39 -17.52
C SER G 372 11.20 -41.49 -18.49
N PHE G 373 10.13 -40.87 -18.04
CA PHE G 373 9.25 -40.09 -18.95
C PHE G 373 9.99 -38.86 -19.47
N TYR G 374 10.63 -38.11 -18.58
CA TYR G 374 11.32 -36.85 -18.94
C TYR G 374 12.66 -37.12 -19.59
N SER G 375 13.20 -38.33 -19.44
CA SER G 375 14.50 -38.67 -20.06
C SER G 375 14.31 -39.19 -21.49
N ALA G 376 13.20 -39.87 -21.75
CA ALA G 376 12.91 -40.43 -23.09
C ALA G 376 11.99 -39.50 -23.89
N LEU G 377 11.75 -38.28 -23.41
CA LEU G 377 10.79 -37.39 -24.10
C LEU G 377 11.39 -36.84 -25.40
N PRO G 378 12.64 -36.33 -25.44
CA PRO G 378 13.20 -35.93 -26.73
C PRO G 378 13.32 -37.08 -27.72
N GLY G 379 13.66 -38.26 -27.22
CA GLY G 379 13.66 -39.48 -28.06
C GLY G 379 12.28 -39.74 -28.64
N TYR G 380 11.25 -39.57 -27.82
CA TYR G 380 9.86 -39.75 -28.31
C TYR G 380 9.56 -38.73 -29.41
N ILE G 381 9.91 -37.47 -29.18
CA ILE G 381 9.61 -36.39 -30.16
C ILE G 381 10.31 -36.67 -31.48
N CYS G 382 11.54 -37.14 -31.43
CA CYS G 382 12.29 -37.39 -32.70
C CYS G 382 11.82 -38.68 -33.36
N SER G 383 11.42 -39.69 -32.60
CA SER G 383 11.03 -41.00 -33.17
C SER G 383 9.58 -40.96 -33.70
N HIS G 384 8.75 -40.07 -33.18
CA HIS G 384 7.34 -39.95 -33.62
C HIS G 384 7.16 -38.81 -34.63
N SER G 385 8.24 -38.27 -35.18
CA SER G 385 8.17 -37.26 -36.27
C SER G 385 8.91 -37.79 -37.49
N PRO G 386 8.50 -37.38 -38.71
CA PRO G 386 9.21 -37.79 -39.92
C PRO G 386 10.68 -37.37 -39.90
N VAL G 387 11.56 -38.35 -39.72
CA VAL G 387 13.03 -38.11 -39.65
C VAL G 387 13.72 -39.13 -40.54
N ALA G 388 14.89 -38.75 -41.02
CA ALA G 388 15.77 -39.65 -41.79
C ALA G 388 16.78 -40.23 -40.82
N GLU G 389 16.42 -41.33 -40.16
CA GLU G 389 17.28 -41.97 -39.15
C GLU G 389 18.59 -42.47 -39.77
N ASN G 390 18.61 -42.69 -41.08
CA ASN G 390 19.81 -43.20 -41.76
C ASN G 390 20.86 -42.11 -41.94
N ASP G 391 20.49 -40.85 -41.72
CA ASP G 391 21.40 -39.69 -41.90
C ASP G 391 21.91 -39.61 -43.34
N THR G 392 21.15 -40.14 -44.29
CA THR G 392 21.51 -40.11 -45.73
C THR G 392 20.42 -39.39 -46.51
N LEU G 393 20.81 -38.41 -47.31
CA LEU G 393 19.87 -37.56 -48.10
C LEU G 393 18.78 -37.00 -47.18
N CYS G 394 19.19 -36.07 -46.34
CA CYS G 394 18.31 -35.52 -45.29
C CYS G 394 18.51 -34.01 -45.24
N TRP G 395 17.62 -33.35 -44.52
CA TRP G 395 17.63 -31.88 -44.40
C TRP G 395 18.31 -31.51 -43.09
N ASN G 396 19.39 -30.75 -43.17
CA ASN G 396 20.18 -30.37 -41.97
C ASN G 396 19.72 -29.03 -41.40
N GLY G 397 18.71 -28.42 -41.99
CA GLY G 397 18.21 -27.11 -41.53
C GLY G 397 18.39 -26.00 -42.53
N GLN G 398 19.20 -26.19 -43.57
CA GLN G 398 19.45 -25.09 -44.55
C GLN G 398 19.81 -25.65 -45.92
N GLU G 399 20.15 -26.92 -45.99
CA GLU G 399 20.47 -27.55 -47.30
C GLU G 399 20.29 -29.06 -47.20
N LEU G 400 20.17 -29.67 -48.37
CA LEU G 400 20.09 -31.14 -48.49
C LEU G 400 21.50 -31.69 -48.53
N VAL G 401 21.84 -32.54 -47.56
CA VAL G 401 23.19 -33.12 -47.45
C VAL G 401 23.12 -34.63 -47.64
N GLU G 402 24.25 -35.21 -48.00
CA GLU G 402 24.37 -36.68 -48.17
C GLU G 402 24.75 -37.34 -46.84
N ARG G 403 25.41 -36.60 -45.94
CA ARG G 403 25.71 -37.11 -44.58
C ARG G 403 25.70 -35.93 -43.62
N TYR G 404 25.01 -36.05 -42.52
CA TYR G 404 24.93 -34.96 -41.53
C TYR G 404 26.26 -34.89 -40.81
N SER G 405 26.73 -33.68 -40.54
CA SER G 405 28.09 -33.46 -39.97
C SER G 405 28.07 -33.25 -38.46
N GLN G 406 26.98 -32.76 -37.89
CA GLN G 406 26.94 -32.42 -36.44
C GLN G 406 28.07 -31.44 -36.10
N GLU G 428 12.51 -22.09 -18.84
CA GLU G 428 13.19 -22.32 -17.53
C GLU G 428 12.32 -21.89 -16.35
N PRO G 429 11.68 -20.70 -16.36
CA PRO G 429 10.85 -20.31 -15.21
C PRO G 429 9.76 -21.33 -14.85
N VAL G 430 8.97 -21.75 -15.82
CA VAL G 430 7.92 -22.77 -15.57
C VAL G 430 8.58 -24.10 -15.18
N VAL G 431 9.72 -24.39 -15.79
CA VAL G 431 10.48 -25.62 -15.43
C VAL G 431 10.94 -25.51 -13.97
N SER G 432 11.40 -24.34 -13.57
CA SER G 432 11.86 -24.12 -12.18
C SER G 432 10.69 -24.28 -11.22
N GLN G 433 9.51 -23.83 -11.62
CA GLN G 433 8.31 -24.00 -10.75
C GLN G 433 7.99 -25.49 -10.60
N ILE G 434 8.06 -26.24 -11.69
CA ILE G 434 7.83 -27.69 -11.62
C ILE G 434 8.86 -28.33 -10.68
N ILE G 435 10.11 -27.93 -10.81
CA ILE G 435 11.19 -28.48 -9.94
C ILE G 435 10.89 -28.16 -8.47
N ASP G 436 10.49 -26.94 -8.18
CA ASP G 436 10.24 -26.54 -6.78
C ASP G 436 9.07 -27.35 -6.20
N LYS G 437 8.01 -27.51 -6.97
CA LYS G 437 6.84 -28.28 -6.51
C LYS G 437 7.26 -29.73 -6.27
N LEU G 438 8.07 -30.28 -7.16
CA LEU G 438 8.56 -31.67 -6.98
C LEU G 438 9.41 -31.78 -5.73
N LYS G 439 10.27 -30.80 -5.48
CA LYS G 439 11.12 -30.82 -4.26
C LYS G 439 10.22 -30.83 -3.02
N HIS G 440 9.20 -29.99 -3.01
CA HIS G 440 8.30 -29.92 -1.85
C HIS G 440 7.61 -31.27 -1.61
N ILE G 441 7.03 -31.82 -2.67
CA ILE G 441 6.26 -33.09 -2.51
C ILE G 441 7.22 -34.23 -2.15
N ASN G 442 8.45 -34.18 -2.64
CA ASN G 442 9.43 -35.24 -2.31
C ASN G 442 9.85 -35.14 -0.85
N GLN G 443 10.04 -33.94 -0.35
CA GLN G 443 10.39 -33.77 1.09
C GLN G 443 9.24 -34.27 1.96
N LEU G 444 8.01 -33.97 1.56
CA LEU G 444 6.84 -34.47 2.34
C LEU G 444 6.80 -35.99 2.33
N LEU G 445 6.97 -36.60 1.16
CA LEU G 445 6.91 -38.09 1.08
C LEU G 445 8.07 -38.72 1.85
N ARG G 446 9.25 -38.10 1.83
CA ARG G 446 10.40 -38.62 2.60
C ARG G 446 10.11 -38.57 4.10
N THR G 447 9.71 -37.41 4.60
CA THR G 447 9.47 -37.24 6.05
C THR G 447 8.25 -38.03 6.52
N MET G 448 7.37 -38.45 5.63
CA MET G 448 6.20 -39.24 6.09
C MET G 448 6.64 -40.66 6.46
N SER G 449 7.24 -41.40 5.53
CA SER G 449 7.66 -42.79 5.79
C SER G 449 9.17 -42.91 5.65
N LEU H 34 40.72 -20.30 12.69
CA LEU H 34 40.61 -18.89 12.21
C LEU H 34 39.90 -18.87 10.84
N GLN H 35 39.52 -17.67 10.40
CA GLN H 35 38.79 -17.51 9.12
C GLN H 35 39.46 -16.51 8.17
N VAL H 36 40.54 -15.87 8.56
CA VAL H 36 41.21 -14.92 7.63
C VAL H 36 42.67 -15.32 7.49
N CYS H 37 43.42 -15.25 8.58
CA CYS H 37 44.85 -15.63 8.56
C CYS H 37 44.93 -17.14 8.36
N LEU H 38 45.47 -17.56 7.22
CA LEU H 38 45.63 -19.00 6.94
C LEU H 38 46.63 -19.59 7.93
N PRO H 39 46.19 -20.45 8.89
CA PRO H 39 47.12 -20.96 9.89
C PRO H 39 48.01 -22.06 9.33
N LYS H 40 49.23 -21.71 8.99
CA LYS H 40 50.21 -22.69 8.51
C LYS H 40 50.65 -23.60 9.67
N GLY H 41 50.78 -23.06 10.87
CA GLY H 41 51.10 -23.89 12.04
C GLY H 41 50.55 -23.27 13.31
N PRO H 42 51.42 -22.94 14.29
CA PRO H 42 50.96 -22.21 15.47
C PRO H 42 50.54 -20.78 15.10
N THR H 43 49.86 -20.14 16.02
CA THR H 43 49.41 -18.75 15.83
C THR H 43 49.30 -18.07 17.18
N CYS H 44 49.59 -16.78 17.20
CA CYS H 44 49.57 -15.98 18.44
C CYS H 44 48.24 -15.24 18.60
N CYS H 45 47.34 -15.31 17.62
CA CYS H 45 46.07 -14.55 17.66
C CYS H 45 44.88 -15.50 17.54
N SER H 46 43.79 -15.10 18.18
CA SER H 46 42.51 -15.85 18.14
C SER H 46 41.60 -15.23 17.08
N ARG H 47 40.34 -15.64 17.07
CA ARG H 47 39.36 -15.06 16.12
C ARG H 47 39.05 -13.60 16.47
N LYS H 48 39.04 -13.28 17.75
CA LYS H 48 38.70 -11.89 18.17
C LYS H 48 39.82 -10.92 17.76
N MET H 49 41.06 -11.30 17.99
CA MET H 49 42.20 -10.48 17.53
C MET H 49 42.16 -10.37 16.00
N GLU H 50 41.61 -11.37 15.33
CA GLU H 50 41.51 -11.35 13.86
C GLU H 50 40.46 -10.33 13.40
N GLU H 51 39.31 -10.32 14.05
CA GLU H 51 38.29 -9.27 13.78
C GLU H 51 38.87 -7.89 14.08
N LYS H 52 39.66 -7.76 15.14
CA LYS H 52 40.31 -6.46 15.46
C LYS H 52 41.22 -6.04 14.30
N TYR H 53 42.03 -6.96 13.80
CA TYR H 53 42.92 -6.67 12.66
C TYR H 53 42.11 -6.28 11.42
N GLN H 54 40.96 -6.93 11.23
CA GLN H 54 40.08 -6.58 10.08
C GLN H 54 39.58 -5.15 10.21
N LEU H 55 39.14 -4.77 11.40
CA LEU H 55 38.62 -3.39 11.60
C LEU H 55 39.75 -2.37 11.39
N THR H 56 40.94 -2.69 11.87
CA THR H 56 42.08 -1.75 11.67
C THR H 56 42.44 -1.67 10.19
N ALA H 57 42.32 -2.78 9.46
CA ALA H 57 42.57 -2.76 8.00
C ALA H 57 41.55 -1.86 7.31
N ARG H 58 40.30 -1.97 7.71
CA ARG H 58 39.24 -1.09 7.16
C ARG H 58 39.60 0.38 7.41
N LEU H 59 39.94 0.70 8.65
CA LEU H 59 40.27 2.11 9.00
C LEU H 59 41.47 2.59 8.19
N ASN H 60 42.47 1.74 8.04
CA ASN H 60 43.69 2.15 7.30
C ASN H 60 43.38 2.38 5.81
N MET H 61 42.58 1.51 5.20
CA MET H 61 42.21 1.69 3.78
C MET H 61 41.40 2.97 3.60
N GLU H 62 40.48 3.24 4.50
CA GLU H 62 39.65 4.46 4.40
C GLU H 62 40.55 5.70 4.55
N GLN H 63 41.47 5.65 5.50
CA GLN H 63 42.39 6.78 5.70
C GLN H 63 43.26 7.01 4.46
N LEU H 64 43.74 5.93 3.85
CA LEU H 64 44.59 6.08 2.65
C LEU H 64 43.78 6.69 1.50
N LEU H 65 42.56 6.22 1.28
CA LEU H 65 41.71 6.81 0.21
C LEU H 65 41.43 8.29 0.51
N GLN H 66 41.17 8.61 1.77
CA GLN H 66 40.94 10.01 2.17
C GLN H 66 42.17 10.85 1.86
N SER H 67 43.35 10.38 2.22
CA SER H 67 44.61 11.13 1.96
C SER H 67 44.82 11.29 0.46
N ALA H 68 44.39 10.32 -0.34
CA ALA H 68 44.55 10.41 -1.81
C ALA H 68 43.60 11.45 -2.40
N SER H 69 42.40 11.53 -1.85
CA SER H 69 41.30 12.35 -2.43
C SER H 69 41.19 13.74 -1.80
N MET H 70 41.89 14.00 -0.70
CA MET H 70 41.65 15.22 0.11
C MET H 70 41.93 16.49 -0.70
N GLU H 71 43.03 16.54 -1.44
CA GLU H 71 43.41 17.79 -2.12
C GLU H 71 42.38 18.13 -3.21
N LEU H 72 42.03 17.16 -4.04
CA LEU H 72 41.03 17.36 -5.11
C LEU H 72 39.68 17.72 -4.48
N LYS H 73 39.30 17.03 -3.42
CA LYS H 73 38.02 17.30 -2.74
C LYS H 73 37.98 18.75 -2.26
N PHE H 74 39.05 19.21 -1.64
CA PHE H 74 39.10 20.60 -1.13
C PHE H 74 39.03 21.59 -2.28
N LEU H 75 39.72 21.30 -3.38
CA LEU H 75 39.67 22.19 -4.57
C LEU H 75 38.24 22.34 -5.06
N ILE H 76 37.54 21.23 -5.26
CA ILE H 76 36.18 21.31 -5.84
C ILE H 76 35.22 21.94 -4.83
N ILE H 77 35.38 21.66 -3.54
CA ILE H 77 34.49 22.26 -2.51
C ILE H 77 34.69 23.78 -2.48
N GLN H 78 35.93 24.20 -2.46
CA GLN H 78 36.26 25.64 -2.51
C GLN H 78 35.60 26.29 -3.72
N ASN H 79 35.81 25.74 -4.90
CA ASN H 79 35.28 26.38 -6.13
C ASN H 79 33.76 26.40 -6.14
N ALA H 80 33.13 25.34 -5.64
CA ALA H 80 31.65 25.29 -5.60
C ALA H 80 31.14 26.43 -4.71
N ALA H 81 31.70 26.54 -3.51
CA ALA H 81 31.27 27.60 -2.56
C ALA H 81 31.49 28.97 -3.21
N VAL H 82 32.66 29.17 -3.80
CA VAL H 82 33.03 30.48 -4.37
C VAL H 82 32.06 30.85 -5.49
N PHE H 83 31.81 29.96 -6.43
CA PHE H 83 30.94 30.32 -7.57
C PHE H 83 29.51 30.54 -7.13
N GLN H 84 29.03 29.77 -6.16
CA GLN H 84 27.65 30.02 -5.65
C GLN H 84 27.57 31.42 -5.04
N GLU H 85 28.55 31.77 -4.20
CA GLU H 85 28.55 33.09 -3.56
C GLU H 85 28.69 34.20 -4.62
N ALA H 86 29.53 33.99 -5.61
CA ALA H 86 29.77 35.00 -6.68
C ALA H 86 28.49 35.25 -7.46
N PHE H 87 27.78 34.18 -7.80
CA PHE H 87 26.51 34.31 -8.56
C PHE H 87 25.48 35.04 -7.71
N GLU H 88 25.41 34.74 -6.42
CA GLU H 88 24.45 35.45 -5.55
C GLU H 88 24.80 36.94 -5.49
N ILE H 89 26.09 37.26 -5.44
CA ILE H 89 26.54 38.66 -5.42
C ILE H 89 26.15 39.35 -6.73
N VAL H 90 26.34 38.68 -7.85
CA VAL H 90 25.99 39.25 -9.18
C VAL H 90 24.49 39.52 -9.22
N VAL H 91 23.70 38.61 -8.70
CA VAL H 91 22.23 38.78 -8.73
C VAL H 91 21.85 40.00 -7.88
N ARG H 92 22.43 40.12 -6.70
CA ARG H 92 22.09 41.26 -5.82
C ARG H 92 22.53 42.58 -6.46
N HIS H 93 23.73 42.61 -7.03
CA HIS H 93 24.24 43.84 -7.68
C HIS H 93 23.32 44.27 -8.83
N ALA H 94 22.96 43.33 -9.69
CA ALA H 94 22.06 43.64 -10.82
C ALA H 94 20.70 44.11 -10.27
N LYS H 95 20.25 43.47 -9.21
CA LYS H 95 18.93 43.79 -8.63
C LYS H 95 18.90 45.26 -8.21
N ASN H 96 19.77 45.67 -7.31
CA ASN H 96 19.64 47.07 -6.85
C ASN H 96 20.29 48.06 -7.82
N TYR H 97 21.02 47.62 -8.84
CA TYR H 97 21.35 48.54 -9.95
C TYR H 97 20.09 48.88 -10.75
N THR H 98 19.30 47.87 -11.08
CA THR H 98 18.01 48.11 -11.77
C THR H 98 17.09 48.95 -10.87
N ASN H 99 17.11 48.66 -9.57
CA ASN H 99 16.35 49.45 -8.60
C ASN H 99 16.78 50.92 -8.64
N ALA H 100 18.07 51.16 -8.62
CA ALA H 100 18.60 52.55 -8.64
C ALA H 100 18.21 53.23 -9.96
N MET H 101 18.27 52.51 -11.07
CA MET H 101 17.92 53.11 -12.38
C MET H 101 16.44 53.46 -12.43
N PHE H 102 15.59 52.60 -11.89
CA PHE H 102 14.16 52.93 -11.79
C PHE H 102 13.97 54.14 -10.89
N LYS H 103 14.65 54.17 -9.75
CA LYS H 103 14.52 55.28 -8.78
C LYS H 103 14.97 56.60 -9.41
N ASN H 104 15.96 56.56 -10.28
CA ASN H 104 16.51 57.81 -10.86
C ASN H 104 15.72 58.25 -12.10
N ASN H 105 15.29 57.33 -12.94
CA ASN H 105 14.70 57.70 -14.25
C ASN H 105 13.17 57.60 -14.27
N TYR H 106 12.58 56.73 -13.45
CA TYR H 106 11.11 56.57 -13.42
C TYR H 106 10.62 56.60 -11.98
N PRO H 107 10.74 57.74 -11.29
CA PRO H 107 10.28 57.80 -9.91
C PRO H 107 8.76 57.63 -9.74
N SER H 108 8.00 57.90 -10.78
CA SER H 108 6.53 57.71 -10.75
C SER H 108 6.17 56.22 -10.73
N LEU H 109 7.05 55.34 -11.16
CA LEU H 109 6.76 53.89 -11.16
C LEU H 109 7.13 53.22 -9.83
N THR H 110 7.79 53.92 -8.91
CA THR H 110 8.14 53.42 -7.57
C THR H 110 7.01 53.68 -6.60
N PRO H 111 6.85 52.87 -5.52
CA PRO H 111 7.65 51.69 -5.17
C PRO H 111 7.22 50.35 -5.79
N GLN H 112 6.26 50.39 -6.71
CA GLN H 112 5.78 49.14 -7.37
C GLN H 112 6.95 48.50 -8.11
N ALA H 113 7.78 49.31 -8.75
CA ALA H 113 8.96 48.81 -9.47
C ALA H 113 9.86 48.02 -8.50
N PHE H 114 10.11 48.55 -7.32
CA PHE H 114 10.91 47.83 -6.30
C PHE H 114 10.32 46.44 -6.06
N GLU H 115 9.00 46.35 -5.93
CA GLU H 115 8.36 45.07 -5.57
C GLU H 115 8.53 44.07 -6.71
N PHE H 116 8.19 44.44 -7.94
CA PHE H 116 8.24 43.40 -9.00
C PHE H 116 9.67 43.13 -9.45
N VAL H 117 10.56 44.10 -9.32
CA VAL H 117 12.00 43.83 -9.58
C VAL H 117 12.53 42.85 -8.53
N GLY H 118 12.22 43.06 -7.27
CA GLY H 118 12.61 42.10 -6.22
C GLY H 118 12.05 40.72 -6.49
N GLU H 119 10.79 40.64 -6.89
CA GLU H 119 10.17 39.33 -7.21
C GLU H 119 10.95 38.66 -8.36
N PHE H 120 11.20 39.39 -9.42
CA PHE H 120 11.89 38.83 -10.60
C PHE H 120 13.27 38.33 -10.21
N PHE H 121 14.05 39.13 -9.49
CA PHE H 121 15.44 38.74 -9.18
C PHE H 121 15.45 37.63 -8.13
N THR H 122 14.47 37.60 -7.24
CA THR H 122 14.31 36.45 -6.31
C THR H 122 14.09 35.18 -7.11
N ASP H 123 13.18 35.21 -8.07
CA ASP H 123 12.93 34.04 -8.94
C ASP H 123 14.19 33.68 -9.73
N VAL H 124 14.96 34.67 -10.14
CA VAL H 124 16.21 34.40 -10.88
C VAL H 124 17.17 33.62 -9.97
N SER H 125 17.40 34.11 -8.76
CA SER H 125 18.29 33.43 -7.79
C SER H 125 17.77 32.01 -7.52
N LEU H 126 16.45 31.87 -7.40
CA LEU H 126 15.85 30.54 -7.15
C LEU H 126 16.10 29.60 -8.31
N TYR H 127 15.93 30.07 -9.54
CA TYR H 127 16.17 29.20 -10.71
C TYR H 127 17.64 28.81 -10.75
N ILE H 128 18.50 29.74 -10.36
CA ILE H 128 19.96 29.46 -10.30
C ILE H 128 20.22 28.31 -9.32
N LEU H 129 19.46 28.25 -8.23
CA LEU H 129 19.69 27.24 -7.16
C LEU H 129 18.87 25.98 -7.39
N GLY H 130 18.55 25.66 -8.64
CA GLY H 130 17.98 24.36 -9.02
C GLY H 130 16.48 24.25 -8.89
N SER H 131 15.78 25.30 -8.46
CA SER H 131 14.31 25.23 -8.33
C SER H 131 13.65 25.13 -9.72
N ASP H 132 12.42 24.64 -9.72
CA ASP H 132 11.60 24.47 -10.94
C ASP H 132 10.99 25.82 -11.30
N ILE H 133 11.74 26.66 -12.03
CA ILE H 133 11.26 28.01 -12.43
C ILE H 133 11.34 28.15 -13.94
N ASN H 134 10.31 28.75 -14.52
CA ASN H 134 10.25 29.00 -15.98
C ASN H 134 10.69 30.44 -16.24
N VAL H 135 11.72 30.59 -17.04
CA VAL H 135 12.32 31.93 -17.32
C VAL H 135 11.34 32.81 -18.10
N ASP H 136 10.75 32.26 -19.14
CA ASP H 136 9.75 33.00 -19.95
C ASP H 136 8.62 33.48 -19.06
N ASP H 137 8.17 32.64 -18.13
CA ASP H 137 7.11 33.07 -17.20
C ASP H 137 7.62 34.19 -16.28
N MET H 138 8.87 34.14 -15.89
CA MET H 138 9.45 35.24 -15.09
C MET H 138 9.33 36.55 -15.87
N VAL H 139 9.83 36.58 -17.10
CA VAL H 139 9.80 37.81 -17.93
C VAL H 139 8.35 38.26 -18.15
N ASN H 140 7.46 37.31 -18.42
CA ASN H 140 6.05 37.65 -18.71
C ASN H 140 5.38 38.28 -17.49
N GLU H 141 5.58 37.70 -16.31
CA GLU H 141 5.02 38.29 -15.07
C GLU H 141 5.64 39.66 -14.81
N LEU H 142 6.93 39.79 -15.06
CA LEU H 142 7.62 41.09 -14.88
C LEU H 142 6.94 42.16 -15.74
N PHE H 143 6.73 41.89 -17.02
CA PHE H 143 6.16 42.92 -17.92
C PHE H 143 4.67 43.14 -17.64
N ASP H 144 3.98 42.08 -17.23
CA ASP H 144 2.55 42.23 -16.87
C ASP H 144 2.39 43.08 -15.61
N SER H 145 3.36 43.04 -14.70
CA SER H 145 3.34 43.93 -13.52
C SER H 145 3.82 45.33 -13.89
N LEU H 146 4.72 45.45 -14.85
CA LEU H 146 5.32 46.76 -15.20
C LEU H 146 4.35 47.62 -16.01
N PHE H 147 3.55 47.04 -16.89
CA PHE H 147 2.78 47.85 -17.86
C PHE H 147 1.67 48.69 -17.21
N PRO H 148 0.85 48.15 -16.29
CA PRO H 148 -0.24 48.95 -15.72
C PRO H 148 0.23 50.22 -14.99
N VAL H 149 1.32 50.12 -14.23
CA VAL H 149 1.82 51.30 -13.49
C VAL H 149 2.36 52.32 -14.51
N ILE H 150 2.94 51.86 -15.60
CA ILE H 150 3.38 52.79 -16.68
C ILE H 150 2.16 53.51 -17.26
N TYR H 151 1.09 52.78 -17.49
CA TYR H 151 -0.11 53.37 -18.10
C TYR H 151 -0.77 54.38 -17.14
N THR H 152 -0.74 54.09 -15.85
CA THR H 152 -1.45 54.90 -14.83
C THR H 152 -0.61 56.06 -14.32
N GLN H 153 0.72 56.00 -14.44
CA GLN H 153 1.59 57.03 -13.83
C GLN H 153 2.42 57.79 -14.86
N LEU H 154 2.54 57.29 -16.09
CA LEU H 154 3.34 57.99 -17.12
C LEU H 154 2.50 58.45 -18.31
N MET H 155 1.51 57.65 -18.74
CA MET H 155 0.71 58.01 -19.94
C MET H 155 -0.62 58.66 -19.54
N ASN H 156 -1.36 58.05 -18.61
CA ASN H 156 -2.66 58.58 -18.17
C ASN H 156 -2.61 58.78 -16.67
N PRO H 157 -2.01 59.89 -16.20
CA PRO H 157 -2.01 60.18 -14.76
C PRO H 157 -3.41 60.51 -14.23
N GLY H 158 -4.14 59.49 -13.81
CA GLY H 158 -5.48 59.67 -13.25
C GLY H 158 -6.42 58.55 -13.62
N LEU H 164 -7.29 51.48 -11.84
CA LEU H 164 -6.72 50.73 -10.69
C LEU H 164 -7.39 49.36 -10.57
N ASP H 165 -8.71 49.34 -10.62
CA ASP H 165 -9.47 48.07 -10.48
C ASP H 165 -9.62 47.40 -11.83
N ILE H 166 -9.35 48.15 -12.91
CA ILE H 166 -9.32 47.68 -14.31
C ILE H 166 -7.90 47.20 -14.61
N ASN H 167 -7.12 47.00 -13.57
CA ASN H 167 -5.68 46.68 -13.69
C ASN H 167 -5.49 45.39 -14.47
N GLU H 168 -6.31 44.39 -14.21
CA GLU H 168 -6.13 43.08 -14.89
C GLU H 168 -6.41 43.25 -16.37
N CYS H 169 -7.34 44.11 -16.75
CA CYS H 169 -7.60 44.38 -18.18
C CYS H 169 -6.33 44.95 -18.80
N LEU H 170 -5.66 45.83 -18.08
CA LEU H 170 -4.40 46.42 -18.59
C LEU H 170 -3.35 45.32 -18.68
N ARG H 171 -3.34 44.40 -17.72
CA ARG H 171 -2.39 43.27 -17.76
C ARG H 171 -2.64 42.49 -19.03
N GLY H 172 -3.90 42.31 -19.40
CA GLY H 172 -4.23 41.59 -20.63
C GLY H 172 -3.79 42.39 -21.83
N ALA H 173 -4.00 43.70 -21.79
CA ALA H 173 -3.62 44.56 -22.92
C ALA H 173 -2.11 44.53 -23.10
N ARG H 174 -1.35 44.25 -22.05
CA ARG H 174 0.11 44.14 -22.22
C ARG H 174 0.41 43.06 -23.27
N ARG H 175 -0.23 41.91 -23.14
CA ARG H 175 0.05 40.75 -24.02
C ARG H 175 -0.76 40.82 -25.32
N ASP H 176 -2.00 41.27 -25.27
CA ASP H 176 -2.85 41.27 -26.49
C ASP H 176 -2.38 42.29 -27.53
N LEU H 177 -1.82 43.42 -27.09
CA LEU H 177 -1.33 44.43 -28.06
C LEU H 177 0.18 44.36 -28.25
N LYS H 178 0.89 43.52 -27.51
CA LYS H 178 2.34 43.33 -27.71
C LYS H 178 3.03 44.68 -27.60
N VAL H 179 2.75 45.37 -26.51
CA VAL H 179 3.12 46.81 -26.34
C VAL H 179 4.63 46.93 -26.20
N PHE H 180 5.31 45.91 -25.66
CA PHE H 180 6.76 45.97 -25.44
C PHE H 180 7.53 45.48 -26.66
N GLY H 181 6.85 45.20 -27.78
CA GLY H 181 7.52 44.72 -28.99
C GLY H 181 8.25 43.41 -28.77
N ASN H 182 9.51 43.36 -29.16
CA ASN H 182 10.30 42.10 -29.09
C ASN H 182 11.29 42.14 -27.93
N PHE H 183 11.24 43.16 -27.09
CA PHE H 183 12.07 43.17 -25.85
C PHE H 183 11.83 41.94 -24.99
N PRO H 184 10.58 41.50 -24.72
CA PRO H 184 10.39 40.33 -23.88
C PRO H 184 11.04 39.05 -24.42
N LYS H 185 10.91 38.77 -25.71
CA LYS H 185 11.53 37.54 -26.27
C LYS H 185 13.06 37.66 -26.25
N LEU H 186 13.57 38.84 -26.56
CA LEU H 186 15.03 39.07 -26.49
C LEU H 186 15.54 38.79 -25.08
N ILE H 187 14.91 39.39 -24.08
CA ILE H 187 15.31 39.16 -22.66
C ILE H 187 15.14 37.69 -22.31
N MET H 188 14.06 37.06 -22.76
CA MET H 188 13.82 35.63 -22.44
C MET H 188 15.00 34.79 -22.91
N THR H 189 15.37 34.91 -24.17
CA THR H 189 16.48 34.11 -24.71
C THR H 189 17.79 34.46 -24.00
N GLN H 190 18.07 35.75 -23.90
CA GLN H 190 19.35 36.21 -23.30
C GLN H 190 19.53 35.63 -21.89
N VAL H 191 18.52 35.75 -21.04
CA VAL H 191 18.70 35.28 -19.64
C VAL H 191 18.55 33.77 -19.57
N SER H 192 17.74 33.15 -20.41
CA SER H 192 17.49 31.70 -20.31
C SER H 192 18.78 30.93 -20.63
N LYS H 193 19.47 31.33 -21.68
CA LYS H 193 20.71 30.66 -22.08
C LYS H 193 21.70 30.66 -20.90
N SER H 194 21.99 31.84 -20.38
CA SER H 194 23.03 32.01 -19.33
C SER H 194 22.60 31.34 -18.02
N LEU H 195 21.35 31.53 -17.60
CA LEU H 195 20.91 30.93 -16.32
C LEU H 195 20.92 29.40 -16.44
N GLN H 196 20.58 28.85 -17.60
CA GLN H 196 20.57 27.37 -17.74
C GLN H 196 22.00 26.84 -17.68
N VAL H 197 22.93 27.48 -18.36
CA VAL H 197 24.32 26.97 -18.33
C VAL H 197 24.87 27.11 -16.90
N THR H 198 24.54 28.19 -16.21
CA THR H 198 25.02 28.39 -14.82
C THR H 198 24.45 27.31 -13.90
N ARG H 199 23.16 27.05 -13.99
CA ARG H 199 22.52 26.02 -13.16
C ARG H 199 23.17 24.66 -13.39
N ILE H 200 23.43 24.34 -14.64
CA ILE H 200 24.02 23.01 -14.96
C ILE H 200 25.45 22.96 -14.42
N PHE H 201 26.15 24.09 -14.47
CA PHE H 201 27.52 24.18 -13.93
C PHE H 201 27.54 23.92 -12.42
N LEU H 202 26.65 24.58 -11.68
CA LEU H 202 26.59 24.35 -10.21
C LEU H 202 26.24 22.89 -9.91
N GLN H 203 25.31 22.31 -10.65
CA GLN H 203 24.94 20.91 -10.40
C GLN H 203 26.13 20.00 -10.66
N ALA H 204 26.89 20.29 -11.71
CA ALA H 204 28.07 19.47 -12.05
C ALA H 204 29.13 19.58 -10.95
N LEU H 205 29.35 20.77 -10.42
CA LEU H 205 30.31 20.93 -9.31
C LEU H 205 29.86 20.09 -8.10
N ASN H 206 28.59 20.18 -7.75
CA ASN H 206 28.11 19.44 -6.56
C ASN H 206 28.22 17.93 -6.79
N LEU H 207 27.96 17.47 -8.00
CA LEU H 207 28.03 16.01 -8.28
C LEU H 207 29.47 15.53 -8.27
N GLY H 208 30.40 16.35 -8.73
CA GLY H 208 31.82 16.01 -8.59
C GLY H 208 32.20 15.88 -7.12
N ILE H 209 31.79 16.85 -6.31
CA ILE H 209 32.04 16.76 -4.85
C ILE H 209 31.47 15.44 -4.32
N GLU H 210 30.26 15.10 -4.72
CA GLU H 210 29.56 13.91 -4.17
C GLU H 210 30.34 12.64 -4.53
N VAL H 211 30.75 12.52 -5.77
CA VAL H 211 31.42 11.26 -6.20
C VAL H 211 32.80 11.17 -5.54
N ILE H 212 33.52 12.28 -5.47
CA ILE H 212 34.87 12.25 -4.84
C ILE H 212 34.74 11.96 -3.34
N ASN H 213 33.65 12.42 -2.73
CA ASN H 213 33.42 12.11 -1.31
C ASN H 213 33.01 10.66 -1.10
N THR H 214 32.28 10.09 -2.05
CA THR H 214 31.92 8.67 -1.96
C THR H 214 33.16 7.78 -2.15
N THR H 215 34.14 8.25 -2.90
CA THR H 215 35.36 7.44 -3.15
C THR H 215 35.97 6.92 -1.85
N ASP H 216 36.29 7.79 -0.90
CA ASP H 216 37.00 7.32 0.30
C ASP H 216 36.08 6.55 1.25
N HIS H 217 34.80 6.47 0.97
CA HIS H 217 33.84 5.70 1.80
C HIS H 217 33.43 4.40 1.12
N LEU H 218 34.08 4.03 0.04
CA LEU H 218 33.72 2.82 -0.72
C LEU H 218 33.99 1.58 0.14
N LYS H 219 32.97 0.79 0.38
CA LYS H 219 33.14 -0.50 1.08
C LYS H 219 33.34 -1.59 0.05
N PHE H 220 34.26 -2.49 0.33
CA PHE H 220 34.66 -3.56 -0.60
C PHE H 220 34.11 -4.89 -0.12
N SER H 221 34.38 -5.93 -0.89
CA SER H 221 33.83 -7.28 -0.62
C SER H 221 34.50 -7.87 0.63
N LYS H 222 33.94 -8.98 1.10
CA LYS H 222 34.52 -9.69 2.26
C LYS H 222 35.88 -10.30 1.88
N ASP H 223 35.99 -10.88 0.69
CA ASP H 223 37.26 -11.49 0.26
C ASP H 223 38.34 -10.42 0.15
N CYS H 224 37.99 -9.26 -0.38
CA CYS H 224 38.96 -8.13 -0.48
C CYS H 224 39.41 -7.73 0.93
N GLY H 225 38.48 -7.67 1.87
CA GLY H 225 38.83 -7.31 3.26
C GLY H 225 39.75 -8.34 3.89
N ARG H 226 39.48 -9.62 3.67
CA ARG H 226 40.36 -10.67 4.21
C ARG H 226 41.74 -10.58 3.57
N MET H 227 41.80 -10.26 2.28
CA MET H 227 43.10 -10.15 1.61
C MET H 227 43.87 -8.94 2.15
N LEU H 228 43.19 -7.83 2.38
CA LEU H 228 43.87 -6.65 2.97
C LEU H 228 44.36 -6.98 4.39
N THR H 229 43.56 -7.70 5.17
CA THR H 229 43.96 -8.11 6.54
C THR H 229 45.17 -9.04 6.48
N ARG H 230 45.17 -9.96 5.53
CA ARG H 230 46.29 -10.89 5.37
C ARG H 230 47.54 -10.11 4.95
N MET H 231 47.37 -9.10 4.12
CA MET H 231 48.53 -8.34 3.59
C MET H 231 49.12 -7.45 4.68
N TRP H 232 48.28 -6.86 5.53
CA TRP H 232 48.76 -5.82 6.47
C TRP H 232 49.07 -6.36 7.86
N TYR H 233 48.31 -7.33 8.37
CA TYR H 233 48.39 -7.68 9.81
C TYR H 233 48.56 -9.17 10.11
N CYS H 234 48.26 -10.08 9.19
CA CYS H 234 48.32 -11.51 9.54
C CYS H 234 49.76 -11.96 9.81
N SER H 235 50.74 -11.17 9.40
CA SER H 235 52.16 -11.48 9.71
C SER H 235 52.40 -11.39 11.22
N TYR H 236 51.69 -10.50 11.91
CA TYR H 236 51.82 -10.37 13.38
C TYR H 236 51.30 -11.61 14.10
N CYS H 237 50.28 -12.26 13.56
CA CYS H 237 49.72 -13.49 14.18
C CYS H 237 50.75 -14.62 14.19
N GLN H 238 51.72 -14.60 13.27
CA GLN H 238 52.76 -15.64 13.19
C GLN H 238 53.98 -15.26 14.03
N GLY H 239 53.98 -14.09 14.65
CA GLY H 239 55.06 -13.68 15.55
C GLY H 239 56.12 -12.83 14.88
N LEU H 240 55.83 -12.28 13.69
CA LEU H 240 56.78 -11.40 12.98
C LEU H 240 56.54 -9.96 13.44
N MET H 241 57.61 -9.20 13.51
CA MET H 241 57.55 -7.84 14.10
C MET H 241 57.61 -6.74 13.02
N MET H 242 58.52 -6.85 12.04
CA MET H 242 58.72 -5.75 11.07
C MET H 242 58.57 -6.23 9.62
N VAL H 243 57.99 -7.41 9.40
CA VAL H 243 57.85 -7.92 8.01
C VAL H 243 56.77 -7.11 7.28
N LYS H 244 57.11 -6.62 6.08
CA LYS H 244 56.18 -5.87 5.20
C LYS H 244 55.73 -6.74 4.03
N PRO H 245 54.51 -6.50 3.52
CA PRO H 245 54.03 -7.25 2.37
C PRO H 245 54.77 -6.94 1.06
N CYS H 246 54.77 -7.94 0.19
CA CYS H 246 55.44 -7.85 -1.12
C CYS H 246 54.75 -6.82 -2.02
N GLY H 247 55.54 -6.10 -2.81
CA GLY H 247 54.99 -5.11 -3.76
C GLY H 247 54.08 -5.75 -4.79
N GLY H 248 54.49 -6.86 -5.37
CA GLY H 248 53.64 -7.56 -6.35
C GLY H 248 52.39 -8.10 -5.69
N TYR H 249 52.50 -8.56 -4.45
CA TYR H 249 51.32 -9.03 -3.69
C TYR H 249 50.37 -7.85 -3.46
N CYS H 250 50.90 -6.69 -3.13
CA CYS H 250 50.05 -5.49 -2.99
C CYS H 250 49.38 -5.17 -4.34
N ASN H 251 50.13 -5.30 -5.43
CA ASN H 251 49.57 -5.02 -6.78
C ASN H 251 48.39 -5.94 -7.08
N VAL H 252 48.56 -7.23 -6.86
CA VAL H 252 47.49 -8.21 -7.18
C VAL H 252 46.31 -8.00 -6.22
N VAL H 253 46.59 -7.74 -4.95
CA VAL H 253 45.49 -7.51 -3.97
C VAL H 253 44.70 -6.27 -4.40
N MET H 254 45.37 -5.20 -4.80
CA MET H 254 44.66 -3.96 -5.15
C MET H 254 43.91 -4.11 -6.48
N GLN H 255 44.49 -4.81 -7.44
CA GLN H 255 43.76 -5.08 -8.71
C GLN H 255 42.53 -5.94 -8.45
N GLY H 256 42.61 -6.86 -7.49
CA GLY H 256 41.43 -7.65 -7.11
C GLY H 256 40.40 -6.81 -6.39
N CYS H 257 40.84 -5.89 -5.56
CA CYS H 257 39.92 -5.04 -4.77
C CYS H 257 39.34 -3.92 -5.65
N MET H 258 40.20 -3.13 -6.29
CA MET H 258 39.75 -1.95 -7.07
C MET H 258 39.28 -2.33 -8.47
N ALA H 259 38.70 -3.53 -8.63
CA ALA H 259 38.30 -4.01 -9.97
C ALA H 259 37.30 -3.04 -10.61
N GLY H 260 36.20 -2.79 -9.90
CA GLY H 260 35.14 -1.87 -10.36
C GLY H 260 35.54 -0.42 -10.28
N VAL H 261 36.45 -0.08 -9.37
CA VAL H 261 36.79 1.34 -9.12
C VAL H 261 37.57 1.92 -10.30
N VAL H 262 38.38 1.11 -10.95
CA VAL H 262 39.18 1.59 -12.10
C VAL H 262 38.25 1.92 -13.28
N GLU H 263 37.13 1.23 -13.37
CA GLU H 263 36.14 1.44 -14.45
C GLU H 263 35.56 2.85 -14.44
N ILE H 264 35.68 3.57 -13.32
CA ILE H 264 35.16 4.95 -13.22
C ILE H 264 36.06 5.93 -13.97
N ASP H 265 37.23 5.49 -14.40
CA ASP H 265 38.23 6.41 -15.00
C ASP H 265 37.73 7.02 -16.31
N LYS H 266 37.16 6.21 -17.19
CA LYS H 266 36.66 6.70 -18.49
C LYS H 266 35.59 7.77 -18.27
N TYR H 267 34.66 7.51 -17.37
CA TYR H 267 33.55 8.44 -17.12
C TYR H 267 34.07 9.72 -16.47
N TRP H 268 35.05 9.59 -15.60
CA TRP H 268 35.62 10.79 -14.94
C TRP H 268 36.38 11.65 -15.97
N ARG H 269 37.11 11.01 -16.87
CA ARG H 269 37.81 11.75 -17.95
C ARG H 269 36.81 12.47 -18.85
N GLU H 270 35.73 11.79 -19.21
CA GLU H 270 34.70 12.41 -20.07
C GLU H 270 34.02 13.57 -19.32
N TYR H 271 33.85 13.43 -18.02
CA TYR H 271 33.27 14.52 -17.20
C TYR H 271 34.18 15.75 -17.22
N ILE H 272 35.46 15.54 -17.00
CA ILE H 272 36.43 16.67 -17.03
C ILE H 272 36.40 17.33 -18.41
N LEU H 273 36.42 16.54 -19.47
CA LEU H 273 36.48 17.12 -20.84
C LEU H 273 35.19 17.86 -21.18
N SER H 274 34.05 17.33 -20.77
CA SER H 274 32.76 17.99 -21.04
C SER H 274 32.67 19.30 -20.25
N LEU H 275 33.18 19.32 -19.03
CA LEU H 275 33.19 20.58 -18.25
C LEU H 275 34.09 21.61 -18.93
N GLU H 276 35.23 21.19 -19.45
CA GLU H 276 36.12 22.13 -20.18
C GLU H 276 35.42 22.64 -21.44
N GLU H 277 34.68 21.78 -22.11
CA GLU H 277 33.93 22.22 -23.31
C GLU H 277 32.88 23.26 -22.91
N LEU H 278 32.21 23.02 -21.78
CA LEU H 278 31.15 23.93 -21.29
C LEU H 278 31.70 25.30 -20.89
N VAL H 279 32.89 25.37 -20.32
CA VAL H 279 33.40 26.70 -19.90
C VAL H 279 33.74 27.54 -21.14
N ASN H 280 34.43 26.95 -22.10
CA ASN H 280 34.82 27.69 -23.33
C ASN H 280 33.60 28.08 -24.19
N ASP H 287 27.85 34.76 -20.86
CA ASP H 287 28.06 34.76 -19.39
C ASP H 287 26.84 35.30 -18.64
N MET H 288 26.61 34.73 -17.47
CA MET H 288 25.46 35.11 -16.61
C MET H 288 25.59 36.54 -16.10
N GLU H 289 26.80 37.04 -15.90
CA GLU H 289 27.00 38.38 -15.32
C GLU H 289 26.61 39.48 -16.32
N ASN H 290 27.03 39.36 -17.57
CA ASN H 290 26.78 40.43 -18.58
C ASN H 290 25.28 40.60 -18.83
N VAL H 291 24.56 39.50 -18.94
CA VAL H 291 23.11 39.54 -19.24
C VAL H 291 22.38 40.21 -18.07
N LEU H 292 22.64 39.77 -16.85
CA LEU H 292 21.94 40.32 -15.67
C LEU H 292 22.33 41.78 -15.46
N LEU H 293 23.51 42.19 -15.90
CA LEU H 293 23.86 43.62 -15.75
C LEU H 293 23.18 44.47 -16.84
N GLY H 294 23.12 43.98 -18.08
CA GLY H 294 22.45 44.74 -19.17
C GLY H 294 20.93 44.68 -19.11
N LEU H 295 20.37 43.87 -18.22
CA LEU H 295 18.91 43.82 -18.04
C LEU H 295 18.30 45.21 -17.83
N PHE H 296 18.90 46.06 -17.01
CA PHE H 296 18.27 47.36 -16.73
C PHE H 296 18.31 48.25 -17.98
N SER H 297 19.40 48.22 -18.73
CA SER H 297 19.49 49.00 -19.99
C SER H 297 18.39 48.55 -20.95
N THR H 298 18.22 47.25 -21.08
CA THR H 298 17.18 46.71 -21.99
C THR H 298 15.80 47.13 -21.50
N ILE H 299 15.56 47.08 -20.20
CA ILE H 299 14.23 47.45 -19.65
C ILE H 299 13.97 48.94 -19.89
N HIS H 300 14.98 49.79 -19.72
CA HIS H 300 14.79 51.23 -19.96
C HIS H 300 14.48 51.49 -21.44
N ASP H 301 15.19 50.84 -22.34
CA ASP H 301 14.91 50.99 -23.79
C ASP H 301 13.51 50.48 -24.12
N SER H 302 13.06 49.42 -23.46
CA SER H 302 11.70 48.89 -23.68
C SER H 302 10.66 49.90 -23.21
N ILE H 303 10.91 50.54 -22.06
CA ILE H 303 9.97 51.57 -21.56
C ILE H 303 9.90 52.73 -22.56
N GLN H 304 11.04 53.14 -23.10
CA GLN H 304 11.04 54.23 -24.11
C GLN H 304 10.28 53.80 -25.37
N TYR H 305 10.48 52.56 -25.80
CA TYR H 305 9.78 52.03 -26.99
C TYR H 305 8.27 52.06 -26.75
N VAL H 306 7.85 51.71 -25.55
CA VAL H 306 6.41 51.72 -25.21
C VAL H 306 5.90 53.17 -25.23
N GLN H 307 6.64 54.08 -24.63
CA GLN H 307 6.22 55.50 -24.55
C GLN H 307 6.16 56.14 -25.93
N LYS H 308 6.90 55.64 -26.90
CA LYS H 308 6.93 56.26 -28.26
C LYS H 308 5.59 56.11 -28.99
N ASN H 309 4.68 55.26 -28.53
CA ASN H 309 3.36 55.08 -29.19
C ASN H 309 2.21 55.40 -28.24
N ALA H 310 2.45 56.20 -27.22
CA ALA H 310 1.42 56.49 -26.19
C ALA H 310 0.18 57.12 -26.83
N GLY H 311 0.36 57.96 -27.86
CA GLY H 311 -0.75 58.68 -28.50
C GLY H 311 -1.89 57.74 -28.88
N LYS H 312 -1.57 56.66 -29.58
CA LYS H 312 -2.60 55.68 -29.96
C LYS H 312 -2.81 54.62 -28.90
N LEU H 313 -1.79 54.33 -28.07
CA LEU H 313 -1.94 53.26 -27.05
C LEU H 313 -2.96 53.67 -26.00
N THR H 314 -2.90 54.89 -25.51
CA THR H 314 -3.84 55.34 -24.46
C THR H 314 -5.27 55.34 -25.02
N THR H 315 -5.44 55.73 -26.26
CA THR H 315 -6.79 55.79 -26.87
C THR H 315 -7.35 54.39 -27.06
N THR H 316 -6.57 53.49 -27.65
CA THR H 316 -7.06 52.12 -27.89
C THR H 316 -7.26 51.37 -26.57
N ILE H 317 -6.50 51.68 -25.53
CA ILE H 317 -6.68 50.98 -24.24
C ILE H 317 -7.90 51.51 -23.51
N GLY H 318 -8.09 52.83 -23.49
CA GLY H 318 -9.34 53.40 -22.94
C GLY H 318 -10.56 52.88 -23.68
N LYS H 319 -10.44 52.70 -24.98
CA LYS H 319 -11.53 52.10 -25.78
C LYS H 319 -11.75 50.63 -25.39
N LEU H 320 -10.69 49.84 -25.29
CA LEU H 320 -10.87 48.39 -25.00
C LEU H 320 -11.25 48.18 -23.53
N CYS H 321 -10.60 48.89 -22.61
CA CYS H 321 -10.88 48.72 -21.17
C CYS H 321 -11.55 49.99 -20.63
N THR H 355 36.91 38.74 -12.93
CA THR H 355 37.83 37.69 -12.39
C THR H 355 37.07 36.37 -12.31
N LEU H 356 35.78 36.40 -12.61
CA LEU H 356 34.95 35.18 -12.64
C LEU H 356 35.43 34.23 -13.73
N SER H 357 35.64 34.75 -14.94
CA SER H 357 36.21 33.95 -16.04
C SER H 357 37.59 33.44 -15.65
N SER H 358 38.37 34.25 -14.95
CA SER H 358 39.69 33.78 -14.46
C SER H 358 39.50 32.62 -13.46
N ARG H 359 38.47 32.67 -12.63
CA ARG H 359 38.24 31.55 -11.67
C ARG H 359 37.83 30.27 -12.38
N ARG H 360 36.91 30.34 -13.33
CA ARG H 360 36.58 29.13 -14.12
C ARG H 360 37.83 28.60 -14.85
N ARG H 361 38.60 29.48 -15.46
CA ARG H 361 39.79 29.00 -16.21
C ARG H 361 40.80 28.34 -15.27
N GLU H 362 41.04 28.94 -14.10
CA GLU H 362 42.00 28.37 -13.12
C GLU H 362 41.48 27.03 -12.58
N LEU H 363 40.18 26.95 -12.32
CA LEU H 363 39.59 25.67 -11.86
C LEU H 363 39.78 24.59 -12.93
N ILE H 364 39.52 24.92 -14.19
CA ILE H 364 39.67 23.92 -15.28
C ILE H 364 41.13 23.52 -15.40
N GLN H 365 42.04 24.47 -15.29
CA GLN H 365 43.48 24.13 -15.46
C GLN H 365 43.96 23.25 -14.31
N LYS H 366 43.53 23.51 -13.08
CA LYS H 366 43.95 22.65 -11.95
C LYS H 366 43.21 21.32 -11.98
N LEU H 367 42.02 21.28 -12.58
CA LEU H 367 41.23 20.03 -12.62
C LEU H 367 41.77 19.09 -13.70
N LYS H 368 42.29 19.62 -14.79
CA LYS H 368 42.83 18.76 -15.87
C LYS H 368 44.00 17.91 -15.35
N SER H 369 44.68 18.37 -14.31
CA SER H 369 45.80 17.62 -13.67
C SER H 369 45.30 16.41 -12.88
N PHE H 370 44.00 16.24 -12.73
CA PHE H 370 43.43 15.11 -11.95
C PHE H 370 42.63 14.18 -12.85
N ILE H 371 42.84 14.23 -14.15
CA ILE H 371 42.06 13.40 -15.09
C ILE H 371 42.45 11.92 -14.92
N SER H 372 43.61 11.65 -14.33
CA SER H 372 44.09 10.26 -14.11
C SER H 372 43.91 9.85 -12.65
N PHE H 373 42.89 10.37 -11.97
CA PHE H 373 42.70 10.11 -10.52
C PHE H 373 42.37 8.63 -10.26
N TYR H 374 41.43 8.09 -11.03
CA TYR H 374 40.95 6.71 -10.85
C TYR H 374 41.90 5.68 -11.44
N SER H 375 42.82 6.08 -12.30
CA SER H 375 43.79 5.14 -12.92
C SER H 375 45.04 4.97 -12.05
N ALA H 376 45.44 6.01 -11.33
CA ALA H 376 46.66 5.96 -10.47
C ALA H 376 46.31 5.66 -9.02
N LEU H 377 45.07 5.28 -8.71
CA LEU H 377 44.69 5.09 -7.28
C LEU H 377 45.29 3.81 -6.69
N PRO H 378 45.24 2.63 -7.35
CA PRO H 378 45.91 1.46 -6.76
C PRO H 378 47.42 1.64 -6.59
N GLY H 379 48.05 2.30 -7.56
CA GLY H 379 49.48 2.63 -7.43
C GLY H 379 49.72 3.51 -6.21
N TYR H 380 48.86 4.48 -5.99
CA TYR H 380 48.97 5.35 -4.81
C TYR H 380 48.82 4.52 -3.53
N ILE H 381 47.82 3.65 -3.48
CA ILE H 381 47.57 2.84 -2.26
C ILE H 381 48.78 1.96 -1.95
N CYS H 382 49.37 1.36 -2.97
CA CYS H 382 50.51 0.45 -2.71
C CYS H 382 51.79 1.23 -2.41
N SER H 383 51.99 2.40 -3.01
CA SER H 383 53.24 3.17 -2.82
C SER H 383 53.19 3.97 -1.52
N HIS H 384 52.00 4.28 -1.02
CA HIS H 384 51.84 5.04 0.23
C HIS H 384 51.54 4.11 1.42
N SER H 385 51.73 2.80 1.26
CA SER H 385 51.60 1.84 2.37
C SER H 385 52.92 1.12 2.56
N PRO H 386 53.24 0.67 3.80
CA PRO H 386 54.45 -0.10 4.04
C PRO H 386 54.52 -1.38 3.21
N VAL H 387 55.38 -1.37 2.21
CA VAL H 387 55.55 -2.53 1.28
C VAL H 387 57.03 -2.80 1.12
N ALA H 388 57.35 -4.05 0.81
CA ALA H 388 58.72 -4.49 0.48
C ALA H 388 58.82 -4.48 -1.04
N GLU H 389 59.17 -3.32 -1.59
CA GLU H 389 59.26 -3.14 -3.07
C GLU H 389 60.33 -4.05 -3.67
N ASN H 390 61.29 -4.51 -2.89
CA ASN H 390 62.37 -5.36 -3.41
C ASN H 390 61.90 -6.80 -3.65
N ASP H 391 60.72 -7.15 -3.14
CA ASP H 391 60.16 -8.52 -3.25
C ASP H 391 61.11 -9.55 -2.62
N THR H 392 61.92 -9.15 -1.65
CA THR H 392 62.84 -10.05 -0.94
C THR H 392 62.51 -10.01 0.55
N LEU H 393 62.33 -11.19 1.14
CA LEU H 393 61.93 -11.33 2.58
C LEU H 393 60.70 -10.46 2.86
N CYS H 394 59.57 -10.90 2.33
CA CYS H 394 58.33 -10.12 2.40
C CYS H 394 57.19 -11.08 2.74
N TRP H 395 56.05 -10.51 3.09
CA TRP H 395 54.87 -11.29 3.48
C TRP H 395 53.94 -11.41 2.28
N ASN H 396 53.68 -12.64 1.86
CA ASN H 396 52.85 -12.90 0.67
C ASN H 396 51.38 -13.10 1.05
N GLY H 397 51.05 -13.00 2.33
CA GLY H 397 49.67 -13.20 2.79
C GLY H 397 49.51 -14.40 3.70
N GLN H 398 50.49 -15.30 3.78
CA GLN H 398 50.33 -16.52 4.61
C GLN H 398 51.66 -17.06 5.10
N GLU H 399 52.76 -16.62 4.52
CA GLU H 399 54.10 -17.06 4.98
C GLU H 399 55.14 -16.04 4.56
N LEU H 400 56.28 -16.11 5.22
CA LEU H 400 57.45 -15.28 4.87
C LEU H 400 58.21 -15.99 3.77
N VAL H 401 58.33 -15.33 2.62
CA VAL H 401 59.00 -15.90 1.42
C VAL H 401 60.22 -15.05 1.09
N GLU H 402 61.14 -15.66 0.36
CA GLU H 402 62.35 -14.95 -0.10
C GLU H 402 62.08 -14.24 -1.43
N ARG H 403 61.15 -14.75 -2.24
CA ARG H 403 60.75 -14.07 -3.48
C ARG H 403 59.29 -14.38 -3.78
N TYR H 404 58.52 -13.34 -4.07
CA TYR H 404 57.09 -13.51 -4.37
C TYR H 404 56.97 -14.13 -5.75
N SER H 405 56.04 -15.07 -5.91
CA SER H 405 55.91 -15.86 -7.16
C SER H 405 54.83 -15.31 -8.11
N GLN H 406 53.80 -14.64 -7.60
CA GLN H 406 52.67 -14.18 -8.44
C GLN H 406 52.06 -15.39 -9.19
N GLU H 428 30.53 -3.07 -6.34
CA GLU H 428 29.93 -2.71 -7.65
C GLU H 428 28.71 -1.80 -7.54
N PRO H 429 27.76 -2.04 -6.62
CA PRO H 429 26.58 -1.17 -6.55
C PRO H 429 26.90 0.31 -6.38
N VAL H 430 27.73 0.65 -5.39
CA VAL H 430 28.13 2.06 -5.18
C VAL H 430 28.94 2.57 -6.37
N VAL H 431 29.77 1.71 -6.94
CA VAL H 431 30.54 2.08 -8.15
C VAL H 431 29.57 2.37 -9.28
N SER H 432 28.53 1.55 -9.42
CA SER H 432 27.51 1.74 -10.47
C SER H 432 26.77 3.05 -10.23
N GLN H 433 26.56 3.43 -8.98
CA GLN H 433 25.89 4.70 -8.65
C GLN H 433 26.74 5.86 -9.14
N ILE H 434 28.03 5.79 -8.86
CA ILE H 434 28.97 6.84 -9.32
C ILE H 434 28.95 6.90 -10.85
N ILE H 435 28.97 5.75 -11.49
CA ILE H 435 28.96 5.70 -12.98
C ILE H 435 27.68 6.34 -13.52
N ASP H 436 26.55 6.03 -12.92
CA ASP H 436 25.25 6.56 -13.44
C ASP H 436 25.21 8.07 -13.28
N LYS H 437 25.63 8.57 -12.13
CA LYS H 437 25.63 10.04 -11.92
C LYS H 437 26.58 10.71 -12.90
N LEU H 438 27.75 10.12 -13.12
CA LEU H 438 28.70 10.69 -14.08
C LEU H 438 28.12 10.66 -15.50
N LYS H 439 27.46 9.58 -15.89
CA LYS H 439 26.83 9.50 -17.23
C LYS H 439 25.80 10.63 -17.37
N HIS H 440 24.98 10.83 -16.36
CA HIS H 440 23.95 11.89 -16.44
C HIS H 440 24.60 13.26 -16.61
N ILE H 441 25.56 13.58 -15.76
CA ILE H 441 26.15 14.95 -15.83
C ILE H 441 26.92 15.10 -17.14
N ASN H 442 27.50 14.03 -17.66
CA ASN H 442 28.23 14.12 -18.95
C ASN H 442 27.26 14.34 -20.11
N GLN H 443 26.12 13.69 -20.10
CA GLN H 443 25.11 13.92 -21.15
C GLN H 443 24.62 15.35 -21.09
N LEU H 444 24.41 15.87 -19.89
CA LEU H 444 23.98 17.27 -19.74
C LEU H 444 25.04 18.22 -20.30
N LEU H 445 26.29 18.00 -19.94
CA LEU H 445 27.38 18.89 -20.41
C LEU H 445 27.54 18.78 -21.93
N ARG H 446 27.37 17.58 -22.48
CA ARG H 446 27.45 17.40 -23.94
C ARG H 446 26.33 18.17 -24.65
N THR H 447 25.10 17.98 -24.22
CA THR H 447 23.96 18.63 -24.89
C THR H 447 23.97 20.15 -24.69
N MET H 448 24.68 20.67 -23.69
CA MET H 448 24.70 22.15 -23.54
C MET H 448 25.57 22.80 -24.62
N SER H 449 26.83 22.41 -24.71
CA SER H 449 27.75 23.02 -25.70
C SER H 449 28.26 21.94 -26.67
C1 NAG I . -12.77 19.95 -15.12
C2 NAG I . -13.51 21.00 -15.97
C3 NAG I . -13.53 20.59 -17.47
C4 NAG I . -12.11 20.39 -17.97
C5 NAG I . -11.41 19.36 -17.06
C6 NAG I . -9.94 19.22 -17.41
C7 NAG I . -15.13 22.28 -14.67
C8 NAG I . -14.99 23.66 -15.25
N2 NAG I . -14.85 21.20 -15.45
O3 NAG I . -14.16 21.63 -18.25
O4 NAG I . -12.24 19.87 -19.32
O5 NAG I . -11.46 19.75 -15.66
O6 NAG I . -9.22 18.52 -16.38
O7 NAG I . -15.24 22.16 -13.46
H1 NAG I . -13.26 19.10 -15.23
H2 NAG I . -13.00 21.84 -15.91
H3 NAG I . -14.03 19.75 -17.56
H4 NAG I . -11.62 21.24 -17.95
H5 NAG I . -11.85 18.48 -17.18
H61 NAG I . -9.54 20.12 -17.53
H62 NAG I . -9.85 18.73 -18.27
H81 NAG I . -15.60 23.76 -16.03
H82 NAG I . -15.25 24.33 -14.57
H83 NAG I . -14.06 23.82 -15.53
HN2 NAG I . -15.14 20.35 -15.36
HO3 NAG I . -14.13 21.38 -19.04
HO6 NAG I . -8.40 18.38 -16.61
C1 NAG I . -11.93 20.28 -20.73
C2 NAG I . -12.28 19.16 -21.75
C3 NAG I . -11.75 19.52 -23.15
C4 NAG I . -12.21 20.91 -23.61
C5 NAG I . -11.89 21.93 -22.52
C6 NAG I . -12.43 23.32 -22.90
C7 NAG I . -12.28 16.99 -20.43
C8 NAG I . -11.48 15.74 -20.16
N2 NAG I . -11.72 17.87 -21.30
O3 NAG I . -12.19 18.56 -24.12
O4 NAG I . -11.59 21.25 -24.87
O5 NAG I . -12.43 21.54 -21.23
O6 NAG I . -12.04 23.73 -24.23
O7 NAG I . -13.36 17.19 -19.90
H1 NAG I . -10.95 20.35 -20.76
H2 NAG I . -13.26 19.07 -21.80
H3 NAG I . -10.76 19.51 -23.13
H4 NAG I . -13.18 20.88 -23.73
H5 NAG I . -10.90 22.00 -22.45
H61 NAG I . -12.09 23.98 -22.25
H62 NAG I . -13.41 23.31 -22.84
H81 NAG I . -10.60 15.98 -19.78
H82 NAG I . -11.98 15.17 -19.51
H83 NAG I . -11.35 15.24 -21.00
HN2 NAG I . -10.91 17.65 -21.65
HO3 NAG I . -11.56 18.74 -24.84
HO4 NAG I . -11.55 22.00 -25.09
HO6 NAG I . -12.29 24.46 -24.42
C1 NAG J . -31.19 -8.49 -7.56
C2 NAG J . -30.45 -9.46 -8.49
C3 NAG J . -30.05 -10.77 -7.78
C4 NAG J . -29.20 -10.54 -6.53
C5 NAG J . -29.87 -9.43 -5.66
C6 NAG J . -28.92 -8.91 -4.57
C7 NAG J . -31.70 -8.79 -10.46
C8 NAG J . -32.82 -9.14 -11.38
N2 NAG J . -31.33 -9.74 -9.61
O3 NAG J . -29.34 -11.57 -8.71
O4 NAG J . -29.09 -11.84 -5.81
O5 NAG J . -30.28 -8.29 -6.43
O6 NAG J . -28.90 -7.47 -4.44
O7 NAG J . -31.19 -7.70 -10.46
H1 NAG J . -32.00 -8.95 -7.22
H2 NAG J . -29.63 -9.03 -8.82
H3 NAG J . -30.88 -11.25 -7.51
H4 NAG J . -28.31 -10.24 -6.81
H5 NAG J . -30.65 -9.82 -5.22
H61 NAG J . -28.01 -9.23 -4.76
H62 NAG J . -29.20 -9.31 -3.71
H81 NAG J . -33.63 -9.37 -10.85
H82 NAG J . -33.02 -8.36 -11.97
H83 NAG J . -32.57 -9.92 -11.95
HN2 NAG J . -31.70 -10.55 -9.64
HO3 NAG J . -29.14 -12.29 -8.32
HO6 NAG J . -28.36 -7.19 -3.80
C1 NAG J . -28.17 -12.94 -5.27
C2 NAG J . -28.10 -14.45 -4.75
C3 NAG J . -26.59 -14.76 -4.71
C4 NAG J . -25.88 -14.54 -6.07
C5 NAG J . -26.27 -13.16 -6.63
C6 NAG J . -25.78 -12.96 -8.08
C7 NAG J . -28.59 -16.03 -2.78
C8 NAG J . -28.46 -15.95 -1.28
N2 NAG J . -28.58 -14.81 -3.36
O3 NAG J . -26.34 -16.11 -4.21
O4 NAG J . -24.41 -14.64 -5.87
O5 NAG J . -27.68 -12.97 -6.63
O6 NAG J . -26.22 -11.76 -8.73
O7 NAG J . -28.62 -17.16 -3.30
H1 NAG J . -27.53 -12.46 -4.69
H2 NAG J . -28.54 -15.04 -5.40
H3 NAG J . -26.17 -14.13 -4.07
H4 NAG J . -26.19 -15.24 -6.70
H5 NAG J . -25.84 -12.47 -6.07
H61 NAG J . -26.06 -13.74 -8.62
H62 NAG J . -24.79 -12.96 -8.07
H81 NAG J . -29.33 -15.67 -0.89
H82 NAG J . -28.21 -16.83 -0.91
H83 NAG J . -27.77 -15.28 -1.03
HN2 NAG J . -28.64 -14.09 -2.82
HO3 NAG J . -25.48 -16.14 -3.99
HO6 NAG J . -25.93 -11.76 -9.44
C1 BMA J . -23.42 -15.77 -6.08
C2 BMA J . -22.02 -15.25 -6.50
C3 BMA J . -21.41 -16.39 -7.30
C4 BMA J . -21.27 -17.66 -6.45
C5 BMA J . -22.55 -17.99 -5.68
C6 BMA J . -22.33 -19.08 -4.62
O2 BMA J . -21.10 -14.80 -5.44
O3 BMA J . -20.09 -15.99 -7.70
O4 BMA J . -20.89 -18.78 -7.27
O5 BMA J . -23.11 -16.80 -5.09
O6 BMA J . -21.04 -19.04 -3.98
H1 BMA J . -23.78 -16.25 -6.86
H2 BMA J . -22.15 -14.50 -7.13
H3 BMA J . -21.97 -16.58 -8.09
H4 BMA J . -20.55 -17.48 -5.80
H5 BMA J . -23.19 -18.35 -6.34
H61 BMA J . -22.44 -19.96 -5.06
H62 BMA J . -23.03 -19.00 -3.93
HO2 BMA J . -21.48 -14.14 -4.96
HO4 BMA J . -20.28 -18.58 -7.68
HO6 BMA J . -20.56 -18.46 -4.31
C1 MAN J . -19.64 -15.70 -9.10
C2 MAN J . -18.31 -16.36 -9.50
C3 MAN J . -17.11 -15.70 -8.80
C4 MAN J . -17.14 -14.18 -8.93
C5 MAN J . -18.53 -13.55 -8.67
C6 MAN J . -18.55 -12.09 -9.18
O2 MAN J . -18.13 -16.33 -10.93
O3 MAN J . -15.90 -16.21 -9.32
O4 MAN J . -16.20 -13.66 -7.99
O5 MAN J . -19.59 -14.27 -9.30
O6 MAN J . -19.73 -11.34 -8.80
H1 MAN J . -20.32 -16.06 -9.71
H2 MAN J . -18.34 -17.30 -9.21
H3 MAN J . -17.17 -15.92 -7.84
H4 MAN J . -16.85 -13.93 -9.85
H5 MAN J . -18.67 -13.53 -7.69
H61 MAN J . -18.49 -12.10 -10.17
H62 MAN J . -17.76 -11.61 -8.84
HO2 MAN J . -18.77 -16.69 -11.22
HO3 MAN J . -15.89 -17.08 -9.14
HO4 MAN J . -15.42 -14.01 -8.04
HO6 MAN J . -20.19 -11.87 -8.11
C1 NAG K . 4.44 24.32 23.10
C2 NAG K . 5.67 23.68 22.47
C3 NAG K . 6.30 24.66 21.47
C4 NAG K . 5.27 25.01 20.41
C5 NAG K . 3.94 25.52 21.04
C6 NAG K . 2.80 25.62 20.07
C7 NAG K . 6.80 23.84 24.66
C8 NAG K . 7.07 22.95 25.85
N2 NAG K . 6.54 23.18 23.51
O3 NAG K . 7.43 24.07 20.86
O4 NAG K . 5.91 26.07 19.59
O5 NAG K . 3.46 24.61 22.04
O6 NAG K . 1.51 25.61 20.74
O7 NAG K . 6.81 25.06 24.75
H1 NAG K . 4.73 25.20 23.44
H2 NAG K . 5.35 22.90 21.95
H3 NAG K . 6.56 25.47 21.95
H4 NAG K . 5.09 24.21 19.85
H5 NAG K . 4.12 26.41 21.44
H61 NAG K . 2.83 24.83 19.47
H62 NAG K . 2.91 26.41 19.51
H81 NAG K . 7.84 22.36 25.67
H82 NAG K . 7.26 23.52 26.64
H83 NAG K . 6.26 22.40 26.05
HN2 NAG K . 6.67 22.29 23.48
HO3 NAG K . 7.76 24.61 20.35
HO6 NAG K . 0.87 25.77 20.21
C1 NAG K . 6.61 25.73 18.32
C2 NAG K . 7.01 26.73 17.16
C3 NAG K . 7.03 25.79 15.94
C4 NAG K . 8.08 24.66 16.10
C5 NAG K . 7.76 23.93 17.42
C6 NAG K . 8.77 22.82 17.76
C7 NAG K . 6.25 28.99 16.31
C8 NAG K . 5.08 29.51 15.49
N2 NAG K . 6.02 27.80 16.90
O3 NAG K . 7.24 26.53 14.70
O4 NAG K . 8.01 23.76 14.92
O5 NAG K . 7.72 24.83 18.53
O6 NAG K . 8.24 21.55 17.34
O7 NAG K . 7.30 29.66 16.27
H1 NAG K . 5.90 25.18 17.88
H2 NAG K . 7.90 27.11 17.32
H3 NAG K . 6.15 25.37 15.87
H4 NAG K . 8.98 25.06 16.16
H5 NAG K . 6.88 23.49 17.32
H61 NAG K . 8.94 22.79 18.74
H62 NAG K . 9.63 22.99 17.30
H81 NAG K . 4.37 29.81 16.10
H82 NAG K . 5.38 30.26 14.92
H83 NAG K . 4.74 28.78 14.92
HN2 NAG K . 5.17 27.48 16.91
HO3 NAG K . 7.15 25.98 14.05
HO6 NAG K . 8.70 20.88 17.52
C1 BMA K . 8.97 23.67 13.70
C2 BMA K . 10.10 22.64 13.79
C3 BMA K . 11.22 23.17 12.92
C4 BMA K . 10.86 23.40 11.46
C5 BMA K . 9.51 24.12 11.34
C6 BMA K . 8.92 23.98 9.94
O2 BMA K . 9.78 21.31 13.43
O3 BMA K . 12.41 22.31 12.98
O4 BMA K . 11.86 24.13 10.72
O5 BMA K . 8.52 23.63 12.29
O6 BMA K . 8.27 25.20 9.55
H1 BMA K . 9.44 24.55 13.76
H2 BMA K . 10.44 22.64 14.72
H3 BMA K . 11.48 24.06 13.29
H4 BMA K . 10.76 22.52 11.04
H5 BMA K . 9.66 25.08 11.51
H61 BMA K . 8.27 23.24 9.92
H62 BMA K . 9.64 23.77 9.30
HO2 BMA K . 9.06 20.99 13.87
HO4 BMA K . 12.50 23.89 10.88
HO6 BMA K . 8.15 25.64 10.05
C1 MAN K . 13.02 20.96 12.86
C2 MAN K . 14.13 20.49 11.89
C3 MAN K . 13.58 19.83 10.63
C4 MAN K . 12.53 18.77 10.98
C5 MAN K . 11.48 19.30 11.94
C6 MAN K . 10.49 18.22 12.41
O2 MAN K . 15.00 19.61 12.67
O3 MAN K . 14.65 19.26 9.88
O4 MAN K . 11.95 18.29 9.76
O5 MAN K . 12.06 19.93 13.07
O6 MAN K . 9.66 18.69 13.49
H1 MAN K . 13.52 20.94 13.71
H2 MAN K . 14.66 21.30 11.61
H3 MAN K . 13.14 20.53 10.09
H4 MAN K . 13.00 18.01 11.42
H5 MAN K . 10.95 19.98 11.45
H61 MAN K . 10.97 17.40 12.68
H62 MAN K . 9.91 17.97 11.65
HO2 MAN K . 15.24 20.06 13.35
HO3 MAN K . 15.18 19.83 9.71
HO4 MAN K . 12.47 18.05 9.23
HO6 MAN K . 9.87 19.46 13.72
C1 NAG L . -4.36 -28.37 -18.12
C2 NAG L . -5.54 -28.14 -17.16
C3 NAG L . -6.61 -27.21 -17.72
C4 NAG L . -6.02 -25.90 -18.26
C5 NAG L . -4.86 -26.19 -19.20
C6 NAG L . -4.07 -24.94 -19.50
C7 NAG L . -6.10 -29.92 -15.53
C8 NAG L . -6.41 -31.39 -15.44
N2 NAG L . -6.12 -29.42 -16.78
O3 NAG L . -7.52 -26.93 -16.67
O4 NAG L . -7.04 -25.15 -19.00
O5 NAG L . -3.91 -27.12 -18.60
O6 NAG L . -2.95 -25.22 -20.36
O7 NAG L . -5.85 -29.26 -14.53
H1 NAG L . -4.72 -28.87 -18.89
H2 NAG L . -5.17 -27.71 -16.35
H3 NAG L . -7.08 -27.67 -18.45
H4 NAG L . -5.69 -25.37 -17.50
H5 NAG L . -5.21 -26.56 -20.05
H61 NAG L . -3.74 -24.53 -18.67
H62 NAG L . -4.65 -24.28 -19.95
H81 NAG L . -5.80 -31.89 -16.02
H82 NAG L . -6.31 -31.70 -14.51
H83 NAG L . -7.34 -31.55 -15.74
HN2 NAG L . -6.36 -29.95 -17.46
HO3 NAG L . -8.13 -26.47 -16.95
HO6 NAG L . -2.50 -24.52 -20.48
C1 NAG L . -7.16 -23.67 -18.86
C2 NAG L . -7.95 -22.71 -19.79
C3 NAG L . -7.95 -21.29 -19.15
C4 NAG L . -8.61 -21.40 -17.79
C5 NAG L . -7.91 -22.46 -16.93
C6 NAG L . -8.69 -22.75 -15.65
C7 NAG L . -8.17 -23.33 -22.07
C8 NAG L . -8.42 -22.45 -23.25
N2 NAG L . -7.50 -22.64 -21.17
O3 NAG L . -8.60 -20.35 -20.02
O4 NAG L . -8.56 -20.10 -17.17
O5 NAG L . -7.78 -23.71 -17.59
O6 NAG L . -7.91 -23.55 -14.75
O7 NAG L . -8.68 -24.42 -21.84
H1 NAG L . -6.26 -23.27 -18.75
H2 NAG L . -8.89 -23.01 -19.79
H3 NAG L . -7.01 -21.02 -19.01
H4 NAG L . -9.56 -21.69 -17.92
H5 NAG L . -7.02 -22.11 -16.68
H61 NAG L . -9.53 -23.23 -15.86
H62 NAG L . -8.93 -21.90 -15.20
H81 NAG L . -7.59 -21.99 -23.51
H82 NAG L . -8.73 -23.02 -24.01
H83 NAG L . -9.12 -21.79 -23.03
HN2 NAG L . -7.02 -21.90 -21.34
HO3 NAG L . -8.50 -19.58 -19.59
HO6 NAG L . -8.26 -23.73 -14.02
C1 BMA L . -9.66 -19.17 -17.54
C2 BMA L . -10.12 -18.79 -16.13
C3 BMA L . -11.35 -17.94 -16.21
C4 BMA L . -11.24 -16.73 -17.13
C5 BMA L . -10.73 -17.19 -18.50
C6 BMA L . -10.46 -16.09 -19.55
O2 BMA L . -9.12 -18.06 -15.42
O3 BMA L . -11.77 -17.65 -14.83
O4 BMA L . -12.54 -16.14 -17.32
O5 BMA L . -9.51 -17.98 -18.36
O6 BMA L . -9.41 -15.22 -19.11
H1 BMA L . -10.40 -19.70 -17.93
H2 BMA L . -10.34 -19.61 -15.63
H3 BMA L . -12.05 -18.52 -16.60
H4 BMA L . -10.61 -16.08 -16.76
H5 BMA L . -11.42 -17.78 -18.89
H61 BMA L . -11.28 -15.56 -19.68
H62 BMA L . -10.20 -16.50 -20.41
HO2 BMA L . -8.34 -18.54 -15.31
HO4 BMA L . -12.77 -15.91 -16.51
HO6 BMA L . -8.95 -15.49 -18.12
C1 MAN L . -11.75 -16.98 -13.52
C2 MAN L . -11.65 -15.52 -13.86
C3 MAN L . -10.24 -15.03 -13.76
C4 MAN L . -9.65 -15.39 -12.39
C5 MAN L . -9.82 -16.86 -12.03
C6 MAN L . -9.44 -17.14 -10.58
O2 MAN L . -12.46 -14.88 -12.90
O3 MAN L . -10.16 -13.59 -13.99
O4 MAN L . -8.24 -15.04 -12.38
O5 MAN L . -11.17 -17.30 -12.22
O6 MAN L . -10.41 -16.60 -9.66
H1 MAN L . -12.71 -17.08 -13.28
H2 MAN L . -12.00 -15.36 -14.77
H3 MAN L . -9.70 -15.49 -14.45
H4 MAN L . -10.11 -14.84 -11.71
H5 MAN L . -9.22 -17.38 -12.60
H61 MAN L . -8.55 -16.74 -10.38
H62 MAN L . -9.37 -18.11 -10.44
HO2 MAN L . -13.18 -15.15 -12.86
HO3 MAN L . -10.45 -13.48 -14.70
HO4 MAN L . -8.06 -14.26 -12.56
HO6 MAN L . -10.92 -16.22 -10.02
C1 NAG M . 30.74 12.02 2.63
C2 NAG M . 29.54 12.83 3.11
C3 NAG M . 29.37 12.82 4.63
C4 NAG M . 29.41 11.41 5.19
C5 NAG M . 30.59 10.60 4.63
C6 NAG M . 30.51 9.15 4.98
C7 NAG M . 30.45 15.12 2.75
C8 NAG M . 30.53 16.15 1.65
N2 NAG M . 29.50 14.18 2.56
O3 NAG M . 28.11 13.41 4.86
O4 NAG M . 29.53 11.42 6.63
O5 NAG M . 30.67 10.69 3.18
O6 NAG M . 29.29 8.58 4.54
O7 NAG M . 31.21 15.15 3.72
H1 NAG M . 31.53 12.45 3.04
H2 NAG M . 28.74 12.35 2.75
H3 NAG M . 30.09 13.35 5.05
H4 NAG M . 28.58 10.95 4.91
H5 NAG M . 31.43 10.96 5.03
H61 NAG M . 30.63 9.01 5.95
H62 NAG M . 31.22 8.68 4.49
H81 NAG M . 29.67 16.61 1.57
H82 NAG M . 31.24 16.80 1.87
H83 NAG M . 30.75 15.69 0.80
HN2 NAG M . 28.94 14.29 1.87
HO3 NAG M . 27.95 13.40 5.67
HO6 NAG M . 29.24 7.71 4.67
C1 NAG M . 28.20 11.19 7.21
C2 NAG M . 28.19 10.55 8.60
C3 NAG M . 26.73 10.23 9.00
C4 NAG M . 25.87 11.48 8.88
C5 NAG M . 26.02 12.14 7.52
C6 NAG M . 25.32 13.48 7.40
C7 NAG M . 29.94 9.09 9.53
C8 NAG M . 30.58 7.74 9.48
N2 NAG M . 29.02 9.35 8.57
O3 NAG M . 26.72 9.73 10.34
O4 NAG M . 24.51 11.11 9.04
O5 NAG M . 27.41 12.40 7.23
O6 NAG M . 23.98 13.27 6.93
O7 NAG M . 30.21 9.90 10.41
H1 NAG M . 27.73 10.54 6.63
H2 NAG M . 28.55 11.19 9.24
H3 NAG M . 26.39 9.54 8.39
H4 NAG M . 26.16 12.11 9.59
H5 NAG M . 25.65 11.53 6.84
H61 NAG M . 25.80 14.06 6.77
H62 NAG M . 25.28 13.92 8.29
H81 NAG M . 31.07 7.65 8.62
H82 NAG M . 31.20 7.64 10.23
H83 NAG M . 29.88 7.04 9.52
HN2 NAG M . 28.86 8.74 7.93
HO3 NAG M . 25.85 9.40 10.47
HO6 NAG M . 23.51 13.89 6.78
C1 BMA M . 23.86 11.84 10.08
C2 BMA M . 22.43 12.16 9.68
C3 BMA M . 21.71 12.91 10.78
C4 BMA M . 21.90 12.21 12.13
C5 BMA M . 23.36 11.93 12.39
C6 BMA M . 23.56 11.21 13.71
O2 BMA M . 21.76 10.92 9.44
O3 BMA M . 20.31 12.93 10.50
O4 BMA M . 21.39 13.05 13.16
O5 BMA M . 23.88 11.14 11.33
O6 BMA M . 22.87 9.96 13.66
H1 BMA M . 24.32 12.72 10.20
H2 BMA M . 22.43 12.72 8.86
H3 BMA M . 22.08 13.82 10.85
H4 BMA M . 21.40 11.36 12.10
H5 BMA M . 23.85 12.79 12.44
H61 BMA M . 23.21 11.76 14.46
H62 BMA M . 24.52 11.05 13.87
HO2 BMA M . 22.07 10.39 8.77
HO4 BMA M . 20.52 13.15 12.92
HO6 BMA M . 22.32 9.81 12.78
C1 MAN M . 19.96 14.12 9.78
C2 MAN M . 18.73 14.70 10.45
C3 MAN M . 17.62 13.65 10.45
C4 MAN M . 17.38 13.15 9.03
C5 MAN M . 18.69 12.72 8.39
C6 MAN M . 18.50 12.33 6.93
O2 MAN M . 18.30 15.85 9.74
O3 MAN M . 16.43 14.23 10.98
O4 MAN M . 16.48 12.04 9.09
O5 MAN M . 19.62 13.81 8.44
O6 MAN M . 17.49 11.32 6.78
H1 MAN M . 20.68 14.80 9.80
H2 MAN M . 18.96 14.94 11.38
H3 MAN M . 17.90 12.89 11.01
H4 MAN M . 16.99 13.88 8.49
H5 MAN M . 19.04 11.93 8.87
H61 MAN M . 19.36 12.00 6.56
H62 MAN M . 18.24 13.14 6.40
HO2 MAN M . 18.95 16.39 9.56
HO3 MAN M . 16.55 14.55 11.60
HO4 MAN M . 15.70 12.36 9.29
HO6 MAN M . 17.36 10.90 7.60
C1 NAG N . 7.53 11.89 -24.15
C2 NAG N . 8.34 13.02 -24.77
C3 NAG N . 7.47 14.26 -24.91
C4 NAG N . 6.19 13.95 -25.68
C5 NAG N . 5.47 12.76 -25.07
C6 NAG N . 4.32 12.23 -25.93
C7 NAG N . 10.71 12.91 -24.20
C8 NAG N . 11.76 13.30 -23.20
N2 NAG N . 9.48 13.29 -23.91
O3 NAG N . 8.20 15.31 -25.57
O4 NAG N . 5.39 15.15 -25.66
O5 NAG N . 6.35 11.65 -24.91
O6 NAG N . 3.75 11.04 -25.35
O7 NAG N . 10.99 12.29 -25.20
H1 NAG N . 7.28 12.16 -23.23
H2 NAG N . 8.64 12.74 -25.67
H3 NAG N . 7.22 14.55 -24.00
H4 NAG N . 6.43 13.74 -26.62
H5 NAG N . 5.11 13.03 -24.19
H61 NAG N . 4.67 12.03 -26.84
H62 NAG N . 3.62 12.93 -26.02
H81 NAG N . 11.52 12.95 -22.31
H82 NAG N . 12.64 12.93 -23.48
H83 NAG N . 11.83 14.29 -23.15
HN2 NAG N . 9.31 13.75 -23.16
HO3 NAG N . 7.67 15.98 -25.61
HO4 NAG N . 4.63 14.98 -26.08
HO6 NAG N . 3.11 10.74 -25.83
C1 NAG O . -13.79 -22.17 -51.96
C2 NAG O . -14.16 -22.35 -53.45
C3 NAG O . -12.96 -23.01 -54.14
C4 NAG O . -11.70 -22.17 -53.91
C5 NAG O . -11.46 -21.86 -52.42
C6 NAG O . -10.37 -20.82 -52.18
C7 NAG O . -16.00 -23.48 -54.72
C8 NAG O . -17.32 -24.16 -54.53
N2 NAG O . -15.38 -23.14 -53.57
O3 NAG O . -13.20 -23.17 -55.54
O4 NAG O . -10.60 -22.90 -54.47
O5 NAG O . -12.64 -21.31 -51.82
O6 NAG O . -10.31 -20.48 -50.78
O7 NAG O . -15.57 -23.26 -55.85
H1 NAG O . -13.55 -23.08 -51.63
H2 NAG O . -14.31 -21.47 -53.85
H3 NAG O . -12.80 -23.89 -53.72
H4 NAG O . -11.80 -21.32 -54.39
H5 NAG O . -11.20 -22.70 -51.96
H61 NAG O . -10.55 -20.02 -52.71
H62 NAG O . -9.50 -21.19 -52.46
H81 NAG O . -17.88 -23.63 -53.90
H82 NAG O . -17.79 -24.22 -55.40
H83 NAG O . -17.17 -25.07 -54.17
HN2 NAG O . -15.79 -23.38 -52.81
HO3 NAG O . -12.52 -23.58 -55.86
HO4 NAG O . -9.88 -22.44 -54.33
HO6 NAG O . -9.69 -19.89 -50.63
C1 MAN P . 19.51 18.95 6.24
C2 MAN P . 18.62 17.85 5.67
C3 MAN P . 18.09 17.05 6.86
C4 MAN P . 17.41 17.95 7.91
C5 MAN P . 18.13 19.29 8.25
C6 MAN P . 19.14 19.37 9.43
O2 MAN P . 19.34 17.05 4.71
O3 MAN P . 19.13 16.30 7.52
O4 MAN P . 16.06 18.22 7.44
O5 MAN P . 18.73 19.84 7.08
O6 MAN P . 19.01 20.65 10.07
H1 MAN P . 20.15 18.48 6.85
H2 MAN P . 17.85 18.28 5.22
H3 MAN P . 17.41 16.42 6.52
H4 MAN P . 17.34 17.44 8.75
H5 MAN P . 17.41 19.91 8.50
H61 MAN P . 20.07 19.25 9.09
H62 MAN P . 18.96 18.65 10.08
HO2 MAN P . 19.61 17.53 4.06
HO3 MAN P . 19.52 15.79 6.95
HO4 MAN P . 15.68 17.46 7.22
HO6 MAN P . 18.37 21.09 9.63
C1 MAN Q . 26.63 20.84 12.33
C2 MAN Q . 25.60 19.84 11.78
C3 MAN Q . 25.25 18.77 12.82
C4 MAN Q . 24.86 19.37 14.18
C5 MAN Q . 25.75 20.54 14.62
C6 MAN Q . 27.00 20.13 15.40
O2 MAN Q . 26.10 19.24 10.57
O3 MAN Q . 26.31 17.81 13.04
O4 MAN Q . 23.48 19.78 14.16
O5 MAN Q . 26.12 21.41 13.55
O6 MAN Q . 27.44 21.29 16.14
H1 MAN Q . 27.40 20.28 12.59
H2 MAN Q . 24.76 20.32 11.57
H3 MAN Q . 24.46 18.29 12.49
H4 MAN Q . 24.96 18.65 14.86
H5 MAN Q . 25.20 21.07 15.26
H61 MAN Q . 27.72 19.83 14.79
H62 MAN Q . 26.79 19.39 16.04
HO2 MAN Q . 26.28 19.84 10.05
HO3 MAN Q . 26.56 17.49 12.32
HO4 MAN Q . 23.02 19.14 13.96
HO6 MAN Q . 26.92 21.92 16.00
C1 NAG R . -5.30 -9.32 23.97
C2 NAG R . -5.29 -9.66 25.47
C3 NAG R . -3.97 -10.29 25.85
C4 NAG R . -3.69 -11.55 25.02
C5 NAG R . -3.84 -11.24 23.51
C6 NAG R . -3.87 -12.51 22.68
C7 NAG R . -6.34 -8.52 27.37
C8 NAG R . -6.44 -7.24 28.14
N2 NAG R . -5.57 -8.47 26.28
O3 NAG R . -3.95 -10.61 27.26
O4 NAG R . -2.38 -12.07 25.34
O5 NAG R . -5.08 -10.55 23.22
O6 NAG R . -4.28 -12.28 21.32
O7 NAG R . -6.91 -9.53 27.75
H1 NAG R . -4.55 -8.69 23.79
H2 NAG R . -5.99 -10.34 25.63
H3 NAG R . -3.26 -9.64 25.65
H4 NAG R . -4.37 -12.22 25.25
H5 NAG R . -3.07 -10.70 23.22
H61 NAG R . -4.50 -13.16 23.10
H62 NAG R . -2.97 -12.93 22.69
H81 NAG R . -6.97 -6.59 27.63
H82 NAG R . -6.88 -7.43 29.01
H83 NAG R . -5.54 -6.89 28.30
HN2 NAG R . -5.19 -7.70 26.05
HO3 NAG R . -3.11 -10.91 27.41
HO4 NAG R . -2.20 -12.76 24.83
HO6 NAG R . -4.26 -13.01 20.85
C1 MAN S . 17.42 24.87 19.58
C2 MAN S . 16.27 24.14 18.86
C3 MAN S . 16.17 24.64 17.43
C4 MAN S . 17.51 24.58 16.69
C5 MAN S . 18.68 25.17 17.48
C6 MAN S . 18.82 26.69 17.41
O2 MAN S . 15.06 24.40 19.61
O3 MAN S . 15.65 25.98 17.42
O4 MAN S . 17.83 23.21 16.36
O5 MAN S . 18.63 24.73 18.84
O6 MAN S . 19.99 27.04 16.66
H1 MAN S . 17.18 25.83 19.57
H2 MAN S . 16.45 23.17 18.84
H3 MAN S . 15.53 24.05 16.95
H4 MAN S . 17.42 25.09 15.85
H5 MAN S . 19.50 24.79 17.08
H61 MAN S . 18.88 27.07 18.32
H62 MAN S . 18.02 27.09 16.98
HO2 MAN S . 15.17 24.10 20.38
HO3 MAN S . 14.93 26.02 17.84
HO4 MAN S . 17.22 22.92 15.89
HO6 MAN S . 20.36 26.41 16.41
C1 MAN T . 13.01 17.19 17.41
C2 MAN T . 12.39 16.25 16.36
C3 MAN T . 11.80 17.00 15.18
C4 MAN T . 12.84 17.99 14.66
C5 MAN T . 13.54 18.85 15.73
C6 MAN T . 12.68 20.05 16.22
O2 MAN T . 11.39 15.44 16.96
O3 MAN T . 10.53 17.63 15.47
O4 MAN T . 13.79 17.28 13.87
O5 MAN T . 14.02 18.04 16.84
O6 MAN T . 13.49 21.22 16.47
H1 MAN T . 12.25 17.77 17.64
H2 MAN T . 13.10 15.67 16.01
H3 MAN T . 11.65 16.33 14.47
H4 MAN T . 12.35 18.62 14.08
H5 MAN T . 14.33 19.24 15.29
H61 MAN T . 12.20 19.81 17.04
H62 MAN T . 12.00 20.27 15.53
HO2 MAN T . 11.71 15.02 17.58
HO3 MAN T . 9.93 17.11 15.88
HO4 MAN T . 13.25 16.90 13.29
HO6 MAN T . 14.26 21.08 16.41
C1 NAG U . -43.05 -37.62 9.89
C2 NAG U . -44.01 -38.79 9.94
C3 NAG U . -44.83 -38.73 11.21
C4 NAG U . -43.92 -38.79 12.44
C5 NAG U . -42.87 -37.68 12.34
C6 NAG U . -41.76 -37.82 13.37
C7 NAG U . -44.44 -39.43 7.63
C8 NAG U . -45.38 -39.34 6.47
N2 NAG U . -44.84 -38.82 8.74
O3 NAG U . -45.77 -39.84 11.27
O4 NAG U . -44.70 -38.66 13.64
O5 NAG U . -42.21 -37.69 11.06
O6 NAG U . -40.50 -37.35 12.85
O7 NAG U . -43.37 -40.01 7.55
H1 NAG U . -43.60 -36.78 9.93
H2 NAG U . -43.48 -39.62 9.97
H3 NAG U . -45.34 -37.88 11.23
H4 NAG U . -43.46 -39.66 12.44
H5 NAG U . -43.31 -36.81 12.48
H61 NAG U . -41.67 -38.77 13.64
H62 NAG U . -41.99 -37.30 14.17
H81 NAG U . -45.48 -38.39 6.21
H82 NAG U . -45.03 -39.85 5.70
H83 NAG U . -46.25 -39.71 6.73
HN2 NAG U . -45.65 -38.40 8.76
HO3 NAG U . -46.22 -39.82 11.95
HO4 NAG U . -44.22 -38.69 14.29
HO6 NAG U . -39.94 -37.45 13.49
C1 NAG V . 10.20 -21.42 13.33
C2 NAG V . 10.46 -22.89 13.73
C3 NAG V . 9.57 -23.25 14.91
C4 NAG V . 9.79 -22.29 16.08
C5 NAG V . 9.69 -20.83 15.65
C6 NAG V . 10.19 -19.87 16.73
C7 NAG V . 11.23 -24.13 11.72
C8 NAG V . 10.78 -24.70 10.41
N2 NAG V . 10.24 -23.79 12.58
O3 NAG V . 9.77 -24.61 15.35
O4 NAG V . 8.82 -22.58 17.12
O5 NAG V . 10.46 -20.57 14.46
O6 NAG V . 10.09 -18.49 16.31
O7 NAG V . 12.42 -23.98 11.97
H1 NAG V . 9.26 -21.34 13.06
H2 NAG V . 11.40 -22.97 14.03
H3 NAG V . 8.63 -23.15 14.62
H4 NAG V . 10.70 -22.45 16.43
H5 NAG V . 8.73 -20.62 15.47
H61 NAG V . 11.13 -20.08 16.93
H62 NAG V . 9.67 -20.00 17.56
H81 NAG V . 10.20 -24.05 9.96
H82 NAG V . 11.57 -24.89 9.85
H83 NAG V . 10.27 -25.54 10.58
HN2 NAG V . 9.39 -23.98 12.37
HO3 NAG V . 9.39 -24.78 16.03
HO4 NAG V . 9.04 -22.05 17.81
HO6 NAG V . 10.30 -17.94 16.93
C1 MAN W . -13.17 -22.35 -9.52
C2 MAN W . -12.31 -21.70 -8.42
C3 MAN W . -12.36 -20.15 -8.50
C4 MAN W . -13.80 -19.63 -8.57
C5 MAN W . -14.78 -20.45 -9.44
C6 MAN W . -15.00 -19.96 -10.91
O2 MAN W . -10.97 -22.21 -8.45
O3 MAN W . -11.64 -19.56 -9.61
O4 MAN W . -14.28 -19.57 -7.21
O5 MAN W . -14.53 -21.87 -9.39
O6 MAN W . -16.38 -20.06 -11.32
H1 MAN W . -12.83 -21.99 -10.36
H2 MAN W . -12.70 -21.93 -7.54
H3 MAN W . -11.96 -19.82 -7.67
H4 MAN W . -13.76 -18.71 -8.93
H5 MAN W . -15.66 -20.32 -9.01
H61 MAN W . -14.44 -20.49 -11.52
H62 MAN W . -14.70 -19.01 -10.99
HO2 MAN W . -10.97 -23.04 -8.40
HO3 MAN W . -10.85 -19.85 -9.68
HO4 MAN W . -13.71 -19.09 -6.81
HO6 MAN W . -16.86 -20.40 -10.67
C1 MAN X . -17.66 -25.36 -17.28
C2 MAN X . -16.27 -24.69 -17.22
C3 MAN X . -16.21 -23.40 -18.02
C4 MAN X . -17.36 -22.43 -17.73
C5 MAN X . -18.71 -23.13 -17.67
C6 MAN X . -19.38 -23.30 -19.06
O2 MAN X . -15.28 -25.55 -17.77
O3 MAN X . -16.16 -23.68 -19.43
O4 MAN X . -17.15 -21.75 -16.48
O5 MAN X . -18.66 -24.37 -16.96
O6 MAN X . -20.80 -23.19 -18.89
H1 MAN X . -17.79 -25.60 -18.23
H2 MAN X . -16.03 -24.47 -16.28
H3 MAN X . -15.37 -22.93 -17.77
H4 MAN X . -17.38 -21.76 -18.46
H5 MAN X . -19.31 -22.53 -17.16
H61 MAN X . -19.16 -24.18 -19.44
H62 MAN X . -19.06 -22.60 -19.68
HO2 MAN X . -15.28 -26.29 -17.35
HO3 MAN X . -15.58 -24.26 -19.61
HO4 MAN X . -16.41 -21.35 -16.53
HO6 MAN X . -20.99 -23.06 -18.02
C1 NAG Y . 47.07 3.38 31.91
C2 NAG Y . 47.53 2.72 33.25
C3 NAG Y . 48.02 1.27 33.07
C4 NAG Y . 47.10 0.45 32.16
C5 NAG Y . 46.75 1.12 30.82
C6 NAG Y . 45.64 0.42 30.05
C7 NAG Y . 48.49 4.54 34.67
C8 NAG Y . 47.31 4.63 35.63
N2 NAG Y . 48.63 3.48 33.83
O3 NAG Y . 48.06 0.74 34.38
O4 NAG Y . 47.77 -0.77 31.88
O5 NAG Y . 46.30 2.50 31.06
O6 NAG Y . 45.90 0.28 28.61
O7 NAG Y . 49.28 5.47 34.64
H1 NAG Y . 47.90 3.65 31.45
H2 NAG Y . 46.76 2.72 33.86
H3 NAG Y . 48.92 1.27 32.68
H4 NAG Y . 46.26 0.27 32.65
H5 NAG Y . 47.57 1.13 30.25
H61 NAG Y . 44.79 0.92 30.17
H62 NAG Y . 45.50 -0.49 30.42
H81 NAG Y . 47.31 3.83 36.21
H82 NAG Y . 47.39 5.45 36.18
H83 NAG Y . 46.47 4.67 35.11
HN2 NAG Y . 49.39 3.40 33.36
HO3 NAG Y . 48.35 -0.07 34.35
HO4 NAG Y . 47.17 -1.30 31.45
HO6 NAG Y . 45.29 -0.11 28.20
C1 NAG Z . -28.88 -7.46 -47.13
C2 NAG Z . -29.13 -6.80 -48.49
C3 NAG Z . -29.52 -7.84 -49.52
C4 NAG Z . -28.62 -9.10 -49.51
C5 NAG Z . -28.49 -9.69 -48.10
C6 NAG Z . -27.55 -10.84 -47.95
C7 NAG Z . -31.10 -5.24 -49.00
C8 NAG Z . -32.25 -4.64 -48.25
N2 NAG Z . -30.17 -5.79 -48.22
O3 NAG Z . -29.50 -7.22 -50.82
O4 NAG Z . -29.17 -10.11 -50.37
O5 NAG Z . -28.01 -8.63 -47.19
O6 NAG Z . -28.23 -12.10 -48.17
O7 NAG Z . -31.13 -5.27 -50.22
H1 NAG Z . -29.75 -7.73 -46.76
H2 NAG Z . -28.31 -6.35 -48.80
H3 NAG Z . -30.44 -8.14 -49.32
H4 NAG Z . -27.72 -8.84 -49.83
H5 NAG Z . -29.39 -9.99 -47.81
H61 NAG Z . -27.15 -10.84 -47.06
H62 NAG Z . -26.81 -10.75 -48.61
H81 NAG Z . -31.92 -4.09 -47.51
H82 NAG Z . -32.79 -4.08 -48.86
H83 NAG Z . -32.81 -5.37 -47.90
HN2 NAG Z . -30.30 -5.63 -47.34
HO3 NAG Z . -29.56 -7.84 -51.45
HO4 NAG Z . -28.32 -10.77 -50.38
HO6 NAG Z . -27.23 -12.66 -48.11
C1 NAG AA . -66.26 -4.18 11.81
C2 NAG AA . -66.73 -4.94 10.53
C3 NAG AA . -68.23 -5.29 10.66
C4 NAG AA . -68.53 -5.95 12.01
C5 NAG AA . -67.98 -5.13 13.18
C6 NAG AA . -68.08 -5.92 14.50
C7 NAG AA . -65.26 -4.11 8.65
C8 NAG AA . -65.28 -3.62 7.24
N2 NAG AA . -66.46 -4.23 9.26
O3 NAG AA . -68.62 -6.18 9.62
O4 NAG AA . -69.95 -6.10 12.12
O5 NAG AA . -66.64 -4.74 12.99
O6 NAG AA . -67.37 -5.28 15.57
O7 NAG AA . -64.21 -4.38 9.22
H1 NAG AA . -66.60 -3.26 11.76
H2 NAG AA . -66.24 -5.80 10.49
H3 NAG AA . -68.75 -4.45 10.60
H4 NAG AA . -68.10 -6.84 12.02
H5 NAG AA . -68.54 -4.31 13.27
H61 NAG AA . -67.72 -6.82 14.36
H62 NAG AA . -69.04 -6.02 14.75
H81 NAG AA . -65.71 -2.74 7.21
H82 NAG AA . -64.35 -3.54 6.91
H83 NAG AA . -65.78 -4.26 6.69
HN2 NAG AA . -67.18 -3.97 8.80
HO3 NAG AA . -69.54 -6.13 9.67
HO4 NAG AA . -70.17 -6.39 12.85
HO6 NAG AA . -67.55 -5.41 16.28
C1 NAG BA . 31.58 6.34 44.41
C2 NAG BA . 32.79 6.43 43.46
C3 NAG BA . 34.04 6.76 44.31
C4 NAG BA . 33.84 8.07 45.05
C5 NAG BA . 32.49 8.08 45.81
C6 NAG BA . 32.11 9.49 46.27
C7 NAG BA . 32.51 5.12 41.35
C8 NAG BA . 31.94 6.33 40.68
N2 NAG BA . 33.01 5.25 42.61
O3 NAG BA . 35.18 6.82 43.47
O4 NAG BA . 34.91 8.25 45.97
O5 NAG BA . 31.39 7.57 45.06
O6 NAG BA . 30.82 9.88 45.79
O7 NAG BA . 32.55 4.03 40.79
H1 NAG BA . 31.82 5.67 45.10
H2 NAG BA . 32.64 7.22 42.88
H3 NAG BA . 34.16 6.03 44.97
H4 NAG BA . 33.82 8.81 44.39
H5 NAG BA . 32.60 7.53 46.63
H61 NAG BA . 32.79 10.15 45.94
H62 NAG BA . 32.11 9.53 47.26
H81 NAG BA . 32.61 7.06 40.67
H82 NAG BA . 31.69 6.11 39.75
H83 NAG BA . 31.13 6.63 41.17
HN2 NAG BA . 33.39 4.54 42.99
HO3 NAG BA . 35.82 6.89 43.90
HO4 NAG BA . 34.85 8.97 46.30
HO6 NAG BA . 30.63 10.65 46.10
C1 NAG CA . -28.00 -46.80 7.67
C2 NAG CA . -28.66 -47.15 9.00
C3 NAG CA . -30.15 -47.50 8.74
C4 NAG CA . -30.90 -46.40 8.00
C5 NAG CA . -30.18 -46.05 6.71
C6 NAG CA . -30.71 -44.87 5.97
C7 NAG CA . -28.08 -48.74 10.88
C8 NAG CA . -28.14 -47.75 11.98
N2 NAG CA . -27.98 -48.29 9.62
O3 NAG CA . -30.80 -47.82 9.98
O4 NAG CA . -32.19 -46.93 7.62
O5 NAG CA . -28.76 -45.73 7.01
O6 NAG CA . -32.11 -44.91 5.93
O7 NAG CA . -28.17 -49.95 11.15
H1 NAG CA . -28.01 -47.61 7.09
H2 NAG CA . -28.61 -46.35 9.59
H3 NAG CA . -30.16 -48.31 8.17
H4 NAG CA . -30.99 -45.61 8.57
H5 NAG CA . -30.21 -46.83 6.09
H61 NAG CA . -30.32 -44.86 5.06
H62 NAG CA . -30.47 -44.08 6.53
H81 NAG CA . -28.60 -46.92 11.69
H82 NAG CA . -28.52 -48.18 12.79
H83 NAG CA . -27.22 -47.44 12.16
HN2 NAG CA . -27.79 -48.88 8.99
HO3 NAG CA . -31.62 -47.89 9.83
HO4 NAG CA . -32.60 -45.83 7.43
HO6 NAG CA . -32.20 -43.40 6.31
C1 NAG DA . 21.86 50.47 -4.14
C2 NAG DA . 21.45 50.81 -2.66
C3 NAG DA . 21.67 52.31 -2.37
C4 NAG DA . 23.04 52.76 -2.86
C5 NAG DA . 23.26 52.34 -4.30
C6 NAG DA . 24.64 52.77 -4.79
C7 NAG DA . 19.72 49.27 -1.94
C8 NAG DA . 18.26 48.93 -2.01
N2 NAG DA . 20.07 50.49 -2.39
O3 NAG DA . 21.55 52.51 -0.98
O4 NAG DA . 23.13 54.17 -2.75
O5 NAG DA . 23.15 50.93 -4.39
O6 NAG DA . 24.82 52.37 -6.15
O7 NAG DA . 20.53 48.46 -1.56
H1 NAG DA . 21.24 50.96 -4.73
H2 NAG DA . 22.04 50.30 -2.04
H3 NAG DA . 20.98 52.83 -2.85
H4 NAG DA . 23.72 52.33 -2.29
H5 NAG DA . 22.59 52.78 -4.86
H61 NAG DA . 25.34 52.36 -4.22
H62 NAG DA . 24.74 53.76 -4.71
H81 NAG DA . 18.04 48.70 -2.94
H82 NAG DA . 18.09 48.12 -1.45
H83 NAG DA . 17.69 49.68 -1.73
HN2 NAG DA . 19.45 51.09 -2.64
HO3 NAG DA . 21.45 53.43 -0.86
HO4 NAG DA . 23.78 54.48 -2.98
HO6 NAG DA . 25.53 52.63 -6.35
C1 NAG EA . 65.69 -4.17 -5.46
C2 NAG EA . 64.95 -3.46 -6.62
C3 NAG EA . 65.99 -3.10 -7.67
C4 NAG EA . 67.18 -2.35 -7.06
C5 NAG EA . 67.78 -3.07 -5.87
C6 NAG EA . 68.80 -2.22 -5.13
C7 NAG EA . 62.59 -3.85 -7.57
C8 NAG EA . 61.61 -4.93 -7.89
N2 NAG EA . 63.84 -4.27 -7.19
O3 NAG EA . 65.32 -2.30 -8.67
O4 NAG EA . 68.19 -2.17 -8.06
O5 NAG EA . 66.77 -3.42 -4.92
O6 NAG EA . 69.82 -1.71 -6.01
O7 NAG EA . 62.29 -2.67 -7.62
H1 NAG EA . 66.02 -5.04 -5.79
H2 NAG EA . 64.56 -2.62 -6.27
H3 NAG EA . 66.32 -3.93 -8.09
H4 NAG EA . 66.85 -1.46 -6.76
H5 NAG EA . 68.22 -3.90 -6.19
H61 NAG EA . 69.24 -2.78 -4.43
H62 NAG EA . 68.34 -1.47 -4.68
H81 NAG EA . 61.51 -5.54 -7.10
H82 NAG EA . 60.73 -4.54 -8.11
H83 NAG EA . 61.94 -5.47 -8.66
HN2 NAG EA . 63.98 -5.16 -7.20
HO3 NAG EA . 65.82 -2.21 -9.35
HO4 NAG EA . 68.79 -1.79 -7.82
HO6 NAG EA . 70.20 -1.11 -5.61
#